data_6KOP
#
_entry.id   6KOP
#
_cell.length_a   127.371
_cell.length_b   162.637
_cell.length_c   133.421
_cell.angle_alpha   90.000
_cell.angle_beta   117.950
_cell.angle_gamma   90.000
#
_symmetry.space_group_name_H-M   'P 1 21 1'
#
loop_
_entity.id
_entity.type
_entity.pdbx_description
1 polymer 'DNA-directed RNA polymerase subunit alpha'
2 polymer 'DNA-directed RNA polymerase subunit beta'
3 polymer "DNA-directed RNA polymerase subunit beta'"
4 polymer 'DNA-directed RNA polymerase subunit omega'
5 polymer 'ECF RNA polymerase sigma factor SigH'
6 polymer "DNA (5'-D(*TP*TP*GP*TP*GP*GP*GP*AP*GP*CP*TP*GP*TP*CP*AP*CP*GP*GP*AP*TP*GP*CP*A)-3')"
7 polymer "DNA (5'-D(*TP*GP*CP*AP*TP*CP*CP*GP*TP*GP*AP*GP*TP*CP*GP*AP*GP*GP*GP*TP*G)-3')"
8 polymer "RNA (5'-R(*CP*AP*CP*CP*CP*UP*CP*GP*A)-3')"
9 non-polymer 'ZINC ION'
10 non-polymer 'MAGNESIUM ION'
11 water water
#
loop_
_entity_poly.entity_id
_entity_poly.type
_entity_poly.pdbx_seq_one_letter_code
_entity_poly.pdbx_strand_id
1 'polypeptide(L)'
;MGHHHHHHHHHHSSGHIEGRHMLISQRPTLSEDVLTDNRSQFVIEPLEPGFGYTLGNSLRRTLLSSIPGAAVTSIRIDGV
LHEFTTVPGVKEDVTEIILNLKSLVVSSEEDEPVTMYLRKQGPGEVTAGDIVPPAGVTVHNPGMHIATLNDKGKLEVELV
VERGRGYVPAVQNRASGAEIGRIPVDSIYSPVLKVTYKVDATRVEQRTDFDKLILDVETKNSISPRDALASAGKTLVELF
GLARELNVEAEGIEIGPSPAEADHIASFALPIDDLDLTVRSYNCLKREGVHTVGELVARTESDLLDIRNFGQKSIDEVKI
KLHQLGLSLKDSPPSFDPSEVAGYDVATGTWSTEGAYDEQDYAETEQL
;
A,B
2 'polypeptide(L)'
;MVLADSRQSKTAASPSPSRPQSSSNNSVPGAPNRVSFAKLREPLEVPGLLDVQTDSFEWLIGSPRWRESAAERGDVNPVG
GLEEVLYELSPIEDFSGSMSLSFSDPRFDDVKAPVDECKDKDMTYAAPLFVTAEFINNNTGEIKSQTVFMGDFPMMTEKG
TFIINGTERVVVSQLVRSPGVYFDETIDKSTDKTLHSVKVIPSRGAWLEFDVDKRDTVGVRIDRKRRQPVTVLLKALGWT
SEQIVERFGFSEIMRSTLEKDNTVGTDEALLDIYRKLRPGEPPTKESAQTLLENLFFKEKRYDLARVGRYKVNKKLGLHV
GEPITSSTLTEEDVVATIEYLVRLHEGQTTMTVPGGVEVPVETDDIDHFGNRRLRTVGELIQNQIRVGMSRMERVVRERM
TTQDVEAITPQTLINIRPVVAAIKEFFGTSQLSQFMDQNNPLSGLTHKRRLSALGPGGLSRERAGLEVRDVHPSHYGRMC
PIETPEGPNIGLIGSLSVYARVNPFGFIETPYRKVVDGVVSDEIVYLTADEEDRHVVAQANSPIDADGRFVEPRVLVRRK
AGEVEYVPSSEVDYMDVSPRQMVSVATAMIPFLEHDDANRALMGANMQRQAVPLVRSEAPLVGTGMELRAAIDAGDVVVA
EESGVIEEVSADYITVMHDNGTRRTYRMRKFARSNHGTCANQCPIVDAGDRVEAGQVIADGPCTDDGEMALGKNLLVAIM
PWEGHNYEDAIILSNRLVEEDVLTSIHIEEHEIDARDTKLGAEEITRDIPNISDEVLADLDERGIVRIGAEVRDGDILVG
KVTPKGETELTPEERLLRAIFGEKAREVRDTSLKVPHGESGKVIGIRVFSREDEDELPAGVNELVRVYVAQKRKISDGDK
LAGRHGNKGVIGKILPVEDMPFLADGTPVDIILNTHGVPRRMNIGQILETHLGWCAHSGWKVDAAKGVPDWAARLPDELL
EAQPNAIVSTPVFDGAQEAELQGLLSCTLPNRDGDVLVDADGKAMLFDGRSGEPFPYPVTVGYMYIMKLHHLVDDKIHAR
STGPYSMITQQPLGGKAQFGGQRFGEMECWAMQAYGAAYTLQELLTIKSDDTVGRVKVYEAIVKGENIPEPGIPESFKVL
LKELQSLCLNVEVLSSDGAAIELREGEDEDLERAAANLGINLSRNESASVEDLA
;
C
3 'polypeptide(L)'
;MVLDVNFFDELRIGLATAEDIRQWSYGEVKKPETINYRTLKPEKDGLFCEKIFGPTRDWECYCGKYKRVRFKGIICERCG
VEVTRAKVRRERMGHIELAAPVTHIWYFKGVPSRLGYLLDLAPKDLEKIIYFAAYVITSVDEEMRHNELSTLEAEMAVER
KAVEDQRDGELEARAQKLEADLAELEAEGAKADARRKVRDGGEREMRQIRDRAQRELDRLEDIWSTFTKLAPKQLIVDEN
LYRELVDRYGEYFTGAMGAESIQKLIENFDIDAEAESLRDVIRNGKGQKKLRALKRLKVVAAFQQSGNSPMGMVLDAVPV
IPPELRPMVQLDGGRFATSDLNDLYRRVINRNNRLKRLIDLGAPEIIVNNEKRMLQESVDALFDNGRRGRPVTGPGNRPL
KSLSDLLKGKQGRFRQNLLGKRVDYSGRSVIVVGPQLKLHQCGLPKLMALELFKPFVMKRLVDLNHAQNIKSAKRMVERQ
RPQVWDVLEEVIAEHPVLLNRAPTLHRLGIQAFEPMLVEGKAIQLHPLVCEAFNADFDGDQMAVHLPLSAEAQAEARILM
LSSNNILSPASGRPLAMPRLDMVTGLYYLTTEVPGDTGEYQPASGDHPETGVYSSPAEAIMAADRGVLSVRAKIKVRLTQ
LRPPVEIEAELFGHSGWQPGDAWMAETTLGRVMFNELLPLGYPFVNKQMHKKVQAAIINDLAERYPMIVVAQTVDKLKDA
GFYWATRSGVTVSMADVLVPPRKKEILDHYEERADKVEKQFQRGALNHDERNEALVEIWKEATDEVGQALREHYPDDNPI
ITIVDSGATGNFTQTRTLAGMKGLVTNPKGEFIPRPVKSSFREGLTVLEYFINTHGARKGLADTALRTADSGYLTRRLVD
VSQDVIVREHDCQTERGIVVELAERAPDGTLIRDPYIETSAYARTLGTDAVDEAGNVIVERGQDLGDPEIDALLAAGITQ
VKVRSVLTCATSTGVCATCYGRSMATGKLVDIGEAVGIVAAQSIGEPGTQLTMRTFHQGGVGEDITGGLPRVQELFEARV
PRGKAPIADVTGRVRLEDGERFYKITIVPDDGGEEVVYDKISKRQRLRVFKHEDGSERVLSDGDHVEVGQQLMEGSADPH
EVLRVQGPREVQIHLVREVQEVYRAQGVSIHDKHIEVIVRQMLRRVTIIDSGSTEFLPGSLIDRAEFEAENRRVVAEGGE
PAAGRPVLMGITKASLATDSWLSAASFQETTRVLTDAAINCRSDKLNGLKENVIIGKLIPAGTGINRYRNIAVQPTEEAR
AAAYTIPSYEDQYYSPDFGAATGAAVPLDDYGYSDYR
;
D
4 'polypeptide(L)'
;MSISQSDASLAAVPAVDQFDPSSGASGGYDTPLGITNPPIDELLDRVSSKYALVIYAAKRARQINDYYNQLGEGILEYVG
PLVEPGLQEKPLSIALREIHADLLEHTEGE
;
E
5 'polypeptide(L)'
;GAMADIDGVTGSAGLQPGPSEETDEELTARFERDAIPLLDQLYGGALRMTRNPADAEDLLQETMVKAYAGFRSFRHGTNL
KAWLYRILTNTYINSYRKKQRQPAEYPTEQITDWQLASNAEHSSTGLRSAEVEALEALPDTEIKEALQALPEEFRMAVYY
ADVEGFPYKEIAEIMDTPIGTVMSRLHRGRRQLRGLLADVARDRGFARGEQAHEGVSS
;
F
6 'polydeoxyribonucleotide'
;(DT)(DT)(DG)(DT)(DG)(DG)(DG)(DA)(DG)(DC)(DT)(DG)(DT)(DC)(DA)(DC)(DG)(DG)(DA)(DT)
(DG)(DC)(DA)
;
G
7 'polydeoxyribonucleotide'
;(DT)(DG)(DC)(DA)(DT)(DC)(DC)(DG)(DT)(DG)(DA)(DG)(DT)(DC)(DG)(DA)(DG)(DG)(DG)(DT)
(DG)
;
H
8 'polyribonucleotide' CACCCUCGA I
#
# COMPACT_ATOMS: atom_id res chain seq x y z
N ILE A 24 -55.07 -40.54 9.56
CA ILE A 24 -55.80 -39.58 8.75
C ILE A 24 -55.64 -38.19 9.34
N SER A 25 -55.93 -37.17 8.54
CA SER A 25 -55.71 -35.79 8.95
C SER A 25 -56.84 -35.31 9.86
N GLN A 26 -56.49 -34.86 11.05
CA GLN A 26 -57.42 -34.19 11.96
C GLN A 26 -57.21 -32.69 11.82
N ARG A 27 -58.31 -31.94 11.71
CA ARG A 27 -58.20 -30.51 11.48
C ARG A 27 -57.44 -29.84 12.62
N PRO A 28 -56.41 -29.06 12.32
CA PRO A 28 -55.61 -28.44 13.39
C PRO A 28 -56.37 -27.34 14.11
N THR A 29 -55.96 -27.10 15.35
CA THR A 29 -56.57 -26.11 16.21
C THR A 29 -55.51 -25.17 16.77
N LEU A 30 -55.93 -23.95 17.07
CA LEU A 30 -55.10 -22.90 17.65
C LEU A 30 -55.67 -22.51 19.01
N SER A 31 -54.89 -22.73 20.05
CA SER A 31 -55.32 -22.45 21.43
C SER A 31 -54.33 -21.52 22.09
N GLU A 32 -54.83 -20.44 22.68
CA GLU A 32 -53.96 -19.41 23.25
C GLU A 32 -53.73 -19.63 24.73
N ASP A 33 -52.48 -19.41 25.14
CA ASP A 33 -52.09 -19.28 26.54
C ASP A 33 -51.61 -17.85 26.79
N VAL A 34 -51.58 -17.45 28.05
CA VAL A 34 -51.21 -16.08 28.42
C VAL A 34 -50.21 -16.13 29.57
N LEU A 35 -49.12 -15.39 29.44
CA LEU A 35 -48.11 -15.24 30.48
C LEU A 35 -48.18 -13.88 31.16
N THR A 36 -48.11 -12.79 30.39
CA THR A 36 -48.30 -11.44 30.91
C THR A 36 -49.22 -10.68 29.95
N ASP A 37 -49.46 -9.41 30.26
CA ASP A 37 -50.35 -8.61 29.44
C ASP A 37 -49.79 -8.39 28.04
N ASN A 38 -48.47 -8.45 27.89
CA ASN A 38 -47.82 -8.20 26.61
C ASN A 38 -47.15 -9.43 26.02
N ARG A 39 -47.19 -10.57 26.71
CA ARG A 39 -46.56 -11.80 26.23
C ARG A 39 -47.56 -12.94 26.28
N SER A 40 -47.57 -13.76 25.23
CA SER A 40 -48.53 -14.85 25.11
C SER A 40 -47.91 -16.02 24.37
N GLN A 41 -48.27 -17.22 24.79
CA GLN A 41 -47.90 -18.46 24.09
C GLN A 41 -49.11 -19.00 23.36
N PHE A 42 -48.89 -19.45 22.13
CA PHE A 42 -49.94 -20.04 21.30
C PHE A 42 -49.55 -21.47 20.96
N VAL A 43 -50.54 -22.36 20.90
CA VAL A 43 -50.33 -23.77 20.64
C VAL A 43 -51.14 -24.15 19.41
N ILE A 44 -50.47 -24.66 18.39
CA ILE A 44 -51.11 -25.13 17.17
C ILE A 44 -50.89 -26.63 17.06
N GLU A 45 -51.98 -27.39 16.96
CA GLU A 45 -51.88 -28.84 16.84
C GLU A 45 -53.21 -29.46 16.40
N PRO A 46 -53.20 -30.56 15.66
CA PRO A 46 -52.00 -31.29 15.21
C PRO A 46 -51.46 -30.82 13.87
N LEU A 47 -50.20 -31.16 13.57
CA LEU A 47 -49.56 -30.79 12.31
C LEU A 47 -48.75 -31.97 11.80
N GLU A 48 -48.34 -31.87 10.53
CA GLU A 48 -47.55 -32.92 9.91
C GLU A 48 -46.19 -33.04 10.61
N PRO A 49 -45.56 -34.22 10.54
CA PRO A 49 -44.23 -34.37 11.14
C PRO A 49 -43.19 -33.53 10.40
N GLY A 50 -42.41 -32.78 11.16
CA GLY A 50 -41.44 -31.87 10.58
C GLY A 50 -42.01 -30.61 10.00
N PHE A 51 -43.28 -30.32 10.25
CA PHE A 51 -43.95 -29.15 9.71
C PHE A 51 -44.08 -28.01 10.71
N GLY A 52 -43.79 -28.26 12.00
CA GLY A 52 -43.94 -27.22 13.00
C GLY A 52 -42.88 -26.14 12.91
N TYR A 53 -41.63 -26.54 12.65
CA TYR A 53 -40.54 -25.57 12.53
C TYR A 53 -40.83 -24.56 11.43
N THR A 54 -41.26 -25.04 10.26
CA THR A 54 -41.46 -24.16 9.11
C THR A 54 -42.62 -23.20 9.35
N LEU A 55 -43.72 -23.68 9.93
CA LEU A 55 -44.83 -22.79 10.24
C LEU A 55 -44.46 -21.77 11.30
N GLY A 56 -43.77 -22.21 12.35
CA GLY A 56 -43.33 -21.28 13.38
C GLY A 56 -42.43 -20.19 12.81
N ASN A 57 -41.55 -20.56 11.87
CA ASN A 57 -40.67 -19.56 11.28
C ASN A 57 -41.42 -18.63 10.35
N SER A 58 -42.33 -19.17 9.54
CA SER A 58 -43.11 -18.33 8.64
C SER A 58 -43.99 -17.36 9.41
N LEU A 59 -44.39 -17.73 10.63
CA LEU A 59 -45.12 -16.80 11.46
C LEU A 59 -44.20 -15.79 12.12
N ARG A 60 -43.05 -16.25 12.63
CA ARG A 60 -42.15 -15.37 13.37
C ARG A 60 -41.54 -14.29 12.46
N ARG A 61 -41.24 -14.64 11.21
CA ARG A 61 -40.67 -13.65 10.31
C ARG A 61 -41.66 -12.51 10.04
N THR A 62 -42.91 -12.86 9.75
CA THR A 62 -43.94 -11.84 9.55
C THR A 62 -44.22 -11.07 10.83
N LEU A 63 -44.12 -11.71 11.99
CA LEU A 63 -44.33 -11.01 13.25
C LEU A 63 -43.22 -10.00 13.50
N LEU A 64 -41.97 -10.35 13.19
CA LEU A 64 -40.86 -9.45 13.42
C LEU A 64 -40.80 -8.33 12.39
N SER A 65 -41.29 -8.57 11.17
CA SER A 65 -41.09 -7.62 10.09
C SER A 65 -42.30 -6.72 9.84
N SER A 66 -43.46 -7.30 9.55
CA SER A 66 -44.54 -6.58 8.89
C SER A 66 -45.79 -6.43 9.77
N ILE A 67 -45.61 -6.17 11.06
CA ILE A 67 -46.73 -5.87 11.96
C ILE A 67 -46.90 -4.35 11.99
N PRO A 68 -48.08 -3.82 11.64
CA PRO A 68 -48.25 -2.37 11.60
C PRO A 68 -48.32 -1.77 13.00
N GLY A 69 -47.74 -0.60 13.14
CA GLY A 69 -47.76 0.14 14.39
C GLY A 69 -47.57 1.61 14.10
N ALA A 70 -47.34 2.37 15.16
CA ALA A 70 -47.21 3.81 15.06
C ALA A 70 -45.93 4.26 15.74
N ALA A 71 -45.34 5.32 15.20
CA ALA A 71 -44.11 5.88 15.76
C ALA A 71 -43.98 7.33 15.33
N VAL A 72 -43.05 8.03 15.97
CA VAL A 72 -42.79 9.43 15.67
C VAL A 72 -41.90 9.53 14.44
N THR A 73 -42.28 10.39 13.50
CA THR A 73 -41.54 10.57 12.25
C THR A 73 -40.50 11.68 12.37
N SER A 74 -40.95 12.90 12.66
CA SER A 74 -40.06 14.04 12.78
C SER A 74 -40.45 14.83 14.03
N ILE A 75 -39.47 15.52 14.61
CA ILE A 75 -39.74 16.37 15.76
C ILE A 75 -39.39 17.81 15.40
N ARG A 76 -39.62 18.72 16.34
CA ARG A 76 -39.31 20.13 16.12
C ARG A 76 -39.18 20.81 17.47
N ILE A 77 -37.98 21.25 17.81
CA ILE A 77 -37.72 22.00 19.03
C ILE A 77 -37.54 23.47 18.65
N ASP A 78 -38.02 24.36 19.51
CA ASP A 78 -38.06 25.78 19.16
C ASP A 78 -36.66 26.38 19.10
N GLY A 79 -35.86 26.19 20.15
CA GLY A 79 -34.57 26.85 20.23
C GLY A 79 -33.50 26.29 19.31
N VAL A 80 -33.77 25.19 18.63
CA VAL A 80 -32.76 24.53 17.81
C VAL A 80 -33.20 24.53 16.35
N LEU A 81 -32.22 24.54 15.47
CA LEU A 81 -32.46 24.47 14.03
C LEU A 81 -31.93 23.18 13.41
N HIS A 82 -31.16 22.38 14.15
CA HIS A 82 -30.67 21.11 13.66
C HIS A 82 -30.40 20.21 14.86
N GLU A 83 -30.03 18.97 14.58
CA GLU A 83 -29.93 17.95 15.62
C GLU A 83 -28.70 18.11 16.51
N PHE A 84 -27.65 18.76 16.03
CA PHE A 84 -26.36 18.78 16.72
C PHE A 84 -26.20 20.11 17.46
N THR A 85 -26.88 20.23 18.59
CA THR A 85 -26.81 21.42 19.41
C THR A 85 -27.29 21.09 20.82
N THR A 86 -27.43 22.12 21.65
CA THR A 86 -27.87 21.98 23.03
C THR A 86 -28.98 22.98 23.31
N VAL A 87 -29.97 22.54 24.09
CA VAL A 87 -31.03 23.42 24.58
C VAL A 87 -30.59 23.98 25.92
N PRO A 88 -30.67 25.30 26.14
CA PRO A 88 -30.19 25.87 27.40
C PRO A 88 -30.95 25.31 28.60
N GLY A 89 -30.19 24.94 29.62
CA GLY A 89 -30.75 24.41 30.86
C GLY A 89 -30.90 22.90 30.93
N VAL A 90 -31.32 22.28 29.82
CA VAL A 90 -31.47 20.83 29.83
C VAL A 90 -30.10 20.16 29.93
N LYS A 91 -30.11 18.92 30.42
CA LYS A 91 -28.86 18.20 30.63
C LYS A 91 -28.37 17.53 29.36
N GLU A 92 -29.28 16.98 28.57
CA GLU A 92 -28.93 16.22 27.38
C GLU A 92 -28.94 17.10 26.14
N ASP A 93 -28.02 16.81 25.22
CA ASP A 93 -28.05 17.48 23.92
C ASP A 93 -29.24 16.98 23.11
N VAL A 94 -29.48 17.65 21.98
CA VAL A 94 -30.65 17.31 21.16
C VAL A 94 -30.52 15.90 20.60
N THR A 95 -29.30 15.48 20.27
CA THR A 95 -29.11 14.13 19.73
C THR A 95 -29.42 13.06 20.77
N GLU A 96 -28.95 13.25 22.01
CA GLU A 96 -29.29 12.33 23.08
C GLU A 96 -30.78 12.36 23.39
N ILE A 97 -31.41 13.53 23.28
CA ILE A 97 -32.86 13.63 23.47
C ILE A 97 -33.59 12.81 22.41
N ILE A 98 -33.11 12.87 21.16
CA ILE A 98 -33.74 12.08 20.11
C ILE A 98 -33.50 10.59 20.33
N LEU A 99 -32.32 10.22 20.83
CA LEU A 99 -32.08 8.81 21.14
C LEU A 99 -32.95 8.33 22.29
N ASN A 100 -33.31 9.23 23.22
CA ASN A 100 -34.27 8.87 24.25
C ASN A 100 -35.68 8.74 23.67
N LEU A 101 -36.06 9.65 22.77
CA LEU A 101 -37.35 9.59 22.12
C LEU A 101 -37.49 8.39 21.21
N LYS A 102 -36.37 7.79 20.79
CA LYS A 102 -36.42 6.57 19.99
C LYS A 102 -37.05 5.41 20.75
N SER A 103 -37.14 5.51 22.08
CA SER A 103 -37.72 4.46 22.90
C SER A 103 -39.21 4.64 23.16
N LEU A 104 -39.84 5.66 22.56
CA LEU A 104 -41.25 5.92 22.77
C LEU A 104 -42.10 4.85 22.10
N VAL A 105 -42.94 4.19 22.88
CA VAL A 105 -43.94 3.27 22.34
C VAL A 105 -45.30 3.97 22.37
N VAL A 106 -45.87 4.19 21.20
CA VAL A 106 -47.10 4.95 21.04
C VAL A 106 -48.04 4.13 20.18
N SER A 107 -49.34 4.44 20.28
CA SER A 107 -50.34 3.83 19.42
C SER A 107 -51.26 4.90 18.88
N SER A 108 -51.48 4.88 17.57
CA SER A 108 -52.26 5.90 16.88
C SER A 108 -53.39 5.25 16.11
N GLU A 109 -54.59 5.83 16.22
CA GLU A 109 -55.74 5.40 15.43
C GLU A 109 -55.99 6.29 14.21
N GLU A 110 -55.32 7.44 14.13
CA GLU A 110 -55.58 8.37 13.05
C GLU A 110 -55.11 7.83 11.70
N ASP A 111 -54.03 7.05 11.69
CA ASP A 111 -53.38 6.57 10.47
C ASP A 111 -52.99 7.69 9.53
N GLU A 112 -52.79 8.89 10.06
CA GLU A 112 -52.41 10.07 9.31
C GLU A 112 -51.41 10.86 10.14
N PRO A 113 -50.63 11.74 9.51
CA PRO A 113 -49.70 12.57 10.30
C PRO A 113 -50.45 13.40 11.33
N VAL A 114 -50.13 13.20 12.60
CA VAL A 114 -50.79 13.91 13.69
C VAL A 114 -49.72 14.43 14.65
N THR A 115 -49.91 15.65 15.14
CA THR A 115 -48.87 16.34 15.90
C THR A 115 -49.18 16.29 17.40
N MET A 116 -48.16 15.93 18.18
CA MET A 116 -48.19 15.99 19.64
C MET A 116 -47.34 17.17 20.11
N TYR A 117 -47.63 17.64 21.32
CA TYR A 117 -46.95 18.81 21.86
C TYR A 117 -46.41 18.51 23.25
N LEU A 118 -45.42 19.30 23.67
CA LEU A 118 -44.82 19.11 24.98
C LEU A 118 -44.18 20.43 25.41
N ARG A 119 -44.80 21.09 26.39
CA ARG A 119 -44.23 22.25 27.04
C ARG A 119 -43.85 21.88 28.47
N LYS A 120 -42.69 22.36 28.91
CA LYS A 120 -42.24 22.05 30.27
C LYS A 120 -41.17 23.05 30.67
N GLN A 121 -41.10 23.33 31.97
CA GLN A 121 -40.08 24.22 32.51
C GLN A 121 -39.56 23.64 33.82
N GLY A 122 -38.24 23.63 33.98
CA GLY A 122 -37.63 23.09 35.16
C GLY A 122 -37.75 24.02 36.35
N PRO A 123 -37.19 23.58 37.49
CA PRO A 123 -36.49 22.31 37.71
C PRO A 123 -37.40 21.09 37.67
N GLY A 124 -36.79 19.90 37.68
CA GLY A 124 -37.53 18.66 37.56
C GLY A 124 -37.03 17.80 36.44
N GLU A 125 -37.89 16.92 35.91
CA GLU A 125 -37.52 16.03 34.82
C GLU A 125 -38.68 15.92 33.84
N VAL A 126 -38.36 15.85 32.56
CA VAL A 126 -39.35 15.64 31.52
C VAL A 126 -39.46 14.16 31.23
N THR A 127 -40.69 13.64 31.19
CA THR A 127 -40.96 12.25 30.88
C THR A 127 -42.01 12.18 29.79
N ALA A 128 -42.35 10.96 29.38
CA ALA A 128 -43.37 10.78 28.36
C ALA A 128 -44.75 11.15 28.87
N GLY A 129 -44.97 11.09 30.18
CA GLY A 129 -46.23 11.51 30.75
C GLY A 129 -46.50 12.99 30.62
N ASP A 130 -45.46 13.79 30.39
CA ASP A 130 -45.62 15.23 30.21
C ASP A 130 -46.05 15.59 28.80
N ILE A 131 -45.95 14.67 27.85
CA ILE A 131 -46.39 14.92 26.48
C ILE A 131 -47.91 14.88 26.44
N VAL A 132 -48.51 15.82 25.71
CA VAL A 132 -49.96 15.87 25.58
C VAL A 132 -50.34 15.31 24.21
N PRO A 133 -50.79 14.07 24.13
CA PRO A 133 -51.16 13.48 22.84
C PRO A 133 -52.53 13.95 22.40
N PRO A 134 -52.71 14.20 21.11
CA PRO A 134 -54.05 14.59 20.62
C PRO A 134 -55.02 13.42 20.59
N ALA A 135 -56.20 13.65 20.03
CA ALA A 135 -57.21 12.60 19.96
C ALA A 135 -56.73 11.44 19.11
N GLY A 136 -57.11 10.22 19.50
CA GLY A 136 -56.84 9.03 18.72
C GLY A 136 -55.50 8.38 19.00
N VAL A 137 -54.57 9.08 19.63
CA VAL A 137 -53.25 8.53 19.89
C VAL A 137 -53.03 8.50 21.40
N THR A 138 -52.12 7.62 21.82
CA THR A 138 -51.83 7.49 23.25
C THR A 138 -50.46 6.89 23.47
N VAL A 139 -49.81 7.35 24.55
CA VAL A 139 -48.48 6.91 24.96
C VAL A 139 -48.63 5.83 26.02
N HIS A 140 -47.80 4.78 25.91
CA HIS A 140 -47.97 3.59 26.74
C HIS A 140 -46.89 3.40 27.79
N ASN A 141 -45.96 4.35 27.92
CA ASN A 141 -44.97 4.30 29.02
C ASN A 141 -44.66 5.72 29.45
N PRO A 142 -45.54 6.34 30.23
CA PRO A 142 -45.31 7.73 30.66
C PRO A 142 -44.10 7.91 31.56
N GLY A 143 -43.56 6.84 32.13
CA GLY A 143 -42.45 6.96 33.06
C GLY A 143 -41.07 7.02 32.45
N MET A 144 -40.97 6.99 31.12
CA MET A 144 -39.67 7.00 30.46
C MET A 144 -39.01 8.37 30.54
N HIS A 145 -37.74 8.37 30.90
CA HIS A 145 -36.97 9.61 30.96
C HIS A 145 -36.74 10.18 29.55
N ILE A 146 -36.91 11.50 29.42
CA ILE A 146 -36.66 12.20 28.17
C ILE A 146 -35.57 13.26 28.33
N ALA A 147 -35.75 14.16 29.29
CA ALA A 147 -34.76 15.21 29.55
C ALA A 147 -34.86 15.64 31.00
N THR A 148 -33.76 16.22 31.49
CA THR A 148 -33.70 16.77 32.84
C THR A 148 -33.45 18.26 32.75
N LEU A 149 -34.32 19.04 33.37
CA LEU A 149 -34.28 20.49 33.27
C LEU A 149 -33.91 21.09 34.62
N ASN A 150 -33.33 22.29 34.58
CA ASN A 150 -32.97 23.04 35.77
C ASN A 150 -33.75 24.36 35.78
N ASP A 151 -33.37 25.25 36.71
CA ASP A 151 -34.05 26.54 36.85
C ASP A 151 -34.19 27.26 35.53
N LYS A 152 -33.14 27.24 34.71
CA LYS A 152 -33.11 27.97 33.45
C LYS A 152 -33.54 27.11 32.26
N GLY A 153 -33.92 25.86 32.50
CA GLY A 153 -34.29 24.97 31.41
C GLY A 153 -35.74 25.14 31.00
N LYS A 154 -35.98 25.22 29.69
CA LYS A 154 -37.32 25.34 29.13
C LYS A 154 -37.37 24.49 27.87
N LEU A 155 -38.28 23.51 27.85
CA LEU A 155 -38.36 22.55 26.75
C LEU A 155 -39.71 22.70 26.07
N GLU A 156 -39.68 22.86 24.75
CA GLU A 156 -40.89 23.07 23.95
C GLU A 156 -40.73 22.29 22.66
N VAL A 157 -41.45 21.16 22.56
CA VAL A 157 -41.23 20.18 21.50
C VAL A 157 -42.55 19.85 20.81
N GLU A 158 -42.52 19.78 19.49
CA GLU A 158 -43.58 19.20 18.69
C GLU A 158 -43.09 17.88 18.13
N LEU A 159 -43.98 16.89 18.04
CA LEU A 159 -43.62 15.55 17.59
C LEU A 159 -44.66 15.07 16.59
N VAL A 160 -44.28 14.91 15.33
CA VAL A 160 -45.19 14.37 14.33
C VAL A 160 -45.17 12.85 14.42
N VAL A 161 -46.34 12.25 14.58
CA VAL A 161 -46.50 10.81 14.74
C VAL A 161 -47.31 10.29 13.56
N GLU A 162 -46.86 9.16 13.03
CA GLU A 162 -47.47 8.53 11.86
C GLU A 162 -47.56 7.03 12.13
N ARG A 163 -48.20 6.33 11.20
CA ARG A 163 -48.46 4.91 11.33
C ARG A 163 -47.93 4.18 10.11
N GLY A 164 -47.10 3.17 10.34
CA GLY A 164 -46.54 2.38 9.26
C GLY A 164 -46.08 1.04 9.76
N ARG A 165 -45.28 0.37 8.94
CA ARG A 165 -44.75 -0.95 9.29
C ARG A 165 -43.25 -1.00 9.03
N GLY A 166 -42.60 -1.98 9.67
CA GLY A 166 -41.18 -2.18 9.48
C GLY A 166 -40.35 -1.06 10.07
N TYR A 167 -39.20 -0.81 9.44
CA TYR A 167 -38.27 0.24 9.85
C TYR A 167 -38.09 1.20 8.67
N VAL A 168 -38.30 2.49 8.93
CA VAL A 168 -38.21 3.53 7.93
C VAL A 168 -37.16 4.54 8.39
N PRO A 169 -36.05 4.70 7.68
CA PRO A 169 -35.05 5.70 8.08
C PRO A 169 -35.56 7.11 7.85
N ALA A 170 -34.89 8.06 8.51
CA ALA A 170 -35.34 9.44 8.55
C ALA A 170 -35.57 10.00 7.15
N VAL A 171 -36.78 10.51 6.93
CA VAL A 171 -37.12 11.11 5.64
C VAL A 171 -36.46 12.48 5.54
N GLN A 172 -35.68 12.67 4.49
CA GLN A 172 -34.86 13.87 4.34
C GLN A 172 -35.72 15.10 4.10
N ASN A 173 -35.13 16.27 4.38
CA ASN A 173 -35.79 17.54 4.08
C ASN A 173 -35.78 17.87 2.59
N ARG A 174 -35.00 17.13 1.79
CA ARG A 174 -35.04 17.31 0.35
C ARG A 174 -36.16 16.49 -0.28
N ALA A 175 -36.45 15.32 0.26
CA ALA A 175 -37.57 14.51 -0.24
C ALA A 175 -38.90 15.21 0.00
N SER A 176 -39.19 15.54 1.25
CA SER A 176 -40.37 16.31 1.58
C SER A 176 -40.11 17.80 1.39
N GLY A 177 -41.16 18.60 1.56
CA GLY A 177 -41.04 20.04 1.47
C GLY A 177 -40.71 20.66 2.81
N ALA A 178 -39.99 19.92 3.65
CA ALA A 178 -39.72 20.33 5.02
C ALA A 178 -38.88 21.61 5.04
N GLU A 179 -38.83 22.22 6.21
CA GLU A 179 -38.06 23.44 6.44
C GLU A 179 -36.95 23.18 7.45
N ILE A 180 -36.18 24.22 7.74
CA ILE A 180 -34.91 24.06 8.45
C ILE A 180 -35.14 23.53 9.86
N GLY A 181 -36.23 23.95 10.50
CA GLY A 181 -36.45 23.55 11.89
C GLY A 181 -36.76 22.07 12.04
N ARG A 182 -37.35 21.45 11.02
CA ARG A 182 -37.80 20.07 11.14
C ARG A 182 -36.61 19.13 11.27
N ILE A 183 -36.62 18.32 12.32
CA ILE A 183 -35.57 17.34 12.57
C ILE A 183 -36.11 15.95 12.29
N PRO A 184 -35.80 15.35 11.15
CA PRO A 184 -36.26 13.97 10.89
C PRO A 184 -35.61 12.97 11.82
N VAL A 185 -36.38 11.96 12.20
CA VAL A 185 -35.95 10.92 13.13
C VAL A 185 -36.24 9.56 12.50
N ASP A 186 -35.46 8.56 12.89
CA ASP A 186 -35.74 7.19 12.47
C ASP A 186 -37.08 6.73 13.04
N SER A 187 -37.78 5.90 12.26
CA SER A 187 -39.11 5.42 12.61
C SER A 187 -39.07 3.89 12.71
N ILE A 188 -39.28 3.37 13.92
CA ILE A 188 -39.33 1.94 14.17
C ILE A 188 -40.78 1.60 14.46
N TYR A 189 -41.49 1.09 13.45
CA TYR A 189 -42.93 0.86 13.53
C TYR A 189 -43.30 -0.52 14.08
N SER A 190 -42.33 -1.33 14.46
CA SER A 190 -42.62 -2.68 14.92
C SER A 190 -43.23 -2.65 16.32
N PRO A 191 -44.42 -3.21 16.53
CA PRO A 191 -45.00 -3.24 17.87
C PRO A 191 -44.54 -4.44 18.69
N VAL A 192 -44.03 -5.47 18.02
CA VAL A 192 -43.60 -6.70 18.69
C VAL A 192 -42.16 -6.55 19.13
N LEU A 193 -41.81 -7.24 20.22
CA LEU A 193 -40.49 -7.16 20.83
C LEU A 193 -39.64 -8.40 20.57
N LYS A 194 -40.17 -9.58 20.88
CA LYS A 194 -39.40 -10.81 20.71
C LYS A 194 -40.33 -11.97 20.40
N VAL A 195 -40.01 -12.72 19.34
CA VAL A 195 -40.81 -13.86 18.91
C VAL A 195 -39.90 -15.08 18.84
N THR A 196 -40.42 -16.22 19.29
CA THR A 196 -39.69 -17.48 19.19
C THR A 196 -40.71 -18.62 19.09
N TYR A 197 -40.21 -19.84 18.92
CA TYR A 197 -41.09 -20.99 18.81
C TYR A 197 -40.34 -22.26 19.19
N LYS A 198 -41.12 -23.30 19.52
CA LYS A 198 -40.58 -24.62 19.79
C LYS A 198 -41.59 -25.66 19.35
N VAL A 199 -41.10 -26.80 18.88
CA VAL A 199 -41.97 -27.86 18.41
C VAL A 199 -41.75 -29.12 19.26
N ASP A 200 -42.81 -29.92 19.34
CA ASP A 200 -42.77 -31.23 20.01
C ASP A 200 -43.13 -32.27 18.97
N ALA A 201 -42.19 -33.15 18.64
CA ALA A 201 -42.41 -34.22 17.70
C ALA A 201 -42.86 -35.48 18.43
N THR A 202 -43.78 -36.22 17.82
CA THR A 202 -44.33 -37.43 18.41
C THR A 202 -44.34 -38.53 17.37
N ARG A 203 -43.56 -39.57 17.60
CA ARG A 203 -43.49 -40.70 16.68
C ARG A 203 -44.19 -41.93 17.27
N ARG A 207 -46.67 -45.30 14.55
CA ARG A 207 -47.82 -45.49 13.67
C ARG A 207 -48.56 -44.18 13.44
N THR A 208 -48.55 -43.31 14.45
CA THR A 208 -49.20 -42.01 14.38
C THR A 208 -48.20 -40.95 14.84
N ASP A 209 -47.61 -40.24 13.88
CA ASP A 209 -46.63 -39.20 14.15
C ASP A 209 -47.24 -37.83 13.87
N PHE A 210 -46.87 -36.85 14.69
CA PHE A 210 -47.38 -35.49 14.50
C PHE A 210 -46.52 -34.52 15.30
N ASP A 211 -46.59 -33.24 14.92
CA ASP A 211 -45.86 -32.17 15.58
C ASP A 211 -46.82 -31.18 16.21
N LYS A 212 -46.48 -30.71 17.40
CA LYS A 212 -47.22 -29.68 18.11
C LYS A 212 -46.36 -28.43 18.20
N LEU A 213 -46.86 -27.31 17.67
CA LEU A 213 -46.09 -26.07 17.58
C LEU A 213 -46.48 -25.12 18.70
N ILE A 214 -45.50 -24.44 19.27
CA ILE A 214 -45.71 -23.48 20.35
C ILE A 214 -45.00 -22.19 19.96
N LEU A 215 -45.78 -21.17 19.63
CA LEU A 215 -45.26 -19.83 19.43
C LEU A 215 -45.21 -19.08 20.76
N ASP A 216 -44.19 -18.24 20.90
CA ASP A 216 -44.02 -17.41 22.08
C ASP A 216 -43.80 -15.98 21.58
N VAL A 217 -44.79 -15.12 21.78
CA VAL A 217 -44.78 -13.77 21.22
C VAL A 217 -44.84 -12.77 22.36
N GLU A 218 -43.88 -11.84 22.37
CA GLU A 218 -43.85 -10.74 23.32
C GLU A 218 -43.85 -9.44 22.54
N THR A 219 -44.90 -8.66 22.69
CA THR A 219 -45.03 -7.36 22.03
C THR A 219 -44.85 -6.25 23.05
N LYS A 220 -44.70 -5.03 22.53
CA LYS A 220 -44.73 -3.87 23.40
C LYS A 220 -46.17 -3.58 23.80
N ASN A 221 -46.34 -2.77 24.85
CA ASN A 221 -47.65 -2.52 25.42
C ASN A 221 -48.58 -1.79 24.45
N SER A 222 -48.08 -1.46 23.27
CA SER A 222 -48.92 -0.85 22.24
C SER A 222 -50.10 -1.75 21.88
N ILE A 223 -49.81 -3.01 21.53
CA ILE A 223 -50.86 -3.96 21.17
C ILE A 223 -50.63 -5.26 21.93
N SER A 224 -51.68 -6.09 21.97
CA SER A 224 -51.62 -7.40 22.59
C SER A 224 -51.14 -8.45 21.59
N PRO A 225 -50.50 -9.52 22.08
CA PRO A 225 -50.02 -10.56 21.14
C PRO A 225 -51.13 -11.16 20.29
N ARG A 226 -52.37 -11.14 20.77
CA ARG A 226 -53.49 -11.60 19.96
C ARG A 226 -53.60 -10.78 18.68
N ASP A 227 -53.56 -9.45 18.80
CA ASP A 227 -53.68 -8.59 17.64
C ASP A 227 -52.51 -8.76 16.68
N ALA A 228 -51.28 -8.90 17.22
CA ALA A 228 -50.11 -9.08 16.38
C ALA A 228 -50.21 -10.38 15.58
N LEU A 229 -50.54 -11.49 16.26
CA LEU A 229 -50.66 -12.75 15.56
C LEU A 229 -51.81 -12.73 14.56
N ALA A 230 -52.90 -12.02 14.87
CA ALA A 230 -54.00 -11.92 13.93
C ALA A 230 -53.59 -11.13 12.68
N SER A 231 -52.85 -10.05 12.86
CA SER A 231 -52.36 -9.29 11.71
C SER A 231 -51.43 -10.14 10.85
N ALA A 232 -50.53 -10.88 11.49
CA ALA A 232 -49.64 -11.76 10.74
C ALA A 232 -50.41 -12.84 10.00
N GLY A 233 -51.44 -13.39 10.64
CA GLY A 233 -52.26 -14.40 9.99
C GLY A 233 -52.99 -13.85 8.78
N LYS A 234 -53.55 -12.64 8.89
CA LYS A 234 -54.21 -12.05 7.74
C LYS A 234 -53.22 -11.76 6.62
N THR A 235 -52.03 -11.28 6.97
CA THR A 235 -51.01 -11.02 5.96
C THR A 235 -50.65 -12.30 5.20
N LEU A 236 -50.40 -13.39 5.94
CA LEU A 236 -50.01 -14.63 5.30
C LEU A 236 -51.15 -15.26 4.52
N VAL A 237 -52.39 -15.13 5.00
CA VAL A 237 -53.54 -15.63 4.23
C VAL A 237 -53.66 -14.87 2.92
N GLU A 238 -53.56 -13.54 2.98
CA GLU A 238 -53.64 -12.73 1.77
C GLU A 238 -52.51 -13.09 0.80
N LEU A 239 -51.32 -13.41 1.33
CA LEU A 239 -50.20 -13.74 0.46
C LEU A 239 -50.37 -15.11 -0.19
N PHE A 240 -50.79 -16.12 0.58
CA PHE A 240 -50.98 -17.44 0.03
C PHE A 240 -52.27 -17.58 -0.79
N GLY A 241 -53.16 -16.59 -0.74
CA GLY A 241 -54.38 -16.65 -1.53
C GLY A 241 -54.12 -16.66 -3.03
N LEU A 242 -53.01 -16.08 -3.47
CA LEU A 242 -52.70 -16.09 -4.89
C LEU A 242 -52.17 -17.44 -5.36
N ALA A 243 -51.78 -18.30 -4.43
CA ALA A 243 -51.32 -19.64 -4.80
C ALA A 243 -52.46 -20.48 -5.35
N ARG A 244 -53.69 -20.20 -4.94
CA ARG A 244 -54.86 -20.93 -5.45
C ARG A 244 -55.64 -20.07 -6.44
N MET B 22 -51.34 0.91 8.80
CA MET B 22 -50.61 -0.02 7.95
C MET B 22 -50.30 0.60 6.59
N LEU B 23 -50.02 -0.25 5.61
CA LEU B 23 -49.72 0.19 4.25
C LEU B 23 -50.37 -0.79 3.28
N ILE B 24 -50.21 -0.52 1.99
CA ILE B 24 -50.82 -1.32 0.93
C ILE B 24 -49.72 -1.78 -0.03
N SER B 25 -49.68 -3.08 -0.30
CA SER B 25 -48.81 -3.66 -1.31
C SER B 25 -49.65 -4.16 -2.48
N GLN B 26 -49.06 -4.17 -3.68
CA GLN B 26 -49.82 -4.53 -4.87
C GLN B 26 -48.92 -5.19 -5.90
N ARG B 27 -49.57 -5.80 -6.90
CA ARG B 27 -48.99 -6.49 -8.04
C ARG B 27 -48.07 -7.65 -7.66
N PRO B 28 -48.49 -8.60 -6.80
CA PRO B 28 -47.62 -9.77 -6.56
C PRO B 28 -47.99 -10.93 -7.47
N THR B 29 -47.58 -10.83 -8.74
CA THR B 29 -48.05 -11.76 -9.75
C THR B 29 -47.39 -13.14 -9.61
N LEU B 30 -48.04 -14.13 -10.20
CA LEU B 30 -47.57 -15.51 -10.24
C LEU B 30 -47.62 -16.00 -11.68
N SER B 31 -46.53 -16.61 -12.14
CA SER B 31 -46.44 -17.12 -13.50
C SER B 31 -45.84 -18.52 -13.48
N GLU B 32 -45.96 -19.23 -14.60
CA GLU B 32 -45.52 -20.61 -14.69
C GLU B 32 -44.75 -20.85 -15.98
N ASP B 33 -43.72 -21.70 -15.88
CA ASP B 33 -42.97 -22.19 -17.02
C ASP B 33 -43.12 -23.71 -17.06
N VAL B 34 -43.66 -24.23 -18.16
CA VAL B 34 -43.96 -25.65 -18.28
C VAL B 34 -42.77 -26.34 -18.94
N LEU B 35 -41.99 -27.07 -18.14
CA LEU B 35 -40.89 -27.87 -18.69
C LEU B 35 -41.43 -29.17 -19.29
N THR B 36 -42.06 -30.00 -18.47
CA THR B 36 -42.73 -31.20 -18.95
C THR B 36 -44.17 -31.20 -18.48
N ASP B 37 -44.90 -32.29 -18.72
CA ASP B 37 -46.29 -32.38 -18.28
C ASP B 37 -46.42 -32.67 -16.78
N ASN B 38 -45.39 -33.27 -16.19
CA ASN B 38 -45.39 -33.57 -14.76
C ASN B 38 -44.38 -32.75 -13.98
N ARG B 39 -43.78 -31.74 -14.61
CA ARG B 39 -42.79 -30.89 -13.95
C ARG B 39 -42.88 -29.48 -14.51
N SER B 40 -42.86 -28.49 -13.61
CA SER B 40 -42.93 -27.09 -14.03
C SER B 40 -42.29 -26.22 -12.97
N GLN B 41 -41.87 -25.04 -13.40
CA GLN B 41 -41.39 -24.00 -12.49
C GLN B 41 -42.47 -22.93 -12.33
N PHE B 42 -42.48 -22.30 -11.17
CA PHE B 42 -43.40 -21.21 -10.88
C PHE B 42 -42.60 -20.03 -10.32
N VAL B 43 -43.01 -18.82 -10.69
CA VAL B 43 -42.33 -17.61 -10.25
C VAL B 43 -43.35 -16.71 -9.58
N ILE B 44 -43.09 -16.36 -8.33
CA ILE B 44 -43.89 -15.40 -7.57
C ILE B 44 -43.06 -14.13 -7.45
N GLU B 45 -43.53 -13.05 -8.05
CA GLU B 45 -42.79 -11.79 -8.04
C GLU B 45 -43.73 -10.64 -8.34
N PRO B 46 -43.48 -9.45 -7.79
CA PRO B 46 -42.46 -9.25 -6.75
C PRO B 46 -43.02 -9.42 -5.34
N LEU B 47 -42.21 -9.99 -4.45
CA LEU B 47 -42.57 -10.13 -3.04
C LEU B 47 -41.80 -9.12 -2.21
N GLU B 48 -42.41 -8.68 -1.12
CA GLU B 48 -41.80 -7.69 -0.25
C GLU B 48 -40.52 -8.24 0.37
N PRO B 49 -39.63 -7.36 0.83
CA PRO B 49 -38.34 -7.83 1.36
C PRO B 49 -38.51 -8.79 2.52
N GLY B 50 -37.79 -9.90 2.47
CA GLY B 50 -37.84 -10.90 3.50
C GLY B 50 -38.94 -11.92 3.35
N PHE B 51 -39.86 -11.74 2.42
CA PHE B 51 -40.97 -12.67 2.22
C PHE B 51 -40.67 -13.77 1.23
N GLY B 52 -39.50 -13.73 0.58
CA GLY B 52 -39.12 -14.83 -0.29
C GLY B 52 -38.89 -16.12 0.45
N TYR B 53 -38.40 -16.04 1.69
CA TYR B 53 -38.14 -17.21 2.50
C TYR B 53 -39.29 -17.59 3.42
N THR B 54 -40.21 -16.64 3.69
CA THR B 54 -41.41 -16.99 4.45
C THR B 54 -42.31 -17.91 3.65
N LEU B 55 -42.39 -17.71 2.34
CA LEU B 55 -43.22 -18.54 1.48
C LEU B 55 -42.48 -19.76 0.95
N GLY B 56 -41.17 -19.65 0.72
CA GLY B 56 -40.42 -20.70 0.08
C GLY B 56 -40.42 -22.04 0.79
N ASN B 57 -39.90 -22.08 2.02
CA ASN B 57 -39.80 -23.34 2.75
C ASN B 57 -41.17 -23.90 3.09
N SER B 58 -42.12 -23.03 3.43
CA SER B 58 -43.46 -23.50 3.78
C SER B 58 -44.15 -24.16 2.59
N LEU B 59 -44.08 -23.52 1.42
CA LEU B 59 -44.69 -24.11 0.23
C LEU B 59 -44.07 -25.46 -0.10
N ARG B 60 -42.75 -25.58 0.03
CA ARG B 60 -42.08 -26.84 -0.28
C ARG B 60 -42.52 -27.93 0.69
N ARG B 61 -42.48 -27.64 2.00
CA ARG B 61 -42.87 -28.66 2.97
C ARG B 61 -44.35 -29.01 2.85
N THR B 62 -45.19 -28.06 2.45
CA THR B 62 -46.61 -28.37 2.25
C THR B 62 -46.82 -29.25 1.03
N LEU B 63 -46.20 -28.89 -0.09
CA LEU B 63 -46.28 -29.74 -1.29
C LEU B 63 -45.78 -31.14 -1.01
N LEU B 64 -44.73 -31.27 -0.18
CA LEU B 64 -44.15 -32.57 0.07
C LEU B 64 -44.97 -33.40 1.05
N SER B 65 -45.45 -32.79 2.13
CA SER B 65 -46.02 -33.54 3.24
C SER B 65 -47.50 -33.33 3.49
N SER B 66 -48.16 -32.39 2.79
CA SER B 66 -49.59 -32.18 2.99
C SER B 66 -50.31 -32.16 1.63
N ILE B 67 -50.57 -33.35 1.10
CA ILE B 67 -51.39 -33.57 -0.09
C ILE B 67 -51.92 -35.00 0.00
N PRO B 68 -53.22 -35.22 -0.18
CA PRO B 68 -53.75 -36.60 -0.11
C PRO B 68 -53.38 -37.40 -1.36
N GLY B 69 -52.85 -38.60 -1.14
CA GLY B 69 -52.50 -39.48 -2.24
C GLY B 69 -52.42 -40.91 -1.78
N ALA B 70 -52.75 -41.83 -2.70
CA ALA B 70 -52.76 -43.25 -2.40
C ALA B 70 -51.50 -43.92 -2.94
N ALA B 71 -51.03 -44.93 -2.21
CA ALA B 71 -49.81 -45.64 -2.58
C ALA B 71 -49.81 -47.01 -1.93
N VAL B 72 -48.75 -47.78 -2.21
CA VAL B 72 -48.61 -49.15 -1.75
C VAL B 72 -47.95 -49.16 -0.37
N THR B 73 -48.44 -50.05 0.51
CA THR B 73 -47.95 -50.17 1.87
C THR B 73 -47.21 -51.48 2.12
N SER B 74 -47.79 -52.61 1.76
CA SER B 74 -47.18 -53.91 2.00
C SER B 74 -47.61 -54.86 0.90
N ILE B 75 -46.76 -55.86 0.63
CA ILE B 75 -47.02 -56.81 -0.45
C ILE B 75 -46.68 -58.23 0.01
N ARG B 76 -47.20 -59.19 -0.76
CA ARG B 76 -46.93 -60.61 -0.56
C ARG B 76 -46.69 -61.25 -1.91
N ILE B 77 -45.55 -61.93 -2.05
CA ILE B 77 -45.16 -62.58 -3.30
C ILE B 77 -45.10 -64.07 -3.06
N ASP B 78 -45.87 -64.83 -3.84
CA ASP B 78 -45.87 -66.28 -3.72
C ASP B 78 -44.64 -66.87 -4.39
N GLY B 79 -44.46 -68.17 -4.19
CA GLY B 79 -43.29 -68.87 -4.70
C GLY B 79 -42.13 -68.96 -3.73
N VAL B 80 -41.68 -67.82 -3.21
CA VAL B 80 -40.60 -67.76 -2.24
C VAL B 80 -40.95 -66.70 -1.20
N LEU B 81 -40.87 -67.07 0.08
CA LEU B 81 -41.16 -66.16 1.17
C LEU B 81 -40.00 -65.99 2.14
N HIS B 82 -39.31 -67.08 2.49
CA HIS B 82 -38.27 -67.01 3.50
C HIS B 82 -36.98 -66.41 2.96
N GLU B 83 -36.60 -66.78 1.73
CA GLU B 83 -35.34 -66.32 1.18
C GLU B 83 -35.34 -64.81 0.96
N PHE B 84 -36.47 -64.27 0.48
CA PHE B 84 -36.66 -62.84 0.23
C PHE B 84 -35.67 -62.27 -0.78
N THR B 85 -34.93 -63.12 -1.49
CA THR B 85 -33.99 -62.65 -2.50
C THR B 85 -34.03 -63.45 -3.80
N THR B 86 -34.66 -64.62 -3.84
CA THR B 86 -34.71 -65.47 -5.01
C THR B 86 -36.16 -65.65 -5.46
N VAL B 87 -36.39 -65.57 -6.76
CA VAL B 87 -37.73 -65.76 -7.31
C VAL B 87 -37.61 -66.50 -8.64
N PRO B 88 -38.32 -67.62 -8.82
CA PRO B 88 -38.19 -68.38 -10.07
C PRO B 88 -38.93 -67.70 -11.22
N GLY B 89 -38.42 -67.92 -12.42
CA GLY B 89 -39.01 -67.40 -13.64
C GLY B 89 -38.51 -66.04 -14.06
N VAL B 90 -38.12 -65.18 -13.12
CA VAL B 90 -37.65 -63.84 -13.44
C VAL B 90 -36.23 -63.67 -12.89
N LYS B 91 -35.51 -62.73 -13.49
CA LYS B 91 -34.12 -62.47 -13.10
C LYS B 91 -34.00 -61.39 -12.03
N GLU B 92 -34.98 -60.51 -11.92
CA GLU B 92 -34.91 -59.44 -10.93
C GLU B 92 -35.03 -59.99 -9.53
N ASP B 93 -34.22 -59.46 -8.62
CA ASP B 93 -34.35 -59.82 -7.21
C ASP B 93 -35.59 -59.17 -6.61
N VAL B 94 -35.89 -59.54 -5.37
CA VAL B 94 -37.03 -58.95 -4.67
C VAL B 94 -36.80 -57.47 -4.43
N THR B 95 -35.54 -57.07 -4.21
CA THR B 95 -35.24 -55.65 -3.99
C THR B 95 -35.61 -54.81 -5.20
N GLU B 96 -35.19 -55.25 -6.39
CA GLU B 96 -35.54 -54.52 -7.62
C GLU B 96 -37.03 -54.57 -7.88
N ILE B 97 -37.71 -55.65 -7.47
CA ILE B 97 -39.17 -55.71 -7.62
C ILE B 97 -39.83 -54.64 -6.76
N ILE B 98 -39.36 -54.50 -5.51
CA ILE B 98 -39.90 -53.46 -4.64
C ILE B 98 -39.59 -52.07 -5.19
N LEU B 99 -38.40 -51.91 -5.76
CA LEU B 99 -38.04 -50.62 -6.38
C LEU B 99 -38.97 -50.29 -7.53
N ASN B 100 -39.29 -51.27 -8.37
CA ASN B 100 -40.22 -51.04 -9.47
C ASN B 100 -41.63 -50.81 -8.98
N LEU B 101 -42.01 -51.42 -7.85
CA LEU B 101 -43.37 -51.29 -7.34
C LEU B 101 -43.60 -49.94 -6.66
N LYS B 102 -42.59 -49.43 -5.95
CA LYS B 102 -42.74 -48.17 -5.25
C LYS B 102 -42.93 -46.99 -6.20
N SER B 103 -42.46 -47.09 -7.44
CA SER B 103 -42.64 -46.03 -8.42
C SER B 103 -43.97 -46.13 -9.15
N LEU B 104 -44.84 -47.06 -8.78
CA LEU B 104 -46.14 -47.18 -9.42
C LEU B 104 -47.11 -46.14 -8.87
N VAL B 105 -47.69 -45.36 -9.78
CA VAL B 105 -48.65 -44.31 -9.40
C VAL B 105 -50.04 -44.91 -9.39
N VAL B 106 -50.78 -44.65 -8.31
CA VAL B 106 -52.13 -45.19 -8.14
C VAL B 106 -52.95 -44.20 -7.32
N SER B 107 -54.24 -44.09 -7.63
CA SER B 107 -55.15 -43.21 -6.92
C SER B 107 -56.34 -44.01 -6.43
N SER B 108 -56.60 -43.95 -5.13
CA SER B 108 -57.72 -44.66 -4.52
C SER B 108 -58.56 -43.68 -3.72
N GLU B 109 -59.87 -43.93 -3.69
CA GLU B 109 -60.80 -43.14 -2.90
C GLU B 109 -61.33 -43.88 -1.68
N GLU B 110 -60.92 -45.13 -1.47
CA GLU B 110 -61.38 -45.90 -0.32
C GLU B 110 -60.49 -45.59 0.88
N ASP B 111 -61.10 -45.18 1.99
CA ASP B 111 -60.33 -44.87 3.19
C ASP B 111 -59.66 -46.11 3.75
N GLU B 112 -60.31 -47.26 3.62
CA GLU B 112 -59.74 -48.51 4.10
C GLU B 112 -58.74 -49.06 3.09
N PRO B 113 -57.75 -49.83 3.53
CA PRO B 113 -56.76 -50.41 2.60
C PRO B 113 -57.42 -51.43 1.69
N VAL B 114 -57.13 -51.32 0.40
CA VAL B 114 -57.70 -52.20 -0.62
C VAL B 114 -56.58 -53.02 -1.24
N THR B 115 -56.86 -54.29 -1.48
CA THR B 115 -55.87 -55.22 -2.04
C THR B 115 -56.09 -55.38 -3.54
N MET B 116 -54.98 -55.43 -4.27
CA MET B 116 -54.95 -55.72 -5.69
C MET B 116 -54.09 -56.96 -5.93
N TYR B 117 -54.20 -57.52 -7.13
CA TYR B 117 -53.45 -58.70 -7.49
C TYR B 117 -52.87 -58.56 -8.88
N LEU B 118 -51.66 -59.08 -9.08
CA LEU B 118 -51.02 -59.13 -10.39
C LEU B 118 -50.59 -60.56 -10.66
N ARG B 119 -51.14 -61.15 -11.72
CA ARG B 119 -50.85 -62.54 -12.09
C ARG B 119 -50.52 -62.61 -13.57
N LYS B 120 -49.43 -63.28 -13.91
CA LYS B 120 -49.01 -63.43 -15.29
C LYS B 120 -48.12 -64.65 -15.41
N GLN B 121 -48.45 -65.54 -16.34
CA GLN B 121 -47.71 -66.79 -16.55
C GLN B 121 -47.01 -66.76 -17.89
N GLY B 122 -46.14 -67.76 -18.10
CA GLY B 122 -45.43 -67.91 -19.33
C GLY B 122 -44.32 -66.89 -19.53
N PRO B 123 -43.38 -67.20 -20.41
CA PRO B 123 -42.29 -66.24 -20.68
C PRO B 123 -42.82 -64.98 -21.36
N GLY B 124 -42.30 -63.84 -20.92
CA GLY B 124 -42.74 -62.56 -21.45
C GLY B 124 -42.29 -61.44 -20.55
N GLU B 125 -43.01 -60.32 -20.61
CA GLU B 125 -42.71 -59.14 -19.81
C GLU B 125 -43.98 -58.67 -19.14
N VAL B 126 -43.95 -58.56 -17.81
CA VAL B 126 -45.08 -58.06 -17.04
C VAL B 126 -44.98 -56.56 -16.93
N THR B 127 -46.10 -55.88 -17.12
CA THR B 127 -46.18 -54.42 -17.00
C THR B 127 -47.17 -54.07 -15.91
N ALA B 128 -47.35 -52.75 -15.69
CA ALA B 128 -48.33 -52.28 -14.73
C ALA B 128 -49.76 -52.37 -15.27
N GLY B 129 -49.91 -52.51 -16.59
CA GLY B 129 -51.22 -52.75 -17.16
C GLY B 129 -51.73 -54.17 -16.99
N ASP B 130 -50.84 -55.12 -16.71
CA ASP B 130 -51.26 -56.50 -16.47
C ASP B 130 -51.91 -56.68 -15.10
N ILE B 131 -51.94 -55.63 -14.28
CA ILE B 131 -52.59 -55.71 -12.97
C ILE B 131 -54.07 -55.46 -13.13
N VAL B 132 -54.88 -56.16 -12.34
CA VAL B 132 -56.33 -55.99 -12.35
C VAL B 132 -56.69 -55.06 -11.20
N PRO B 133 -57.15 -53.83 -11.47
CA PRO B 133 -57.47 -52.91 -10.39
C PRO B 133 -58.88 -53.15 -9.87
N PRO B 134 -59.04 -53.30 -8.56
CA PRO B 134 -60.40 -53.38 -7.99
C PRO B 134 -61.16 -52.08 -8.19
N ALA B 135 -62.44 -52.12 -7.81
CA ALA B 135 -63.32 -50.98 -8.02
C ALA B 135 -62.87 -49.78 -7.19
N GLY B 136 -62.64 -48.66 -7.86
CA GLY B 136 -62.25 -47.44 -7.19
C GLY B 136 -60.82 -46.99 -7.47
N VAL B 137 -59.89 -47.94 -7.50
CA VAL B 137 -58.49 -47.61 -7.68
C VAL B 137 -58.19 -47.48 -9.18
N THR B 138 -57.10 -46.78 -9.48
CA THR B 138 -56.70 -46.52 -10.87
C THR B 138 -55.18 -46.46 -10.96
N VAL B 139 -54.61 -47.25 -11.87
CA VAL B 139 -53.18 -47.23 -12.15
C VAL B 139 -52.95 -46.32 -13.35
N HIS B 140 -52.00 -45.39 -13.19
CA HIS B 140 -51.80 -44.32 -14.16
C HIS B 140 -50.59 -44.52 -15.06
N ASN B 141 -49.78 -45.56 -14.84
CA ASN B 141 -48.58 -45.83 -15.64
C ASN B 141 -48.60 -47.26 -16.14
N PRO B 142 -49.55 -47.60 -17.04
CA PRO B 142 -49.64 -49.00 -17.50
C PRO B 142 -48.40 -49.49 -18.23
N GLY B 143 -47.69 -48.59 -18.91
CA GLY B 143 -46.49 -48.95 -19.64
C GLY B 143 -45.23 -49.08 -18.80
N MET B 144 -45.36 -49.10 -17.48
CA MET B 144 -44.20 -49.23 -16.61
C MET B 144 -43.73 -50.67 -16.55
N HIS B 145 -42.41 -50.85 -16.66
CA HIS B 145 -41.80 -52.18 -16.58
C HIS B 145 -41.78 -52.67 -15.14
N ILE B 146 -42.07 -53.96 -14.96
CA ILE B 146 -42.09 -54.56 -13.63
C ILE B 146 -41.11 -55.72 -13.57
N ALA B 147 -41.31 -56.74 -14.40
CA ALA B 147 -40.47 -57.92 -14.38
C ALA B 147 -40.51 -58.60 -15.74
N THR B 148 -39.60 -59.56 -15.92
CA THR B 148 -39.49 -60.33 -17.16
C THR B 148 -39.41 -61.80 -16.83
N LEU B 149 -40.40 -62.57 -17.28
CA LEU B 149 -40.43 -64.00 -17.07
C LEU B 149 -39.70 -64.71 -18.20
N ASN B 150 -38.83 -65.65 -17.83
CA ASN B 150 -38.15 -66.49 -18.82
C ASN B 150 -38.99 -67.74 -19.06
N ASP B 151 -38.39 -68.73 -19.73
CA ASP B 151 -39.09 -69.98 -20.01
C ASP B 151 -39.52 -70.66 -18.70
N LYS B 152 -40.77 -71.13 -18.68
CA LYS B 152 -41.36 -71.81 -17.53
C LYS B 152 -41.34 -70.91 -16.29
N GLY B 153 -42.06 -69.81 -16.38
CA GLY B 153 -42.15 -68.86 -15.28
C GLY B 153 -43.57 -68.37 -15.10
N LYS B 154 -43.91 -68.08 -13.85
CA LYS B 154 -45.22 -67.53 -13.50
C LYS B 154 -45.05 -66.65 -12.27
N LEU B 155 -45.80 -65.56 -12.21
CA LEU B 155 -45.71 -64.60 -11.12
C LEU B 155 -47.12 -64.24 -10.66
N GLU B 156 -47.37 -64.42 -9.36
CA GLU B 156 -48.62 -64.01 -8.74
C GLU B 156 -48.29 -63.26 -7.46
N VAL B 157 -48.73 -62.02 -7.36
CA VAL B 157 -48.33 -61.13 -6.26
C VAL B 157 -49.54 -60.34 -5.79
N GLU B 158 -49.59 -60.08 -4.48
CA GLU B 158 -50.62 -59.28 -3.84
C GLU B 158 -50.05 -57.92 -3.46
N LEU B 159 -50.91 -56.89 -3.56
CA LEU B 159 -50.53 -55.52 -3.25
C LEU B 159 -51.57 -54.91 -2.32
N VAL B 160 -51.11 -54.07 -1.40
CA VAL B 160 -51.99 -53.33 -0.49
C VAL B 160 -51.83 -51.85 -0.82
N VAL B 161 -52.93 -51.20 -1.18
CA VAL B 161 -52.94 -49.79 -1.56
C VAL B 161 -53.86 -49.04 -0.59
N GLU B 162 -53.39 -47.90 -0.09
CA GLU B 162 -54.19 -47.08 0.80
C GLU B 162 -53.70 -45.65 0.71
N ARG B 163 -54.51 -44.73 1.26
CA ARG B 163 -54.23 -43.31 1.15
C ARG B 163 -53.31 -42.83 2.27
N GLY B 164 -52.81 -41.62 2.11
CA GLY B 164 -51.94 -41.03 3.09
C GLY B 164 -51.35 -39.73 2.55
N ARG B 165 -50.41 -39.18 3.31
CA ARG B 165 -49.75 -37.93 2.95
C ARG B 165 -48.26 -38.03 3.26
N GLY B 166 -47.44 -37.63 2.30
CA GLY B 166 -46.00 -37.54 2.51
C GLY B 166 -45.30 -38.84 2.19
N TYR B 167 -44.51 -39.32 3.14
CA TYR B 167 -43.66 -40.50 2.94
C TYR B 167 -43.42 -41.15 4.30
N VAL B 168 -43.53 -42.47 4.35
CA VAL B 168 -43.37 -43.22 5.60
C VAL B 168 -42.56 -44.48 5.34
N PRO B 169 -41.55 -44.78 6.17
CA PRO B 169 -40.73 -45.99 5.95
C PRO B 169 -41.50 -47.28 6.19
N ALA B 170 -40.80 -48.41 6.09
CA ALA B 170 -41.43 -49.71 6.30
C ALA B 170 -41.92 -49.83 7.74
N VAL B 171 -43.21 -50.10 7.89
CA VAL B 171 -43.83 -50.17 9.21
C VAL B 171 -44.00 -51.62 9.66
N GLU B 179 -48.01 -62.67 10.09
CA GLU B 179 -48.46 -63.30 8.85
C GLU B 179 -47.28 -63.53 7.91
N ILE B 180 -46.94 -64.80 7.68
CA ILE B 180 -45.81 -65.14 6.84
C ILE B 180 -46.11 -64.73 5.40
N GLY B 181 -45.04 -64.38 4.67
CA GLY B 181 -45.16 -63.95 3.29
C GLY B 181 -45.43 -62.47 3.09
N ARG B 182 -45.63 -61.72 4.17
CA ARG B 182 -45.94 -60.30 4.10
C ARG B 182 -44.67 -59.49 4.32
N ILE B 183 -44.47 -58.47 3.49
CA ILE B 183 -43.35 -57.55 3.68
C ILE B 183 -43.84 -56.12 3.49
N PRO B 184 -43.47 -55.20 4.39
CA PRO B 184 -43.88 -53.80 4.24
C PRO B 184 -42.87 -53.02 3.39
N VAL B 185 -43.40 -52.08 2.61
CA VAL B 185 -42.58 -51.28 1.72
C VAL B 185 -42.59 -49.83 2.17
N ASP B 186 -41.82 -48.98 1.49
CA ASP B 186 -41.79 -47.55 1.77
C ASP B 186 -42.89 -46.88 0.96
N SER B 187 -43.87 -46.32 1.67
CA SER B 187 -45.04 -45.72 1.02
C SER B 187 -44.74 -44.29 0.61
N ILE B 188 -44.80 -44.02 -0.69
CA ILE B 188 -44.63 -42.67 -1.22
C ILE B 188 -46.04 -42.16 -1.49
N TYR B 189 -46.64 -41.54 -0.47
CA TYR B 189 -48.01 -41.05 -0.58
C TYR B 189 -48.10 -39.74 -1.36
N SER B 190 -47.02 -38.98 -1.40
CA SER B 190 -47.08 -37.64 -1.98
C SER B 190 -47.19 -37.71 -3.51
N PRO B 191 -48.22 -37.12 -4.10
CA PRO B 191 -48.30 -37.07 -5.58
C PRO B 191 -47.20 -36.24 -6.22
N VAL B 192 -46.41 -35.48 -5.45
CA VAL B 192 -45.27 -34.76 -5.99
C VAL B 192 -44.02 -35.54 -5.67
N LEU B 193 -43.00 -35.40 -6.51
CA LEU B 193 -41.75 -36.14 -6.39
C LEU B 193 -40.59 -35.30 -5.86
N LYS B 194 -40.31 -34.17 -6.50
CA LYS B 194 -39.12 -33.38 -6.17
C LYS B 194 -39.45 -31.90 -6.23
N VAL B 195 -39.24 -31.18 -5.14
CA VAL B 195 -39.54 -29.76 -5.05
C VAL B 195 -38.31 -29.03 -4.52
N THR B 196 -37.92 -27.96 -5.21
CA THR B 196 -36.79 -27.15 -4.78
C THR B 196 -37.06 -25.69 -5.13
N TYR B 197 -36.60 -24.78 -4.28
CA TYR B 197 -36.89 -23.36 -4.46
C TYR B 197 -35.62 -22.53 -4.37
N LYS B 198 -35.72 -21.31 -4.90
CA LYS B 198 -34.62 -20.34 -4.88
C LYS B 198 -35.22 -18.94 -4.81
N VAL B 199 -34.38 -18.00 -4.35
CA VAL B 199 -34.81 -16.62 -4.13
C VAL B 199 -33.85 -15.68 -4.85
N ASP B 200 -34.39 -14.75 -5.62
CA ASP B 200 -33.62 -13.72 -6.31
C ASP B 200 -34.17 -12.35 -5.91
N ALA B 201 -33.64 -11.30 -6.53
CA ALA B 201 -33.98 -9.92 -6.17
C ALA B 201 -34.35 -9.11 -7.40
N THR B 202 -35.60 -8.64 -7.44
CA THR B 202 -36.08 -7.69 -8.43
C THR B 202 -37.09 -6.77 -7.75
N ARG B 203 -36.97 -5.47 -7.98
CA ARG B 203 -37.79 -4.52 -7.23
C ARG B 203 -37.97 -3.23 -8.04
N VAL B 204 -38.63 -2.26 -7.40
CA VAL B 204 -38.87 -0.93 -7.96
C VAL B 204 -37.60 -0.11 -7.81
N GLU B 205 -37.53 1.04 -8.49
CA GLU B 205 -36.34 1.88 -8.48
C GLU B 205 -36.03 2.47 -7.11
N GLN B 206 -36.91 2.29 -6.11
CA GLN B 206 -36.68 2.85 -4.79
C GLN B 206 -36.06 1.86 -3.80
N ARG B 207 -36.18 0.56 -4.05
CA ARG B 207 -35.71 -0.46 -3.10
C ARG B 207 -34.69 -1.40 -3.69
N THR B 208 -34.93 -1.94 -4.88
CA THR B 208 -34.04 -2.86 -5.62
C THR B 208 -33.68 -4.09 -4.79
N ASP B 209 -34.41 -4.34 -3.70
CA ASP B 209 -34.12 -5.47 -2.83
C ASP B 209 -35.33 -6.36 -2.56
N PHE B 210 -36.42 -6.18 -3.31
CA PHE B 210 -37.55 -7.08 -3.14
C PHE B 210 -37.15 -8.50 -3.53
N ASP B 211 -37.95 -9.47 -3.12
CA ASP B 211 -37.65 -10.88 -3.32
C ASP B 211 -38.53 -11.47 -4.42
N LYS B 212 -37.95 -12.38 -5.19
CA LYS B 212 -38.65 -13.16 -6.20
C LYS B 212 -38.43 -14.64 -5.91
N LEU B 213 -39.50 -15.42 -5.89
CA LEU B 213 -39.45 -16.82 -5.52
C LEU B 213 -39.59 -17.69 -6.76
N ILE B 214 -38.68 -18.63 -6.95
CA ILE B 214 -38.72 -19.59 -8.03
C ILE B 214 -38.86 -20.98 -7.43
N LEU B 215 -39.94 -21.67 -7.79
CA LEU B 215 -40.29 -22.96 -7.21
C LEU B 215 -40.37 -23.99 -8.33
N ASP B 216 -39.38 -24.87 -8.40
CA ASP B 216 -39.34 -25.96 -9.36
C ASP B 216 -39.98 -27.19 -8.71
N VAL B 217 -41.07 -27.68 -9.30
CA VAL B 217 -41.80 -28.83 -8.77
C VAL B 217 -41.88 -29.90 -9.87
N GLU B 218 -41.74 -31.15 -9.46
CA GLU B 218 -41.85 -32.29 -10.36
C GLU B 218 -42.72 -33.34 -9.67
N THR B 219 -43.86 -33.64 -10.27
CA THR B 219 -44.90 -34.45 -9.65
C THR B 219 -45.04 -35.79 -10.38
N LYS B 220 -46.00 -36.59 -9.92
CA LYS B 220 -46.33 -37.87 -10.52
C LYS B 220 -47.41 -37.66 -11.58
N ASN B 221 -48.00 -38.75 -12.08
CA ASN B 221 -49.07 -38.67 -13.06
C ASN B 221 -50.44 -38.54 -12.43
N SER B 222 -50.52 -38.38 -11.10
CA SER B 222 -51.81 -38.23 -10.44
C SER B 222 -52.41 -36.86 -10.72
N ILE B 223 -51.69 -35.79 -10.38
CA ILE B 223 -52.15 -34.43 -10.60
C ILE B 223 -51.02 -33.61 -11.20
N SER B 224 -51.41 -32.55 -11.91
CA SER B 224 -50.45 -31.63 -12.49
C SER B 224 -49.84 -30.74 -11.41
N PRO B 225 -48.67 -30.15 -11.68
CA PRO B 225 -48.10 -29.22 -10.70
C PRO B 225 -49.04 -28.07 -10.35
N ARG B 226 -49.90 -27.66 -11.28
CA ARG B 226 -50.86 -26.60 -11.01
C ARG B 226 -51.78 -26.98 -9.86
N ASP B 227 -52.39 -28.17 -9.92
CA ASP B 227 -53.33 -28.58 -8.88
C ASP B 227 -52.63 -28.82 -7.56
N ALA B 228 -51.40 -29.33 -7.58
CA ALA B 228 -50.65 -29.50 -6.34
C ALA B 228 -50.36 -28.16 -5.69
N LEU B 229 -49.93 -27.18 -6.49
CA LEU B 229 -49.70 -25.84 -5.96
C LEU B 229 -50.97 -25.24 -5.38
N ALA B 230 -52.10 -25.40 -6.08
CA ALA B 230 -53.36 -24.87 -5.58
C ALA B 230 -53.78 -25.56 -4.28
N SER B 231 -53.57 -26.87 -4.19
CA SER B 231 -53.91 -27.60 -2.96
C SER B 231 -53.04 -27.14 -1.79
N ALA B 232 -51.74 -26.99 -2.03
CA ALA B 232 -50.86 -26.47 -0.96
C ALA B 232 -51.27 -25.06 -0.56
N GLY B 233 -51.64 -24.24 -1.53
CA GLY B 233 -52.11 -22.89 -1.22
C GLY B 233 -53.36 -22.90 -0.37
N LYS B 234 -54.30 -23.79 -0.69
CA LYS B 234 -55.54 -23.86 0.09
C LYS B 234 -55.28 -24.38 1.50
N THR B 235 -54.41 -25.39 1.64
CA THR B 235 -54.09 -25.90 2.97
C THR B 235 -53.39 -24.84 3.82
N LEU B 236 -52.47 -24.08 3.22
CA LEU B 236 -51.82 -23.01 3.97
C LEU B 236 -52.78 -21.87 4.28
N VAL B 237 -53.72 -21.58 3.37
CA VAL B 237 -54.74 -20.57 3.64
C VAL B 237 -55.56 -20.98 4.84
N GLU B 238 -55.95 -22.25 4.92
CA GLU B 238 -56.67 -22.71 6.12
C GLU B 238 -55.81 -22.63 7.36
N LEU B 239 -54.54 -23.06 7.26
CA LEU B 239 -53.65 -23.05 8.41
C LEU B 239 -53.52 -21.64 9.00
N PHE B 240 -53.23 -20.65 8.15
CA PHE B 240 -53.06 -19.30 8.65
C PHE B 240 -54.39 -18.58 8.88
N GLY B 241 -55.48 -19.09 8.30
CA GLY B 241 -56.79 -18.58 8.67
C GLY B 241 -57.18 -19.00 10.06
N LEU B 242 -56.66 -20.13 10.54
CA LEU B 242 -56.83 -20.47 11.95
C LEU B 242 -56.32 -19.36 12.85
N ALA B 243 -55.19 -18.74 12.47
CA ALA B 243 -54.63 -17.65 13.27
C ALA B 243 -55.33 -16.32 13.00
N ARG B 244 -55.72 -16.08 11.74
CA ARG B 244 -56.46 -14.86 11.42
C ARG B 244 -57.84 -14.84 12.05
N GLU B 245 -58.41 -16.01 12.37
CA GLU B 245 -59.73 -16.03 12.98
C GLU B 245 -59.71 -15.47 14.39
N LEU B 246 -58.55 -15.42 15.04
CA LEU B 246 -58.48 -14.91 16.40
C LEU B 246 -59.03 -13.50 16.51
N ASN B 247 -58.87 -12.68 15.46
CA ASN B 247 -59.36 -11.31 15.40
C ASN B 247 -59.32 -10.85 13.95
N VAL B 248 -60.29 -10.04 13.57
CA VAL B 248 -60.35 -9.46 12.23
C VAL B 248 -59.72 -8.08 12.36
N GLU B 249 -58.43 -7.99 12.01
CA GLU B 249 -57.61 -6.80 12.23
C GLU B 249 -56.85 -6.46 10.95
N ALA B 250 -56.22 -5.29 10.95
CA ALA B 250 -55.59 -4.76 9.75
C ALA B 250 -54.32 -5.53 9.41
N GLU B 251 -54.07 -5.69 8.12
CA GLU B 251 -52.85 -6.29 7.60
C GLU B 251 -52.65 -5.80 6.17
N GLY B 252 -51.57 -6.28 5.54
CA GLY B 252 -51.25 -5.87 4.18
C GLY B 252 -52.32 -6.19 3.16
N ILE B 253 -52.85 -5.16 2.51
CA ILE B 253 -53.89 -5.32 1.49
C ILE B 253 -53.23 -5.72 0.18
N GLU B 254 -54.03 -6.17 -0.78
CA GLU B 254 -53.54 -6.62 -2.09
C GLU B 254 -54.38 -6.01 -3.19
N ILE B 255 -53.89 -6.13 -4.42
CA ILE B 255 -54.61 -5.63 -5.58
C ILE B 255 -54.98 -6.78 -6.51
N SER C 23 -9.03 -5.41 42.57
CA SER C 23 -10.44 -5.56 42.27
C SER C 23 -11.13 -4.20 42.22
N SER C 24 -11.27 -3.57 43.40
CA SER C 24 -11.95 -2.28 43.47
C SER C 24 -11.18 -1.20 42.72
N ASN C 25 -9.86 -1.15 42.90
CA ASN C 25 -9.01 -0.12 42.29
C ASN C 25 -9.54 1.28 42.62
N ASN C 26 -9.82 1.50 43.90
CA ASN C 26 -10.46 2.70 44.40
C ASN C 26 -9.54 3.92 44.42
N SER C 27 -8.37 3.84 43.78
CA SER C 27 -7.47 5.00 43.71
C SER C 27 -8.10 6.15 42.94
N VAL C 28 -9.09 5.88 42.11
CA VAL C 28 -9.83 6.91 41.38
C VAL C 28 -11.25 6.95 41.94
N PRO C 29 -11.67 8.06 42.53
CA PRO C 29 -13.02 8.13 43.10
C PRO C 29 -14.09 8.04 42.03
N GLY C 30 -15.23 7.48 42.42
CA GLY C 30 -16.37 7.35 41.52
C GLY C 30 -16.17 6.40 40.36
N ALA C 31 -15.03 5.73 40.28
CA ALA C 31 -14.77 4.81 39.17
C ALA C 31 -15.71 3.61 39.27
N PRO C 32 -16.29 3.17 38.15
CA PRO C 32 -17.19 2.01 38.19
C PRO C 32 -16.47 0.76 38.68
N ASN C 33 -17.21 -0.08 39.39
CA ASN C 33 -16.64 -1.27 40.03
C ASN C 33 -16.40 -2.33 38.97
N ARG C 34 -15.13 -2.55 38.62
CA ARG C 34 -14.73 -3.56 37.65
C ARG C 34 -14.01 -4.67 38.41
N VAL C 35 -14.73 -5.75 38.72
CA VAL C 35 -14.12 -6.87 39.43
C VAL C 35 -13.02 -7.48 38.58
N SER C 36 -11.88 -7.75 39.19
CA SER C 36 -10.69 -8.18 38.48
C SER C 36 -10.33 -9.62 38.85
N PHE C 37 -9.94 -10.39 37.83
CA PHE C 37 -9.36 -11.71 38.01
C PHE C 37 -7.90 -11.65 38.46
N ALA C 38 -7.42 -10.49 38.89
CA ALA C 38 -6.01 -10.30 39.20
C ALA C 38 -5.55 -11.29 40.26
N LYS C 39 -4.52 -12.07 39.93
CA LYS C 39 -3.97 -13.03 40.88
C LYS C 39 -3.07 -12.35 41.91
N LEU C 40 -2.40 -11.26 41.52
CA LEU C 40 -1.46 -10.56 42.37
C LEU C 40 -1.99 -9.18 42.74
N ARG C 41 -1.26 -8.51 43.62
CA ARG C 41 -1.58 -7.15 44.03
C ARG C 41 -0.60 -6.18 43.39
N GLU C 42 -1.09 -4.98 43.10
CA GLU C 42 -0.28 -3.94 42.47
C GLU C 42 0.52 -3.18 43.52
N PRO C 43 1.84 -3.39 43.60
CA PRO C 43 2.65 -2.66 44.59
C PRO C 43 3.01 -1.25 44.15
N LEU C 44 2.85 -0.92 42.87
CA LEU C 44 3.09 0.42 42.37
C LEU C 44 2.03 0.76 41.34
N GLU C 45 1.53 1.98 41.39
CA GLU C 45 0.44 2.38 40.50
C GLU C 45 1.00 2.96 39.19
N VAL C 46 0.15 2.95 38.18
CA VAL C 46 0.52 3.49 36.86
C VAL C 46 0.87 4.97 37.01
N PRO C 47 2.03 5.42 36.53
CA PRO C 47 2.38 6.84 36.67
C PRO C 47 1.59 7.72 35.71
N GLY C 48 1.88 9.02 35.72
CA GLY C 48 1.25 9.92 34.78
C GLY C 48 1.60 9.59 33.34
N LEU C 49 0.59 9.18 32.56
CA LEU C 49 0.85 8.75 31.20
C LEU C 49 1.36 9.86 30.30
N LEU C 50 1.09 11.12 30.65
CA LEU C 50 1.55 12.26 29.86
C LEU C 50 2.80 12.91 30.42
N ASP C 51 3.36 12.36 31.51
CA ASP C 51 4.51 13.00 32.14
C ASP C 51 5.70 13.10 31.20
N VAL C 52 5.80 12.20 30.22
CA VAL C 52 6.92 12.24 29.28
C VAL C 52 6.98 13.56 28.55
N GLN C 53 5.82 14.20 28.35
CA GLN C 53 5.77 15.51 27.71
C GLN C 53 5.82 16.66 28.72
N THR C 54 4.98 16.56 29.76
CA THR C 54 4.82 17.67 30.69
C THR C 54 6.10 17.91 31.50
N ASP C 55 6.75 16.84 31.97
CA ASP C 55 7.96 17.02 32.74
C ASP C 55 9.08 17.63 31.90
N SER C 56 9.17 17.22 30.63
CA SER C 56 10.17 17.80 29.74
C SER C 56 9.90 19.29 29.52
N PHE C 57 8.65 19.65 29.23
CA PHE C 57 8.34 21.05 28.99
C PHE C 57 8.57 21.89 30.25
N GLU C 58 8.18 21.37 31.41
CA GLU C 58 8.38 22.10 32.66
C GLU C 58 9.86 22.25 33.00
N TRP C 59 10.69 21.27 32.64
CA TRP C 59 12.12 21.47 32.76
C TRP C 59 12.59 22.58 31.83
N LEU C 60 12.05 22.62 30.61
CA LEU C 60 12.43 23.66 29.67
C LEU C 60 12.10 25.04 30.21
N ILE C 61 10.91 25.20 30.78
CA ILE C 61 10.46 26.51 31.26
C ILE C 61 11.16 26.88 32.57
N GLY C 62 11.26 25.93 33.48
CA GLY C 62 11.67 26.22 34.84
C GLY C 62 10.52 26.38 35.81
N SER C 63 9.42 25.65 35.60
CA SER C 63 8.22 25.83 36.39
C SER C 63 8.47 25.44 37.84
N PRO C 64 7.72 26.02 38.78
CA PRO C 64 7.87 25.61 40.19
C PRO C 64 7.59 24.14 40.41
N ARG C 65 6.71 23.53 39.60
CA ARG C 65 6.55 22.08 39.65
C ARG C 65 7.88 21.37 39.41
N TRP C 66 8.55 21.71 38.31
CA TRP C 66 9.84 21.08 38.01
C TRP C 66 10.89 21.45 39.05
N ARG C 67 10.85 22.69 39.55
CA ARG C 67 11.80 23.10 40.59
C ARG C 67 11.67 22.22 41.82
N GLU C 68 10.45 22.12 42.36
CA GLU C 68 10.22 21.29 43.54
C GLU C 68 10.55 19.84 43.26
N SER C 69 10.17 19.32 42.09
CA SER C 69 10.42 17.91 41.79
C SER C 69 11.92 17.62 41.73
N ALA C 70 12.68 18.45 41.02
CA ALA C 70 14.12 18.23 40.92
C ALA C 70 14.79 18.37 42.27
N ALA C 71 14.43 19.41 43.04
CA ALA C 71 15.00 19.57 44.38
C ALA C 71 14.60 18.41 45.29
N GLU C 72 13.36 17.93 45.15
CA GLU C 72 12.89 16.82 45.98
C GLU C 72 13.47 15.48 45.52
N ARG C 73 13.64 15.30 44.21
CA ARG C 73 14.15 14.03 43.69
C ARG C 73 15.62 13.81 44.03
N GLY C 74 16.29 14.80 44.61
CA GLY C 74 17.69 14.68 44.98
C GLY C 74 18.62 15.62 44.25
N ASP C 75 18.20 16.24 43.16
CA ASP C 75 19.04 17.14 42.39
C ASP C 75 18.95 18.54 42.98
N VAL C 76 20.02 19.00 43.62
CA VAL C 76 20.08 20.35 44.17
C VAL C 76 20.72 21.31 43.17
N ASN C 77 20.77 20.95 41.89
CA ASN C 77 21.33 21.79 40.82
C ASN C 77 20.21 22.08 39.83
N PRO C 78 19.28 23.00 40.16
CA PRO C 78 18.16 23.29 39.26
C PRO C 78 18.57 24.24 38.14
N VAL C 79 18.58 23.73 36.92
CA VAL C 79 18.92 24.51 35.73
C VAL C 79 17.87 24.21 34.68
N GLY C 80 17.02 25.20 34.40
CA GLY C 80 16.07 25.06 33.32
C GLY C 80 16.75 25.06 31.97
N GLY C 81 16.00 24.64 30.94
CA GLY C 81 16.55 24.63 29.60
C GLY C 81 16.92 26.02 29.12
N LEU C 82 16.00 26.98 29.27
CA LEU C 82 16.29 28.35 28.89
C LEU C 82 17.42 28.93 29.75
N GLU C 83 17.40 28.64 31.05
CA GLU C 83 18.49 29.09 31.91
C GLU C 83 19.82 28.51 31.45
N GLU C 84 19.81 27.25 31.01
CA GLU C 84 21.04 26.62 30.51
C GLU C 84 21.54 27.32 29.25
N VAL C 85 20.62 27.61 28.31
CA VAL C 85 21.03 28.29 27.08
C VAL C 85 21.58 29.67 27.39
N LEU C 86 20.95 30.39 28.33
CA LEU C 86 21.41 31.73 28.65
C LEU C 86 22.76 31.70 29.37
N TYR C 87 22.98 30.70 30.23
CA TYR C 87 24.29 30.57 30.87
C TYR C 87 25.36 30.24 29.86
N GLU C 88 25.06 29.37 28.89
CA GLU C 88 26.04 29.05 27.86
C GLU C 88 26.32 30.25 26.96
N LEU C 89 25.31 31.09 26.72
CA LEU C 89 25.50 32.27 25.88
C LEU C 89 26.19 33.40 26.63
N SER C 90 25.89 33.57 27.92
CA SER C 90 26.44 34.70 28.67
C SER C 90 27.85 34.38 29.14
N PRO C 91 28.78 35.35 29.06
CA PRO C 91 28.52 36.66 28.46
C PRO C 91 28.86 36.70 26.98
N ILE C 92 28.45 37.75 26.29
CA ILE C 92 28.77 37.95 24.88
C ILE C 92 29.81 39.07 24.83
N GLU C 93 31.08 38.68 24.77
CA GLU C 93 32.18 39.63 24.75
C GLU C 93 32.54 39.99 23.32
N ASP C 94 33.00 41.22 23.13
CA ASP C 94 33.44 41.68 21.82
C ASP C 94 34.89 41.24 21.58
N PHE C 95 35.38 41.52 20.37
CA PHE C 95 36.77 41.23 20.06
C PHE C 95 37.73 42.06 20.90
N SER C 96 37.35 43.30 21.21
CA SER C 96 38.20 44.17 22.03
C SER C 96 38.10 43.87 23.51
N GLY C 97 37.15 43.03 23.93
CA GLY C 97 36.95 42.78 25.35
C GLY C 97 36.49 43.99 26.15
N SER C 98 36.04 45.05 25.48
CA SER C 98 35.64 46.28 26.16
C SER C 98 34.21 46.24 26.68
N MET C 99 33.34 45.46 26.06
CA MET C 99 31.93 45.44 26.39
C MET C 99 31.46 44.00 26.52
N SER C 100 30.42 43.79 27.33
CA SER C 100 29.89 42.46 27.56
C SER C 100 28.38 42.55 27.75
N LEU C 101 27.69 41.48 27.35
CA LEU C 101 26.24 41.39 27.45
C LEU C 101 25.90 40.05 28.09
N SER C 102 25.13 40.08 29.18
CA SER C 102 24.74 38.88 29.90
C SER C 102 23.23 38.78 29.97
N PHE C 103 22.72 37.56 29.90
CA PHE C 103 21.29 37.29 29.94
C PHE C 103 20.95 36.52 31.21
N SER C 104 19.84 36.90 31.85
CA SER C 104 19.43 36.26 33.09
C SER C 104 17.91 36.22 33.15
N ASP C 105 17.39 35.46 34.12
CA ASP C 105 16.00 35.47 34.54
C ASP C 105 15.02 35.32 33.38
N PRO C 106 14.90 34.13 32.81
CA PRO C 106 13.83 33.90 31.81
C PRO C 106 12.46 33.94 32.47
N ARG C 107 11.66 34.93 32.09
CA ARG C 107 10.33 35.13 32.67
C ARG C 107 9.27 35.06 31.59
N PHE C 108 8.13 34.50 31.92
CA PHE C 108 7.03 34.32 30.99
C PHE C 108 5.85 35.17 31.44
N ASP C 109 5.39 36.05 30.55
CA ASP C 109 4.13 36.74 30.77
C ASP C 109 2.97 35.78 30.53
N ASP C 110 1.78 36.18 30.96
CA ASP C 110 0.61 35.33 30.83
C ASP C 110 0.29 35.07 29.35
N VAL C 111 -0.52 34.03 29.12
CA VAL C 111 -0.80 33.57 27.77
C VAL C 111 -1.57 34.65 26.99
N LYS C 112 -1.35 34.67 25.67
CA LYS C 112 -1.99 35.68 24.84
C LYS C 112 -3.48 35.40 24.65
N ALA C 113 -3.83 34.16 24.34
CA ALA C 113 -5.22 33.81 24.08
C ALA C 113 -5.46 32.37 24.53
N PRO C 114 -6.69 32.04 24.91
CA PRO C 114 -6.99 30.67 25.33
C PRO C 114 -6.84 29.66 24.20
N VAL C 115 -6.88 28.39 24.56
CA VAL C 115 -6.66 27.31 23.59
C VAL C 115 -7.75 27.32 22.52
N ASP C 116 -9.01 27.33 22.95
CA ASP C 116 -10.11 27.31 21.98
C ASP C 116 -10.09 28.55 21.10
N GLU C 117 -9.75 29.70 21.68
CA GLU C 117 -9.67 30.92 20.88
C GLU C 117 -8.58 30.81 19.82
N CYS C 118 -7.42 30.24 20.17
CA CYS C 118 -6.35 30.07 19.20
C CYS C 118 -6.74 29.06 18.12
N LYS C 119 -7.45 28.00 18.49
CA LYS C 119 -7.90 27.03 17.49
C LYS C 119 -8.96 27.65 16.58
N ASP C 120 -9.70 28.64 17.09
CA ASP C 120 -10.73 29.30 16.29
C ASP C 120 -10.14 30.31 15.32
N LYS C 121 -9.14 31.08 15.76
CA LYS C 121 -8.61 32.19 14.99
C LYS C 121 -7.28 31.87 14.30
N ASP C 122 -6.92 30.59 14.20
CA ASP C 122 -5.70 30.16 13.50
C ASP C 122 -4.45 30.81 14.08
N MET C 123 -4.42 30.95 15.40
CA MET C 123 -3.26 31.49 16.11
C MET C 123 -2.50 30.34 16.76
N THR C 124 -1.36 30.66 17.37
CA THR C 124 -0.56 29.69 18.10
C THR C 124 -0.58 30.04 19.58
N TYR C 125 -1.06 29.10 20.39
CA TYR C 125 -1.05 29.24 21.85
C TYR C 125 0.36 29.53 22.33
N ALA C 126 0.58 30.74 22.84
CA ALA C 126 1.94 31.19 23.13
C ALA C 126 1.93 32.16 24.31
N ALA C 127 3.11 32.40 24.85
CA ALA C 127 3.32 33.34 25.95
C ALA C 127 4.56 34.17 25.66
N PRO C 128 4.57 35.44 26.08
CA PRO C 128 5.75 36.28 25.83
C PRO C 128 6.91 35.87 26.73
N LEU C 129 8.12 36.01 26.19
CA LEU C 129 9.35 35.66 26.90
C LEU C 129 10.15 36.91 27.18
N PHE C 130 10.52 37.10 28.45
CA PHE C 130 11.31 38.25 28.89
C PHE C 130 12.60 37.78 29.53
N VAL C 131 13.67 38.52 29.28
CA VAL C 131 14.97 38.23 29.88
C VAL C 131 15.58 39.53 30.38
N THR C 132 16.32 39.44 31.48
CA THR C 132 17.07 40.56 32.03
C THR C 132 18.42 40.60 31.33
N ALA C 133 18.62 41.59 30.46
CA ALA C 133 19.85 41.73 29.68
C ALA C 133 20.69 42.84 30.30
N GLU C 134 21.78 42.47 30.95
CA GLU C 134 22.69 43.41 31.58
C GLU C 134 23.88 43.66 30.65
N PHE C 135 24.07 44.92 30.27
CA PHE C 135 25.22 45.32 29.48
C PHE C 135 26.24 46.03 30.38
N ILE C 136 27.51 45.70 30.18
CA ILE C 136 28.59 46.24 30.98
C ILE C 136 29.67 46.76 30.05
N ASN C 137 30.05 48.03 30.22
CA ASN C 137 31.15 48.65 29.50
C ASN C 137 32.33 48.78 30.45
N ASN C 138 33.42 48.08 30.15
CA ASN C 138 34.58 48.05 31.03
C ASN C 138 35.43 49.30 30.94
N ASN C 139 35.49 49.92 29.76
CA ASN C 139 36.30 51.12 29.58
C ASN C 139 35.78 52.26 30.45
N THR C 140 34.51 52.66 30.24
CA THR C 140 33.90 53.66 31.10
C THR C 140 33.33 53.05 32.38
N GLY C 141 33.29 51.72 32.48
CA GLY C 141 32.83 51.04 33.67
C GLY C 141 31.39 51.33 34.04
N GLU C 142 30.48 51.23 33.07
CA GLU C 142 29.07 51.50 33.29
C GLU C 142 28.25 50.23 33.14
N ILE C 143 27.14 50.17 33.86
CA ILE C 143 26.25 49.01 33.86
C ILE C 143 24.85 49.49 33.51
N LYS C 144 24.21 48.80 32.56
CA LYS C 144 22.84 49.10 32.14
C LYS C 144 22.07 47.78 32.07
N SER C 145 21.24 47.52 33.07
CA SER C 145 20.32 46.40 32.98
C SER C 145 19.10 46.80 32.16
N GLN C 146 18.24 45.83 31.87
CA GLN C 146 17.03 46.09 31.10
C GLN C 146 16.18 44.82 31.11
N THR C 147 15.00 44.92 30.50
CA THR C 147 14.11 43.78 30.29
C THR C 147 13.76 43.74 28.82
N VAL C 148 14.27 42.74 28.11
CA VAL C 148 14.15 42.65 26.66
C VAL C 148 13.11 41.60 26.31
N PHE C 149 12.29 41.91 25.31
CA PHE C 149 11.29 40.98 24.81
C PHE C 149 11.94 40.02 23.83
N MET C 150 11.89 38.73 24.13
CA MET C 150 12.55 37.71 23.32
C MET C 150 11.65 37.18 22.21
N GLY C 151 10.36 37.05 22.46
CA GLY C 151 9.45 36.56 21.45
C GLY C 151 8.29 35.82 22.07
N ASP C 152 7.41 35.33 21.20
CA ASP C 152 6.25 34.55 21.61
C ASP C 152 6.63 33.08 21.61
N PHE C 153 6.86 32.55 22.81
CA PHE C 153 7.21 31.15 22.98
C PHE C 153 5.93 30.31 22.98
N PRO C 154 5.76 29.39 22.03
CA PRO C 154 4.55 28.56 22.03
C PRO C 154 4.50 27.69 23.28
N MET C 155 3.32 27.62 23.87
CA MET C 155 3.12 26.94 25.15
C MET C 155 2.44 25.59 24.94
N MET C 156 2.76 24.65 25.84
CA MET C 156 2.15 23.34 25.83
C MET C 156 0.89 23.36 26.68
N THR C 157 -0.20 22.86 26.11
CA THR C 157 -1.48 22.84 26.80
C THR C 157 -1.44 21.85 27.97
N GLU C 158 -2.57 21.74 28.67
CA GLU C 158 -2.66 20.77 29.76
C GLU C 158 -2.68 19.34 29.23
N LYS C 159 -3.14 19.15 28.00
CA LYS C 159 -3.17 17.84 27.36
C LYS C 159 -1.82 17.43 26.78
N GLY C 160 -0.77 18.21 27.05
CA GLY C 160 0.55 17.87 26.56
C GLY C 160 0.81 18.20 25.10
N THR C 161 -0.10 18.90 24.43
CA THR C 161 0.01 19.19 23.01
C THR C 161 0.32 20.67 22.80
N PHE C 162 0.52 21.03 21.54
CA PHE C 162 0.72 22.42 21.12
C PHE C 162 -0.35 22.81 20.12
N ILE C 163 -0.60 24.11 20.02
CA ILE C 163 -1.45 24.65 18.96
C ILE C 163 -0.59 25.54 18.08
N ILE C 164 -0.49 25.18 16.80
CA ILE C 164 0.31 25.91 15.83
C ILE C 164 -0.60 26.27 14.66
N ASN C 165 -0.74 27.56 14.41
CA ASN C 165 -1.52 28.07 13.28
C ASN C 165 -2.93 27.49 13.26
N GLY C 166 -3.49 27.26 14.45
CA GLY C 166 -4.85 26.78 14.59
C GLY C 166 -5.02 25.29 14.56
N THR C 167 -3.94 24.51 14.46
CA THR C 167 -4.04 23.06 14.45
C THR C 167 -3.28 22.48 15.63
N GLU C 168 -3.75 21.34 16.12
CA GLU C 168 -3.16 20.71 17.29
C GLU C 168 -2.06 19.75 16.87
N ARG C 169 -0.91 19.83 17.55
CA ARG C 169 0.28 19.09 17.18
C ARG C 169 0.91 18.45 18.41
N VAL C 170 1.72 17.43 18.15
CA VAL C 170 2.46 16.70 19.18
C VAL C 170 3.92 16.62 18.77
N VAL C 171 4.81 16.77 19.74
CA VAL C 171 6.24 16.62 19.51
C VAL C 171 6.64 15.22 19.97
N VAL C 172 6.92 14.36 18.99
CA VAL C 172 7.28 12.97 19.28
C VAL C 172 8.73 12.91 19.73
N SER C 173 8.99 12.16 20.81
CA SER C 173 10.34 11.99 21.29
C SER C 173 11.18 11.23 20.27
N GLN C 174 12.42 11.69 20.06
CA GLN C 174 13.30 11.13 19.04
C GLN C 174 14.35 10.23 19.69
N LEU C 175 14.56 9.06 19.08
CA LEU C 175 15.60 8.14 19.52
C LEU C 175 16.92 8.50 18.83
N VAL C 176 17.94 8.82 19.63
CA VAL C 176 19.25 9.18 19.10
C VAL C 176 20.33 8.53 19.96
N ARG C 177 21.46 8.23 19.33
CA ARG C 177 22.59 7.68 20.07
C ARG C 177 23.17 8.75 20.99
N SER C 178 23.44 8.37 22.24
CA SER C 178 23.98 9.32 23.18
C SER C 178 25.41 9.70 22.79
N PRO C 179 25.84 10.91 23.13
CA PRO C 179 27.23 11.31 22.84
C PRO C 179 28.20 10.48 23.67
N GLY C 180 29.34 10.16 23.07
CA GLY C 180 30.35 9.40 23.78
C GLY C 180 31.26 8.68 22.80
N VAL C 181 31.99 7.70 23.35
CA VAL C 181 32.94 6.90 22.61
C VAL C 181 32.36 5.50 22.42
N TYR C 182 32.37 5.03 21.18
CA TYR C 182 31.76 3.73 20.86
C TYR C 182 32.69 2.91 20.00
N PHE C 183 32.86 1.64 20.39
CA PHE C 183 33.73 0.69 19.71
C PHE C 183 32.88 -0.36 19.01
N ASP C 184 33.33 -0.83 17.85
CA ASP C 184 32.61 -1.84 17.11
C ASP C 184 33.59 -2.77 16.41
N GLU C 185 33.11 -3.98 16.14
CA GLU C 185 33.89 -5.08 15.58
C GLU C 185 33.42 -5.33 14.15
N THR C 186 34.36 -5.37 13.21
CA THR C 186 34.01 -5.56 11.80
C THR C 186 34.96 -6.59 11.20
N ILE C 187 34.41 -7.69 10.70
CA ILE C 187 35.22 -8.69 10.00
C ILE C 187 35.77 -8.08 8.72
N ASP C 188 36.99 -8.46 8.36
CA ASP C 188 37.62 -7.89 7.18
C ASP C 188 36.91 -8.36 5.91
N LYS C 189 36.92 -7.50 4.90
CA LYS C 189 36.26 -7.83 3.64
C LYS C 189 36.92 -9.01 2.95
N SER C 190 38.26 -9.05 2.96
CA SER C 190 39.01 -10.11 2.30
C SER C 190 39.73 -11.02 3.28
N THR C 191 40.54 -10.45 4.18
CA THR C 191 41.39 -11.25 5.05
C THR C 191 40.65 -11.88 6.22
N ASP C 192 39.42 -11.46 6.50
CA ASP C 192 38.59 -12.00 7.58
C ASP C 192 39.10 -11.56 8.94
N LYS C 193 40.27 -10.92 8.96
CA LYS C 193 40.88 -10.47 10.21
C LYS C 193 40.01 -9.41 10.86
N THR C 194 39.61 -9.64 12.11
CA THR C 194 38.72 -8.72 12.80
C THR C 194 39.39 -7.37 13.00
N LEU C 195 38.72 -6.32 12.55
CA LEU C 195 39.17 -4.95 12.71
C LEU C 195 38.25 -4.22 13.69
N HIS C 196 38.84 -3.57 14.68
CA HIS C 196 38.09 -2.86 15.70
C HIS C 196 38.16 -1.36 15.41
N SER C 197 37.00 -0.73 15.24
CA SER C 197 36.92 0.68 14.99
C SER C 197 36.26 1.39 16.17
N VAL C 198 36.48 2.70 16.26
CA VAL C 198 35.93 3.47 17.37
C VAL C 198 35.62 4.87 16.87
N LYS C 199 34.52 5.45 17.38
CA LYS C 199 34.14 6.80 17.04
C LYS C 199 33.73 7.56 18.29
N VAL C 200 34.15 8.83 18.36
CA VAL C 200 33.76 9.76 19.40
C VAL C 200 32.79 10.75 18.78
N ILE C 201 31.56 10.75 19.28
CA ILE C 201 30.45 11.55 18.79
C ILE C 201 30.06 12.54 19.88
N PRO C 202 30.23 13.84 19.67
CA PRO C 202 29.80 14.81 20.68
C PRO C 202 28.32 15.15 20.51
N SER C 203 27.79 15.85 21.51
CA SER C 203 26.44 16.39 21.38
C SER C 203 26.39 17.47 20.31
N ARG C 204 27.51 18.15 20.08
CA ARG C 204 27.63 19.15 19.02
C ARG C 204 29.10 19.40 18.76
N GLY C 205 29.50 19.37 17.50
CA GLY C 205 30.87 19.62 17.12
C GLY C 205 31.33 18.64 16.07
N ALA C 206 32.65 18.51 15.95
CA ALA C 206 33.25 17.64 14.95
C ALA C 206 33.45 16.23 15.52
N TRP C 207 33.16 15.24 14.68
CA TRP C 207 33.37 13.85 15.07
C TRP C 207 34.86 13.55 15.20
N LEU C 208 35.17 12.37 15.76
CA LEU C 208 36.57 11.96 15.86
C LEU C 208 36.63 10.44 15.74
N GLU C 209 37.12 9.91 14.61
CA GLU C 209 37.11 8.48 14.36
C GLU C 209 38.52 7.92 14.39
N PHE C 210 38.66 6.71 14.92
CA PHE C 210 39.93 5.98 14.91
C PHE C 210 39.66 4.58 14.38
N ASP C 211 40.37 4.19 13.32
CA ASP C 211 40.12 2.92 12.67
C ASP C 211 41.42 2.16 12.46
N VAL C 212 41.36 0.85 12.60
CA VAL C 212 42.45 -0.04 12.20
C VAL C 212 42.17 -0.51 10.78
N ASP C 213 43.24 -0.75 10.03
CA ASP C 213 43.15 -1.09 8.62
C ASP C 213 43.50 -2.56 8.42
N LYS C 214 43.32 -3.02 7.17
CA LYS C 214 43.77 -4.36 6.80
C LYS C 214 45.26 -4.51 7.10
N ARG C 215 46.08 -3.61 6.57
CA ARG C 215 47.45 -3.49 7.01
C ARG C 215 47.48 -2.92 8.43
N ASP C 216 48.51 -3.27 9.19
CA ASP C 216 48.58 -2.89 10.60
C ASP C 216 48.91 -1.41 10.71
N THR C 217 47.87 -0.59 10.50
CA THR C 217 47.96 0.86 10.63
C THR C 217 46.74 1.36 11.41
N VAL C 218 46.98 2.30 12.31
CA VAL C 218 45.93 2.91 13.12
C VAL C 218 45.78 4.35 12.63
N GLY C 219 44.70 4.61 11.91
CA GLY C 219 44.44 5.92 11.34
C GLY C 219 43.40 6.70 12.13
N VAL C 220 43.56 8.03 12.12
CA VAL C 220 42.62 8.94 12.76
C VAL C 220 41.94 9.74 11.66
N ARG C 221 40.63 9.53 11.52
CA ARG C 221 39.81 10.27 10.57
C ARG C 221 39.12 11.40 11.33
N ILE C 222 39.52 12.63 11.04
CA ILE C 222 39.02 13.82 11.72
C ILE C 222 38.17 14.60 10.73
N ASP C 223 36.90 14.79 11.05
CA ASP C 223 35.93 15.41 10.15
C ASP C 223 35.86 14.68 8.81
N ARG C 224 35.96 13.34 8.88
CA ARG C 224 35.88 12.48 7.70
C ARG C 224 36.90 12.88 6.62
N LYS C 225 38.06 13.36 7.05
CA LYS C 225 39.16 13.59 6.13
C LYS C 225 39.95 12.30 5.92
N ARG C 226 40.90 12.35 4.99
CA ARG C 226 41.70 11.17 4.69
C ARG C 226 42.44 10.68 5.93
N ARG C 227 42.51 9.36 6.08
CA ARG C 227 43.09 8.77 7.29
C ARG C 227 44.57 9.10 7.39
N GLN C 228 44.94 9.74 8.49
CA GLN C 228 46.32 10.04 8.82
C GLN C 228 46.79 9.19 10.00
N PRO C 229 48.10 8.95 10.13
CA PRO C 229 48.59 8.16 11.26
C PRO C 229 48.23 8.81 12.59
N VAL C 230 47.86 7.97 13.55
CA VAL C 230 47.47 8.47 14.87
C VAL C 230 48.65 9.16 15.56
N THR C 231 49.88 8.77 15.21
CA THR C 231 51.05 9.41 15.78
C THR C 231 51.12 10.88 15.39
N VAL C 232 50.57 11.25 14.24
CA VAL C 232 50.54 12.66 13.84
C VAL C 232 49.77 13.47 14.86
N LEU C 233 48.56 13.00 15.22
CA LEU C 233 47.76 13.69 16.23
C LEU C 233 48.43 13.64 17.60
N LEU C 234 49.03 12.50 17.95
CA LEU C 234 49.72 12.37 19.22
C LEU C 234 50.82 13.42 19.37
N LYS C 235 51.62 13.60 18.31
CA LYS C 235 52.69 14.60 18.37
C LYS C 235 52.13 16.01 18.24
N ALA C 236 50.99 16.18 17.56
CA ALA C 236 50.35 17.48 17.47
C ALA C 236 49.89 17.96 18.84
N LEU C 237 49.42 17.04 19.69
CA LEU C 237 49.08 17.40 21.06
C LEU C 237 50.29 17.82 21.89
N GLY C 238 51.50 17.58 21.41
CA GLY C 238 52.71 17.89 22.14
C GLY C 238 53.46 16.69 22.66
N TRP C 239 52.87 15.50 22.61
CA TRP C 239 53.54 14.29 23.05
C TRP C 239 54.75 14.01 22.17
N THR C 240 55.94 13.98 22.78
CA THR C 240 57.15 13.70 22.04
C THR C 240 57.21 12.23 21.65
N SER C 241 58.22 11.88 20.84
CA SER C 241 58.34 10.53 20.32
C SER C 241 58.61 9.53 21.45
N GLU C 242 59.61 9.80 22.29
CA GLU C 242 59.90 8.90 23.40
C GLU C 242 58.74 8.83 24.38
N GLN C 243 57.99 9.92 24.54
CA GLN C 243 56.84 9.91 25.43
C GLN C 243 55.66 9.19 24.81
N ILE C 244 55.58 9.14 23.48
CA ILE C 244 54.46 8.47 22.82
C ILE C 244 54.70 6.97 22.73
N VAL C 245 55.95 6.56 22.53
CA VAL C 245 56.26 5.13 22.41
C VAL C 245 55.99 4.40 23.72
N GLU C 246 56.10 5.11 24.85
CA GLU C 246 55.99 4.45 26.16
C GLU C 246 54.59 3.88 26.38
N ARG C 247 53.57 4.73 26.28
CA ARG C 247 52.21 4.29 26.62
C ARG C 247 51.73 3.19 25.70
N PHE C 248 52.14 3.20 24.43
CA PHE C 248 51.74 2.17 23.47
C PHE C 248 52.85 1.15 23.21
N GLY C 249 53.74 0.95 24.18
CA GLY C 249 54.86 0.05 23.97
C GLY C 249 54.44 -1.39 23.84
N PHE C 250 53.52 -1.85 24.70
CA PHE C 250 53.07 -3.23 24.66
C PHE C 250 52.35 -3.57 23.37
N SER C 251 51.84 -2.57 22.65
CA SER C 251 51.13 -2.78 21.39
C SER C 251 52.09 -2.53 20.24
N GLU C 252 52.23 -3.54 19.37
CA GLU C 252 53.13 -3.45 18.23
C GLU C 252 52.49 -2.79 17.02
N ILE C 253 51.17 -2.62 17.02
CA ILE C 253 50.51 -1.97 15.88
C ILE C 253 50.86 -0.48 15.86
N MET C 254 50.89 0.16 17.03
CA MET C 254 51.29 1.56 17.11
C MET C 254 52.76 1.72 16.73
N ARG C 255 53.61 0.79 17.16
CA ARG C 255 55.02 0.84 16.76
C ARG C 255 55.19 0.64 15.26
N SER C 256 54.45 -0.32 14.69
CA SER C 256 54.52 -0.54 13.25
C SER C 256 54.01 0.65 12.47
N THR C 257 53.02 1.38 13.02
CA THR C 257 52.54 2.58 12.34
C THR C 257 53.53 3.72 12.46
N LEU C 258 54.20 3.84 13.61
CA LEU C 258 55.23 4.86 13.76
C LEU C 258 56.43 4.58 12.86
N GLU C 259 56.72 3.31 12.59
CA GLU C 259 57.76 2.98 11.61
C GLU C 259 57.34 3.37 10.20
N LYS C 260 56.04 3.30 9.90
CA LYS C 260 55.51 3.71 8.61
C LYS C 260 55.07 5.17 8.58
N ASP C 261 55.35 5.93 9.64
CA ASP C 261 54.96 7.32 9.71
C ASP C 261 55.71 8.13 8.66
N ASN C 262 55.10 9.26 8.27
CA ASN C 262 55.71 10.13 7.27
C ASN C 262 56.76 11.04 7.90
N THR C 263 56.33 11.88 8.85
CA THR C 263 57.23 12.78 9.56
C THR C 263 57.15 12.51 11.06
N VAL C 264 58.07 13.12 11.81
CA VAL C 264 58.16 12.94 13.25
C VAL C 264 58.48 14.29 13.88
N GLY C 265 57.58 14.78 14.72
CA GLY C 265 57.77 16.06 15.37
C GLY C 265 56.43 16.67 15.74
N THR C 266 56.49 17.70 16.59
CA THR C 266 55.28 18.34 17.09
C THR C 266 54.72 19.35 16.09
N ASP C 267 55.50 20.39 15.78
CA ASP C 267 55.02 21.44 14.88
C ASP C 267 54.83 20.94 13.46
N GLU C 268 55.68 20.01 13.01
CA GLU C 268 55.50 19.45 11.68
C GLU C 268 54.21 18.63 11.60
N ALA C 269 53.89 17.88 12.66
CA ALA C 269 52.63 17.16 12.68
C ALA C 269 51.44 18.13 12.73
N LEU C 270 51.59 19.24 13.46
CA LEU C 270 50.55 20.27 13.47
C LEU C 270 50.28 20.80 12.07
N LEU C 271 51.34 21.17 11.35
CA LEU C 271 51.15 21.71 10.01
C LEU C 271 50.68 20.63 9.04
N ASP C 272 51.03 19.36 9.30
CA ASP C 272 50.47 18.27 8.49
C ASP C 272 48.96 18.17 8.69
N ILE C 273 48.50 18.24 9.94
CA ILE C 273 47.07 18.23 10.22
C ILE C 273 46.39 19.41 9.54
N TYR C 274 47.02 20.58 9.57
CA TYR C 274 46.43 21.76 8.93
C TYR C 274 46.35 21.59 7.42
N ARG C 275 47.42 21.05 6.81
CA ARG C 275 47.40 20.82 5.37
C ARG C 275 46.37 19.77 4.98
N LYS C 276 46.12 18.80 5.85
CA LYS C 276 45.11 17.79 5.56
C LYS C 276 43.71 18.36 5.67
N LEU C 277 43.43 19.10 6.74
CA LEU C 277 42.07 19.58 7.01
C LEU C 277 41.61 20.64 6.03
N ARG C 278 42.53 21.32 5.34
CA ARG C 278 42.17 22.39 4.42
C ARG C 278 42.76 22.10 3.03
N PRO C 279 41.97 21.55 2.11
CA PRO C 279 42.48 21.31 0.76
C PRO C 279 42.62 22.60 -0.03
N GLY C 280 43.73 22.72 -0.76
CA GLY C 280 43.99 23.89 -1.57
C GLY C 280 44.25 25.15 -0.77
N GLU C 281 45.07 25.05 0.29
CA GLU C 281 45.35 26.17 1.16
C GLU C 281 46.81 26.13 1.57
N PRO C 282 47.52 27.27 1.50
CA PRO C 282 48.88 27.32 2.04
C PRO C 282 48.87 27.22 3.55
N PRO C 283 49.67 26.33 4.12
CA PRO C 283 49.62 26.07 5.56
C PRO C 283 50.44 27.06 6.38
N THR C 284 50.29 26.97 7.69
CA THR C 284 50.99 27.81 8.65
C THR C 284 50.89 27.14 10.03
N LYS C 285 51.98 27.18 10.80
CA LYS C 285 52.00 26.48 12.08
C LYS C 285 51.13 27.19 13.12
N GLU C 286 51.09 28.53 13.09
CA GLU C 286 50.28 29.28 14.04
C GLU C 286 48.80 28.98 13.85
N SER C 287 48.31 29.13 12.61
CA SER C 287 46.93 28.80 12.31
C SER C 287 46.64 27.32 12.55
N ALA C 288 47.63 26.46 12.32
CA ALA C 288 47.47 25.04 12.61
C ALA C 288 47.18 24.83 14.10
N GLN C 289 48.00 25.42 14.96
CA GLN C 289 47.80 25.27 16.39
C GLN C 289 46.46 25.84 16.82
N THR C 290 46.13 27.05 16.35
CA THR C 290 44.87 27.66 16.76
C THR C 290 43.67 26.84 16.31
N LEU C 291 43.71 26.32 15.07
CA LEU C 291 42.59 25.55 14.55
C LEU C 291 42.45 24.21 15.27
N LEU C 292 43.58 23.53 15.51
CA LEU C 292 43.52 22.25 16.22
C LEU C 292 43.04 22.43 17.64
N GLU C 293 43.39 23.54 18.29
CA GLU C 293 42.88 23.80 19.63
C GLU C 293 41.40 24.14 19.62
N ASN C 294 40.96 24.91 18.62
CA ASN C 294 39.56 25.33 18.55
C ASN C 294 38.64 24.20 18.12
N LEU C 295 39.16 23.18 17.44
CA LEU C 295 38.29 22.12 16.93
C LEU C 295 37.68 21.30 18.06
N PHE C 296 38.51 20.78 18.97
CA PHE C 296 38.04 19.84 19.96
C PHE C 296 38.15 20.32 21.41
N PHE C 297 38.99 21.30 21.71
CA PHE C 297 39.26 21.68 23.08
C PHE C 297 38.63 22.99 23.51
N LYS C 298 38.14 23.80 22.57
CA LYS C 298 37.43 25.03 22.90
C LYS C 298 35.96 24.73 23.07
N GLU C 299 35.40 25.16 24.21
CA GLU C 299 33.99 24.87 24.50
C GLU C 299 33.03 25.59 23.55
N LYS C 300 33.52 26.57 22.78
CA LYS C 300 32.65 27.29 21.86
C LYS C 300 32.23 26.43 20.68
N ARG C 301 33.21 25.90 19.94
CA ARG C 301 32.94 25.10 18.76
C ARG C 301 32.69 23.63 19.07
N TYR C 302 33.22 23.12 20.18
CA TYR C 302 33.06 21.74 20.57
C TYR C 302 32.44 21.69 21.96
N ASP C 303 31.52 20.74 22.15
CA ASP C 303 30.86 20.59 23.45
C ASP C 303 30.43 19.14 23.62
N LEU C 304 30.99 18.49 24.63
CA LEU C 304 30.52 17.17 25.06
C LEU C 304 29.53 17.39 26.21
N ALA C 305 28.27 17.04 25.97
CA ALA C 305 27.23 17.33 26.94
C ALA C 305 27.48 16.55 28.24
N ARG C 306 26.67 16.87 29.26
CA ARG C 306 26.75 16.15 30.52
C ARG C 306 26.52 14.66 30.31
N VAL C 307 25.61 14.30 29.41
CA VAL C 307 25.41 12.90 29.06
C VAL C 307 26.67 12.32 28.42
N GLY C 308 27.29 13.08 27.52
CA GLY C 308 28.50 12.59 26.88
C GLY C 308 29.66 12.43 27.84
N ARG C 309 29.85 13.41 28.74
CA ARG C 309 30.92 13.31 29.72
C ARG C 309 30.68 12.14 30.68
N TYR C 310 29.42 11.97 31.11
CA TYR C 310 29.08 10.83 31.96
C TYR C 310 29.37 9.52 31.26
N LYS C 311 29.01 9.42 29.97
CA LYS C 311 29.24 8.18 29.22
C LYS C 311 30.73 7.90 29.07
N VAL C 312 31.53 8.92 28.75
CA VAL C 312 32.96 8.67 28.53
C VAL C 312 33.66 8.37 29.85
N ASN C 313 33.23 8.99 30.95
CA ASN C 313 33.86 8.71 32.22
C ASN C 313 33.44 7.35 32.78
N LYS C 314 32.25 6.87 32.39
CA LYS C 314 31.85 5.53 32.79
C LYS C 314 32.45 4.45 31.88
N LYS C 315 32.75 4.79 30.63
CA LYS C 315 33.29 3.84 29.68
C LYS C 315 34.81 3.76 29.71
N LEU C 316 35.48 4.81 30.20
CA LEU C 316 36.93 4.78 30.32
C LEU C 316 37.42 4.84 31.76
N GLY C 317 36.52 5.00 32.72
CA GLY C 317 36.93 5.10 34.12
C GLY C 317 37.92 6.22 34.39
N LEU C 318 37.80 7.34 33.68
CA LEU C 318 38.75 8.43 33.85
C LEU C 318 38.65 9.04 35.24
N HIS C 319 37.48 9.56 35.60
CA HIS C 319 37.26 10.18 36.89
C HIS C 319 36.00 9.61 37.52
N VAL C 320 36.12 9.14 38.77
CA VAL C 320 34.97 8.63 39.51
C VAL C 320 34.43 9.61 40.54
N GLY C 321 35.15 10.68 40.83
CA GLY C 321 34.65 11.71 41.72
C GLY C 321 33.50 12.53 41.16
N GLU C 322 33.14 12.29 39.90
CA GLU C 322 32.05 12.97 39.20
C GLU C 322 32.20 14.48 39.16
N PRO C 323 33.33 15.04 38.67
CA PRO C 323 33.36 16.48 38.39
C PRO C 323 32.78 16.79 37.02
N ILE C 324 31.62 17.47 36.99
CA ILE C 324 30.96 17.74 35.73
C ILE C 324 31.63 18.83 34.92
N THR C 325 32.54 19.59 35.53
CA THR C 325 33.22 20.68 34.83
C THR C 325 34.29 20.13 33.88
N SER C 326 34.78 21.02 33.02
CA SER C 326 35.85 20.72 32.07
C SER C 326 35.48 19.57 31.13
N SER C 327 34.29 19.67 30.55
CA SER C 327 33.74 18.61 29.71
C SER C 327 33.93 18.93 28.23
N THR C 328 35.20 18.88 27.80
CA THR C 328 35.52 19.06 26.38
C THR C 328 36.84 18.35 26.08
N LEU C 329 36.74 17.12 25.59
CA LEU C 329 37.83 16.42 24.90
C LEU C 329 39.18 16.58 25.59
N THR C 330 39.26 16.08 26.83
CA THR C 330 40.52 16.10 27.55
C THR C 330 41.54 15.22 26.83
N GLU C 331 42.79 15.67 26.83
CA GLU C 331 43.85 14.93 26.12
C GLU C 331 44.02 13.54 26.68
N GLU C 332 43.94 13.40 28.01
CA GLU C 332 44.00 12.08 28.62
C GLU C 332 42.85 11.19 28.14
N ASP C 333 41.70 11.78 27.83
CA ASP C 333 40.61 10.99 27.28
C ASP C 333 40.95 10.45 25.89
N VAL C 334 41.61 11.26 25.07
CA VAL C 334 42.01 10.80 23.73
C VAL C 334 43.04 9.68 23.86
N VAL C 335 44.03 9.86 24.73
CA VAL C 335 45.03 8.83 24.93
C VAL C 335 44.38 7.55 25.46
N ALA C 336 43.40 7.70 26.36
CA ALA C 336 42.73 6.53 26.92
C ALA C 336 41.89 5.81 25.89
N THR C 337 41.27 6.55 24.96
CA THR C 337 40.52 5.91 23.89
C THR C 337 41.45 5.14 22.96
N ILE C 338 42.60 5.74 22.60
CA ILE C 338 43.54 5.04 21.73
C ILE C 338 44.06 3.78 22.40
N GLU C 339 44.36 3.87 23.70
CA GLU C 339 44.80 2.69 24.44
C GLU C 339 43.70 1.64 24.53
N TYR C 340 42.46 2.08 24.76
CA TYR C 340 41.33 1.15 24.77
C TYR C 340 41.23 0.42 23.45
N LEU C 341 41.45 1.12 22.33
CA LEU C 341 41.36 0.47 21.02
C LEU C 341 42.49 -0.53 20.82
N VAL C 342 43.72 -0.14 21.12
CA VAL C 342 44.84 -1.03 20.86
C VAL C 342 44.82 -2.24 21.80
N ARG C 343 44.28 -2.08 23.01
CA ARG C 343 44.10 -3.22 23.89
C ARG C 343 42.84 -4.02 23.56
N LEU C 344 41.88 -3.40 22.88
CA LEU C 344 40.70 -4.11 22.41
C LEU C 344 41.03 -5.04 21.27
N HIS C 345 41.98 -4.65 20.42
CA HIS C 345 42.48 -5.59 19.42
C HIS C 345 43.06 -6.83 20.07
N GLU C 346 43.61 -6.69 21.29
CA GLU C 346 44.05 -7.85 22.07
C GLU C 346 42.88 -8.50 22.79
N GLY C 347 42.24 -7.75 23.70
CA GLY C 347 41.02 -8.23 24.33
C GLY C 347 41.07 -8.45 25.82
N GLN C 348 42.08 -7.92 26.51
CA GLN C 348 42.17 -8.10 27.95
C GLN C 348 41.00 -7.41 28.65
N THR C 349 40.37 -8.12 29.58
CA THR C 349 39.22 -7.57 30.27
C THR C 349 39.58 -6.34 31.10
N THR C 350 40.49 -6.51 32.04
CA THR C 350 40.90 -5.39 32.89
C THR C 350 41.72 -4.39 32.06
N MET C 351 41.34 -3.12 32.15
CA MET C 351 42.07 -2.04 31.48
C MET C 351 42.16 -0.85 32.42
N THR C 352 43.36 -0.29 32.55
CA THR C 352 43.58 0.84 33.45
C THR C 352 44.55 1.81 32.79
N VAL C 353 44.03 2.93 32.33
CA VAL C 353 44.85 4.06 31.89
C VAL C 353 45.49 4.64 33.14
N PRO C 354 46.65 5.31 33.06
CA PRO C 354 47.19 5.99 34.25
C PRO C 354 46.12 6.85 34.92
N GLY C 355 45.70 6.45 36.11
CA GLY C 355 44.58 7.07 36.79
C GLY C 355 43.26 6.36 36.60
N GLY C 356 43.15 5.49 35.59
CA GLY C 356 41.94 4.74 35.39
C GLY C 356 41.65 3.74 36.49
N VAL C 357 40.45 3.20 36.45
CA VAL C 357 39.93 2.31 37.49
C VAL C 357 39.21 1.15 36.83
N GLU C 358 39.93 0.04 36.61
CA GLU C 358 39.39 -1.29 36.30
C GLU C 358 38.17 -1.25 35.35
N VAL C 359 38.41 -0.70 34.17
CA VAL C 359 37.37 -0.54 33.15
C VAL C 359 37.44 -1.73 32.20
N PRO C 360 36.34 -2.38 31.89
CA PRO C 360 36.37 -3.52 30.97
C PRO C 360 36.53 -3.07 29.52
N VAL C 361 37.03 -3.98 28.70
CA VAL C 361 37.27 -3.74 27.28
C VAL C 361 36.29 -4.59 26.48
N GLU C 362 35.46 -3.94 25.68
CA GLU C 362 34.43 -4.61 24.90
C GLU C 362 33.84 -3.64 23.89
N THR C 363 33.27 -4.19 22.83
CA THR C 363 32.59 -3.38 21.84
C THR C 363 31.19 -3.02 22.32
N ASP C 364 30.67 -1.90 21.80
CA ASP C 364 29.44 -1.30 22.29
C ASP C 364 28.28 -1.60 21.35
N ASP C 365 27.13 -1.95 21.93
CA ASP C 365 25.92 -2.21 21.16
C ASP C 365 25.22 -0.90 20.87
N ILE C 366 25.08 -0.58 19.58
CA ILE C 366 24.52 0.71 19.18
C ILE C 366 23.05 0.81 19.53
N ASP C 367 22.34 -0.32 19.52
CA ASP C 367 20.90 -0.33 19.79
C ASP C 367 20.56 -0.57 21.25
N HIS C 368 21.55 -0.69 22.12
CA HIS C 368 21.28 -0.83 23.55
C HIS C 368 20.77 0.49 24.12
N PHE C 369 19.72 0.42 24.93
CA PHE C 369 19.14 1.64 25.48
C PHE C 369 20.04 2.33 26.50
N GLY C 370 21.18 1.76 26.84
CA GLY C 370 22.18 2.51 27.57
C GLY C 370 23.00 3.40 26.67
N ASN C 371 23.14 3.03 25.39
CA ASN C 371 23.84 3.82 24.41
C ASN C 371 22.89 4.51 23.43
N ARG C 372 21.58 4.39 23.64
CA ARG C 372 20.59 4.98 22.74
C ARG C 372 19.57 5.72 23.60
N ARG C 373 19.75 7.03 23.72
CA ARG C 373 18.86 7.86 24.52
C ARG C 373 17.74 8.42 23.64
N LEU C 374 16.86 9.19 24.25
CA LEU C 374 15.81 9.87 23.49
C LEU C 374 15.74 11.33 23.91
N ARG C 375 15.71 12.21 22.92
CA ARG C 375 15.46 13.63 23.13
C ARG C 375 13.95 13.86 23.13
N THR C 376 13.43 14.35 24.25
CA THR C 376 12.03 14.67 24.36
C THR C 376 11.78 16.09 23.84
N VAL C 377 10.55 16.59 23.99
CA VAL C 377 10.17 17.87 23.38
C VAL C 377 11.03 19.00 23.91
N GLY C 378 11.32 19.00 25.22
CA GLY C 378 12.09 20.08 25.80
C GLY C 378 13.48 20.21 25.18
N GLU C 379 14.17 19.08 25.00
CA GLU C 379 15.51 19.12 24.44
C GLU C 379 15.50 19.54 22.98
N LEU C 380 14.48 19.15 22.22
CA LEU C 380 14.40 19.59 20.82
C LEU C 380 14.17 21.09 20.73
N ILE C 381 13.23 21.61 21.54
CA ILE C 381 13.00 23.06 21.55
C ILE C 381 14.27 23.79 21.99
N GLN C 382 14.98 23.23 22.97
CA GLN C 382 16.22 23.86 23.44
C GLN C 382 17.28 23.87 22.35
N ASN C 383 17.40 22.77 21.59
CA ASN C 383 18.39 22.73 20.51
C ASN C 383 18.05 23.71 19.40
N GLN C 384 16.75 23.96 19.16
CA GLN C 384 16.41 24.97 18.16
C GLN C 384 16.68 26.38 18.68
N ILE C 385 16.36 26.63 19.95
CA ILE C 385 16.64 27.92 20.55
C ILE C 385 18.14 28.19 20.57
N ARG C 386 18.96 27.14 20.68
CA ARG C 386 20.40 27.34 20.66
C ARG C 386 20.85 27.95 19.33
N VAL C 387 20.37 27.41 18.22
CA VAL C 387 20.69 27.97 16.91
C VAL C 387 20.16 29.38 16.80
N GLY C 388 18.93 29.60 17.26
CA GLY C 388 18.37 30.96 17.22
C GLY C 388 19.23 31.96 17.97
N MET C 389 19.64 31.61 19.20
CA MET C 389 20.42 32.53 20.02
C MET C 389 21.82 32.73 19.48
N SER C 390 22.40 31.73 18.82
CA SER C 390 23.69 31.94 18.18
C SER C 390 23.58 32.90 17.00
N ARG C 391 22.55 32.73 16.17
CA ARG C 391 22.30 33.67 15.09
C ARG C 391 22.03 35.07 15.62
N MET C 392 21.44 35.16 16.81
CA MET C 392 21.24 36.47 17.44
C MET C 392 22.56 37.05 17.93
N GLU C 393 23.42 36.23 18.53
CA GLU C 393 24.71 36.69 19.03
C GLU C 393 25.59 37.22 17.90
N ARG C 394 25.49 36.61 16.72
CA ARG C 394 26.23 37.15 15.58
C ARG C 394 25.84 38.60 15.31
N VAL C 395 24.53 38.88 15.25
CA VAL C 395 24.07 40.24 15.03
C VAL C 395 24.44 41.14 16.20
N VAL C 396 24.46 40.60 17.42
CA VAL C 396 24.84 41.38 18.58
C VAL C 396 26.27 41.91 18.42
N ARG C 397 27.21 41.00 18.14
CA ARG C 397 28.59 41.43 17.97
C ARG C 397 28.81 42.25 16.70
N GLU C 398 27.95 42.08 15.69
CA GLU C 398 28.06 42.93 14.50
C GLU C 398 27.64 44.36 14.81
N ARG C 399 26.57 44.53 15.59
CA ARG C 399 26.13 45.87 15.98
C ARG C 399 27.03 46.49 17.03
N MET C 400 27.76 45.67 17.80
CA MET C 400 28.65 46.23 18.83
C MET C 400 29.72 47.11 18.20
N THR C 401 30.22 46.75 17.02
CA THR C 401 31.30 47.51 16.41
C THR C 401 30.81 48.73 15.65
N THR C 402 29.62 48.65 15.06
CA THR C 402 29.13 49.71 14.18
C THR C 402 28.31 50.76 14.90
N GLN C 403 27.83 50.49 16.12
CA GLN C 403 27.04 51.46 16.86
C GLN C 403 27.92 52.28 17.78
N ASP C 404 27.53 53.55 17.97
CA ASP C 404 28.27 54.44 18.85
C ASP C 404 28.04 54.07 20.31
N VAL C 405 29.11 54.05 21.09
CA VAL C 405 29.01 53.68 22.49
C VAL C 405 28.23 54.75 23.25
N GLU C 406 27.58 54.32 24.34
CA GLU C 406 26.77 55.15 25.23
C GLU C 406 25.45 55.52 24.54
N ALA C 407 25.36 55.23 23.24
CA ALA C 407 24.12 55.32 22.49
C ALA C 407 23.47 53.96 22.32
N ILE C 408 24.07 52.91 22.89
CA ILE C 408 23.56 51.55 22.80
C ILE C 408 22.87 51.20 24.11
N THR C 409 21.77 50.48 24.00
CA THR C 409 21.07 49.86 25.11
C THR C 409 20.97 48.37 24.82
N PRO C 410 20.81 47.53 25.85
CA PRO C 410 20.60 46.09 25.58
C PRO C 410 19.51 45.82 24.56
N GLN C 411 18.54 46.73 24.41
CA GLN C 411 17.49 46.57 23.41
C GLN C 411 18.04 46.66 21.99
N THR C 412 18.94 47.61 21.73
CA THR C 412 19.41 47.81 20.36
C THR C 412 20.38 46.71 19.93
N LEU C 413 21.12 46.13 20.87
CA LEU C 413 22.05 45.07 20.51
C LEU C 413 21.33 43.78 20.12
N ILE C 414 20.16 43.54 20.71
CA ILE C 414 19.46 42.26 20.57
C ILE C 414 18.49 42.33 19.39
N ASN C 415 18.57 41.33 18.52
CA ASN C 415 17.62 41.16 17.41
C ASN C 415 16.93 39.81 17.58
N ILE C 416 15.62 39.84 17.74
CA ILE C 416 14.88 38.63 18.09
C ILE C 416 14.27 37.99 16.84
N ARG C 417 14.70 38.45 15.66
CA ARG C 417 14.17 37.89 14.43
C ARG C 417 14.63 36.46 14.20
N PRO C 418 15.93 36.11 14.29
CA PRO C 418 16.32 34.71 14.03
C PRO C 418 15.76 33.72 15.04
N VAL C 419 15.57 34.12 16.30
CA VAL C 419 15.02 33.20 17.29
C VAL C 419 13.57 32.87 16.95
N VAL C 420 12.77 33.89 16.62
CA VAL C 420 11.39 33.65 16.22
C VAL C 420 11.35 32.79 14.96
N ALA C 421 12.23 33.08 13.99
CA ALA C 421 12.26 32.29 12.77
C ALA C 421 12.59 30.83 13.06
N ALA C 422 13.53 30.58 13.98
CA ALA C 422 13.91 29.22 14.30
C ALA C 422 12.79 28.47 15.01
N ILE C 423 12.12 29.13 15.97
CA ILE C 423 11.00 28.49 16.66
C ILE C 423 9.89 28.15 15.68
N LYS C 424 9.56 29.09 14.80
CA LYS C 424 8.52 28.84 13.80
C LYS C 424 8.91 27.70 12.87
N GLU C 425 10.17 27.68 12.42
CA GLU C 425 10.62 26.61 11.53
C GLU C 425 10.54 25.25 12.20
N PHE C 426 10.95 25.17 13.48
CA PHE C 426 10.84 23.91 14.20
C PHE C 426 9.40 23.46 14.29
N PHE C 427 8.54 24.28 14.90
CA PHE C 427 7.16 23.86 15.14
C PHE C 427 6.36 23.70 13.85
N GLY C 428 6.87 24.16 12.71
CA GLY C 428 6.11 24.03 11.48
C GLY C 428 6.60 22.98 10.52
N THR C 429 7.92 22.76 10.45
CA THR C 429 8.49 21.88 9.44
C THR C 429 9.28 20.71 9.99
N SER C 430 9.53 20.64 11.30
CA SER C 430 10.26 19.52 11.86
C SER C 430 9.49 18.23 11.68
N GLN C 431 10.23 17.14 11.40
CA GLN C 431 9.61 15.82 11.33
C GLN C 431 9.06 15.37 12.67
N LEU C 432 9.57 15.93 13.77
CA LEU C 432 9.12 15.55 15.10
C LEU C 432 7.90 16.32 15.56
N SER C 433 7.59 17.46 14.94
CA SER C 433 6.32 18.14 15.15
C SER C 433 5.31 17.54 14.18
N GLN C 434 4.33 16.82 14.73
CA GLN C 434 3.41 16.02 13.92
C GLN C 434 1.97 16.42 14.18
N PHE C 435 1.17 16.42 13.12
CA PHE C 435 -0.27 16.52 13.23
C PHE C 435 -0.80 15.48 14.20
N MET C 436 -1.53 15.92 15.22
CA MET C 436 -1.97 15.01 16.26
C MET C 436 -3.01 14.02 15.73
N ASP C 437 -2.84 12.76 16.12
CA ASP C 437 -3.79 11.70 15.78
C ASP C 437 -4.99 11.81 16.72
N GLN C 438 -6.15 12.19 16.19
CA GLN C 438 -7.34 12.44 16.98
C GLN C 438 -8.52 11.60 16.50
N ASN C 439 -8.26 10.32 16.18
CA ASN C 439 -9.38 9.42 15.90
C ASN C 439 -10.19 9.14 17.16
N ASN C 440 -9.51 8.88 18.27
CA ASN C 440 -10.14 8.67 19.56
C ASN C 440 -9.17 9.10 20.64
N PRO C 441 -9.58 9.12 21.91
CA PRO C 441 -8.60 9.47 22.97
C PRO C 441 -7.36 8.59 22.99
N LEU C 442 -7.52 7.30 22.71
CA LEU C 442 -6.39 6.38 22.79
C LEU C 442 -5.33 6.69 21.74
N SER C 443 -5.76 7.05 20.53
CA SER C 443 -4.80 7.35 19.47
C SER C 443 -3.91 8.52 19.85
N GLY C 444 -4.51 9.59 20.37
CA GLY C 444 -3.72 10.73 20.79
C GLY C 444 -2.84 10.42 21.99
N LEU C 445 -3.37 9.68 22.96
CA LEU C 445 -2.58 9.32 24.14
C LEU C 445 -1.34 8.52 23.74
N THR C 446 -1.48 7.58 22.80
CA THR C 446 -0.31 6.83 22.35
C THR C 446 0.61 7.70 21.51
N HIS C 447 0.04 8.59 20.69
CA HIS C 447 0.85 9.47 19.87
C HIS C 447 1.75 10.35 20.72
N LYS C 448 1.29 10.75 21.91
CA LYS C 448 2.12 11.58 22.77
C LYS C 448 3.23 10.78 23.43
N ARG C 449 3.03 9.48 23.65
CA ARG C 449 4.04 8.62 24.27
C ARG C 449 4.87 7.87 23.23
N ARG C 450 4.70 8.20 21.96
CA ARG C 450 5.38 7.53 20.86
C ARG C 450 6.84 7.97 20.77
N LEU C 451 7.69 7.04 20.33
CA LEU C 451 9.12 7.28 20.18
C LEU C 451 9.51 6.95 18.75
N SER C 452 10.13 7.92 18.07
CA SER C 452 10.48 7.80 16.67
C SER C 452 12.00 7.80 16.51
N ALA C 453 12.49 6.96 15.60
CA ALA C 453 13.93 6.83 15.39
C ALA C 453 14.46 7.76 14.32
N LEU C 454 13.63 8.16 13.37
CA LEU C 454 14.07 9.03 12.29
C LEU C 454 14.08 10.48 12.75
N GLY C 455 14.50 11.37 11.86
CA GLY C 455 14.50 12.79 12.14
C GLY C 455 15.89 13.39 12.11
N PRO C 456 15.96 14.72 12.10
CA PRO C 456 17.27 15.38 12.15
C PRO C 456 18.01 15.08 13.44
N GLY C 457 19.32 14.91 13.33
CA GLY C 457 20.17 14.55 14.43
C GLY C 457 20.38 13.05 14.59
N GLY C 458 19.40 12.26 14.19
CA GLY C 458 19.48 10.81 14.26
C GLY C 458 19.71 10.20 12.89
N LEU C 459 19.26 8.96 12.74
CA LEU C 459 19.44 8.25 11.48
C LEU C 459 18.34 8.60 10.49
N SER C 460 18.71 8.58 9.20
CA SER C 460 17.75 8.76 8.13
C SER C 460 17.09 7.43 7.79
N ARG C 461 16.17 7.45 6.82
CA ARG C 461 15.40 6.24 6.51
C ARG C 461 16.22 5.24 5.70
N GLU C 462 17.06 5.73 4.77
CA GLU C 462 17.86 4.82 3.96
C GLU C 462 18.92 4.10 4.77
N ARG C 463 19.27 4.61 5.96
CA ARG C 463 20.22 3.95 6.85
C ARG C 463 19.55 3.00 7.83
N ALA C 464 18.22 2.91 7.80
CA ALA C 464 17.48 2.08 8.75
C ALA C 464 17.55 0.62 8.30
N GLY C 465 18.55 -0.09 8.82
CA GLY C 465 18.70 -1.50 8.52
C GLY C 465 17.77 -2.36 9.35
N LEU C 466 17.82 -3.67 9.08
CA LEU C 466 16.96 -4.60 9.79
C LEU C 466 17.35 -4.76 11.26
N GLU C 467 18.57 -4.39 11.62
CA GLU C 467 19.05 -4.62 12.98
C GLU C 467 18.58 -3.55 13.96
N VAL C 468 18.39 -2.32 13.48
CA VAL C 468 17.90 -1.26 14.36
C VAL C 468 16.41 -1.44 14.66
N ARG C 469 15.69 -2.15 13.79
CA ARG C 469 14.24 -2.29 13.94
C ARG C 469 13.84 -3.45 14.83
N ASP C 470 14.70 -4.45 15.01
CA ASP C 470 14.35 -5.63 15.79
C ASP C 470 14.14 -5.27 17.25
N VAL C 471 13.41 -6.14 17.95
CA VAL C 471 13.19 -5.97 19.37
C VAL C 471 14.48 -6.28 20.12
N HIS C 472 14.89 -5.37 20.96
CA HIS C 472 16.11 -5.56 21.74
C HIS C 472 15.76 -6.00 23.17
N PRO C 473 16.64 -6.75 23.84
CA PRO C 473 16.35 -7.11 25.24
C PRO C 473 16.33 -5.93 26.19
N SER C 474 17.00 -4.82 25.85
CA SER C 474 16.95 -3.63 26.68
C SER C 474 15.65 -2.85 26.54
N HIS C 475 14.83 -3.19 25.55
CA HIS C 475 13.50 -2.60 25.42
C HIS C 475 12.53 -3.10 26.47
N TYR C 476 12.89 -4.15 27.21
CA TYR C 476 11.96 -4.71 28.20
C TYR C 476 11.65 -3.68 29.28
N GLY C 477 10.35 -3.43 29.48
CA GLY C 477 9.92 -2.43 30.43
C GLY C 477 10.20 -1.00 30.04
N ARG C 478 10.76 -0.75 28.85
CA ARG C 478 11.02 0.60 28.37
C ARG C 478 10.21 0.93 27.11
N MET C 479 10.35 0.13 26.06
CA MET C 479 9.61 0.35 24.82
C MET C 479 8.85 -0.92 24.47
N CYS C 480 7.56 -0.77 24.21
CA CYS C 480 6.71 -1.92 23.95
C CYS C 480 7.14 -2.61 22.66
N PRO C 481 7.24 -3.95 22.63
CA PRO C 481 7.64 -4.64 21.40
C PRO C 481 6.47 -4.96 20.48
N ILE C 482 5.25 -4.87 21.00
CA ILE C 482 4.07 -5.24 20.22
C ILE C 482 3.57 -4.08 19.37
N GLU C 483 3.45 -2.88 19.95
CA GLU C 483 2.86 -1.75 19.25
C GLU C 483 3.91 -1.08 18.36
N THR C 484 3.76 -1.24 17.05
CA THR C 484 4.62 -0.67 16.03
C THR C 484 3.95 -0.84 14.67
N PRO C 485 4.14 0.09 13.74
CA PRO C 485 3.40 0.02 12.47
C PRO C 485 3.77 -1.21 11.65
N GLU C 486 2.86 -1.59 10.76
CA GLU C 486 3.14 -2.68 9.82
C GLU C 486 3.89 -2.19 8.59
N GLY C 487 3.69 -0.94 8.20
CA GLY C 487 4.23 -0.42 6.97
C GLY C 487 5.73 -0.20 7.02
N PRO C 488 6.23 0.67 6.15
CA PRO C 488 7.68 0.90 6.08
C PRO C 488 8.28 1.53 7.33
N ASN C 489 7.46 1.96 8.29
CA ASN C 489 7.95 2.51 9.55
C ASN C 489 8.03 1.45 10.65
N ILE C 490 7.95 0.17 10.28
CA ILE C 490 7.98 -0.90 11.27
C ILE C 490 9.31 -0.90 12.00
N GLY C 491 9.25 -0.95 13.33
CA GLY C 491 10.44 -0.92 14.16
C GLY C 491 11.04 0.45 14.36
N LEU C 492 10.75 1.41 13.48
CA LEU C 492 11.21 2.78 13.63
C LEU C 492 10.30 3.62 14.51
N ILE C 493 9.16 3.07 14.94
CA ILE C 493 8.18 3.80 15.73
C ILE C 493 7.68 2.87 16.82
N GLY C 494 7.85 3.27 18.08
CA GLY C 494 7.42 2.42 19.18
C GLY C 494 6.93 3.18 20.38
N SER C 495 5.92 2.65 21.07
CA SER C 495 5.33 3.35 22.20
C SER C 495 6.09 3.05 23.49
N LEU C 496 6.19 4.06 24.35
CA LEU C 496 6.84 3.91 25.65
C LEU C 496 6.06 2.93 26.51
N SER C 497 6.78 2.24 27.40
CA SER C 497 6.13 1.29 28.29
C SER C 497 5.36 2.03 29.39
N VAL C 498 4.48 1.28 30.05
CA VAL C 498 3.53 1.89 30.99
C VAL C 498 4.26 2.54 32.16
N TYR C 499 5.08 1.76 32.87
CA TYR C 499 5.71 2.23 34.10
C TYR C 499 6.99 3.00 33.85
N ALA C 500 7.39 3.23 32.60
CA ALA C 500 8.69 3.81 32.32
C ALA C 500 8.66 5.33 32.44
N ARG C 501 9.86 5.89 32.60
CA ARG C 501 10.04 7.33 32.65
C ARG C 501 11.41 7.65 32.05
N VAL C 502 11.66 8.94 31.82
CA VAL C 502 12.87 9.39 31.14
C VAL C 502 13.81 10.00 32.15
N ASN C 503 15.07 9.57 32.11
CA ASN C 503 16.10 10.11 32.99
C ASN C 503 16.48 11.53 32.53
N PRO C 504 16.88 12.40 33.46
CA PRO C 504 17.41 13.71 33.06
C PRO C 504 18.49 13.65 32.00
N PHE C 505 19.27 12.55 31.95
CA PHE C 505 20.22 12.39 30.86
C PHE C 505 19.57 12.02 29.54
N GLY C 506 18.28 11.68 29.56
CA GLY C 506 17.60 11.23 28.36
C GLY C 506 17.50 9.72 28.22
N PHE C 507 17.78 8.97 29.27
CA PHE C 507 17.68 7.52 29.25
C PHE C 507 16.34 7.08 29.85
N ILE C 508 15.80 5.98 29.34
CA ILE C 508 14.53 5.47 29.81
C ILE C 508 14.78 4.53 30.99
N GLU C 509 14.23 4.87 32.15
CA GLU C 509 14.34 4.06 33.35
C GLU C 509 13.01 3.34 33.61
N THR C 510 13.09 2.32 34.45
CA THR C 510 11.93 1.50 34.77
C THR C 510 12.02 1.05 36.22
N PRO C 511 10.87 0.90 36.89
CA PRO C 511 10.88 0.59 38.33
C PRO C 511 10.95 -0.90 38.64
N TYR C 512 11.62 -1.21 39.74
CA TYR C 512 11.75 -2.57 40.23
C TYR C 512 11.67 -2.58 41.76
N ARG C 513 11.16 -3.69 42.30
CA ARG C 513 11.13 -3.88 43.75
C ARG C 513 12.47 -4.45 44.20
N LYS C 514 13.02 -3.84 45.26
CA LYS C 514 14.32 -4.27 45.77
C LYS C 514 14.15 -5.48 46.68
N VAL C 515 15.01 -6.47 46.51
CA VAL C 515 14.97 -7.72 47.27
C VAL C 515 16.20 -7.78 48.16
N VAL C 516 15.99 -8.13 49.43
CA VAL C 516 17.06 -8.19 50.43
C VAL C 516 17.08 -9.60 51.00
N ASP C 517 18.03 -10.42 50.55
CA ASP C 517 18.20 -11.79 51.04
C ASP C 517 16.92 -12.61 50.88
N GLY C 518 16.37 -12.57 49.66
CA GLY C 518 15.15 -13.29 49.37
C GLY C 518 13.89 -12.65 49.89
N VAL C 519 13.96 -11.43 50.39
CA VAL C 519 12.79 -10.71 50.93
C VAL C 519 12.46 -9.57 49.98
N VAL C 520 11.31 -9.65 49.34
CA VAL C 520 10.85 -8.59 48.43
C VAL C 520 10.23 -7.48 49.26
N SER C 521 10.72 -6.26 49.07
CA SER C 521 10.29 -5.11 49.85
C SER C 521 9.34 -4.23 49.05
N ASP C 522 8.81 -3.21 49.72
CA ASP C 522 7.96 -2.21 49.10
C ASP C 522 8.74 -1.02 48.58
N GLU C 523 10.07 -1.11 48.57
CA GLU C 523 10.92 -0.02 48.08
C GLU C 523 11.10 -0.17 46.57
N ILE C 524 10.65 0.84 45.82
CA ILE C 524 10.74 0.84 44.37
C ILE C 524 11.95 1.67 43.96
N VAL C 525 12.79 1.11 43.08
CA VAL C 525 13.97 1.80 42.57
C VAL C 525 13.88 1.84 41.05
N TYR C 526 14.13 3.01 40.48
CA TYR C 526 14.13 3.18 39.03
C TYR C 526 15.54 2.97 38.48
N LEU C 527 15.66 2.05 37.52
CA LEU C 527 16.94 1.67 36.94
C LEU C 527 16.94 1.94 35.45
N THR C 528 18.09 2.41 34.94
CA THR C 528 18.28 2.57 33.51
C THR C 528 18.79 1.26 32.92
N ALA C 529 19.00 1.24 31.61
CA ALA C 529 19.44 0.02 30.94
C ALA C 529 20.82 -0.41 31.42
N ASP C 530 21.69 0.55 31.75
CA ASP C 530 23.01 0.21 32.27
C ASP C 530 22.92 -0.36 33.68
N GLU C 531 22.17 0.31 34.55
CA GLU C 531 22.04 -0.11 35.94
C GLU C 531 21.28 -1.43 36.08
N GLU C 532 20.61 -1.90 35.03
CA GLU C 532 19.84 -3.13 35.10
C GLU C 532 20.67 -4.36 34.76
N ASP C 533 21.59 -4.24 33.79
CA ASP C 533 22.42 -5.37 33.40
C ASP C 533 23.46 -5.73 34.45
N ARG C 534 23.70 -4.86 35.42
CA ARG C 534 24.60 -5.18 36.53
C ARG C 534 23.94 -6.02 37.61
N HIS C 535 22.62 -6.11 37.62
CA HIS C 535 21.88 -6.79 38.66
C HIS C 535 21.05 -7.93 38.08
N VAL C 536 20.41 -8.68 38.97
CA VAL C 536 19.58 -9.82 38.62
C VAL C 536 18.13 -9.43 38.88
N VAL C 537 17.33 -9.37 37.83
CA VAL C 537 15.94 -8.93 37.92
C VAL C 537 15.04 -10.15 37.89
N ALA C 538 14.18 -10.26 38.90
CA ALA C 538 13.28 -11.40 39.04
C ALA C 538 12.06 -11.21 38.13
N GLN C 539 11.05 -12.05 38.33
CA GLN C 539 9.82 -11.98 37.56
C GLN C 539 8.66 -11.66 38.50
N ALA C 540 7.59 -11.11 37.92
CA ALA C 540 6.48 -10.63 38.74
C ALA C 540 5.61 -11.77 39.25
N ASN C 541 5.44 -12.83 38.45
CA ASN C 541 4.58 -13.94 38.82
C ASN C 541 5.30 -15.01 39.64
N SER C 542 6.41 -14.65 40.30
CA SER C 542 7.08 -15.59 41.18
C SER C 542 6.28 -15.75 42.47
N PRO C 543 6.21 -16.96 43.02
CA PRO C 543 5.44 -17.17 44.25
C PRO C 543 6.05 -16.41 45.42
N ILE C 544 5.21 -15.65 46.12
CA ILE C 544 5.62 -14.84 47.26
C ILE C 544 4.62 -15.05 48.38
N ASP C 545 5.11 -15.33 49.58
CA ASP C 545 4.25 -15.55 50.72
C ASP C 545 3.77 -14.20 51.29
N ALA C 546 3.02 -14.26 52.38
CA ALA C 546 2.55 -13.04 53.03
C ALA C 546 3.70 -12.27 53.67
N ASP C 547 4.75 -12.97 54.12
CA ASP C 547 5.90 -12.32 54.70
C ASP C 547 6.78 -11.63 53.67
N GLY C 548 6.56 -11.89 52.38
CA GLY C 548 7.33 -11.25 51.34
C GLY C 548 8.64 -11.97 51.02
N ARG C 549 8.56 -13.26 50.74
CA ARG C 549 9.75 -14.03 50.39
C ARG C 549 9.35 -15.13 49.42
N PHE C 550 10.31 -15.55 48.60
CA PHE C 550 10.04 -16.53 47.55
C PHE C 550 9.68 -17.88 48.16
N VAL C 551 8.54 -18.43 47.75
CA VAL C 551 8.12 -19.74 48.23
C VAL C 551 8.94 -20.84 47.58
N GLU C 552 9.19 -20.73 46.27
CA GLU C 552 9.98 -21.74 45.58
C GLU C 552 11.47 -21.53 45.84
N PRO C 553 12.26 -22.60 45.82
CA PRO C 553 13.70 -22.44 46.10
C PRO C 553 14.43 -21.66 45.03
N ARG C 554 14.17 -21.97 43.76
CA ARG C 554 14.79 -21.25 42.64
C ARG C 554 13.76 -20.35 41.98
N VAL C 555 14.24 -19.24 41.42
CA VAL C 555 13.41 -18.24 40.75
C VAL C 555 13.95 -18.04 39.34
N LEU C 556 13.04 -17.92 38.38
CA LEU C 556 13.41 -17.63 37.00
C LEU C 556 13.67 -16.13 36.85
N VAL C 557 14.83 -15.78 36.33
CA VAL C 557 15.30 -14.39 36.30
C VAL C 557 15.98 -14.11 34.96
N ARG C 558 16.17 -12.83 34.70
CA ARG C 558 16.88 -12.33 33.53
C ARG C 558 18.26 -11.83 33.93
N ARG C 559 19.23 -11.99 33.04
CA ARG C 559 20.63 -11.71 33.32
C ARG C 559 21.13 -10.57 32.45
N LYS C 560 22.45 -10.35 32.50
CA LYS C 560 23.07 -9.17 31.90
C LYS C 560 22.74 -9.05 30.42
N ALA C 561 23.12 -10.06 29.64
CA ALA C 561 22.91 -10.03 28.20
C ALA C 561 21.52 -10.50 27.78
N GLY C 562 20.55 -10.48 28.70
CA GLY C 562 19.25 -11.03 28.42
C GLY C 562 19.17 -12.52 28.61
N GLU C 563 20.02 -13.08 29.46
CA GLU C 563 20.06 -14.51 29.69
C GLU C 563 19.00 -14.91 30.70
N VAL C 564 18.09 -15.78 30.30
CA VAL C 564 17.05 -16.28 31.18
C VAL C 564 17.54 -17.54 31.87
N GLU C 565 17.47 -17.58 33.20
CA GLU C 565 18.00 -18.71 33.93
C GLU C 565 17.36 -18.81 35.30
N TYR C 566 17.46 -19.99 35.89
CA TYR C 566 17.00 -20.23 37.25
C TYR C 566 18.14 -19.94 38.23
N VAL C 567 17.85 -19.14 39.24
CA VAL C 567 18.85 -18.74 40.24
C VAL C 567 18.23 -18.90 41.62
N PRO C 568 18.97 -19.38 42.62
CA PRO C 568 18.41 -19.48 43.96
C PRO C 568 17.93 -18.13 44.47
N SER C 569 16.92 -18.18 45.34
CA SER C 569 16.21 -16.98 45.78
C SER C 569 17.09 -16.03 46.58
N SER C 570 18.31 -16.43 46.95
CA SER C 570 19.19 -15.58 47.72
C SER C 570 20.02 -14.62 46.86
N GLU C 571 20.10 -14.86 45.56
CA GLU C 571 20.88 -14.00 44.67
C GLU C 571 20.02 -13.02 43.89
N VAL C 572 18.71 -12.99 44.14
CA VAL C 572 17.82 -12.09 43.43
C VAL C 572 18.01 -10.67 43.97
N ASP C 573 18.31 -9.73 43.06
CA ASP C 573 18.49 -8.34 43.45
C ASP C 573 17.19 -7.55 43.36
N TYR C 574 16.58 -7.53 42.17
CA TYR C 574 15.35 -6.80 41.95
C TYR C 574 14.29 -7.71 41.33
N MET C 575 13.05 -7.25 41.39
CA MET C 575 11.92 -8.00 40.88
C MET C 575 11.00 -7.05 40.12
N ASP C 576 10.35 -7.57 39.07
CA ASP C 576 9.42 -6.75 38.31
C ASP C 576 8.30 -6.23 39.21
N VAL C 577 7.99 -4.94 39.07
CA VAL C 577 6.94 -4.34 39.90
C VAL C 577 5.59 -4.93 39.56
N SER C 578 5.40 -5.42 38.34
CA SER C 578 4.11 -5.90 37.87
C SER C 578 4.32 -6.65 36.57
N PRO C 579 3.40 -7.56 36.22
CA PRO C 579 3.35 -8.03 34.83
C PRO C 579 2.97 -6.88 33.91
N ARG C 580 2.91 -7.12 32.61
CA ARG C 580 2.58 -6.11 31.60
C ARG C 580 3.48 -4.88 31.72
N GLN C 581 4.62 -5.00 32.40
CA GLN C 581 5.55 -3.90 32.52
C GLN C 581 6.25 -3.61 31.19
N MET C 582 6.34 -4.61 30.32
CA MET C 582 6.91 -4.47 28.99
C MET C 582 5.88 -4.00 27.96
N VAL C 583 4.68 -3.65 28.41
CA VAL C 583 3.55 -3.41 27.52
C VAL C 583 3.21 -1.92 27.51
N SER C 584 2.66 -1.46 26.38
CA SER C 584 2.20 -0.09 26.24
C SER C 584 0.75 0.05 26.70
N VAL C 585 0.22 1.26 26.57
CA VAL C 585 -1.16 1.52 26.99
C VAL C 585 -2.14 0.79 26.09
N ALA C 586 -1.96 0.92 24.77
CA ALA C 586 -2.90 0.32 23.83
C ALA C 586 -2.85 -1.19 23.87
N THR C 587 -1.64 -1.77 24.00
CA THR C 587 -1.51 -3.21 24.01
C THR C 587 -2.09 -3.81 25.29
N ALA C 588 -1.94 -3.10 26.41
CA ALA C 588 -2.44 -3.58 27.70
C ALA C 588 -3.96 -3.57 27.80
N MET C 589 -4.66 -3.19 26.73
CA MET C 589 -6.12 -3.18 26.72
C MET C 589 -6.70 -4.36 25.95
N ILE C 590 -5.87 -5.32 25.56
CA ILE C 590 -6.32 -6.51 24.84
C ILE C 590 -6.52 -7.62 25.87
N PRO C 591 -7.75 -8.02 26.16
CA PRO C 591 -7.96 -9.18 27.04
C PRO C 591 -7.34 -10.43 26.43
N PHE C 592 -6.80 -11.29 27.30
CA PHE C 592 -6.16 -12.54 26.89
C PHE C 592 -5.07 -12.29 25.86
N LEU C 593 -4.19 -11.32 26.16
CA LEU C 593 -3.11 -10.98 25.24
C LEU C 593 -2.18 -12.17 25.01
N GLU C 594 -1.83 -12.88 26.08
CA GLU C 594 -0.88 -13.98 25.98
C GLU C 594 -1.40 -15.15 25.13
N HIS C 595 -2.67 -15.12 24.75
CA HIS C 595 -3.24 -16.14 23.89
C HIS C 595 -3.23 -15.75 22.42
N ASP C 596 -2.52 -14.68 22.06
CA ASP C 596 -2.47 -14.17 20.70
C ASP C 596 -1.04 -14.07 20.22
N ASP C 597 -0.81 -14.42 18.96
CA ASP C 597 0.51 -14.25 18.37
C ASP C 597 0.82 -12.77 18.19
N ALA C 598 2.11 -12.45 18.11
CA ALA C 598 2.54 -11.06 18.12
C ALA C 598 2.04 -10.29 16.90
N ASN C 599 1.82 -10.97 15.77
CA ASN C 599 1.33 -10.28 14.59
C ASN C 599 -0.08 -9.75 14.81
N ARG C 600 -1.00 -10.62 15.24
CA ARG C 600 -2.38 -10.17 15.43
C ARG C 600 -2.52 -9.31 16.67
N ALA C 601 -1.66 -9.49 17.67
CA ALA C 601 -1.67 -8.59 18.82
C ALA C 601 -1.23 -7.18 18.41
N LEU C 602 -0.19 -7.09 17.58
CA LEU C 602 0.22 -5.81 17.02
C LEU C 602 -0.92 -5.18 16.21
N MET C 603 -1.58 -5.99 15.38
CA MET C 603 -2.67 -5.46 14.58
C MET C 603 -3.81 -4.95 15.46
N GLY C 604 -4.11 -5.66 16.55
CA GLY C 604 -5.15 -5.19 17.46
C GLY C 604 -4.76 -3.90 18.17
N ALA C 605 -3.51 -3.83 18.63
CA ALA C 605 -3.04 -2.61 19.28
C ALA C 605 -3.05 -1.42 18.34
N ASN C 606 -2.79 -1.65 17.05
CA ASN C 606 -2.81 -0.55 16.09
C ASN C 606 -4.24 -0.20 15.65
N MET C 607 -5.16 -1.17 15.67
CA MET C 607 -6.53 -0.91 15.27
C MET C 607 -7.38 -0.34 16.40
N GLN C 608 -6.92 -0.47 17.66
CA GLN C 608 -7.64 0.20 18.73
C GLN C 608 -7.57 1.71 18.59
N ARG C 609 -6.52 2.22 17.94
CA ARG C 609 -6.35 3.66 17.72
C ARG C 609 -7.08 4.14 16.48
N GLN C 610 -7.71 3.25 15.73
CA GLN C 610 -8.45 3.62 14.53
C GLN C 610 -9.96 3.56 14.72
N ALA C 611 -10.43 3.23 15.92
CA ALA C 611 -11.86 3.17 16.18
C ALA C 611 -12.43 4.59 16.27
N VAL C 612 -13.61 4.78 15.69
CA VAL C 612 -14.26 6.09 15.67
C VAL C 612 -15.16 6.21 16.90
N PRO C 613 -15.41 7.42 17.39
CA PRO C 613 -16.38 7.58 18.47
C PRO C 613 -17.80 7.41 17.97
N LEU C 614 -18.61 6.72 18.76
CA LEU C 614 -20.01 6.48 18.45
C LEU C 614 -20.90 7.42 19.25
N VAL C 615 -22.15 7.57 18.80
CA VAL C 615 -23.07 8.51 19.41
C VAL C 615 -23.26 8.19 20.89
N ARG C 616 -23.34 6.90 21.22
CA ARG C 616 -23.44 6.45 22.60
C ARG C 616 -22.29 5.49 22.87
N SER C 617 -21.57 5.73 23.97
CA SER C 617 -20.45 4.88 24.35
C SER C 617 -20.94 3.71 25.19
N GLU C 618 -20.16 2.64 25.18
CA GLU C 618 -20.49 1.43 25.94
C GLU C 618 -19.20 0.77 26.37
N ALA C 619 -18.92 0.78 27.68
CA ALA C 619 -17.71 0.18 28.19
C ALA C 619 -17.70 -1.32 27.91
N PRO C 620 -16.54 -1.90 27.64
CA PRO C 620 -16.48 -3.33 27.28
C PRO C 620 -16.94 -4.21 28.43
N LEU C 621 -17.73 -5.23 28.10
CA LEU C 621 -18.20 -6.16 29.12
C LEU C 621 -17.03 -6.92 29.73
N VAL C 622 -16.05 -7.29 28.92
CA VAL C 622 -14.80 -7.88 29.38
C VAL C 622 -13.68 -6.96 28.95
N GLY C 623 -12.87 -6.52 29.92
CA GLY C 623 -11.78 -5.61 29.64
C GLY C 623 -10.57 -5.89 30.49
N THR C 624 -9.74 -4.87 30.68
CA THR C 624 -8.56 -4.93 31.52
C THR C 624 -8.71 -3.89 32.63
N GLY C 625 -7.65 -3.67 33.40
CA GLY C 625 -7.65 -2.57 34.34
C GLY C 625 -7.18 -1.25 33.77
N MET C 626 -6.94 -1.20 32.46
CA MET C 626 -6.31 -0.04 31.84
C MET C 626 -7.29 0.98 31.29
N GLU C 627 -8.52 0.58 30.95
CA GLU C 627 -9.44 1.49 30.27
C GLU C 627 -9.70 2.74 31.11
N LEU C 628 -9.93 2.56 32.42
CA LEU C 628 -10.27 3.67 33.29
C LEU C 628 -9.17 4.73 33.29
N ARG C 629 -7.97 4.34 33.75
CA ARG C 629 -6.91 5.33 33.89
C ARG C 629 -6.40 5.82 32.55
N ALA C 630 -6.48 4.98 31.51
CA ALA C 630 -6.09 5.45 30.17
C ALA C 630 -7.03 6.54 29.69
N ALA C 631 -8.34 6.37 29.91
CA ALA C 631 -9.30 7.41 29.53
C ALA C 631 -9.07 8.67 30.33
N ILE C 632 -8.85 8.53 31.65
CA ILE C 632 -8.75 9.75 32.46
C ILE C 632 -7.44 10.48 32.20
N ASP C 633 -6.37 9.77 31.85
CA ASP C 633 -5.10 10.40 31.53
C ASP C 633 -5.00 10.88 30.10
N ALA C 634 -5.88 10.39 29.21
CA ALA C 634 -5.87 10.87 27.83
C ALA C 634 -6.14 12.36 27.76
N GLY C 635 -7.11 12.84 28.54
CA GLY C 635 -7.43 14.25 28.61
C GLY C 635 -8.78 14.62 28.04
N ASP C 636 -9.36 13.77 27.20
CA ASP C 636 -10.67 14.04 26.61
C ASP C 636 -11.82 13.81 27.59
N VAL C 637 -11.52 13.60 28.87
CA VAL C 637 -12.53 13.44 29.91
C VAL C 637 -12.39 14.60 30.88
N VAL C 638 -13.48 14.90 31.57
CA VAL C 638 -13.55 16.05 32.48
C VAL C 638 -13.33 15.54 33.90
N VAL C 639 -12.32 16.08 34.58
CA VAL C 639 -11.89 15.61 35.89
C VAL C 639 -11.96 16.77 36.87
N ALA C 640 -12.46 16.50 38.07
CA ALA C 640 -12.58 17.52 39.11
C ALA C 640 -11.21 17.86 39.67
N GLU C 641 -10.85 19.15 39.64
CA GLU C 641 -9.59 19.59 40.21
C GLU C 641 -9.64 19.72 41.73
N GLU C 642 -10.83 19.76 42.31
CA GLU C 642 -10.96 19.96 43.75
C GLU C 642 -12.30 19.42 44.20
N SER C 643 -12.33 18.86 45.41
CA SER C 643 -13.55 18.27 45.95
C SER C 643 -14.63 19.33 46.15
N GLY C 644 -15.88 18.90 46.08
CA GLY C 644 -16.99 19.81 46.29
C GLY C 644 -18.29 19.19 45.85
N VAL C 645 -19.35 19.98 46.00
CA VAL C 645 -20.70 19.60 45.59
C VAL C 645 -21.01 20.30 44.28
N ILE C 646 -21.61 19.55 43.34
CA ILE C 646 -22.02 20.14 42.07
C ILE C 646 -23.11 21.16 42.34
N GLU C 647 -22.89 22.40 41.87
CA GLU C 647 -23.86 23.48 42.05
C GLU C 647 -24.84 23.55 40.89
N GLU C 648 -24.38 23.30 39.67
CA GLU C 648 -25.26 23.36 38.51
C GLU C 648 -24.72 22.44 37.42
N VAL C 649 -25.63 21.84 36.66
CA VAL C 649 -25.26 20.95 35.56
C VAL C 649 -26.13 21.26 34.37
N SER C 650 -25.50 21.62 33.25
CA SER C 650 -26.18 21.86 32.00
C SER C 650 -25.49 21.09 30.90
N ALA C 651 -26.16 20.96 29.75
CA ALA C 651 -25.53 20.38 28.57
C ALA C 651 -24.34 21.19 28.08
N ASP C 652 -24.14 22.39 28.62
CA ASP C 652 -23.06 23.29 28.21
C ASP C 652 -21.90 23.33 29.20
N TYR C 653 -22.17 23.30 30.50
CA TYR C 653 -21.10 23.35 31.49
C TYR C 653 -21.55 22.72 32.79
N ILE C 654 -20.58 22.49 33.67
CA ILE C 654 -20.79 21.98 35.02
C ILE C 654 -20.13 22.94 35.99
N THR C 655 -20.91 23.47 36.94
CA THR C 655 -20.40 24.37 37.96
C THR C 655 -20.39 23.64 39.29
N VAL C 656 -19.23 23.58 39.93
CA VAL C 656 -19.06 22.95 41.22
C VAL C 656 -18.70 24.00 42.26
N MET C 657 -19.09 23.73 43.50
CA MET C 657 -18.83 24.62 44.63
C MET C 657 -17.94 23.88 45.62
N HIS C 658 -16.70 24.33 45.75
CA HIS C 658 -15.75 23.68 46.65
C HIS C 658 -16.18 23.89 48.11
N ASP C 659 -15.46 23.22 49.00
CA ASP C 659 -15.77 23.30 50.43
C ASP C 659 -15.26 24.58 51.08
N ASN C 660 -14.34 25.29 50.44
CA ASN C 660 -13.84 26.56 50.96
C ASN C 660 -14.63 27.76 50.46
N GLY C 661 -15.68 27.53 49.68
CA GLY C 661 -16.51 28.60 49.16
C GLY C 661 -16.23 28.99 47.73
N THR C 662 -15.09 28.58 47.17
CA THR C 662 -14.75 28.96 45.81
C THR C 662 -15.58 28.17 44.79
N ARG C 663 -15.78 28.76 43.63
CA ARG C 663 -16.50 28.13 42.54
C ARG C 663 -15.54 27.64 41.46
N ARG C 664 -16.02 26.70 40.66
CA ARG C 664 -15.29 26.26 39.49
C ARG C 664 -16.30 25.87 38.41
N THR C 665 -15.92 26.06 37.15
CA THR C 665 -16.80 25.72 36.05
C THR C 665 -16.01 25.03 34.95
N TYR C 666 -16.58 23.97 34.40
CA TYR C 666 -15.99 23.21 33.31
C TYR C 666 -16.94 23.27 32.11
N ARG C 667 -16.46 23.86 31.02
CA ARG C 667 -17.24 23.94 29.80
C ARG C 667 -17.12 22.63 29.01
N MET C 668 -18.20 22.27 28.33
CA MET C 668 -18.28 21.01 27.60
C MET C 668 -17.98 21.23 26.13
N ARG C 669 -17.07 20.42 25.59
CA ARG C 669 -16.89 20.36 24.14
C ARG C 669 -18.08 19.64 23.53
N LYS C 670 -18.87 20.36 22.73
CA LYS C 670 -20.07 19.80 22.12
C LYS C 670 -19.91 19.79 20.60
N PHE C 671 -19.94 18.60 20.02
CA PHE C 671 -19.88 18.39 18.57
C PHE C 671 -18.68 19.11 17.95
N ALA C 672 -17.52 18.91 18.56
CA ALA C 672 -16.28 19.52 18.10
C ALA C 672 -15.59 18.58 17.11
N ARG C 673 -15.24 19.11 15.94
CA ARG C 673 -14.55 18.31 14.93
C ARG C 673 -13.12 18.02 15.36
N SER C 674 -12.65 16.82 15.04
CA SER C 674 -11.29 16.42 15.35
C SER C 674 -10.39 16.69 14.15
N ASN C 675 -9.11 16.31 14.29
CA ASN C 675 -8.18 16.48 13.18
C ASN C 675 -8.50 15.54 12.02
N HIS C 676 -9.17 14.42 12.31
CA HIS C 676 -9.48 13.43 11.28
C HIS C 676 -10.97 13.32 10.99
N GLY C 677 -11.75 14.30 11.42
CA GLY C 677 -13.16 14.34 11.11
C GLY C 677 -14.05 13.63 12.10
N THR C 678 -13.49 12.91 13.07
CA THR C 678 -14.32 12.32 14.10
C THR C 678 -14.90 13.40 15.00
N CYS C 679 -15.97 13.06 15.70
CA CYS C 679 -16.70 14.01 16.52
C CYS C 679 -16.26 13.89 17.97
N ALA C 680 -15.77 14.98 18.53
CA ALA C 680 -15.44 15.07 19.95
C ALA C 680 -16.62 15.74 20.66
N ASN C 681 -17.34 14.95 21.45
CA ASN C 681 -18.53 15.42 22.16
C ASN C 681 -18.45 14.96 23.60
N GLN C 682 -18.79 15.86 24.53
CA GLN C 682 -18.76 15.56 25.95
C GLN C 682 -20.15 15.68 26.54
N CYS C 683 -20.43 14.83 27.54
CA CYS C 683 -21.71 14.81 28.21
C CYS C 683 -21.50 14.61 29.70
N PRO C 684 -22.21 15.38 30.53
CA PRO C 684 -22.06 15.24 31.98
C PRO C 684 -22.61 13.92 32.48
N ILE C 685 -21.92 13.34 33.46
CA ILE C 685 -22.32 12.09 34.07
C ILE C 685 -22.73 12.27 35.52
N VAL C 686 -22.88 13.51 35.98
CA VAL C 686 -23.27 13.80 37.35
C VAL C 686 -24.57 14.60 37.34
N ASP C 687 -25.26 14.57 38.47
CA ASP C 687 -26.50 15.31 38.67
C ASP C 687 -26.29 16.39 39.71
N ALA C 688 -27.22 17.34 39.74
CA ALA C 688 -27.12 18.48 40.64
C ALA C 688 -27.24 18.03 42.09
N GLY C 689 -26.28 18.46 42.91
CA GLY C 689 -26.27 18.15 44.33
C GLY C 689 -25.32 17.04 44.73
N ASP C 690 -24.71 16.35 43.77
CA ASP C 690 -23.82 15.24 44.09
C ASP C 690 -22.50 15.76 44.63
N ARG C 691 -21.92 14.99 45.56
CA ARG C 691 -20.64 15.31 46.18
C ARG C 691 -19.55 14.52 45.48
N VAL C 692 -18.65 15.23 44.80
CA VAL C 692 -17.58 14.59 44.04
C VAL C 692 -16.25 14.87 44.72
N GLU C 693 -15.35 13.90 44.67
CA GLU C 693 -14.03 14.04 45.25
C GLU C 693 -13.04 14.57 44.22
N ALA C 694 -11.88 14.99 44.71
CA ALA C 694 -10.85 15.55 43.85
C ALA C 694 -10.28 14.47 42.94
N GLY C 695 -10.50 14.61 41.64
CA GLY C 695 -10.03 13.65 40.67
C GLY C 695 -11.10 12.80 40.04
N GLN C 696 -12.36 12.97 40.43
CA GLN C 696 -13.43 12.15 39.89
C GLN C 696 -13.83 12.63 38.50
N VAL C 697 -14.26 11.68 37.67
CA VAL C 697 -14.75 12.02 36.34
C VAL C 697 -16.13 12.65 36.45
N ILE C 698 -16.30 13.83 35.86
CA ILE C 698 -17.56 14.56 35.92
C ILE C 698 -18.33 14.51 34.61
N ALA C 699 -17.64 14.39 33.48
CA ALA C 699 -18.31 14.30 32.19
C ALA C 699 -17.51 13.40 31.25
N ASP C 700 -18.20 12.60 30.44
CA ASP C 700 -17.52 11.67 29.55
C ASP C 700 -17.15 12.34 28.23
N GLY C 701 -16.09 11.82 27.62
CA GLY C 701 -15.63 12.32 26.34
C GLY C 701 -16.22 11.54 25.18
N PRO C 702 -15.48 11.49 24.06
CA PRO C 702 -16.01 10.81 22.86
C PRO C 702 -16.14 9.31 23.02
N CYS C 703 -15.07 8.65 23.45
CA CYS C 703 -15.03 7.20 23.58
C CYS C 703 -14.89 6.77 25.04
N THR C 704 -15.53 7.50 25.95
CA THR C 704 -15.49 7.19 27.37
C THR C 704 -16.90 6.91 27.87
N ASP C 705 -17.02 5.91 28.75
CA ASP C 705 -18.30 5.52 29.34
C ASP C 705 -18.09 5.43 30.86
N ASP C 706 -18.58 6.43 31.58
CA ASP C 706 -18.51 6.52 33.03
C ASP C 706 -17.07 6.46 33.55
N GLY C 707 -16.08 6.71 32.69
CA GLY C 707 -14.70 6.85 33.10
C GLY C 707 -13.72 5.94 32.38
N GLU C 708 -14.20 4.92 31.68
CA GLU C 708 -13.34 3.94 31.04
C GLU C 708 -13.39 4.08 29.52
N MET C 709 -12.29 3.74 28.86
CA MET C 709 -12.21 3.78 27.41
C MET C 709 -13.21 2.83 26.77
N ALA C 710 -14.25 3.38 26.15
CA ALA C 710 -15.27 2.59 25.47
C ALA C 710 -15.10 2.80 23.98
N LEU C 711 -14.20 2.01 23.37
CA LEU C 711 -13.85 2.18 21.97
C LEU C 711 -14.83 1.53 21.01
N GLY C 712 -15.70 0.65 21.49
CA GLY C 712 -16.62 -0.09 20.63
C GLY C 712 -17.88 -0.47 21.35
N LYS C 713 -18.45 -1.61 20.96
CA LYS C 713 -19.73 -2.07 21.48
C LYS C 713 -19.64 -3.56 21.77
N ASN C 714 -20.44 -4.00 22.74
CA ASN C 714 -20.57 -5.42 23.06
C ASN C 714 -21.65 -6.00 22.14
N LEU C 715 -21.26 -6.91 21.25
CA LEU C 715 -22.15 -7.48 20.27
C LEU C 715 -22.29 -8.99 20.48
N LEU C 716 -23.50 -9.49 20.20
CA LEU C 716 -23.77 -10.93 20.29
C LEU C 716 -23.26 -11.60 19.02
N VAL C 717 -22.21 -12.40 19.15
CA VAL C 717 -21.53 -13.01 18.02
C VAL C 717 -21.74 -14.51 18.05
N ALA C 718 -21.98 -15.09 16.87
CA ALA C 718 -22.01 -16.53 16.66
C ALA C 718 -20.95 -16.88 15.62
N ILE C 719 -20.17 -17.92 15.90
CA ILE C 719 -18.99 -18.25 15.11
C ILE C 719 -19.33 -19.44 14.23
N MET C 720 -19.62 -19.17 12.95
CA MET C 720 -20.03 -20.18 11.99
C MET C 720 -20.05 -19.60 10.58
N PRO C 721 -19.69 -20.38 9.57
CA PRO C 721 -19.86 -19.90 8.19
C PRO C 721 -21.34 -19.81 7.83
N TRP C 722 -21.71 -18.72 7.17
CA TRP C 722 -23.11 -18.45 6.86
C TRP C 722 -23.24 -17.99 5.42
N GLU C 723 -23.56 -18.93 4.53
CA GLU C 723 -23.94 -18.66 3.14
C GLU C 723 -22.88 -17.83 2.41
N GLY C 724 -21.61 -17.97 2.82
CA GLY C 724 -20.52 -17.30 2.16
C GLY C 724 -20.50 -15.80 2.26
N HIS C 725 -21.47 -15.18 2.92
CA HIS C 725 -21.40 -13.73 3.10
C HIS C 725 -20.35 -13.33 4.13
N ASN C 726 -19.85 -14.30 4.91
CA ASN C 726 -18.70 -14.07 5.78
C ASN C 726 -17.45 -14.76 5.24
N TYR C 727 -17.44 -15.07 3.94
CA TYR C 727 -16.33 -15.77 3.32
C TYR C 727 -15.10 -14.86 3.23
N GLU C 728 -13.95 -15.39 3.67
CA GLU C 728 -12.67 -14.71 3.56
C GLU C 728 -12.69 -13.35 4.27
N ASP C 729 -12.87 -13.42 5.59
CA ASP C 729 -12.80 -12.29 6.52
C ASP C 729 -13.95 -11.30 6.38
N ALA C 730 -14.92 -11.55 5.51
CA ALA C 730 -16.12 -10.73 5.49
C ALA C 730 -16.93 -10.96 6.77
N ILE C 731 -17.77 -9.98 7.09
CA ILE C 731 -18.52 -9.99 8.35
C ILE C 731 -20.00 -9.75 8.05
N ILE C 732 -20.86 -10.48 8.73
CA ILE C 732 -22.31 -10.35 8.58
C ILE C 732 -22.86 -9.65 9.82
N LEU C 733 -23.65 -8.60 9.61
CA LEU C 733 -24.20 -7.81 10.69
C LEU C 733 -25.72 -7.91 10.73
N SER C 734 -26.26 -7.79 11.93
CA SER C 734 -27.71 -7.74 12.12
C SER C 734 -28.22 -6.33 11.88
N ASN C 735 -29.34 -6.22 11.17
CA ASN C 735 -29.88 -4.91 10.81
C ASN C 735 -30.30 -4.11 12.04
N ARG C 736 -30.43 -4.78 13.20
CA ARG C 736 -30.69 -4.05 14.44
C ARG C 736 -29.65 -2.96 14.67
N LEU C 737 -28.38 -3.28 14.41
CA LEU C 737 -27.31 -2.30 14.58
C LEU C 737 -27.50 -1.06 13.72
N VAL C 738 -28.27 -1.18 12.64
CA VAL C 738 -28.63 -0.01 11.85
C VAL C 738 -29.85 0.69 12.45
N GLU C 739 -30.84 -0.08 12.90
CA GLU C 739 -32.09 0.52 13.36
C GLU C 739 -31.93 1.21 14.70
N GLU C 740 -31.07 0.70 15.56
CA GLU C 740 -30.87 1.27 16.90
C GLU C 740 -29.64 2.16 16.98
N ASP C 741 -28.93 2.38 15.87
CA ASP C 741 -27.79 3.30 15.82
C ASP C 741 -26.71 2.91 16.82
N VAL C 742 -26.41 1.62 16.92
CA VAL C 742 -25.39 1.17 17.86
C VAL C 742 -23.99 1.25 17.27
N LEU C 743 -23.86 1.39 15.95
CA LEU C 743 -22.58 1.61 15.29
C LEU C 743 -22.58 2.89 14.46
N THR C 744 -23.57 3.75 14.69
CA THR C 744 -23.62 5.03 14.00
C THR C 744 -22.67 6.02 14.63
N SER C 745 -21.94 6.76 13.79
CA SER C 745 -20.98 7.76 14.24
C SER C 745 -21.28 9.09 13.58
N ILE C 746 -20.66 10.15 14.10
CA ILE C 746 -20.83 11.51 13.61
C ILE C 746 -19.51 11.96 12.99
N HIS C 747 -19.58 12.52 11.79
CA HIS C 747 -18.39 12.95 11.06
C HIS C 747 -18.58 14.39 10.61
N ILE C 748 -17.69 15.29 11.05
CA ILE C 748 -17.77 16.71 10.74
C ILE C 748 -16.63 17.07 9.79
N GLU C 749 -16.95 17.87 8.78
CA GLU C 749 -15.97 18.35 7.81
C GLU C 749 -16.07 19.85 7.68
N GLU C 750 -14.91 20.50 7.55
CA GLU C 750 -14.79 21.95 7.49
C GLU C 750 -14.45 22.36 6.05
N HIS C 751 -15.36 23.06 5.40
CA HIS C 751 -15.11 23.63 4.08
C HIS C 751 -14.79 25.11 4.25
N GLU C 752 -13.96 25.62 3.34
CA GLU C 752 -13.40 26.95 3.50
C GLU C 752 -13.26 27.61 2.13
N ILE C 753 -13.60 28.89 2.06
CA ILE C 753 -13.41 29.64 0.82
C ILE C 753 -13.17 31.11 1.16
N ASP C 754 -12.32 31.75 0.36
CA ASP C 754 -11.94 33.14 0.59
C ASP C 754 -12.13 33.94 -0.68
N ALA C 755 -12.60 35.18 -0.52
CA ALA C 755 -12.64 36.17 -1.58
C ALA C 755 -11.42 37.06 -1.45
N ARG C 756 -10.64 37.15 -2.53
CA ARG C 756 -9.36 37.86 -2.53
C ARG C 756 -9.27 38.79 -3.74
N ASP C 757 -8.09 39.34 -3.98
CA ASP C 757 -7.84 40.25 -5.09
C ASP C 757 -7.19 39.50 -6.25
N THR C 758 -7.62 39.81 -7.46
CA THR C 758 -7.07 39.24 -8.68
C THR C 758 -6.45 40.35 -9.54
N LYS C 759 -5.91 39.94 -10.69
CA LYS C 759 -5.32 40.91 -11.60
C LYS C 759 -6.35 41.81 -12.26
N LEU C 760 -7.62 41.37 -12.31
CA LEU C 760 -8.69 42.14 -12.94
C LEU C 760 -9.50 42.97 -11.95
N GLY C 761 -9.29 42.79 -10.66
CA GLY C 761 -10.03 43.54 -9.68
C GLY C 761 -10.13 42.76 -8.36
N ALA C 762 -11.27 42.91 -7.70
CA ALA C 762 -11.51 42.30 -6.40
C ALA C 762 -12.71 41.37 -6.46
N GLU C 763 -12.57 40.19 -5.86
CA GLU C 763 -13.67 39.24 -5.77
C GLU C 763 -14.65 39.66 -4.69
N GLU C 764 -15.87 39.13 -4.78
CA GLU C 764 -16.93 39.46 -3.84
C GLU C 764 -17.74 38.23 -3.50
N ILE C 765 -18.02 38.05 -2.21
CA ILE C 765 -18.92 37.00 -1.74
C ILE C 765 -20.33 37.57 -1.77
N THR C 766 -21.18 37.03 -2.65
CA THR C 766 -22.52 37.56 -2.81
C THR C 766 -23.48 36.45 -3.17
N ARG C 767 -24.77 36.73 -3.00
CA ARG C 767 -25.81 35.81 -3.43
C ARG C 767 -26.12 35.95 -4.92
N ASP C 768 -25.90 37.14 -5.48
CA ASP C 768 -26.15 37.39 -6.90
C ASP C 768 -25.15 36.59 -7.72
N ILE C 769 -25.61 35.49 -8.31
CA ILE C 769 -24.78 34.62 -9.14
C ILE C 769 -25.37 34.62 -10.54
N PRO C 770 -24.57 34.86 -11.58
CA PRO C 770 -25.12 34.86 -12.94
C PRO C 770 -25.52 33.47 -13.39
N ASN C 771 -26.66 33.40 -14.10
CA ASN C 771 -27.14 32.17 -14.73
C ASN C 771 -27.40 31.08 -13.69
N ILE C 772 -28.07 31.45 -12.61
CA ILE C 772 -28.46 30.49 -11.57
C ILE C 772 -29.90 30.76 -11.18
N SER C 773 -30.71 29.70 -11.14
CA SER C 773 -32.11 29.83 -10.77
C SER C 773 -32.26 30.19 -9.29
N ASP C 774 -33.42 30.75 -8.95
CA ASP C 774 -33.70 31.09 -7.55
C ASP C 774 -34.00 29.84 -6.72
N GLU C 775 -34.29 28.72 -7.36
CA GLU C 775 -34.50 27.48 -6.62
C GLU C 775 -33.20 26.95 -6.04
N VAL C 776 -32.11 27.05 -6.80
CA VAL C 776 -30.82 26.52 -6.34
C VAL C 776 -30.26 27.37 -5.21
N LEU C 777 -30.56 28.67 -5.21
CA LEU C 777 -30.11 29.58 -4.16
C LEU C 777 -31.09 29.66 -2.99
N ALA C 778 -32.04 28.72 -2.89
CA ALA C 778 -33.10 28.83 -1.90
C ALA C 778 -32.58 28.71 -0.48
N ASP C 779 -31.52 27.92 -0.27
CA ASP C 779 -30.97 27.69 1.06
C ASP C 779 -29.86 28.67 1.41
N LEU C 780 -29.75 29.79 0.71
CA LEU C 780 -28.73 30.79 0.94
C LEU C 780 -29.35 32.04 1.56
N ASP C 781 -28.61 32.68 2.47
CA ASP C 781 -29.07 33.92 3.08
C ASP C 781 -28.75 35.09 2.15
N GLU C 782 -28.87 36.31 2.66
CA GLU C 782 -28.62 37.48 1.82
C GLU C 782 -27.15 37.61 1.44
N ARG C 783 -26.24 37.05 2.24
CA ARG C 783 -24.82 37.14 1.96
C ARG C 783 -24.38 36.17 0.87
N GLY C 784 -25.18 35.15 0.57
CA GLY C 784 -24.78 34.08 -0.30
C GLY C 784 -24.24 32.86 0.42
N ILE C 785 -24.23 32.86 1.74
CA ILE C 785 -23.79 31.72 2.53
C ILE C 785 -25.00 30.84 2.80
N VAL C 786 -24.79 29.52 2.80
CA VAL C 786 -25.87 28.61 3.16
C VAL C 786 -26.33 28.93 4.58
N ARG C 787 -27.58 28.57 4.87
CA ARG C 787 -28.16 28.86 6.18
C ARG C 787 -27.92 27.70 7.13
N ILE C 788 -27.71 28.04 8.41
CA ILE C 788 -27.45 27.03 9.43
C ILE C 788 -28.63 26.06 9.49
N GLY C 789 -28.31 24.76 9.55
CA GLY C 789 -29.33 23.73 9.61
C GLY C 789 -29.82 23.24 8.28
N ALA C 790 -29.41 23.85 7.17
CA ALA C 790 -29.84 23.42 5.85
C ALA C 790 -29.23 22.07 5.51
N GLU C 791 -29.93 21.34 4.65
CA GLU C 791 -29.46 20.04 4.16
C GLU C 791 -28.89 20.23 2.76
N VAL C 792 -27.61 19.92 2.59
CA VAL C 792 -26.91 20.11 1.33
C VAL C 792 -26.52 18.75 0.77
N ARG C 793 -26.52 18.65 -0.55
CA ARG C 793 -26.18 17.43 -1.25
C ARG C 793 -25.00 17.68 -2.19
N ASP C 794 -24.65 16.66 -2.98
CA ASP C 794 -23.52 16.73 -3.88
C ASP C 794 -23.74 17.77 -4.97
N GLY C 795 -22.97 18.86 -4.95
CA GLY C 795 -23.09 19.91 -5.93
C GLY C 795 -23.82 21.15 -5.47
N ASP C 796 -24.35 21.14 -4.25
CA ASP C 796 -25.05 22.32 -3.75
C ASP C 796 -24.06 23.44 -3.43
N ILE C 797 -24.55 24.67 -3.49
CA ILE C 797 -23.73 25.84 -3.22
C ILE C 797 -23.69 26.09 -1.73
N LEU C 798 -22.47 26.25 -1.19
CA LEU C 798 -22.29 26.61 0.21
C LEU C 798 -22.07 28.11 0.40
N VAL C 799 -21.10 28.68 -0.33
CA VAL C 799 -20.82 30.11 -0.28
C VAL C 799 -20.75 30.62 -1.70
N GLY C 800 -21.52 31.67 -2.00
CA GLY C 800 -21.50 32.26 -3.33
C GLY C 800 -20.35 33.24 -3.47
N LYS C 801 -19.56 33.07 -4.53
CA LYS C 801 -18.45 33.95 -4.80
C LYS C 801 -18.39 34.25 -6.29
N VAL C 802 -18.06 35.50 -6.62
CA VAL C 802 -17.91 35.94 -8.01
C VAL C 802 -16.53 36.55 -8.17
N THR C 803 -15.91 36.27 -9.31
CA THR C 803 -14.55 36.71 -9.60
C THR C 803 -14.55 37.61 -10.82
N PRO C 804 -13.84 38.75 -10.79
CA PRO C 804 -13.72 39.57 -12.01
C PRO C 804 -13.26 38.76 -13.21
N LYS C 805 -14.04 38.79 -14.28
CA LYS C 805 -13.81 37.91 -15.42
C LYS C 805 -12.75 38.49 -16.34
N GLY C 806 -11.78 37.65 -16.73
CA GLY C 806 -10.73 38.06 -17.64
C GLY C 806 -11.26 38.39 -19.03
N GLU C 807 -10.87 39.56 -19.54
CA GLU C 807 -11.41 40.03 -20.82
C GLU C 807 -10.98 39.12 -21.97
N THR C 808 -9.84 38.44 -21.84
CA THR C 808 -9.33 37.61 -22.93
C THR C 808 -10.25 36.42 -23.20
N GLU C 809 -10.75 35.77 -22.15
CA GLU C 809 -11.54 34.56 -22.29
C GLU C 809 -12.99 34.83 -22.70
N LEU C 810 -13.37 36.08 -22.92
CA LEU C 810 -14.71 36.39 -23.37
C LEU C 810 -15.00 35.72 -24.71
N THR C 811 -15.98 34.81 -24.71
CA THR C 811 -16.34 34.09 -25.92
C THR C 811 -16.88 35.06 -26.97
N PRO C 812 -16.87 34.66 -28.25
CA PRO C 812 -17.43 35.54 -29.28
C PRO C 812 -18.89 35.90 -29.03
N GLU C 813 -19.68 34.99 -28.47
CA GLU C 813 -21.08 35.30 -28.17
C GLU C 813 -21.17 36.32 -27.05
N GLU C 814 -20.39 36.14 -25.98
CA GLU C 814 -20.41 37.12 -24.88
C GLU C 814 -19.90 38.48 -25.35
N ARG C 815 -18.88 38.48 -26.20
CA ARG C 815 -18.37 39.74 -26.74
C ARG C 815 -19.43 40.42 -27.60
N LEU C 816 -20.12 39.66 -28.44
CA LEU C 816 -21.20 40.21 -29.25
C LEU C 816 -22.29 40.81 -28.38
N LEU C 817 -22.66 40.11 -27.30
CA LEU C 817 -23.72 40.61 -26.41
C LEU C 817 -23.29 41.89 -25.70
N ARG C 818 -22.07 41.89 -25.16
CA ARG C 818 -21.57 43.08 -24.45
C ARG C 818 -21.36 44.26 -25.40
N ALA C 819 -21.15 44.00 -26.69
CA ALA C 819 -21.02 45.09 -27.65
C ALA C 819 -22.38 45.58 -28.13
N ILE C 820 -23.37 44.70 -28.24
CA ILE C 820 -24.69 45.11 -28.68
C ILE C 820 -25.40 45.89 -27.58
N PHE C 821 -25.56 45.27 -26.40
CA PHE C 821 -26.29 45.92 -25.32
C PHE C 821 -25.46 46.95 -24.57
N GLY C 822 -24.13 46.82 -24.59
CA GLY C 822 -23.28 47.73 -23.84
C GLY C 822 -23.45 47.61 -22.34
N GLU C 823 -23.79 46.43 -21.84
CA GLU C 823 -24.00 46.23 -20.42
C GLU C 823 -22.68 46.01 -19.69
N LYS C 824 -21.73 46.93 -19.88
CA LYS C 824 -20.42 46.85 -19.24
C LYS C 824 -20.55 47.37 -17.82
N ALA C 825 -21.10 46.51 -16.96
CA ALA C 825 -21.31 46.86 -15.55
C ALA C 825 -21.32 45.58 -14.73
N ARG C 826 -20.38 45.50 -13.76
CA ARG C 826 -20.30 44.39 -12.83
C ARG C 826 -20.12 43.05 -13.57
N GLU C 827 -19.00 42.94 -14.27
CA GLU C 827 -18.65 41.73 -15.01
C GLU C 827 -17.95 40.75 -14.06
N VAL C 828 -18.50 39.55 -13.95
CA VAL C 828 -18.01 38.54 -13.01
C VAL C 828 -18.22 37.15 -13.60
N ARG C 829 -17.57 36.17 -12.98
CA ARG C 829 -17.73 34.76 -13.30
C ARG C 829 -17.91 33.98 -12.01
N ASP C 830 -18.53 32.81 -12.13
CA ASP C 830 -18.94 32.01 -10.99
C ASP C 830 -17.79 31.12 -10.52
N THR C 831 -17.20 31.47 -9.39
CA THR C 831 -16.20 30.64 -8.71
C THR C 831 -16.69 30.24 -7.33
N SER C 832 -17.99 29.99 -7.19
CA SER C 832 -18.59 29.74 -5.89
C SER C 832 -18.23 28.36 -5.36
N LEU C 833 -18.12 28.27 -4.04
CA LEU C 833 -17.80 27.01 -3.40
C LEU C 833 -18.99 26.05 -3.51
N LYS C 834 -18.68 24.79 -3.83
CA LYS C 834 -19.69 23.75 -3.95
C LYS C 834 -19.33 22.58 -3.05
N VAL C 835 -20.26 21.64 -2.95
CA VAL C 835 -20.09 20.47 -2.10
C VAL C 835 -19.39 19.38 -2.91
N PRO C 836 -18.31 18.79 -2.39
CA PRO C 836 -17.60 17.75 -3.15
C PRO C 836 -18.47 16.53 -3.40
N HIS C 837 -18.02 15.69 -4.32
CA HIS C 837 -18.75 14.47 -4.63
C HIS C 837 -18.79 13.55 -3.41
N GLY C 838 -19.91 12.84 -3.27
CA GLY C 838 -20.06 11.85 -2.22
C GLY C 838 -20.05 12.42 -0.81
N GLU C 839 -20.52 13.66 -0.64
CA GLU C 839 -20.53 14.28 0.68
C GLU C 839 -21.84 15.04 0.87
N SER C 840 -22.49 14.81 2.00
CA SER C 840 -23.76 15.47 2.31
C SER C 840 -23.95 15.47 3.82
N GLY C 841 -24.85 16.31 4.29
CA GLY C 841 -25.17 16.35 5.70
C GLY C 841 -25.79 17.67 6.09
N LYS C 842 -26.01 17.80 7.40
CA LYS C 842 -26.57 19.02 7.98
C LYS C 842 -25.46 20.03 8.26
N VAL C 843 -25.76 21.30 7.99
CA VAL C 843 -24.81 22.37 8.27
C VAL C 843 -24.88 22.71 9.76
N ILE C 844 -23.74 22.61 10.44
CA ILE C 844 -23.70 22.83 11.89
C ILE C 844 -23.44 24.28 12.23
N GLY C 845 -22.39 24.86 11.65
CA GLY C 845 -22.03 26.22 11.98
C GLY C 845 -21.32 26.91 10.83
N ILE C 846 -21.28 28.23 10.93
CA ILE C 846 -20.62 29.08 9.95
C ILE C 846 -19.76 30.08 10.70
N ARG C 847 -18.48 30.12 10.37
CA ARG C 847 -17.58 31.15 10.90
C ARG C 847 -17.14 32.03 9.74
N VAL C 848 -17.11 33.34 9.98
CA VAL C 848 -16.81 34.30 8.93
C VAL C 848 -15.87 35.37 9.46
N PHE C 849 -14.84 35.69 8.69
CA PHE C 849 -13.90 36.75 8.98
C PHE C 849 -13.87 37.69 7.78
N SER C 850 -13.93 38.99 8.05
CA SER C 850 -13.94 39.99 6.99
C SER C 850 -12.68 40.85 7.09
N ARG C 851 -12.38 41.55 5.99
CA ARG C 851 -11.36 42.59 6.01
C ARG C 851 -11.94 43.94 6.39
N GLU C 852 -13.21 44.18 6.09
CA GLU C 852 -13.89 45.38 6.57
C GLU C 852 -13.84 45.44 8.10
N ASP C 853 -14.18 44.34 8.76
CA ASP C 853 -13.89 44.18 10.18
C ASP C 853 -12.42 43.83 10.36
N GLU C 854 -11.84 44.28 11.46
CA GLU C 854 -10.41 44.12 11.67
C GLU C 854 -10.13 42.67 12.06
N ASP C 855 -9.77 41.85 11.07
CA ASP C 855 -9.34 40.49 11.29
C ASP C 855 -8.01 40.26 10.58
N GLU C 856 -7.22 39.32 11.11
CA GLU C 856 -5.93 39.00 10.53
C GLU C 856 -6.12 38.01 9.39
N LEU C 857 -5.84 38.44 8.18
CA LEU C 857 -5.91 37.62 6.98
C LEU C 857 -4.65 37.84 6.16
N PRO C 858 -4.27 36.86 5.33
CA PRO C 858 -3.05 37.01 4.52
C PRO C 858 -3.16 38.11 3.48
N ALA C 859 -2.08 38.33 2.73
CA ALA C 859 -2.02 39.43 1.79
C ALA C 859 -3.05 39.28 0.69
N GLY C 860 -3.88 40.30 0.51
CA GLY C 860 -4.85 40.34 -0.56
C GLY C 860 -6.13 39.56 -0.33
N VAL C 861 -6.27 38.91 0.81
CA VAL C 861 -7.47 38.13 1.12
C VAL C 861 -8.47 39.02 1.83
N ASN C 862 -9.62 39.25 1.19
CA ASN C 862 -10.61 40.19 1.71
C ASN C 862 -11.60 39.52 2.66
N GLU C 863 -12.07 38.32 2.34
CA GLU C 863 -13.04 37.67 3.20
C GLU C 863 -12.76 36.18 3.25
N LEU C 864 -13.08 35.54 4.38
CA LEU C 864 -12.83 34.13 4.58
C LEU C 864 -14.01 33.53 5.33
N VAL C 865 -14.57 32.44 4.80
CA VAL C 865 -15.74 31.82 5.41
C VAL C 865 -15.52 30.32 5.50
N ARG C 866 -15.73 29.77 6.69
CA ARG C 866 -15.71 28.33 6.95
C ARG C 866 -17.13 27.87 7.25
N VAL C 867 -17.50 26.74 6.66
CA VAL C 867 -18.80 26.10 6.85
C VAL C 867 -18.55 24.69 7.35
N TYR C 868 -19.18 24.32 8.46
CA TYR C 868 -18.99 23.00 9.05
C TYR C 868 -20.23 22.15 8.79
N VAL C 869 -20.01 20.95 8.25
CA VAL C 869 -21.09 20.04 7.89
C VAL C 869 -20.91 18.73 8.63
N ALA C 870 -21.98 18.23 9.23
CA ALA C 870 -21.93 16.97 9.96
C ALA C 870 -22.81 15.93 9.26
N GLN C 871 -22.37 14.68 9.37
CA GLN C 871 -23.08 13.53 8.82
C GLN C 871 -23.21 12.47 9.90
N LYS C 872 -24.40 11.89 10.01
CA LYS C 872 -24.64 10.72 10.85
C LYS C 872 -24.51 9.49 9.97
N ARG C 873 -23.38 8.80 10.09
CA ARG C 873 -23.13 7.60 9.29
C ARG C 873 -23.53 6.37 10.10
N LYS C 874 -24.54 5.65 9.61
CA LYS C 874 -24.83 4.34 10.18
C LYS C 874 -23.83 3.31 9.64
N ILE C 875 -23.81 2.15 10.28
CA ILE C 875 -22.95 1.08 9.79
C ILE C 875 -23.46 0.63 8.42
N SER C 876 -22.52 0.24 7.56
CA SER C 876 -22.86 0.01 6.16
C SER C 876 -21.96 -1.07 5.59
N ASP C 877 -22.32 -1.54 4.40
CA ASP C 877 -21.51 -2.51 3.68
C ASP C 877 -20.14 -1.90 3.37
N GLY C 878 -19.09 -2.67 3.59
CA GLY C 878 -17.74 -2.23 3.32
C GLY C 878 -17.08 -1.46 4.44
N ASP C 879 -17.84 -1.01 5.44
CA ASP C 879 -17.25 -0.41 6.63
C ASP C 879 -16.43 -1.46 7.38
N LYS C 880 -15.33 -1.01 7.99
CA LYS C 880 -14.34 -1.91 8.56
C LYS C 880 -14.57 -2.05 10.07
N LEU C 881 -14.84 -3.27 10.51
CA LEU C 881 -14.96 -3.62 11.92
C LEU C 881 -13.76 -4.45 12.34
N ALA C 882 -13.49 -4.48 13.64
CA ALA C 882 -12.40 -5.28 14.17
C ALA C 882 -12.54 -5.39 15.67
N GLY C 883 -12.13 -6.54 16.22
CA GLY C 883 -12.01 -6.72 17.64
C GLY C 883 -10.66 -6.27 18.15
N ARG C 884 -10.36 -6.65 19.39
CA ARG C 884 -9.11 -6.26 20.04
C ARG C 884 -7.98 -7.25 19.80
N HIS C 885 -8.22 -8.33 19.06
CA HIS C 885 -7.24 -9.40 18.89
C HIS C 885 -6.68 -9.47 17.47
N GLY C 886 -6.80 -8.38 16.70
CA GLY C 886 -6.30 -8.38 15.34
C GLY C 886 -7.22 -8.99 14.32
N ASN C 887 -8.44 -9.34 14.69
CA ASN C 887 -9.41 -9.94 13.77
C ASN C 887 -10.20 -8.82 13.10
N LYS C 888 -9.79 -8.45 11.89
CA LYS C 888 -10.41 -7.38 11.14
C LYS C 888 -11.35 -7.93 10.07
N GLY C 889 -12.23 -7.06 9.56
CA GLY C 889 -13.09 -7.46 8.47
C GLY C 889 -14.07 -6.40 8.02
N VAL C 890 -14.37 -6.37 6.74
CA VAL C 890 -15.39 -5.47 6.22
C VAL C 890 -16.73 -6.20 6.22
N ILE C 891 -17.81 -5.42 6.14
CA ILE C 891 -19.16 -5.96 6.27
C ILE C 891 -19.66 -6.33 4.88
N GLY C 892 -19.86 -7.63 4.65
CA GLY C 892 -20.34 -8.12 3.38
C GLY C 892 -21.83 -7.93 3.19
N LYS C 893 -22.61 -8.34 4.19
CA LYS C 893 -24.07 -8.25 4.08
C LYS C 893 -24.66 -7.96 5.46
N ILE C 894 -25.67 -7.10 5.47
CA ILE C 894 -26.45 -6.81 6.67
C ILE C 894 -27.84 -7.37 6.44
N LEU C 895 -28.14 -8.50 7.09
CA LEU C 895 -29.42 -9.16 6.90
C LEU C 895 -30.49 -8.54 7.79
N PRO C 896 -31.77 -8.66 7.40
CA PRO C 896 -32.85 -8.31 8.31
C PRO C 896 -32.77 -9.15 9.58
N VAL C 897 -33.37 -8.63 10.66
CA VAL C 897 -33.26 -9.28 11.96
C VAL C 897 -33.89 -10.66 11.96
N GLU C 898 -34.80 -10.94 11.02
CA GLU C 898 -35.42 -12.26 10.96
C GLU C 898 -34.50 -13.28 10.29
N ASP C 899 -33.80 -12.88 9.22
CA ASP C 899 -32.86 -13.79 8.57
C ASP C 899 -31.71 -14.19 9.48
N MET C 900 -31.44 -13.40 10.52
CA MET C 900 -30.35 -13.69 11.42
C MET C 900 -30.66 -14.93 12.25
N PRO C 901 -29.69 -15.85 12.40
CA PRO C 901 -29.89 -16.99 13.30
C PRO C 901 -30.07 -16.52 14.73
N PHE C 902 -31.02 -17.15 15.43
CA PHE C 902 -31.42 -16.72 16.76
C PHE C 902 -31.32 -17.86 17.75
N LEU C 903 -31.19 -17.50 19.02
CA LEU C 903 -31.10 -18.49 20.09
C LEU C 903 -32.47 -19.14 20.30
N ALA C 904 -32.54 -19.99 21.33
CA ALA C 904 -33.76 -20.74 21.61
C ALA C 904 -34.92 -19.82 21.94
N ASP C 905 -34.66 -18.78 22.75
CA ASP C 905 -35.71 -17.86 23.18
C ASP C 905 -35.99 -16.75 22.18
N GLY C 906 -35.45 -16.85 20.97
CA GLY C 906 -35.74 -15.88 19.92
C GLY C 906 -34.83 -14.68 19.87
N THR C 907 -33.77 -14.65 20.69
CA THR C 907 -32.81 -13.55 20.66
C THR C 907 -31.87 -13.73 19.48
N PRO C 908 -31.94 -12.88 18.46
CA PRO C 908 -31.05 -13.03 17.31
C PRO C 908 -29.65 -12.57 17.63
N VAL C 909 -28.68 -13.21 16.97
CA VAL C 909 -27.30 -12.75 17.11
C VAL C 909 -27.12 -11.44 16.37
N ASP C 910 -26.06 -10.72 16.72
CA ASP C 910 -25.80 -9.41 16.14
C ASP C 910 -24.75 -9.43 15.04
N ILE C 911 -23.80 -10.35 15.12
CA ILE C 911 -22.69 -10.41 14.16
C ILE C 911 -22.27 -11.86 14.01
N ILE C 912 -21.96 -12.26 12.78
CA ILE C 912 -21.61 -13.64 12.48
C ILE C 912 -20.19 -13.66 11.91
N LEU C 913 -19.25 -14.20 12.69
CA LEU C 913 -17.85 -14.29 12.29
C LEU C 913 -17.55 -15.70 11.80
N ASN C 914 -16.91 -15.79 10.63
CA ASN C 914 -16.66 -17.09 10.02
C ASN C 914 -15.64 -17.88 10.84
N THR C 915 -15.78 -19.21 10.78
CA THR C 915 -14.92 -20.08 11.58
C THR C 915 -13.52 -20.18 10.99
N HIS C 916 -13.41 -20.31 9.66
CA HIS C 916 -12.13 -20.56 9.02
C HIS C 916 -11.10 -19.49 9.35
N GLY C 917 -11.52 -18.29 9.72
CA GLY C 917 -10.57 -17.25 10.05
C GLY C 917 -9.84 -17.50 11.35
N VAL C 918 -10.55 -17.94 12.38
CA VAL C 918 -10.03 -17.95 13.75
C VAL C 918 -8.75 -18.77 13.91
N PRO C 919 -8.73 -20.07 13.60
CA PRO C 919 -7.59 -20.89 14.06
C PRO C 919 -6.28 -20.60 13.35
N ARG C 920 -6.31 -20.14 12.10
CA ARG C 920 -5.06 -19.98 11.35
C ARG C 920 -4.35 -18.66 11.64
N ARG C 921 -5.03 -17.69 12.24
CA ARG C 921 -4.38 -16.43 12.59
C ARG C 921 -3.67 -16.48 13.93
N MET C 922 -3.94 -17.48 14.75
CA MET C 922 -3.35 -17.61 16.09
C MET C 922 -3.76 -16.46 16.99
N ASN C 923 -5.04 -16.08 16.94
CA ASN C 923 -5.65 -15.24 17.96
C ASN C 923 -6.81 -16.01 18.55
N ILE C 924 -6.50 -16.90 19.51
CA ILE C 924 -7.55 -17.61 20.23
C ILE C 924 -8.13 -16.75 21.34
N GLY C 925 -7.50 -15.61 21.65
CA GLY C 925 -8.02 -14.72 22.64
C GLY C 925 -9.43 -14.24 22.35
N GLN C 926 -9.83 -14.24 21.07
CA GLN C 926 -11.17 -13.80 20.74
C GLN C 926 -12.21 -14.81 21.21
N ILE C 927 -11.90 -16.11 21.13
CA ILE C 927 -12.83 -17.12 21.62
C ILE C 927 -12.97 -17.04 23.13
N LEU C 928 -11.86 -16.87 23.84
CA LEU C 928 -11.93 -16.74 25.29
C LEU C 928 -12.69 -15.48 25.68
N GLU C 929 -12.45 -14.37 24.98
CA GLU C 929 -13.20 -13.14 25.22
C GLU C 929 -14.69 -13.38 24.99
N THR C 930 -15.04 -14.15 23.96
CA THR C 930 -16.45 -14.42 23.68
C THR C 930 -17.09 -15.24 24.80
N HIS C 931 -16.38 -16.27 25.28
CA HIS C 931 -16.90 -17.07 26.39
C HIS C 931 -17.10 -16.22 27.63
N LEU C 932 -16.07 -15.45 28.02
CA LEU C 932 -16.18 -14.61 29.20
C LEU C 932 -17.24 -13.53 29.03
N GLY C 933 -17.44 -13.06 27.79
CA GLY C 933 -18.47 -12.06 27.55
C GLY C 933 -19.86 -12.63 27.74
N TRP C 934 -20.09 -13.85 27.29
CA TRP C 934 -21.39 -14.47 27.61
C TRP C 934 -21.53 -14.70 29.10
N CYS C 935 -20.45 -15.12 29.77
CA CYS C 935 -20.50 -15.34 31.21
C CYS C 935 -20.88 -14.05 31.95
N ALA C 936 -20.31 -12.92 31.54
CA ALA C 936 -20.62 -11.63 32.16
C ALA C 936 -21.98 -11.11 31.75
N HIS C 937 -22.47 -11.48 30.56
CA HIS C 937 -23.78 -11.01 30.13
C HIS C 937 -24.90 -11.73 30.85
N SER C 938 -24.74 -13.04 31.07
CA SER C 938 -25.77 -13.81 31.74
C SER C 938 -25.56 -13.92 33.25
N GLY C 939 -24.38 -13.56 33.75
CA GLY C 939 -24.09 -13.68 35.17
C GLY C 939 -23.79 -15.12 35.55
N TRP C 940 -23.35 -15.35 36.79
CA TRP C 940 -23.06 -16.71 37.23
C TRP C 940 -23.09 -16.77 38.75
N LYS C 941 -23.10 -17.99 39.26
CA LYS C 941 -22.96 -18.24 40.70
C LYS C 941 -22.24 -19.56 40.88
N VAL C 942 -21.02 -19.52 41.42
CA VAL C 942 -20.31 -20.75 41.71
C VAL C 942 -21.04 -21.49 42.83
N ASP C 943 -21.15 -22.81 42.67
CA ASP C 943 -21.92 -23.63 43.60
C ASP C 943 -21.27 -23.62 44.98
N ALA C 944 -21.93 -22.96 45.94
CA ALA C 944 -21.39 -22.83 47.29
C ALA C 944 -21.59 -24.08 48.14
N ALA C 945 -22.43 -25.02 47.69
CA ALA C 945 -22.64 -26.25 48.44
C ALA C 945 -21.35 -27.06 48.47
N LYS C 946 -20.92 -27.46 49.67
CA LYS C 946 -19.68 -28.19 49.89
C LYS C 946 -18.47 -27.38 49.41
N GLY C 947 -18.29 -26.22 50.03
CA GLY C 947 -17.13 -25.37 49.85
C GLY C 947 -16.92 -24.87 48.42
N VAL C 948 -15.71 -24.40 48.19
CA VAL C 948 -15.30 -23.84 46.90
C VAL C 948 -14.61 -24.94 46.09
N PRO C 949 -15.04 -25.19 44.85
CA PRO C 949 -14.38 -26.21 44.02
C PRO C 949 -12.89 -25.93 43.83
N ASP C 950 -12.19 -26.94 43.31
CA ASP C 950 -10.74 -26.86 43.18
C ASP C 950 -10.31 -25.80 42.18
N TRP C 951 -11.08 -25.61 41.11
CA TRP C 951 -10.70 -24.63 40.09
C TRP C 951 -10.96 -23.20 40.58
N ALA C 952 -12.06 -22.98 41.28
CA ALA C 952 -12.42 -21.66 41.79
C ALA C 952 -11.70 -21.32 43.08
N ALA C 953 -10.76 -22.15 43.53
CA ALA C 953 -10.08 -21.88 44.79
C ALA C 953 -8.94 -20.89 44.61
N ARG C 954 -8.15 -21.05 43.54
CA ARG C 954 -6.94 -20.25 43.38
C ARG C 954 -7.22 -18.76 43.22
N LEU C 955 -7.83 -18.37 42.10
CA LEU C 955 -8.04 -16.96 41.81
C LEU C 955 -9.28 -16.34 42.45
N PRO C 956 -10.48 -16.87 42.21
CA PRO C 956 -11.69 -16.07 42.45
C PRO C 956 -11.98 -15.90 43.93
N ASP C 957 -12.18 -14.65 44.35
CA ASP C 957 -12.65 -14.35 45.69
C ASP C 957 -14.00 -13.66 45.68
N GLU C 958 -14.12 -12.53 44.98
CA GLU C 958 -15.39 -11.83 44.81
C GLU C 958 -16.07 -12.19 43.50
N LEU C 959 -15.47 -13.07 42.71
CA LEU C 959 -16.01 -13.50 41.43
C LEU C 959 -16.82 -14.78 41.52
N LEU C 960 -17.08 -15.27 42.74
CA LEU C 960 -17.87 -16.49 42.89
C LEU C 960 -19.32 -16.30 42.46
N GLU C 961 -19.81 -15.06 42.42
CA GLU C 961 -21.10 -14.76 41.83
C GLU C 961 -21.01 -13.41 41.12
N ALA C 962 -21.89 -13.22 40.14
CA ALA C 962 -21.93 -11.98 39.38
C ALA C 962 -23.31 -11.82 38.76
N GLN C 963 -23.84 -10.61 38.83
CA GLN C 963 -25.15 -10.33 38.28
C GLN C 963 -25.09 -10.20 36.77
N PRO C 964 -26.23 -10.28 36.07
CA PRO C 964 -26.22 -10.09 34.62
C PRO C 964 -25.66 -8.72 34.23
N ASN C 965 -24.99 -8.69 33.08
CA ASN C 965 -24.33 -7.48 32.56
C ASN C 965 -23.28 -6.97 33.53
N ALA C 966 -22.54 -7.88 34.16
CA ALA C 966 -21.48 -7.48 35.05
C ALA C 966 -20.29 -6.94 34.26
N ILE C 967 -19.47 -6.14 34.92
CA ILE C 967 -18.28 -5.54 34.33
C ILE C 967 -17.07 -6.18 34.99
N VAL C 968 -16.21 -6.80 34.17
CA VAL C 968 -15.09 -7.60 34.65
C VAL C 968 -13.84 -7.20 33.89
N SER C 969 -12.68 -7.53 34.47
CA SER C 969 -11.40 -7.22 33.85
C SER C 969 -10.45 -8.39 34.00
N THR C 970 -9.78 -8.77 32.90
CA THR C 970 -8.75 -9.81 32.90
C THR C 970 -7.41 -9.17 32.55
N PRO C 971 -6.62 -8.76 33.55
CA PRO C 971 -5.31 -8.20 33.25
C PRO C 971 -4.44 -9.16 32.46
N VAL C 972 -3.65 -8.61 31.54
CA VAL C 972 -2.79 -9.44 30.71
C VAL C 972 -1.66 -10.01 31.56
N PHE C 973 -1.19 -11.21 31.18
CA PHE C 973 -0.22 -11.97 31.97
C PHE C 973 -0.73 -12.21 33.39
N ASP C 974 -2.05 -12.28 33.51
CA ASP C 974 -2.77 -12.44 34.76
C ASP C 974 -4.21 -12.77 34.36
N GLY C 975 -5.13 -12.73 35.31
CA GLY C 975 -6.53 -12.82 34.96
C GLY C 975 -7.04 -14.24 34.82
N ALA C 976 -8.10 -14.37 34.03
CA ALA C 976 -8.85 -15.63 33.96
C ALA C 976 -7.99 -16.74 33.36
N GLN C 977 -7.79 -17.80 34.13
CA GLN C 977 -7.17 -19.00 33.61
C GLN C 977 -8.21 -19.84 32.87
N GLU C 978 -7.72 -20.76 32.04
CA GLU C 978 -8.61 -21.53 31.20
C GLU C 978 -9.58 -22.37 32.03
N ALA C 979 -9.08 -22.99 33.10
CA ALA C 979 -9.94 -23.80 33.96
C ALA C 979 -11.04 -22.96 34.61
N GLU C 980 -10.71 -21.71 34.96
CA GLU C 980 -11.70 -20.84 35.59
C GLU C 980 -12.80 -20.44 34.60
N LEU C 981 -12.42 -20.18 33.35
CA LEU C 981 -13.43 -19.92 32.32
C LEU C 981 -14.29 -21.16 32.08
N GLN C 982 -13.67 -22.34 32.06
CA GLN C 982 -14.43 -23.57 31.88
C GLN C 982 -15.43 -23.75 33.02
N GLY C 983 -15.01 -23.48 34.24
CA GLY C 983 -15.93 -23.58 35.37
C GLY C 983 -17.05 -22.55 35.30
N LEU C 984 -16.72 -21.32 34.92
CA LEU C 984 -17.75 -20.29 34.81
C LEU C 984 -18.77 -20.61 33.72
N LEU C 985 -18.34 -21.31 32.66
CA LEU C 985 -19.28 -21.68 31.61
C LEU C 985 -20.35 -22.64 32.09
N SER C 986 -20.19 -23.23 33.27
CA SER C 986 -21.21 -24.11 33.85
C SER C 986 -22.12 -23.40 34.83
N CYS C 987 -21.65 -22.33 35.47
CA CYS C 987 -22.43 -21.59 36.45
C CYS C 987 -23.34 -20.54 35.80
N THR C 988 -23.52 -20.59 34.48
CA THR C 988 -24.29 -19.58 33.77
C THR C 988 -25.72 -19.52 34.31
N LEU C 989 -26.09 -18.34 34.84
CA LEU C 989 -27.46 -18.15 35.31
C LEU C 989 -28.43 -18.28 34.15
N PRO C 990 -29.63 -18.79 34.40
CA PRO C 990 -30.63 -18.90 33.33
C PRO C 990 -31.11 -17.52 32.89
N ASN C 991 -31.88 -17.52 31.81
CA ASN C 991 -32.52 -16.30 31.34
C ASN C 991 -33.79 -16.08 32.16
N ARG C 992 -34.64 -15.14 31.71
CA ARG C 992 -35.88 -14.86 32.43
C ARG C 992 -36.82 -16.06 32.46
N ASP C 993 -36.64 -17.02 31.58
CA ASP C 993 -37.52 -18.19 31.49
C ASP C 993 -36.94 -19.43 32.15
N GLY C 994 -35.84 -19.29 32.88
CA GLY C 994 -35.23 -20.43 33.55
C GLY C 994 -34.35 -21.29 32.68
N ASP C 995 -34.26 -21.00 31.39
CA ASP C 995 -33.45 -21.79 30.47
C ASP C 995 -31.99 -21.31 30.50
N VAL C 996 -31.06 -22.26 30.45
CA VAL C 996 -29.64 -21.96 30.28
C VAL C 996 -29.35 -22.11 28.80
N LEU C 997 -29.17 -20.97 28.11
CA LEU C 997 -29.07 -20.96 26.66
C LEU C 997 -27.73 -21.47 26.15
N VAL C 998 -26.67 -21.30 26.94
CA VAL C 998 -25.32 -21.68 26.53
C VAL C 998 -24.84 -22.79 27.44
N ASP C 999 -24.43 -23.91 26.84
CA ASP C 999 -23.97 -25.08 27.59
C ASP C 999 -22.56 -24.84 28.13
N ALA C 1000 -21.95 -25.88 28.68
CA ALA C 1000 -20.62 -25.76 29.27
C ALA C 1000 -19.51 -25.76 28.22
N ASP C 1001 -19.82 -26.09 26.97
CA ASP C 1001 -18.86 -25.96 25.88
C ASP C 1001 -18.85 -24.58 25.26
N GLY C 1002 -19.70 -23.67 25.75
CA GLY C 1002 -19.83 -22.35 25.18
C GLY C 1002 -20.67 -22.27 23.93
N LYS C 1003 -21.22 -23.39 23.46
CA LYS C 1003 -22.02 -23.43 22.25
C LYS C 1003 -23.50 -23.33 22.59
N ALA C 1004 -24.31 -23.21 21.54
CA ALA C 1004 -25.75 -23.09 21.70
C ALA C 1004 -26.44 -23.48 20.40
N MET C 1005 -27.65 -24.01 20.52
CA MET C 1005 -28.43 -24.39 19.34
C MET C 1005 -29.10 -23.16 18.76
N LEU C 1006 -28.80 -22.87 17.49
CA LEU C 1006 -29.36 -21.72 16.80
C LEU C 1006 -30.35 -22.18 15.74
N PHE C 1007 -31.28 -21.30 15.40
CA PHE C 1007 -32.32 -21.59 14.42
C PHE C 1007 -32.11 -20.72 13.19
N ASP C 1008 -32.07 -21.35 12.02
CA ASP C 1008 -31.92 -20.62 10.77
C ASP C 1008 -33.17 -19.78 10.52
N GLY C 1009 -33.02 -18.46 10.60
CA GLY C 1009 -34.13 -17.55 10.43
C GLY C 1009 -34.72 -17.47 9.05
N ARG C 1010 -34.15 -18.18 8.07
CA ARG C 1010 -34.64 -18.17 6.70
C ARG C 1010 -35.57 -19.35 6.40
N SER C 1011 -35.12 -20.57 6.71
CA SER C 1011 -35.94 -21.76 6.51
C SER C 1011 -36.77 -22.07 7.75
N GLY C 1012 -36.14 -22.04 8.93
CA GLY C 1012 -36.80 -22.32 10.19
C GLY C 1012 -36.23 -23.53 10.91
N GLU C 1013 -35.75 -24.52 10.16
CA GLU C 1013 -35.18 -25.69 10.78
C GLU C 1013 -33.95 -25.30 11.61
N PRO C 1014 -33.80 -25.85 12.81
CA PRO C 1014 -32.63 -25.51 13.62
C PRO C 1014 -31.35 -26.03 12.99
N PHE C 1015 -30.28 -25.26 13.19
CA PHE C 1015 -28.98 -25.70 12.67
C PHE C 1015 -28.57 -27.00 13.35
N PRO C 1016 -28.00 -27.94 12.60
CA PRO C 1016 -27.76 -29.28 13.18
C PRO C 1016 -26.84 -29.27 14.38
N TYR C 1017 -25.67 -28.68 14.24
CA TYR C 1017 -24.68 -28.76 15.31
C TYR C 1017 -24.73 -27.51 16.18
N PRO C 1018 -24.27 -27.61 17.43
CA PRO C 1018 -24.22 -26.42 18.28
C PRO C 1018 -23.09 -25.48 17.87
N VAL C 1019 -23.39 -24.19 17.88
CA VAL C 1019 -22.48 -23.14 17.39
C VAL C 1019 -22.05 -22.29 18.58
N THR C 1020 -20.76 -21.94 18.61
CA THR C 1020 -20.23 -21.12 19.68
C THR C 1020 -20.79 -19.71 19.59
N VAL C 1021 -21.56 -19.30 20.60
CA VAL C 1021 -22.13 -17.96 20.67
C VAL C 1021 -21.63 -17.29 21.95
N GLY C 1022 -21.65 -15.96 21.93
CA GLY C 1022 -21.22 -15.20 23.10
C GLY C 1022 -21.23 -13.71 22.79
N TYR C 1023 -20.51 -12.94 23.60
CA TYR C 1023 -20.46 -11.50 23.46
C TYR C 1023 -19.02 -11.06 23.25
N MET C 1024 -18.80 -10.25 22.22
CA MET C 1024 -17.46 -9.80 21.86
C MET C 1024 -17.47 -8.29 21.68
N TYR C 1025 -16.33 -7.66 21.98
CA TYR C 1025 -16.16 -6.23 21.84
C TYR C 1025 -15.73 -5.92 20.41
N ILE C 1026 -16.60 -5.25 19.67
CA ILE C 1026 -16.39 -4.96 18.25
C ILE C 1026 -16.25 -3.45 18.09
N MET C 1027 -15.26 -3.02 17.31
CA MET C 1027 -14.96 -1.62 17.06
C MET C 1027 -15.36 -1.24 15.63
N LYS C 1028 -15.59 0.05 15.44
CA LYS C 1028 -15.84 0.62 14.11
C LYS C 1028 -14.58 1.37 13.70
N LEU C 1029 -13.75 0.73 12.88
CA LEU C 1029 -12.52 1.36 12.43
C LEU C 1029 -12.83 2.51 11.47
N HIS C 1030 -11.88 3.47 11.40
CA HIS C 1030 -12.06 4.65 10.57
C HIS C 1030 -11.67 4.36 9.12
N HIS C 1031 -12.36 3.38 8.54
CA HIS C 1031 -12.18 3.01 7.13
C HIS C 1031 -13.58 2.67 6.60
N LEU C 1032 -14.25 3.67 6.04
CA LEU C 1032 -15.65 3.56 5.65
C LEU C 1032 -15.78 3.76 4.15
N VAL C 1033 -16.80 3.13 3.56
CA VAL C 1033 -17.01 3.23 2.12
C VAL C 1033 -17.32 4.67 1.72
N ASP C 1034 -18.01 5.41 2.58
CA ASP C 1034 -18.34 6.79 2.26
C ASP C 1034 -17.09 7.65 2.05
N ASP C 1035 -15.96 7.23 2.61
CA ASP C 1035 -14.69 7.94 2.45
C ASP C 1035 -13.83 7.40 1.32
N LYS C 1036 -14.08 6.16 0.87
CA LYS C 1036 -13.17 5.49 -0.05
C LYS C 1036 -13.72 5.36 -1.46
N ILE C 1037 -15.04 5.25 -1.64
CA ILE C 1037 -15.58 5.10 -2.99
C ILE C 1037 -15.25 6.34 -3.80
N HIS C 1038 -14.84 6.13 -5.05
CA HIS C 1038 -14.46 7.24 -5.91
C HIS C 1038 -14.50 6.77 -7.35
N ALA C 1039 -14.88 7.69 -8.24
CA ALA C 1039 -14.95 7.41 -9.66
C ALA C 1039 -14.80 8.72 -10.41
N ARG C 1040 -14.31 8.63 -11.65
CA ARG C 1040 -14.02 9.81 -12.43
C ARG C 1040 -14.11 9.45 -13.91
N SER C 1041 -15.12 9.98 -14.59
CA SER C 1041 -15.16 9.86 -16.05
C SER C 1041 -14.15 10.81 -16.69
N THR C 1042 -14.22 12.08 -16.32
CA THR C 1042 -13.33 13.10 -16.85
C THR C 1042 -13.26 14.24 -15.86
N GLY C 1043 -12.05 14.75 -15.63
CA GLY C 1043 -11.86 15.83 -14.67
C GLY C 1043 -10.64 16.66 -14.97
N PRO C 1044 -10.02 17.22 -13.93
CA PRO C 1044 -8.85 18.07 -14.15
C PRO C 1044 -7.62 17.27 -14.53
N TYR C 1045 -6.69 17.95 -15.18
CA TYR C 1045 -5.41 17.39 -15.58
C TYR C 1045 -4.28 18.29 -15.10
N SER C 1046 -3.16 17.68 -14.74
CA SER C 1046 -1.98 18.44 -14.37
C SER C 1046 -1.41 19.14 -15.60
N MET C 1047 -1.25 20.45 -15.51
CA MET C 1047 -0.88 21.26 -16.69
C MET C 1047 0.56 21.04 -17.16
N ILE C 1048 1.32 20.10 -16.60
CA ILE C 1048 2.70 19.89 -17.04
C ILE C 1048 2.73 18.69 -17.97
N THR C 1049 2.31 17.52 -17.47
CA THR C 1049 2.29 16.31 -18.26
C THR C 1049 0.95 16.03 -18.92
N GLN C 1050 -0.08 16.83 -18.62
CA GLN C 1050 -1.42 16.68 -19.18
C GLN C 1050 -2.03 15.31 -18.90
N GLN C 1051 -1.57 14.65 -17.85
CA GLN C 1051 -2.21 13.41 -17.41
C GLN C 1051 -3.28 13.72 -16.39
N PRO C 1052 -4.23 12.81 -16.18
CA PRO C 1052 -5.24 13.01 -15.13
C PRO C 1052 -4.58 13.21 -13.77
N LEU C 1053 -5.24 14.03 -12.95
CA LEU C 1053 -4.71 14.29 -11.62
C LEU C 1053 -4.83 13.05 -10.74
N GLY C 1054 -4.29 13.15 -9.54
CA GLY C 1054 -4.27 12.02 -8.62
C GLY C 1054 -4.80 12.40 -7.27
N GLY C 1055 -5.56 11.50 -6.68
CA GLY C 1055 -6.14 11.72 -5.36
C GLY C 1055 -7.65 11.87 -5.46
N LYS C 1056 -8.36 11.25 -4.51
CA LYS C 1056 -9.82 11.37 -4.47
C LYS C 1056 -10.25 12.81 -4.21
N ALA C 1057 -9.45 13.57 -3.45
CA ALA C 1057 -9.81 14.94 -3.13
C ALA C 1057 -9.76 15.85 -4.36
N GLN C 1058 -8.84 15.58 -5.28
CA GLN C 1058 -8.72 16.35 -6.51
C GLN C 1058 -9.54 15.79 -7.65
N PHE C 1059 -10.45 14.86 -7.37
CA PHE C 1059 -11.24 14.18 -8.40
C PHE C 1059 -10.31 13.61 -9.48
N GLY C 1060 -9.34 12.82 -9.02
CA GLY C 1060 -8.31 12.30 -9.88
C GLY C 1060 -8.59 10.88 -10.36
N GLY C 1061 -7.89 10.50 -11.42
CA GLY C 1061 -8.03 9.18 -11.99
C GLY C 1061 -7.16 8.16 -11.32
N GLN C 1062 -7.41 6.89 -11.65
CA GLN C 1062 -6.65 5.78 -11.09
C GLN C 1062 -5.42 5.51 -11.94
N ARG C 1063 -4.31 5.23 -11.27
CA ARG C 1063 -3.05 5.01 -11.96
C ARG C 1063 -3.03 3.62 -12.60
N PHE C 1064 -2.68 3.58 -13.89
CA PHE C 1064 -2.46 2.33 -14.60
C PHE C 1064 -0.96 2.13 -14.68
N GLY C 1065 -0.39 1.55 -13.62
CA GLY C 1065 1.05 1.49 -13.46
C GLY C 1065 1.72 0.58 -14.47
N GLU C 1066 3.03 0.39 -14.24
CA GLU C 1066 3.83 -0.43 -15.15
C GLU C 1066 3.38 -1.89 -15.12
N MET C 1067 3.12 -2.43 -13.93
CA MET C 1067 2.73 -3.83 -13.83
C MET C 1067 1.36 -4.06 -14.45
N GLU C 1068 0.47 -3.08 -14.38
CA GLU C 1068 -0.82 -3.21 -15.04
C GLU C 1068 -0.65 -3.28 -16.56
N CYS C 1069 0.31 -2.51 -17.10
CA CYS C 1069 0.61 -2.61 -18.52
C CYS C 1069 1.23 -3.95 -18.86
N TRP C 1070 2.07 -4.49 -17.98
CA TRP C 1070 2.60 -5.84 -18.19
C TRP C 1070 1.47 -6.84 -18.29
N ALA C 1071 0.49 -6.75 -17.38
CA ALA C 1071 -0.65 -7.67 -17.42
C ALA C 1071 -1.46 -7.50 -18.70
N MET C 1072 -1.69 -6.25 -19.11
CA MET C 1072 -2.44 -6.00 -20.33
C MET C 1072 -1.72 -6.55 -21.55
N GLN C 1073 -0.39 -6.47 -21.57
CA GLN C 1073 0.38 -7.04 -22.68
C GLN C 1073 0.35 -8.56 -22.64
N ALA C 1074 0.53 -9.15 -21.46
CA ALA C 1074 0.47 -10.60 -21.34
C ALA C 1074 -0.88 -11.13 -21.80
N TYR C 1075 -1.96 -10.38 -21.57
CA TYR C 1075 -3.23 -10.74 -22.16
C TYR C 1075 -3.21 -10.60 -23.68
N GLY C 1076 -2.44 -9.66 -24.19
CA GLY C 1076 -2.43 -9.36 -25.61
C GLY C 1076 -3.48 -8.37 -26.06
N ALA C 1077 -4.14 -7.70 -25.12
CA ALA C 1077 -5.17 -6.71 -25.44
C ALA C 1077 -4.48 -5.41 -25.83
N ALA C 1078 -4.09 -5.31 -27.10
CA ALA C 1078 -3.33 -4.16 -27.55
C ALA C 1078 -4.18 -2.89 -27.60
N TYR C 1079 -5.40 -3.00 -28.12
CA TYR C 1079 -6.26 -1.82 -28.26
C TYR C 1079 -6.65 -1.27 -26.89
N THR C 1080 -6.87 -2.14 -25.91
CA THR C 1080 -7.17 -1.68 -24.56
C THR C 1080 -5.99 -0.89 -24.00
N LEU C 1081 -4.78 -1.42 -24.13
CA LEU C 1081 -3.60 -0.75 -23.61
C LEU C 1081 -3.36 0.59 -24.31
N GLN C 1082 -3.60 0.64 -25.62
CA GLN C 1082 -3.47 1.91 -26.33
C GLN C 1082 -4.51 2.91 -25.86
N GLU C 1083 -5.76 2.47 -25.71
CA GLU C 1083 -6.82 3.36 -25.27
C GLU C 1083 -6.53 3.91 -23.87
N LEU C 1084 -5.94 3.09 -23.00
CA LEU C 1084 -5.66 3.53 -21.64
C LEU C 1084 -4.55 4.57 -21.61
N LEU C 1085 -3.57 4.45 -22.50
CA LEU C 1085 -2.39 5.30 -22.45
C LEU C 1085 -2.46 6.49 -23.38
N THR C 1086 -3.40 6.53 -24.33
CA THR C 1086 -3.46 7.62 -25.29
C THR C 1086 -4.72 8.47 -25.15
N ILE C 1087 -5.91 7.89 -25.33
CA ILE C 1087 -7.13 8.70 -25.35
C ILE C 1087 -7.73 8.89 -23.97
N LYS C 1088 -7.24 8.17 -22.97
CA LYS C 1088 -7.69 8.36 -21.59
C LYS C 1088 -6.74 9.20 -20.76
N SER C 1089 -5.47 9.32 -21.17
CA SER C 1089 -4.46 9.96 -20.34
C SER C 1089 -3.88 11.22 -20.97
N ASP C 1090 -3.30 11.14 -22.15
CA ASP C 1090 -2.41 12.17 -22.65
C ASP C 1090 -2.91 12.91 -23.88
N ASP C 1091 -3.63 12.25 -24.80
CA ASP C 1091 -4.09 12.88 -26.02
C ASP C 1091 -4.99 14.07 -25.69
N THR C 1092 -4.53 15.29 -26.00
CA THR C 1092 -5.30 16.49 -25.69
C THR C 1092 -6.42 16.73 -26.71
N VAL C 1093 -6.21 16.31 -27.96
CA VAL C 1093 -7.27 16.40 -28.97
C VAL C 1093 -8.07 15.11 -29.08
N GLY C 1094 -7.60 14.02 -28.49
CA GLY C 1094 -8.28 12.74 -28.59
C GLY C 1094 -9.28 12.50 -27.48
N ARG C 1095 -9.04 13.06 -26.29
CA ARG C 1095 -9.99 12.88 -25.20
C ARG C 1095 -11.28 13.67 -25.44
N VAL C 1096 -11.15 14.92 -25.88
CA VAL C 1096 -12.33 15.70 -26.22
C VAL C 1096 -13.04 15.09 -27.41
N LYS C 1097 -12.29 14.51 -28.35
CA LYS C 1097 -12.89 13.81 -29.47
C LYS C 1097 -13.68 12.59 -29.00
N VAL C 1098 -13.13 11.85 -28.03
CA VAL C 1098 -13.81 10.67 -27.50
C VAL C 1098 -15.10 11.08 -26.80
N TYR C 1099 -15.05 12.15 -26.00
CA TYR C 1099 -16.26 12.61 -25.33
C TYR C 1099 -17.30 13.05 -26.36
N GLU C 1100 -16.88 13.78 -27.39
CA GLU C 1100 -17.80 14.23 -28.42
C GLU C 1100 -18.38 13.07 -29.21
N ALA C 1101 -17.63 11.98 -29.35
CA ALA C 1101 -18.13 10.82 -30.09
C ALA C 1101 -19.10 10.00 -29.26
N ILE C 1102 -18.83 9.86 -27.95
CA ILE C 1102 -19.75 9.13 -27.09
C ILE C 1102 -21.04 9.92 -26.91
N VAL C 1103 -20.96 11.24 -26.83
CA VAL C 1103 -22.16 12.06 -26.66
C VAL C 1103 -23.08 11.92 -27.87
N LYS C 1104 -22.51 11.91 -29.08
CA LYS C 1104 -23.30 11.79 -30.30
C LYS C 1104 -23.48 10.36 -30.76
N GLY C 1105 -23.07 9.38 -29.96
CA GLY C 1105 -23.32 7.98 -30.28
C GLY C 1105 -22.57 7.47 -31.49
N GLU C 1106 -21.39 8.01 -31.78
CA GLU C 1106 -20.58 7.59 -32.91
C GLU C 1106 -19.46 6.66 -32.44
N ASN C 1107 -18.70 6.14 -33.38
CA ASN C 1107 -17.59 5.26 -33.06
C ASN C 1107 -16.44 6.05 -32.44
N ILE C 1108 -15.61 5.35 -31.69
CA ILE C 1108 -14.47 5.97 -31.01
C ILE C 1108 -13.38 6.24 -32.04
N PRO C 1109 -12.83 7.46 -32.12
CA PRO C 1109 -11.83 7.76 -33.14
C PRO C 1109 -10.48 7.10 -32.88
N GLU C 1110 -9.51 7.35 -33.75
CA GLU C 1110 -8.19 6.75 -33.61
C GLU C 1110 -7.32 7.60 -32.70
N PRO C 1111 -6.59 6.97 -31.79
CA PRO C 1111 -5.76 7.73 -30.83
C PRO C 1111 -4.60 8.43 -31.53
N GLY C 1112 -4.15 9.50 -30.88
CA GLY C 1112 -3.04 10.28 -31.40
C GLY C 1112 -1.73 10.02 -30.70
N ILE C 1113 -1.04 11.08 -30.30
CA ILE C 1113 0.29 11.02 -29.72
C ILE C 1113 0.22 11.47 -28.27
N PRO C 1114 0.84 10.75 -27.33
CA PRO C 1114 0.84 11.20 -25.93
C PRO C 1114 1.64 12.49 -25.76
N GLU C 1115 1.05 13.45 -25.05
CA GLU C 1115 1.73 14.72 -24.82
C GLU C 1115 2.97 14.55 -23.95
N SER C 1116 2.95 13.60 -23.02
CA SER C 1116 4.13 13.36 -22.19
C SER C 1116 5.32 12.92 -23.02
N PHE C 1117 5.08 12.31 -24.18
CA PHE C 1117 6.18 11.98 -25.08
C PHE C 1117 6.81 13.24 -25.67
N LYS C 1118 5.98 14.21 -26.06
CA LYS C 1118 6.51 15.50 -26.50
C LYS C 1118 7.30 16.17 -25.39
N VAL C 1119 6.81 16.05 -24.14
CA VAL C 1119 7.54 16.65 -23.02
C VAL C 1119 8.88 15.94 -22.84
N LEU C 1120 8.91 14.62 -23.00
CA LEU C 1120 10.17 13.89 -22.93
C LEU C 1120 11.14 14.36 -24.02
N LEU C 1121 10.63 14.56 -25.24
CA LEU C 1121 11.48 15.04 -26.32
C LEU C 1121 12.05 16.42 -26.00
N LYS C 1122 11.22 17.33 -25.49
CA LYS C 1122 11.71 18.66 -25.16
C LYS C 1122 12.74 18.61 -24.03
N GLU C 1123 12.53 17.74 -23.04
CA GLU C 1123 13.49 17.63 -21.95
C GLU C 1123 14.79 17.00 -22.40
N LEU C 1124 14.74 16.10 -23.39
CA LEU C 1124 15.97 15.60 -23.98
C LEU C 1124 16.70 16.70 -24.75
N GLN C 1125 15.94 17.53 -25.47
CA GLN C 1125 16.55 18.68 -26.14
C GLN C 1125 17.21 19.62 -25.14
N SER C 1126 16.64 19.72 -23.93
CA SER C 1126 17.24 20.56 -22.89
C SER C 1126 18.60 20.04 -22.45
N LEU C 1127 18.90 18.77 -22.71
CA LEU C 1127 20.18 18.16 -22.35
C LEU C 1127 21.16 18.12 -23.52
N CYS C 1128 20.99 19.02 -24.49
CA CYS C 1128 21.85 19.07 -25.68
C CYS C 1128 21.83 17.74 -26.43
N LEU C 1129 20.65 17.12 -26.53
CA LEU C 1129 20.47 15.88 -27.26
C LEU C 1129 19.51 16.16 -28.42
N ASN C 1130 20.03 16.07 -29.65
CA ASN C 1130 19.24 16.35 -30.84
C ASN C 1130 18.37 15.12 -31.15
N VAL C 1131 17.14 15.15 -30.66
CA VAL C 1131 16.18 14.07 -30.88
C VAL C 1131 15.23 14.51 -32.00
N GLU C 1132 15.03 13.64 -32.97
CA GLU C 1132 14.16 13.95 -34.11
C GLU C 1132 13.44 12.68 -34.52
N VAL C 1133 12.12 12.75 -34.57
CA VAL C 1133 11.32 11.64 -35.09
C VAL C 1133 11.36 11.68 -36.61
N LEU C 1134 11.81 10.60 -37.22
CA LEU C 1134 11.96 10.54 -38.68
C LEU C 1134 10.73 9.90 -39.31
N SER C 1135 10.47 10.28 -40.55
CA SER C 1135 9.39 9.68 -41.32
C SER C 1135 9.85 8.32 -41.84
N SER C 1136 9.09 7.74 -42.78
CA SER C 1136 9.43 6.42 -43.31
C SER C 1136 10.84 6.39 -43.89
N ASP C 1137 11.30 7.50 -44.50
CA ASP C 1137 12.64 7.57 -45.07
C ASP C 1137 13.23 8.95 -44.76
N GLY C 1138 13.95 9.04 -43.64
CA GLY C 1138 14.78 10.18 -43.29
C GLY C 1138 14.18 11.57 -43.45
N ALA C 1139 12.88 11.71 -43.23
CA ALA C 1139 12.21 13.00 -43.34
C ALA C 1139 11.80 13.48 -41.96
N ALA C 1140 12.20 14.71 -41.63
CA ALA C 1140 11.88 15.27 -40.32
C ALA C 1140 10.38 15.54 -40.21
N ILE C 1141 9.76 15.05 -39.14
CA ILE C 1141 8.33 15.20 -38.91
C ILE C 1141 8.14 16.29 -37.87
N GLU C 1142 7.20 17.20 -38.13
CA GLU C 1142 6.88 18.30 -37.24
C GLU C 1142 5.66 17.95 -36.40
N LEU C 1143 5.87 17.83 -35.09
CA LEU C 1143 4.80 17.52 -34.15
C LEU C 1143 4.22 18.85 -33.66
N ARG C 1144 3.13 19.28 -34.29
CA ARG C 1144 2.53 20.58 -33.97
C ARG C 1144 1.02 20.42 -33.94
N GLU C 1145 0.32 21.55 -33.91
CA GLU C 1145 -1.11 21.59 -33.60
C GLU C 1145 -2.01 21.64 -34.83
N GLY C 1146 -1.73 22.54 -35.77
CA GLY C 1146 -2.73 22.91 -36.76
C GLY C 1146 -3.51 24.10 -36.24
N GLU C 1147 -3.41 25.24 -36.93
CA GLU C 1147 -3.91 26.49 -36.36
C GLU C 1147 -5.41 26.66 -36.55
N ASP C 1148 -5.91 26.44 -37.78
CA ASP C 1148 -7.26 26.80 -38.13
C ASP C 1148 -8.25 25.63 -38.05
N GLU C 1149 -7.86 24.52 -37.43
CA GLU C 1149 -8.79 23.40 -37.28
C GLU C 1149 -9.95 23.73 -36.35
N ASP C 1150 -9.78 24.70 -35.46
CA ASP C 1150 -10.82 25.07 -34.50
C ASP C 1150 -11.75 26.15 -35.04
N LEU C 1151 -11.26 27.02 -35.93
CA LEU C 1151 -12.04 28.17 -36.35
C LEU C 1151 -13.20 27.78 -37.27
N GLU C 1152 -13.07 26.67 -38.00
CA GLU C 1152 -14.12 26.27 -38.93
C GLU C 1152 -15.43 26.00 -38.20
N ARG C 1153 -15.39 25.15 -37.16
CA ARG C 1153 -16.61 24.83 -36.42
C ARG C 1153 -17.17 26.04 -35.69
N ALA C 1154 -16.30 26.94 -35.23
CA ALA C 1154 -16.77 28.14 -34.54
C ALA C 1154 -17.52 29.06 -35.50
N ALA C 1155 -16.92 29.35 -36.66
CA ALA C 1155 -17.60 30.16 -37.66
C ALA C 1155 -18.87 29.48 -38.17
N ALA C 1156 -18.90 28.15 -38.17
CA ALA C 1156 -20.09 27.44 -38.62
C ALA C 1156 -21.22 27.54 -37.60
N ASN C 1157 -20.89 27.41 -36.31
CA ASN C 1157 -21.92 27.51 -35.28
C ASN C 1157 -22.28 28.95 -34.93
N LEU C 1158 -21.54 29.93 -35.45
CA LEU C 1158 -21.98 31.32 -35.40
C LEU C 1158 -22.80 31.72 -36.61
N GLY C 1159 -22.91 30.85 -37.63
CA GLY C 1159 -23.73 31.13 -38.79
C GLY C 1159 -23.04 31.97 -39.85
N ILE C 1160 -21.88 31.53 -40.31
CA ILE C 1160 -21.11 32.26 -41.31
C ILE C 1160 -21.80 32.22 -42.66
N LEU D 3 -3.03 15.84 -36.53
CA LEU D 3 -1.78 16.33 -37.10
C LEU D 3 -0.74 15.21 -37.15
N ASP D 4 -0.98 14.14 -36.39
CA ASP D 4 -0.06 13.02 -36.32
C ASP D 4 -0.85 11.72 -36.32
N VAL D 5 -0.34 10.73 -37.06
CA VAL D 5 -0.97 9.42 -37.17
C VAL D 5 -0.21 8.33 -36.42
N ASN D 6 0.88 8.67 -35.74
CA ASN D 6 1.69 7.72 -34.98
C ASN D 6 2.20 6.58 -35.87
N PHE D 7 2.44 6.87 -37.14
CA PHE D 7 2.95 5.88 -38.10
C PHE D 7 4.18 6.49 -38.77
N PHE D 8 5.33 6.33 -38.11
CA PHE D 8 6.60 6.77 -38.65
C PHE D 8 7.64 5.69 -38.39
N ASP D 9 8.75 5.76 -39.13
CA ASP D 9 9.70 4.66 -39.14
C ASP D 9 10.51 4.60 -37.86
N GLU D 10 11.29 5.64 -37.58
CA GLU D 10 12.32 5.53 -36.56
C GLU D 10 12.41 6.83 -35.75
N LEU D 11 13.21 6.76 -34.69
CA LEU D 11 13.54 7.90 -33.83
C LEU D 11 15.05 7.95 -33.68
N ARG D 12 15.61 9.15 -33.82
CA ARG D 12 17.06 9.33 -33.85
C ARG D 12 17.50 10.29 -32.76
N ILE D 13 18.70 10.05 -32.22
CA ILE D 13 19.30 10.88 -31.19
C ILE D 13 20.76 11.14 -31.58
N GLY D 14 21.32 12.20 -30.99
CA GLY D 14 22.71 12.54 -31.23
C GLY D 14 23.07 13.80 -30.50
N LEU D 15 24.37 14.10 -30.50
CA LEU D 15 24.87 15.31 -29.85
C LEU D 15 24.43 16.54 -30.63
N ALA D 16 23.92 17.54 -29.91
CA ALA D 16 23.47 18.77 -30.52
C ALA D 16 24.62 19.78 -30.53
N THR D 17 24.94 20.30 -31.71
CA THR D 17 25.96 21.34 -31.81
C THR D 17 25.39 22.68 -31.40
N ALA D 18 26.28 23.63 -31.14
CA ALA D 18 25.85 24.98 -30.79
C ALA D 18 25.03 25.60 -31.92
N GLU D 19 25.29 25.20 -33.16
CA GLU D 19 24.46 25.66 -34.28
C GLU D 19 23.05 25.11 -34.18
N ASP D 20 22.91 23.82 -33.83
CA ASP D 20 21.58 23.25 -33.61
C ASP D 20 20.88 23.93 -32.45
N ILE D 21 21.63 24.25 -31.39
CA ILE D 21 21.04 24.91 -30.22
C ILE D 21 20.51 26.28 -30.59
N ARG D 22 21.31 27.07 -31.32
CA ARG D 22 20.86 28.40 -31.72
C ARG D 22 19.73 28.33 -32.74
N GLN D 23 19.72 27.29 -33.58
CA GLN D 23 18.62 27.12 -34.54
C GLN D 23 17.32 26.82 -33.81
N TRP D 24 17.36 25.95 -32.80
CA TRP D 24 16.18 25.69 -31.99
C TRP D 24 15.66 26.97 -31.34
N SER D 25 16.55 27.72 -30.71
CA SER D 25 16.14 28.80 -29.82
C SER D 25 15.42 29.91 -30.57
N TYR D 26 14.40 30.47 -29.93
CA TYR D 26 13.69 31.64 -30.41
C TYR D 26 14.23 32.93 -29.80
N GLY D 27 15.34 32.86 -29.09
CA GLY D 27 15.90 34.02 -28.44
C GLY D 27 16.84 33.61 -27.32
N GLU D 28 17.48 34.62 -26.73
CA GLU D 28 18.45 34.41 -25.68
C GLU D 28 17.99 35.11 -24.40
N VAL D 29 18.13 34.42 -23.28
CA VAL D 29 17.84 35.00 -21.98
C VAL D 29 19.07 35.72 -21.47
N LYS D 30 18.89 36.97 -21.04
CA LYS D 30 20.00 37.80 -20.59
C LYS D 30 19.94 38.17 -19.12
N LYS D 31 18.83 37.89 -18.44
CA LYS D 31 18.62 38.32 -17.07
C LYS D 31 18.12 37.18 -16.21
N PRO D 32 18.50 37.16 -14.94
CA PRO D 32 17.97 36.15 -14.00
C PRO D 32 16.56 36.43 -13.50
N GLU D 33 15.99 37.58 -13.85
CA GLU D 33 14.65 37.92 -13.38
C GLU D 33 13.62 36.94 -13.93
N THR D 34 12.61 36.64 -13.11
CA THR D 34 11.56 35.71 -13.49
C THR D 34 10.30 36.44 -13.94
N ILE D 35 9.70 37.24 -13.05
CA ILE D 35 8.44 37.92 -13.32
C ILE D 35 8.36 39.15 -12.42
N ASN D 36 7.66 40.17 -12.90
CA ASN D 36 7.40 41.35 -12.08
C ASN D 36 6.35 41.00 -11.02
N TYR D 37 6.72 41.15 -9.75
CA TYR D 37 5.85 40.68 -8.68
C TYR D 37 4.66 41.61 -8.48
N ARG D 38 4.81 42.90 -8.76
CA ARG D 38 3.71 43.83 -8.57
C ARG D 38 2.61 43.63 -9.59
N THR D 39 2.95 43.22 -10.81
CA THR D 39 1.99 43.08 -11.89
C THR D 39 1.80 41.64 -12.35
N LEU D 40 2.54 40.69 -11.77
CA LEU D 40 2.50 39.28 -12.18
C LEU D 40 2.76 39.10 -13.68
N LYS D 41 3.64 39.94 -14.24
CA LYS D 41 3.96 39.88 -15.66
C LYS D 41 5.42 39.48 -15.85
N PRO D 42 5.72 38.72 -16.89
CA PRO D 42 7.11 38.33 -17.15
C PRO D 42 7.98 39.52 -17.53
N GLU D 43 9.24 39.47 -17.10
CA GLU D 43 10.19 40.52 -17.41
C GLU D 43 10.91 40.21 -18.72
N LYS D 44 11.20 41.26 -19.47
CA LYS D 44 11.83 41.10 -20.77
C LYS D 44 13.26 40.58 -20.62
N ASP D 45 13.65 39.70 -21.54
CA ASP D 45 14.99 39.11 -21.56
C ASP D 45 15.26 38.30 -20.29
N GLY D 46 14.21 37.75 -19.69
CA GLY D 46 14.33 36.93 -18.51
C GLY D 46 13.97 35.48 -18.78
N LEU D 47 13.95 34.70 -17.69
CA LEU D 47 13.68 33.27 -17.79
C LEU D 47 12.25 32.98 -18.26
N PHE D 48 11.33 33.93 -18.10
CA PHE D 48 9.95 33.76 -18.52
C PHE D 48 9.52 34.76 -19.59
N CYS D 49 10.49 35.42 -20.23
CA CYS D 49 10.20 36.52 -21.13
C CYS D 49 9.24 36.10 -22.24
N GLU D 50 8.23 36.93 -22.49
CA GLU D 50 7.24 36.59 -23.51
C GLU D 50 7.79 36.82 -24.91
N LYS D 51 8.77 37.71 -25.07
CA LYS D 51 9.29 38.01 -26.39
C LYS D 51 9.95 36.80 -27.03
N ILE D 52 10.68 36.02 -26.25
CA ILE D 52 11.44 34.89 -26.77
C ILE D 52 10.68 33.58 -26.63
N PHE D 53 9.92 33.41 -25.54
CA PHE D 53 9.22 32.16 -25.31
C PHE D 53 7.81 32.17 -25.91
N GLY D 54 7.05 33.23 -25.69
CA GLY D 54 5.72 33.32 -26.23
C GLY D 54 4.78 34.08 -25.29
N PRO D 55 3.59 34.41 -25.80
CA PRO D 55 2.63 35.17 -24.98
C PRO D 55 1.94 34.27 -23.97
N THR D 56 1.73 34.82 -22.76
CA THR D 56 1.08 34.05 -21.70
C THR D 56 -0.42 33.93 -21.95
N ARG D 57 -1.05 35.02 -22.39
CA ARG D 57 -2.47 35.02 -22.71
C ARG D 57 -2.67 34.92 -24.21
N ASP D 58 -3.70 34.18 -24.62
CA ASP D 58 -3.94 33.91 -26.04
C ASP D 58 -4.15 35.21 -26.81
N TRP D 59 -3.39 35.35 -27.90
CA TRP D 59 -3.54 36.46 -28.86
C TRP D 59 -3.34 37.82 -28.20
N GLU D 60 -2.51 37.89 -27.17
CA GLU D 60 -2.27 39.13 -26.44
C GLU D 60 -0.78 39.37 -26.34
N CYS D 61 -0.33 40.54 -26.79
CA CYS D 61 1.07 40.90 -26.69
C CYS D 61 1.37 41.50 -25.33
N TYR D 62 2.64 41.86 -25.09
CA TYR D 62 3.06 42.30 -23.77
C TYR D 62 2.47 43.67 -23.42
N CYS D 63 2.79 44.70 -24.21
CA CYS D 63 2.38 46.05 -23.87
C CYS D 63 0.89 46.31 -24.04
N GLY D 64 0.16 45.38 -24.64
CA GLY D 64 -1.28 45.52 -24.76
C GLY D 64 -1.75 46.27 -25.98
N LYS D 65 -0.99 46.25 -27.07
CA LYS D 65 -1.40 46.93 -28.29
C LYS D 65 -2.35 46.07 -29.11
N TYR D 66 -2.00 44.81 -29.31
CA TYR D 66 -2.83 43.86 -30.05
C TYR D 66 -3.36 42.83 -29.06
N LYS D 67 -4.69 42.68 -29.00
CA LYS D 67 -5.31 41.82 -28.01
C LYS D 67 -6.29 40.80 -28.58
N ARG D 68 -6.48 40.75 -29.90
CA ARG D 68 -7.50 39.91 -30.49
C ARG D 68 -6.92 39.02 -31.57
N VAL D 69 -7.67 37.96 -31.91
CA VAL D 69 -7.30 37.04 -32.97
C VAL D 69 -7.28 37.70 -34.34
N ARG D 70 -7.82 38.91 -34.45
CA ARG D 70 -7.84 39.63 -35.72
C ARG D 70 -6.43 39.78 -36.28
N PHE D 71 -5.48 40.20 -35.44
CA PHE D 71 -4.09 40.36 -35.83
C PHE D 71 -3.32 39.14 -35.33
N LYS D 72 -3.21 38.12 -36.17
CA LYS D 72 -2.49 36.90 -35.83
C LYS D 72 -1.30 36.71 -36.76
N GLY D 73 -0.28 36.02 -36.27
CA GLY D 73 0.94 35.80 -37.01
C GLY D 73 1.88 36.97 -37.06
N ILE D 74 1.40 38.19 -36.85
CA ILE D 74 2.25 39.38 -36.86
C ILE D 74 2.98 39.47 -35.54
N ILE D 75 3.95 40.37 -35.45
CA ILE D 75 4.75 40.58 -34.24
C ILE D 75 4.62 42.04 -33.83
N CYS D 76 4.24 42.27 -32.58
CA CYS D 76 4.14 43.63 -32.04
C CYS D 76 5.50 44.30 -32.07
N GLU D 77 5.58 45.44 -32.76
CA GLU D 77 6.85 46.14 -32.94
C GLU D 77 7.31 46.88 -31.69
N ARG D 78 6.43 47.09 -30.70
CA ARG D 78 6.81 47.80 -29.49
C ARG D 78 7.39 46.89 -28.42
N CYS D 79 6.97 45.62 -28.40
CA CYS D 79 7.43 44.67 -27.39
C CYS D 79 8.04 43.40 -27.97
N GLY D 80 7.94 43.19 -29.29
CA GLY D 80 8.53 42.02 -29.92
C GLY D 80 7.78 40.73 -29.69
N VAL D 81 6.67 40.75 -28.98
CA VAL D 81 5.92 39.52 -28.69
C VAL D 81 5.12 39.12 -29.91
N GLU D 82 5.25 37.86 -30.32
CA GLU D 82 4.39 37.33 -31.36
C GLU D 82 2.99 37.07 -30.80
N VAL D 83 1.99 37.48 -31.55
CA VAL D 83 0.60 37.30 -31.14
C VAL D 83 0.10 35.97 -31.72
N THR D 84 0.01 34.96 -30.87
CA THR D 84 -0.46 33.63 -31.26
C THR D 84 -0.94 32.92 -30.00
N ARG D 85 -1.27 31.63 -30.13
CA ARG D 85 -1.71 30.85 -29.00
C ARG D 85 -0.61 30.75 -27.94
N ALA D 86 -1.03 30.75 -26.67
CA ALA D 86 -0.09 30.52 -25.58
C ALA D 86 0.40 29.08 -25.52
N LYS D 87 -0.24 28.17 -26.25
CA LYS D 87 0.19 26.77 -26.27
C LYS D 87 1.60 26.61 -26.84
N VAL D 88 2.18 27.67 -27.39
CA VAL D 88 3.57 27.61 -27.87
C VAL D 88 4.58 27.84 -26.77
N ARG D 89 4.14 28.18 -25.56
CA ARG D 89 5.08 28.40 -24.46
C ARG D 89 5.64 27.10 -23.89
N ARG D 90 5.21 25.95 -24.38
CA ARG D 90 5.77 24.67 -23.96
C ARG D 90 6.59 23.99 -25.05
N GLU D 91 6.80 24.65 -26.19
CA GLU D 91 7.60 24.09 -27.26
C GLU D 91 8.63 25.06 -27.83
N ARG D 92 8.75 26.26 -27.29
CA ARG D 92 9.71 27.26 -27.75
C ARG D 92 10.83 27.38 -26.71
N MET D 93 12.02 26.92 -27.08
CA MET D 93 13.17 26.92 -26.18
C MET D 93 13.97 28.22 -26.32
N GLY D 94 14.73 28.53 -25.27
CA GLY D 94 15.67 29.62 -25.29
C GLY D 94 17.10 29.12 -25.34
N HIS D 95 18.03 30.06 -25.20
CA HIS D 95 19.44 29.69 -25.11
C HIS D 95 20.20 30.74 -24.32
N ILE D 96 21.39 30.36 -23.88
CA ILE D 96 22.32 31.24 -23.18
C ILE D 96 23.63 31.19 -23.92
N GLU D 97 24.11 32.35 -24.36
CA GLU D 97 25.43 32.44 -24.98
C GLU D 97 26.48 32.54 -23.89
N LEU D 98 27.31 31.52 -23.77
CA LEU D 98 28.32 31.48 -22.72
C LEU D 98 29.52 32.33 -23.10
N ALA D 99 30.06 33.03 -22.11
CA ALA D 99 31.29 33.80 -22.32
C ALA D 99 32.48 32.87 -22.53
N ALA D 100 32.56 31.80 -21.73
CA ALA D 100 33.61 30.80 -21.83
C ALA D 100 33.00 29.43 -22.13
N PRO D 101 33.64 28.61 -22.94
CA PRO D 101 33.09 27.28 -23.24
C PRO D 101 32.97 26.43 -21.99
N VAL D 102 32.08 25.44 -22.06
CA VAL D 102 31.77 24.56 -20.94
C VAL D 102 31.65 23.13 -21.44
N THR D 103 32.17 22.19 -20.65
CA THR D 103 32.08 20.77 -20.98
C THR D 103 30.79 20.18 -20.42
N HIS D 104 30.16 19.32 -21.21
CA HIS D 104 28.96 18.62 -20.77
C HIS D 104 29.36 17.55 -19.75
N ILE D 105 28.89 17.69 -18.51
CA ILE D 105 29.35 16.82 -17.42
C ILE D 105 29.02 15.36 -17.69
N TRP D 106 28.08 15.08 -18.59
CA TRP D 106 27.77 13.69 -18.91
C TRP D 106 28.96 12.97 -19.54
N TYR D 107 29.80 13.71 -20.26
CA TYR D 107 30.90 13.10 -21.00
C TYR D 107 32.23 13.19 -20.28
N PHE D 108 32.36 14.06 -19.28
CA PHE D 108 33.60 14.10 -18.50
C PHE D 108 33.51 13.23 -17.25
N LYS D 109 32.49 13.43 -16.43
CA LYS D 109 32.37 12.74 -15.16
C LYS D 109 31.65 11.41 -15.26
N GLY D 110 30.75 11.27 -16.23
CA GLY D 110 30.12 9.98 -16.46
C GLY D 110 31.12 8.90 -16.75
N VAL D 111 31.07 7.81 -15.99
CA VAL D 111 32.05 6.72 -16.09
C VAL D 111 31.62 5.74 -17.17
N PRO D 112 32.50 5.39 -18.13
CA PRO D 112 33.89 5.87 -18.25
C PRO D 112 33.96 7.25 -18.89
N SER D 113 34.95 8.05 -18.50
CA SER D 113 35.09 9.41 -19.03
C SER D 113 35.21 9.38 -20.55
N ARG D 114 34.21 9.90 -21.25
CA ARG D 114 34.24 9.87 -22.71
C ARG D 114 35.29 10.81 -23.27
N LEU D 115 35.47 11.99 -22.64
CA LEU D 115 36.59 12.83 -22.99
C LEU D 115 37.91 12.17 -22.60
N GLY D 116 37.94 11.51 -21.45
CA GLY D 116 39.14 10.79 -21.04
C GLY D 116 39.55 9.71 -22.01
N TYR D 117 38.57 9.10 -22.69
CA TYR D 117 38.89 8.10 -23.71
C TYR D 117 39.24 8.77 -25.04
N LEU D 118 38.49 9.81 -25.43
CA LEU D 118 38.73 10.45 -26.71
C LEU D 118 40.10 11.10 -26.77
N LEU D 119 40.50 11.78 -25.71
CA LEU D 119 41.79 12.44 -25.64
C LEU D 119 42.88 11.59 -25.02
N ASP D 120 42.56 10.35 -24.63
CA ASP D 120 43.50 9.44 -23.99
C ASP D 120 44.11 10.05 -22.72
N LEU D 121 43.37 10.93 -22.07
CA LEU D 121 43.79 11.54 -20.82
C LEU D 121 43.12 10.86 -19.65
N ALA D 122 43.81 10.83 -18.52
CA ALA D 122 43.22 10.27 -17.31
C ALA D 122 42.12 11.19 -16.80
N PRO D 123 41.04 10.64 -16.24
CA PRO D 123 39.96 11.51 -15.73
C PRO D 123 40.39 12.45 -14.64
N LYS D 124 41.42 12.09 -13.86
CA LYS D 124 41.91 13.01 -12.83
C LYS D 124 42.61 14.20 -13.46
N ASP D 125 43.41 13.96 -14.51
CA ASP D 125 44.02 15.07 -15.24
C ASP D 125 42.98 15.94 -15.91
N LEU D 126 41.93 15.32 -16.44
CA LEU D 126 40.82 16.09 -17.02
C LEU D 126 40.16 16.96 -15.96
N GLU D 127 39.96 16.41 -14.76
CA GLU D 127 39.46 17.19 -13.64
C GLU D 127 40.36 18.38 -13.35
N LYS D 128 41.67 18.17 -13.36
CA LYS D 128 42.61 19.26 -13.11
C LYS D 128 42.49 20.34 -14.18
N ILE D 129 42.30 19.92 -15.44
CA ILE D 129 42.29 20.89 -16.54
C ILE D 129 40.99 21.70 -16.55
N ILE D 130 39.85 21.01 -16.58
CA ILE D 130 38.57 21.68 -16.82
C ILE D 130 38.23 22.65 -15.70
N TYR D 131 38.61 22.32 -14.47
CA TYR D 131 38.24 23.11 -13.30
C TYR D 131 39.43 23.91 -12.76
N PHE D 132 40.39 24.21 -13.62
CA PHE D 132 41.42 25.21 -13.36
C PHE D 132 42.30 24.84 -12.17
N ALA D 133 42.81 23.61 -12.19
CA ALA D 133 43.83 23.18 -11.24
C ALA D 133 45.22 23.11 -11.87
N ALA D 134 45.30 23.01 -13.19
CA ALA D 134 46.57 22.94 -13.89
C ALA D 134 46.36 23.30 -15.35
N TYR D 135 47.44 23.75 -15.99
CA TYR D 135 47.39 24.09 -17.41
C TYR D 135 47.57 22.84 -18.26
N VAL D 136 47.39 23.01 -19.57
CA VAL D 136 47.65 21.96 -20.54
C VAL D 136 48.14 22.62 -21.82
N ILE D 137 49.04 21.93 -22.52
CA ILE D 137 49.67 22.44 -23.73
C ILE D 137 48.75 22.14 -24.91
N THR D 138 48.19 23.19 -25.51
CA THR D 138 47.31 22.99 -26.65
C THR D 138 48.09 22.59 -27.89
N SER D 139 49.11 23.37 -28.26
CA SER D 139 49.92 23.10 -29.43
C SER D 139 51.30 23.67 -29.22
N VAL D 140 52.29 23.07 -29.88
CA VAL D 140 53.68 23.47 -29.78
C VAL D 140 54.27 23.54 -31.19
N ASP D 141 55.05 24.59 -31.45
CA ASP D 141 55.71 24.77 -32.74
C ASP D 141 57.08 24.11 -32.67
N GLU D 142 57.19 22.90 -33.20
CA GLU D 142 58.42 22.13 -33.10
C GLU D 142 59.50 22.66 -34.04
N GLU D 143 59.12 23.14 -35.22
CA GLU D 143 60.11 23.65 -36.16
C GLU D 143 60.79 24.90 -35.61
N MET D 144 60.00 25.86 -35.12
CA MET D 144 60.58 27.07 -34.55
C MET D 144 61.43 26.77 -33.32
N ARG D 145 61.08 25.71 -32.58
CA ARG D 145 61.89 25.34 -31.43
C ARG D 145 63.20 24.70 -31.85
N HIS D 146 63.18 23.90 -32.93
CA HIS D 146 64.39 23.26 -33.39
C HIS D 146 65.35 24.26 -34.00
N ASN D 147 64.84 25.21 -34.80
CA ASN D 147 65.71 26.17 -35.47
C ASN D 147 66.36 27.15 -34.51
N GLU D 148 65.86 27.26 -33.28
CA GLU D 148 66.42 28.17 -32.29
C GLU D 148 66.98 27.45 -31.06
N LEU D 149 66.98 26.12 -31.06
CA LEU D 149 67.30 25.39 -29.85
C LEU D 149 68.73 25.64 -29.39
N SER D 150 69.66 25.82 -30.34
CA SER D 150 71.06 26.07 -29.97
C SER D 150 71.20 27.36 -29.17
N THR D 151 70.56 28.43 -29.64
CA THR D 151 70.67 29.72 -28.96
C THR D 151 70.02 29.68 -27.58
N LEU D 152 68.86 29.03 -27.48
CA LEU D 152 68.18 28.90 -26.20
C LEU D 152 69.03 28.10 -25.21
N GLU D 153 69.64 27.01 -25.69
CA GLU D 153 70.52 26.21 -24.83
C GLU D 153 71.73 27.02 -24.39
N ALA D 154 72.28 27.84 -25.29
CA ALA D 154 73.42 28.68 -24.93
C ALA D 154 73.05 29.66 -23.83
N GLU D 155 71.94 30.38 -24.01
CA GLU D 155 71.51 31.34 -23.00
C GLU D 155 71.20 30.64 -21.68
N MET D 156 70.64 29.42 -21.75
CA MET D 156 70.36 28.66 -20.55
C MET D 156 71.63 28.32 -19.80
N ALA D 157 72.64 27.83 -20.52
CA ALA D 157 73.91 27.50 -19.89
C ALA D 157 74.57 28.75 -19.30
N VAL D 158 74.44 29.88 -19.98
CA VAL D 158 75.02 31.12 -19.46
C VAL D 158 74.35 31.53 -18.15
N GLU D 159 73.02 31.42 -18.08
CA GLU D 159 72.33 31.75 -16.85
C GLU D 159 72.72 30.80 -15.72
N ARG D 160 72.85 29.51 -16.03
CA ARG D 160 73.25 28.54 -15.00
C ARG D 160 74.66 28.85 -14.49
N LYS D 161 75.58 29.18 -15.41
CA LYS D 161 76.93 29.55 -14.99
C LYS D 161 76.92 30.82 -14.14
N ALA D 162 76.04 31.77 -14.46
CA ALA D 162 75.92 32.98 -13.66
C ALA D 162 75.49 32.64 -12.23
N VAL D 163 74.46 31.80 -12.10
CA VAL D 163 74.01 31.38 -10.78
C VAL D 163 75.15 30.69 -10.02
N GLU D 164 75.89 29.81 -10.70
CA GLU D 164 76.98 29.09 -10.05
C GLU D 164 78.08 30.02 -9.57
N ASP D 165 78.47 30.99 -10.41
CA ASP D 165 79.51 31.93 -10.03
C ASP D 165 79.06 32.79 -8.85
N GLN D 166 77.80 33.24 -8.86
CA GLN D 166 77.28 33.99 -7.72
C GLN D 166 77.33 33.16 -6.44
N ARG D 167 76.94 31.90 -6.53
CA ARG D 167 77.00 31.01 -5.38
C ARG D 167 78.43 30.88 -4.85
N ASP D 168 79.39 30.69 -5.76
CA ASP D 168 80.78 30.54 -5.34
C ASP D 168 81.29 31.80 -4.67
N GLY D 169 80.94 32.97 -5.22
CA GLY D 169 81.36 34.22 -4.61
C GLY D 169 80.80 34.39 -3.20
N GLU D 170 79.49 34.17 -3.05
CA GLU D 170 78.89 34.27 -1.73
C GLU D 170 79.54 33.29 -0.75
N LEU D 171 79.79 32.06 -1.19
CA LEU D 171 80.35 31.05 -0.31
C LEU D 171 81.76 31.41 0.12
N GLU D 172 82.58 31.91 -0.80
CA GLU D 172 83.93 32.32 -0.44
C GLU D 172 83.90 33.51 0.53
N ALA D 173 83.00 34.47 0.30
CA ALA D 173 82.86 35.59 1.22
C ALA D 173 82.52 35.10 2.62
N ARG D 174 81.52 34.24 2.73
CA ARG D 174 81.10 33.76 4.05
C ARG D 174 82.18 32.91 4.70
N ALA D 175 82.93 32.14 3.90
CA ALA D 175 84.02 31.34 4.47
C ALA D 175 85.11 32.23 5.04
N GLN D 176 85.50 33.28 4.31
CA GLN D 176 86.49 34.21 4.85
C GLN D 176 85.97 34.91 6.09
N LYS D 177 84.68 35.26 6.10
CA LYS D 177 84.09 35.90 7.27
C LYS D 177 84.17 34.98 8.48
N LEU D 178 83.79 33.71 8.32
CA LEU D 178 83.86 32.76 9.42
C LEU D 178 85.28 32.57 9.91
N GLU D 179 86.24 32.45 8.98
CA GLU D 179 87.63 32.27 9.38
C GLU D 179 88.12 33.46 10.19
N ALA D 180 87.81 34.67 9.73
CA ALA D 180 88.24 35.87 10.44
C ALA D 180 87.57 35.97 11.81
N ASP D 181 86.28 35.64 11.90
CA ASP D 181 85.58 35.75 13.18
C ASP D 181 86.10 34.74 14.19
N LEU D 182 86.42 33.53 13.74
CA LEU D 182 86.99 32.55 14.66
C LEU D 182 88.43 32.91 15.04
N ALA D 183 89.18 33.53 14.12
CA ALA D 183 90.50 34.04 14.50
C ALA D 183 90.38 35.13 15.55
N GLU D 184 89.34 35.96 15.44
CA GLU D 184 89.09 36.98 16.46
C GLU D 184 88.76 36.35 17.81
N LEU D 185 87.86 35.36 17.81
CA LEU D 185 87.48 34.71 19.06
C LEU D 185 88.65 33.94 19.68
N GLU D 186 89.59 33.48 18.85
CA GLU D 186 90.78 32.82 19.39
C GLU D 186 91.78 33.83 19.94
N ALA D 187 91.94 34.97 19.25
CA ALA D 187 92.83 36.01 19.75
C ALA D 187 92.29 36.69 21.00
N GLU D 188 90.98 36.62 21.22
CA GLU D 188 90.36 37.19 22.42
C GLU D 188 90.41 36.17 23.55
N GLY D 189 89.82 36.53 24.69
CA GLY D 189 89.79 35.65 25.83
C GLY D 189 88.55 34.76 25.86
N ALA D 190 88.14 34.28 24.68
CA ALA D 190 86.95 33.45 24.56
C ALA D 190 87.31 31.97 24.61
N LYS D 191 86.35 31.17 25.10
CA LYS D 191 86.56 29.74 25.20
C LYS D 191 86.50 29.08 23.83
N ALA D 192 87.12 27.90 23.73
CA ALA D 192 87.15 27.17 22.47
C ALA D 192 85.82 26.46 22.19
N ASP D 193 85.27 25.79 23.21
CA ASP D 193 83.98 25.14 23.04
C ASP D 193 82.87 26.14 22.77
N ALA D 194 83.06 27.41 23.15
CA ALA D 194 82.09 28.45 22.81
C ALA D 194 82.24 28.91 21.38
N ARG D 195 83.47 29.01 20.88
CA ARG D 195 83.70 29.37 19.49
C ARG D 195 83.33 28.25 18.53
N ARG D 196 83.28 27.01 19.01
CA ARG D 196 82.83 25.91 18.16
C ARG D 196 81.37 26.09 17.77
N LYS D 197 80.57 26.67 18.66
CA LYS D 197 79.19 27.00 18.32
C LYS D 197 79.12 28.00 17.16
N VAL D 198 79.99 29.01 17.19
CA VAL D 198 80.04 29.99 16.11
C VAL D 198 80.48 29.32 14.81
N ARG D 199 81.47 28.44 14.90
CA ARG D 199 81.91 27.69 13.72
C ARG D 199 80.76 26.91 13.09
N ASP D 200 80.03 26.16 13.93
CA ASP D 200 78.94 25.34 13.40
C ASP D 200 77.82 26.21 12.85
N GLY D 201 77.56 27.36 13.48
CA GLY D 201 76.55 28.27 12.95
C GLY D 201 76.93 28.80 11.57
N GLY D 202 78.19 29.18 11.40
CA GLY D 202 78.64 29.63 10.08
C GLY D 202 78.62 28.52 9.05
N GLU D 203 78.94 27.29 9.47
CA GLU D 203 78.85 26.17 8.56
C GLU D 203 77.41 25.94 8.10
N ARG D 204 76.45 26.08 9.02
CA ARG D 204 75.05 25.95 8.64
C ARG D 204 74.60 27.10 7.75
N GLU D 205 75.15 28.30 7.96
CA GLU D 205 74.87 29.41 7.04
C GLU D 205 75.36 29.10 5.63
N MET D 206 76.56 28.55 5.51
CA MET D 206 77.06 28.13 4.21
C MET D 206 76.16 27.04 3.61
N ARG D 207 75.70 26.11 4.44
CA ARG D 207 74.74 25.11 3.98
C ARG D 207 73.50 25.76 3.40
N GLN D 208 72.97 26.78 4.08
CA GLN D 208 71.78 27.47 3.59
C GLN D 208 72.05 28.15 2.26
N ILE D 209 73.19 28.83 2.13
CA ILE D 209 73.53 29.51 0.88
C ILE D 209 73.60 28.51 -0.26
N ARG D 210 74.32 27.40 -0.05
CA ARG D 210 74.50 26.41 -1.11
C ARG D 210 73.16 25.75 -1.47
N ASP D 211 72.32 25.45 -0.47
CA ASP D 211 71.03 24.83 -0.75
C ASP D 211 70.12 25.79 -1.51
N ARG D 212 70.18 27.08 -1.19
CA ARG D 212 69.40 28.08 -1.92
C ARG D 212 69.82 28.13 -3.38
N ALA D 213 71.12 28.23 -3.62
CA ALA D 213 71.60 28.29 -5.00
C ALA D 213 71.28 27.01 -5.75
N GLN D 214 71.39 25.86 -5.07
CA GLN D 214 71.08 24.58 -5.71
C GLN D 214 69.60 24.45 -6.03
N ARG D 215 68.73 25.00 -5.17
CA ARG D 215 67.30 25.01 -5.47
C ARG D 215 67.00 25.87 -6.68
N GLU D 216 67.68 27.01 -6.80
CA GLU D 216 67.51 27.84 -7.98
C GLU D 216 67.97 27.10 -9.24
N LEU D 217 69.11 26.43 -9.16
CA LEU D 217 69.61 25.66 -10.30
C LEU D 217 68.65 24.53 -10.66
N ASP D 218 68.05 23.89 -9.66
CA ASP D 218 67.08 22.83 -9.92
C ASP D 218 65.84 23.39 -10.61
N ARG D 219 65.37 24.55 -10.17
CA ARG D 219 64.26 25.21 -10.87
C ARG D 219 64.61 25.43 -12.33
N LEU D 220 65.79 25.99 -12.59
CA LEU D 220 66.23 26.21 -13.96
C LEU D 220 66.25 24.90 -14.77
N GLU D 221 66.82 23.85 -14.18
CA GLU D 221 66.94 22.58 -14.88
C GLU D 221 65.57 22.00 -15.23
N ASP D 222 64.62 22.06 -14.28
CA ASP D 222 63.28 21.59 -14.55
C ASP D 222 62.64 22.41 -15.67
N ILE D 223 62.83 23.73 -15.65
CA ILE D 223 62.29 24.59 -16.70
C ILE D 223 62.81 24.15 -18.07
N TRP D 224 64.13 23.99 -18.18
CA TRP D 224 64.71 23.67 -19.48
C TRP D 224 64.31 22.28 -19.96
N SER D 225 64.36 21.28 -19.07
CA SER D 225 64.01 19.93 -19.47
C SER D 225 62.53 19.82 -19.80
N THR D 226 61.68 20.66 -19.19
CA THR D 226 60.26 20.66 -19.55
C THR D 226 60.03 21.32 -20.90
N PHE D 227 60.74 22.43 -21.16
CA PHE D 227 60.58 23.09 -22.45
C PHE D 227 61.06 22.21 -23.59
N THR D 228 62.17 21.50 -23.39
CA THR D 228 62.70 20.66 -24.46
C THR D 228 61.78 19.49 -24.78
N LYS D 229 61.05 18.97 -23.78
CA LYS D 229 60.17 17.83 -23.94
C LYS D 229 58.72 18.23 -24.08
N LEU D 230 58.46 19.43 -24.61
CA LEU D 230 57.09 19.92 -24.72
C LEU D 230 56.34 19.20 -25.83
N ALA D 231 55.06 18.99 -25.60
CA ALA D 231 54.18 18.30 -26.54
C ALA D 231 52.74 18.54 -26.12
N PRO D 232 51.80 18.44 -27.06
CA PRO D 232 50.39 18.57 -26.71
C PRO D 232 49.95 17.50 -25.72
N LYS D 233 48.86 17.80 -25.02
CA LYS D 233 48.22 16.98 -23.98
C LYS D 233 49.06 16.88 -22.71
N GLN D 234 50.19 17.58 -22.63
CA GLN D 234 50.99 17.58 -21.41
C GLN D 234 50.39 18.54 -20.40
N LEU D 235 50.16 18.06 -19.18
CA LEU D 235 49.64 18.89 -18.10
C LEU D 235 50.79 19.52 -17.33
N ILE D 236 50.62 20.78 -16.97
CA ILE D 236 51.63 21.53 -16.23
C ILE D 236 50.98 22.05 -14.95
N VAL D 237 51.20 21.33 -13.86
CA VAL D 237 50.90 21.81 -12.51
C VAL D 237 52.05 22.71 -12.09
N ASP D 238 51.92 23.36 -10.94
CA ASP D 238 52.92 24.34 -10.46
C ASP D 238 53.01 25.52 -11.42
N GLU D 239 51.93 26.30 -11.41
CA GLU D 239 51.74 27.48 -12.24
C GLU D 239 52.98 28.37 -12.32
N ASN D 240 53.82 28.36 -11.28
CA ASN D 240 55.09 29.07 -11.35
C ASN D 240 55.91 28.62 -12.56
N LEU D 241 56.00 27.30 -12.76
CA LEU D 241 56.74 26.78 -13.90
C LEU D 241 56.09 27.19 -15.22
N TYR D 242 54.76 27.29 -15.25
CA TYR D 242 54.10 27.71 -16.49
C TYR D 242 54.35 29.19 -16.78
N ARG D 243 54.31 30.03 -15.75
CA ARG D 243 54.63 31.44 -15.92
C ARG D 243 56.07 31.61 -16.37
N GLU D 244 56.97 30.75 -15.89
CA GLU D 244 58.35 30.80 -16.36
C GLU D 244 58.45 30.35 -17.81
N LEU D 245 57.69 29.32 -18.18
CA LEU D 245 57.69 28.82 -19.56
C LEU D 245 57.04 29.77 -20.54
N VAL D 246 56.23 30.72 -20.07
CA VAL D 246 55.64 31.70 -20.97
C VAL D 246 56.48 32.97 -20.97
N ASP D 247 57.16 33.26 -19.87
CA ASP D 247 58.08 34.39 -19.83
C ASP D 247 59.21 34.20 -20.84
N ARG D 248 59.87 33.05 -20.78
CA ARG D 248 60.84 32.63 -21.78
C ARG D 248 60.29 31.41 -22.50
N TYR D 249 60.51 31.35 -23.82
CA TYR D 249 59.99 30.34 -24.73
C TYR D 249 58.50 30.47 -24.98
N GLY D 250 57.84 31.50 -24.44
CA GLY D 250 56.41 31.60 -24.56
C GLY D 250 55.91 31.75 -25.99
N GLU D 251 56.75 32.27 -26.87
CA GLU D 251 56.39 32.46 -28.27
C GLU D 251 56.51 31.18 -29.10
N TYR D 252 56.93 30.07 -28.49
CA TYR D 252 57.12 28.82 -29.22
C TYR D 252 55.97 27.84 -29.05
N PHE D 253 55.10 28.04 -28.06
CA PHE D 253 54.02 27.10 -27.78
C PHE D 253 52.79 27.87 -27.32
N THR D 254 51.71 27.14 -27.09
CA THR D 254 50.47 27.68 -26.53
C THR D 254 49.89 26.69 -25.55
N GLY D 255 49.34 27.21 -24.45
CA GLY D 255 48.68 26.38 -23.47
C GLY D 255 47.68 27.21 -22.69
N ALA D 256 46.77 26.53 -22.01
CA ALA D 256 45.71 27.22 -21.28
C ALA D 256 45.05 26.24 -20.31
N MET D 257 43.99 26.71 -19.65
CA MET D 257 43.17 25.96 -18.71
C MET D 257 41.73 25.89 -19.22
N GLY D 258 40.90 25.18 -18.48
CA GLY D 258 39.46 25.22 -18.70
C GLY D 258 38.99 24.43 -19.91
N ALA D 259 37.69 24.58 -20.18
CA ALA D 259 37.04 23.85 -21.27
C ALA D 259 37.47 24.36 -22.63
N GLU D 260 37.95 25.60 -22.72
CA GLU D 260 38.48 26.09 -23.99
C GLU D 260 39.69 25.27 -24.42
N SER D 261 40.51 24.87 -23.45
CA SER D 261 41.67 24.03 -23.75
C SER D 261 41.25 22.67 -24.27
N ILE D 262 40.21 22.07 -23.68
CA ILE D 262 39.71 20.79 -24.16
C ILE D 262 39.13 20.95 -25.56
N GLN D 263 38.43 22.06 -25.80
CA GLN D 263 37.90 22.33 -27.14
C GLN D 263 39.03 22.43 -28.16
N LYS D 264 40.14 23.06 -27.77
CA LYS D 264 41.29 23.18 -28.65
C LYS D 264 41.92 21.81 -28.91
N LEU D 265 42.14 21.02 -27.85
CA LEU D 265 42.72 19.69 -28.02
C LEU D 265 41.83 18.79 -28.86
N ILE D 266 40.52 19.05 -28.87
CA ILE D 266 39.63 18.32 -29.77
C ILE D 266 39.78 18.85 -31.19
N GLU D 267 39.92 20.16 -31.36
CA GLU D 267 40.14 20.73 -32.68
C GLU D 267 41.43 20.21 -33.30
N ASN D 268 42.53 20.25 -32.54
CA ASN D 268 43.80 19.68 -32.99
C ASN D 268 43.85 18.20 -32.61
N PHE D 269 42.98 17.43 -33.26
CA PHE D 269 42.86 16.00 -32.98
C PHE D 269 42.43 15.30 -34.26
N ASP D 270 43.26 14.38 -34.74
CA ASP D 270 42.97 13.61 -35.94
C ASP D 270 42.25 12.33 -35.50
N ILE D 271 40.94 12.27 -35.74
CA ILE D 271 40.16 11.11 -35.31
C ILE D 271 40.56 9.87 -36.10
N ASP D 272 40.78 10.02 -37.42
CA ASP D 272 41.10 8.87 -38.25
C ASP D 272 42.45 8.28 -37.89
N ALA D 273 43.45 9.13 -37.63
CA ALA D 273 44.77 8.64 -37.28
C ALA D 273 44.76 7.90 -35.94
N GLU D 274 44.12 8.50 -34.93
CA GLU D 274 44.05 7.84 -33.63
C GLU D 274 43.26 6.54 -33.71
N ALA D 275 42.19 6.51 -34.51
CA ALA D 275 41.42 5.29 -34.67
C ALA D 275 42.22 4.21 -35.36
N GLU D 276 42.96 4.57 -36.41
CA GLU D 276 43.77 3.57 -37.12
C GLU D 276 44.90 3.06 -36.24
N SER D 277 45.49 3.93 -35.42
CA SER D 277 46.53 3.48 -34.49
C SER D 277 45.95 2.57 -33.42
N LEU D 278 44.77 2.89 -32.91
CA LEU D 278 44.10 2.01 -31.94
C LEU D 278 43.80 0.66 -32.55
N ARG D 279 43.38 0.63 -33.82
CA ARG D 279 43.08 -0.64 -34.46
C ARG D 279 44.36 -1.44 -34.73
N ASP D 280 45.46 -0.76 -35.06
CA ASP D 280 46.74 -1.46 -35.19
C ASP D 280 47.16 -2.07 -33.86
N VAL D 281 46.98 -1.32 -32.76
CA VAL D 281 47.33 -1.85 -31.44
C VAL D 281 46.42 -3.01 -31.08
N ILE D 282 45.14 -2.95 -31.46
CA ILE D 282 44.21 -4.02 -31.13
C ILE D 282 44.43 -5.25 -31.97
N ARG D 283 45.02 -5.10 -33.17
CA ARG D 283 45.28 -6.24 -34.03
C ARG D 283 46.63 -6.89 -33.75
N ASN D 284 47.64 -6.10 -33.41
CA ASN D 284 49.00 -6.61 -33.23
C ASN D 284 49.25 -7.11 -31.81
N GLY D 285 48.91 -6.30 -30.81
CA GLY D 285 49.23 -6.61 -29.43
C GLY D 285 48.19 -7.49 -28.76
N LYS D 286 48.42 -7.75 -27.47
CA LYS D 286 47.53 -8.58 -26.67
C LYS D 286 47.86 -8.36 -25.20
N GLY D 287 46.82 -8.31 -24.36
CA GLY D 287 47.00 -8.12 -22.93
C GLY D 287 46.00 -7.16 -22.32
N GLN D 288 46.40 -6.44 -21.28
CA GLN D 288 45.54 -5.44 -20.67
C GLN D 288 45.46 -4.19 -21.53
N LYS D 289 46.59 -3.79 -22.14
CA LYS D 289 46.57 -2.71 -23.10
C LYS D 289 45.64 -3.03 -24.26
N LYS D 290 45.47 -4.32 -24.58
CA LYS D 290 44.50 -4.73 -25.57
C LYS D 290 43.07 -4.33 -25.17
N LEU D 291 42.70 -4.64 -23.93
CA LEU D 291 41.37 -4.27 -23.45
C LEU D 291 41.20 -2.75 -23.40
N ARG D 292 42.23 -2.04 -22.95
CA ARG D 292 42.15 -0.58 -22.93
C ARG D 292 41.94 -0.02 -24.33
N ALA D 293 42.67 -0.53 -25.31
CA ALA D 293 42.52 -0.07 -26.69
C ALA D 293 41.15 -0.40 -27.24
N LEU D 294 40.60 -1.56 -26.87
CA LEU D 294 39.25 -1.91 -27.28
C LEU D 294 38.23 -0.90 -26.73
N LYS D 295 38.34 -0.61 -25.42
CA LYS D 295 37.42 0.33 -24.80
C LYS D 295 37.53 1.71 -25.42
N ARG D 296 38.75 2.11 -25.79
CA ARG D 296 38.93 3.44 -26.38
C ARG D 296 38.40 3.49 -27.81
N LEU D 297 38.63 2.41 -28.58
CA LEU D 297 38.12 2.35 -29.94
C LEU D 297 36.60 2.38 -29.95
N LYS D 298 35.97 1.75 -28.95
CA LYS D 298 34.51 1.76 -28.87
C LYS D 298 33.97 3.18 -28.83
N VAL D 299 34.76 4.13 -28.32
CA VAL D 299 34.36 5.52 -28.28
C VAL D 299 34.77 6.26 -29.55
N VAL D 300 35.99 6.00 -30.05
CA VAL D 300 36.50 6.78 -31.17
C VAL D 300 35.77 6.43 -32.47
N ALA D 301 35.54 5.14 -32.72
CA ALA D 301 34.94 4.72 -33.98
C ALA D 301 33.55 5.31 -34.18
N ALA D 302 32.82 5.58 -33.08
CA ALA D 302 31.53 6.23 -33.20
C ALA D 302 31.66 7.66 -33.71
N PHE D 303 32.63 8.41 -33.17
CA PHE D 303 32.86 9.77 -33.64
C PHE D 303 33.44 9.79 -35.05
N GLN D 304 34.02 8.69 -35.51
CA GLN D 304 34.63 8.65 -36.83
C GLN D 304 33.62 8.55 -37.98
N GLN D 305 32.33 8.81 -37.73
CA GLN D 305 31.30 8.54 -38.73
C GLN D 305 30.44 9.77 -38.98
N SER D 306 30.25 10.09 -40.27
CA SER D 306 29.23 11.02 -40.76
C SER D 306 29.18 12.31 -39.94
N GLY D 307 30.28 13.05 -40.00
CA GLY D 307 30.42 14.23 -39.16
C GLY D 307 30.48 13.83 -37.71
N ASN D 308 29.49 14.26 -36.92
CA ASN D 308 29.37 13.89 -35.51
C ASN D 308 30.67 14.19 -34.77
N SER D 309 31.09 15.44 -34.85
CA SER D 309 32.37 15.84 -34.28
C SER D 309 32.32 15.78 -32.76
N PRO D 310 33.45 15.47 -32.11
CA PRO D 310 33.51 15.53 -30.64
C PRO D 310 33.32 16.93 -30.09
N MET D 311 33.28 17.96 -30.96
CA MET D 311 33.05 19.32 -30.51
C MET D 311 31.75 19.47 -29.75
N GLY D 312 30.77 18.58 -29.97
CA GLY D 312 29.53 18.64 -29.24
C GLY D 312 29.70 18.42 -27.75
N MET D 313 30.75 17.71 -27.35
CA MET D 313 31.00 17.48 -25.92
C MET D 313 31.41 18.75 -25.19
N VAL D 314 31.63 19.85 -25.90
CA VAL D 314 31.86 21.16 -25.31
C VAL D 314 30.79 22.11 -25.81
N LEU D 315 30.26 22.94 -24.91
CA LEU D 315 29.15 23.82 -25.22
C LEU D 315 29.61 25.27 -25.26
N ASP D 316 29.19 25.99 -26.31
CA ASP D 316 29.30 27.44 -26.35
C ASP D 316 27.96 28.13 -26.10
N ALA D 317 26.87 27.36 -26.02
CA ALA D 317 25.55 27.89 -25.74
C ALA D 317 24.73 26.80 -25.05
N VAL D 318 24.02 27.20 -24.00
CA VAL D 318 23.25 26.27 -23.18
C VAL D 318 21.77 26.42 -23.54
N PRO D 319 21.07 25.35 -23.91
CA PRO D 319 19.65 25.48 -24.23
C PRO D 319 18.81 25.63 -22.97
N VAL D 320 17.71 26.35 -23.11
CA VAL D 320 16.81 26.67 -22.01
C VAL D 320 15.47 26.02 -22.31
N ILE D 321 15.01 25.18 -21.39
CA ILE D 321 13.74 24.45 -21.52
C ILE D 321 12.59 25.45 -21.43
N PRO D 322 11.52 25.29 -22.22
CA PRO D 322 10.41 26.25 -22.20
C PRO D 322 9.88 26.44 -20.79
N PRO D 323 9.23 27.58 -20.51
CA PRO D 323 8.82 27.86 -19.12
C PRO D 323 7.68 26.98 -18.65
N GLU D 324 6.83 26.49 -19.55
CA GLU D 324 5.72 25.64 -19.12
C GLU D 324 6.21 24.35 -18.48
N LEU D 325 7.35 23.82 -18.94
CA LEU D 325 7.94 22.64 -18.33
C LEU D 325 8.73 22.97 -17.07
N ARG D 326 8.72 24.22 -16.63
CA ARG D 326 9.30 24.62 -15.35
C ARG D 326 8.40 25.71 -14.76
N PRO D 327 7.18 25.35 -14.39
CA PRO D 327 6.19 26.37 -14.04
C PRO D 327 6.51 27.05 -12.72
N MET D 328 5.75 28.11 -12.45
CA MET D 328 5.92 28.92 -11.25
C MET D 328 4.53 29.34 -10.78
N VAL D 329 4.07 28.74 -9.68
CA VAL D 329 2.72 28.98 -9.19
C VAL D 329 2.78 29.90 -7.99
N GLN D 330 1.64 30.53 -7.68
CA GLN D 330 1.55 31.52 -6.61
C GLN D 330 0.96 30.88 -5.36
N LEU D 331 1.50 31.27 -4.21
CA LEU D 331 1.10 30.74 -2.91
C LEU D 331 0.40 31.83 -2.10
N ASP D 332 0.06 31.48 -0.86
CA ASP D 332 -0.65 32.43 0.00
C ASP D 332 0.31 33.52 0.49
N GLY D 333 -0.22 34.72 0.63
CA GLY D 333 0.57 35.84 1.13
C GLY D 333 1.60 36.37 0.15
N GLY D 334 1.43 36.12 -1.13
CA GLY D 334 2.36 36.58 -2.14
C GLY D 334 3.55 35.68 -2.37
N ARG D 335 3.69 34.60 -1.62
CA ARG D 335 4.79 33.66 -1.83
C ARG D 335 4.65 32.96 -3.17
N PHE D 336 5.78 32.53 -3.72
CA PHE D 336 5.83 31.85 -5.00
C PHE D 336 6.57 30.53 -4.87
N ALA D 337 6.16 29.56 -5.68
CA ALA D 337 6.83 28.26 -5.70
C ALA D 337 8.11 28.32 -6.51
N THR D 338 9.07 27.49 -6.14
CA THR D 338 10.40 27.49 -6.73
C THR D 338 10.61 26.20 -7.52
N SER D 339 10.59 26.30 -8.84
CA SER D 339 11.04 25.20 -9.68
C SER D 339 12.57 25.17 -9.65
N ASP D 340 13.13 24.00 -9.30
CA ASP D 340 14.57 23.89 -9.13
C ASP D 340 15.31 24.25 -10.41
N LEU D 341 14.75 23.86 -11.56
CA LEU D 341 15.36 24.16 -12.84
C LEU D 341 15.55 25.66 -13.04
N ASN D 342 14.54 26.45 -12.65
CA ASN D 342 14.64 27.90 -12.77
C ASN D 342 15.77 28.44 -11.90
N ASP D 343 15.95 27.86 -10.71
CA ASP D 343 17.03 28.32 -9.84
C ASP D 343 18.40 27.98 -10.43
N LEU D 344 18.53 26.79 -11.03
CA LEU D 344 19.79 26.42 -11.67
C LEU D 344 20.10 27.33 -12.85
N TYR D 345 19.09 27.56 -13.71
CA TYR D 345 19.27 28.49 -14.82
C TYR D 345 19.64 29.87 -14.32
N ARG D 346 19.05 30.30 -13.20
CA ARG D 346 19.35 31.62 -12.65
C ARG D 346 20.80 31.70 -12.19
N ARG D 347 21.30 30.65 -11.53
CA ARG D 347 22.71 30.64 -11.13
C ARG D 347 23.62 30.69 -12.34
N VAL D 348 23.29 29.92 -13.38
CA VAL D 348 24.11 29.91 -14.60
C VAL D 348 24.15 31.30 -15.20
N ILE D 349 22.99 31.96 -15.31
CA ILE D 349 22.93 33.28 -15.93
C ILE D 349 23.67 34.31 -15.09
N ASN D 350 23.52 34.26 -13.77
CA ASN D 350 24.24 35.18 -12.90
C ASN D 350 25.75 35.04 -13.08
N ARG D 351 26.25 33.80 -13.08
CA ARG D 351 27.69 33.60 -13.20
C ARG D 351 28.19 33.97 -14.59
N ASN D 352 27.40 33.72 -15.63
CA ASN D 352 27.80 34.13 -16.98
C ASN D 352 27.87 35.64 -17.11
N ASN D 353 26.88 36.34 -16.55
CA ASN D 353 26.90 37.81 -16.58
C ASN D 353 28.08 38.36 -15.80
N ARG D 354 28.37 37.79 -14.63
CA ARG D 354 29.52 38.24 -13.87
C ARG D 354 30.82 37.95 -14.62
N LEU D 355 30.88 36.84 -15.36
CA LEU D 355 32.07 36.54 -16.14
C LEU D 355 32.26 37.56 -17.25
N LYS D 356 31.18 37.94 -17.94
CA LYS D 356 31.29 38.97 -18.97
C LYS D 356 31.72 40.30 -18.37
N ARG D 357 31.16 40.67 -17.22
CA ARG D 357 31.53 41.92 -16.58
C ARG D 357 32.99 41.90 -16.11
N LEU D 358 33.49 40.74 -15.74
CA LEU D 358 34.91 40.62 -15.38
C LEU D 358 35.80 40.75 -16.61
N ILE D 359 35.41 40.10 -17.71
CA ILE D 359 36.19 40.17 -18.95
C ILE D 359 36.30 41.62 -19.42
N ASP D 360 35.17 42.32 -19.47
CA ASP D 360 35.18 43.69 -19.98
C ASP D 360 35.91 44.64 -19.04
N LEU D 361 35.93 44.35 -17.74
CA LEU D 361 36.59 45.23 -16.79
C LEU D 361 38.09 44.96 -16.66
N GLY D 362 38.60 43.95 -17.34
CA GLY D 362 40.01 43.62 -17.25
C GLY D 362 40.44 43.24 -15.85
N ALA D 363 39.87 42.17 -15.33
CA ALA D 363 40.14 41.74 -13.97
C ALA D 363 41.39 40.85 -13.93
N PRO D 364 41.97 40.64 -12.76
CA PRO D 364 43.06 39.67 -12.65
C PRO D 364 42.64 38.30 -13.15
N GLU D 365 43.56 37.62 -13.82
CA GLU D 365 43.25 36.32 -14.41
C GLU D 365 42.84 35.29 -13.36
N ILE D 366 43.26 35.47 -12.10
CA ILE D 366 42.84 34.57 -11.04
C ILE D 366 41.34 34.68 -10.81
N ILE D 367 40.83 35.90 -10.75
CA ILE D 367 39.39 36.09 -10.52
C ILE D 367 38.58 35.63 -11.72
N VAL D 368 39.07 35.90 -12.93
CA VAL D 368 38.36 35.46 -14.12
C VAL D 368 38.35 33.93 -14.19
N ASN D 369 39.44 33.29 -13.75
CA ASN D 369 39.47 31.84 -13.73
C ASN D 369 38.52 31.28 -12.68
N ASN D 370 38.43 31.93 -11.52
CA ASN D 370 37.43 31.53 -10.53
C ASN D 370 36.03 31.61 -11.12
N GLU D 371 35.74 32.69 -11.85
CA GLU D 371 34.41 32.84 -12.43
C GLU D 371 34.15 31.80 -13.51
N LYS D 372 35.16 31.46 -14.31
CA LYS D 372 35.00 30.43 -15.32
C LYS D 372 34.73 29.07 -14.67
N ARG D 373 35.48 28.74 -13.62
CA ARG D 373 35.24 27.49 -12.90
C ARG D 373 33.84 27.45 -12.32
N MET D 374 33.39 28.57 -11.73
CA MET D 374 32.06 28.62 -11.16
C MET D 374 30.98 28.46 -12.22
N LEU D 375 31.18 29.06 -13.39
CA LEU D 375 30.22 28.88 -14.48
C LEU D 375 30.17 27.43 -14.93
N GLN D 376 31.34 26.80 -15.06
CA GLN D 376 31.37 25.38 -15.43
C GLN D 376 30.64 24.53 -14.40
N GLU D 377 30.88 24.79 -13.12
CA GLU D 377 30.24 24.01 -12.06
C GLU D 377 28.73 24.24 -12.04
N SER D 378 28.28 25.47 -12.30
CA SER D 378 26.85 25.75 -12.31
C SER D 378 26.18 25.06 -13.48
N VAL D 379 26.83 25.00 -14.64
CA VAL D 379 26.24 24.27 -15.76
C VAL D 379 26.24 22.77 -15.48
N ASP D 380 27.28 22.28 -14.80
CA ASP D 380 27.30 20.87 -14.39
C ASP D 380 26.13 20.57 -13.46
N ALA D 381 25.83 21.48 -12.54
CA ALA D 381 24.68 21.28 -11.65
C ALA D 381 23.37 21.34 -12.41
N LEU D 382 23.25 22.30 -13.34
CA LEU D 382 22.05 22.40 -14.16
C LEU D 382 21.78 21.12 -14.92
N PHE D 383 22.82 20.50 -15.47
CA PHE D 383 22.61 19.29 -16.28
C PHE D 383 22.45 18.06 -15.40
N ASP D 384 23.29 17.89 -14.37
CA ASP D 384 23.21 16.73 -13.49
C ASP D 384 23.82 17.13 -12.15
N ASN D 385 22.98 17.45 -11.18
CA ASN D 385 23.45 17.88 -9.88
C ASN D 385 23.89 16.68 -9.05
N GLY D 386 24.91 16.90 -8.23
CA GLY D 386 25.46 15.85 -7.40
C GLY D 386 26.28 14.81 -8.11
N ARG D 387 26.37 14.87 -9.45
CA ARG D 387 27.19 13.91 -10.19
C ARG D 387 28.67 14.08 -9.84
N ARG D 388 29.11 15.31 -9.68
CA ARG D 388 30.49 15.61 -9.31
C ARG D 388 30.47 16.59 -8.14
N GLY D 389 31.11 16.19 -7.04
CA GLY D 389 31.13 17.02 -5.85
C GLY D 389 29.83 16.96 -5.08
N ARG D 390 29.77 17.76 -4.01
CA ARG D 390 28.56 17.85 -3.22
C ARG D 390 27.46 18.56 -4.01
N PRO D 391 26.20 18.17 -3.81
CA PRO D 391 25.10 18.76 -4.59
C PRO D 391 24.82 20.19 -4.16
N VAL D 392 24.10 20.89 -5.02
CA VAL D 392 23.69 22.27 -4.75
C VAL D 392 22.39 22.22 -3.96
N THR D 393 22.41 22.79 -2.76
CA THR D 393 21.28 22.71 -1.84
C THR D 393 20.29 23.84 -2.11
N GLY D 394 19.11 23.70 -1.51
CA GLY D 394 18.10 24.73 -1.55
C GLY D 394 17.58 25.03 -0.16
N PRO D 395 16.29 25.34 -0.04
CA PRO D 395 15.69 25.53 1.29
C PRO D 395 15.68 24.21 2.05
N GLY D 396 16.42 24.18 3.16
CA GLY D 396 16.52 22.95 3.94
C GLY D 396 17.56 21.97 3.45
N ASN D 397 18.56 22.44 2.71
CA ASN D 397 19.65 21.64 2.17
C ASN D 397 19.17 20.50 1.27
N ARG D 398 18.01 20.65 0.65
CA ARG D 398 17.56 19.64 -0.29
C ARG D 398 18.30 19.80 -1.61
N PRO D 399 18.78 18.71 -2.22
CA PRO D 399 19.43 18.83 -3.53
C PRO D 399 18.43 19.27 -4.58
N LEU D 400 18.85 20.23 -5.41
CA LEU D 400 17.98 20.76 -6.44
C LEU D 400 17.80 19.72 -7.54
N LYS D 401 16.53 19.44 -7.88
CA LYS D 401 16.22 18.51 -8.95
C LYS D 401 16.80 19.03 -10.26
N SER D 402 17.77 18.31 -10.81
CA SER D 402 18.46 18.75 -12.03
C SER D 402 17.71 18.25 -13.26
N LEU D 403 18.24 18.60 -14.43
CA LEU D 403 17.64 18.16 -15.68
C LEU D 403 17.73 16.65 -15.84
N SER D 404 18.75 16.02 -15.24
CA SER D 404 18.86 14.57 -15.31
C SER D 404 17.86 13.87 -14.40
N ASP D 405 17.52 14.51 -13.28
CA ASP D 405 16.56 13.91 -12.35
C ASP D 405 15.16 13.79 -12.96
N LEU D 406 14.85 14.59 -13.97
CA LEU D 406 13.54 14.50 -14.63
C LEU D 406 13.37 13.19 -15.38
N LEU D 407 14.46 12.48 -15.66
CA LEU D 407 14.39 11.22 -16.39
C LEU D 407 14.85 10.02 -15.57
N LYS D 408 15.70 10.23 -14.56
CA LYS D 408 16.22 9.14 -13.76
C LYS D 408 15.19 8.67 -12.73
N GLY D 409 15.42 7.47 -12.21
CA GLY D 409 14.70 7.00 -11.05
C GLY D 409 13.32 6.45 -11.37
N LYS D 410 12.66 5.96 -10.32
CA LYS D 410 11.33 5.38 -10.44
C LYS D 410 10.30 6.44 -10.83
N GLN D 411 10.47 7.65 -10.34
CA GLN D 411 9.51 8.73 -10.56
C GLN D 411 9.95 9.68 -11.66
N GLY D 412 10.94 9.29 -12.48
CA GLY D 412 11.31 10.07 -13.63
C GLY D 412 10.28 9.99 -14.73
N ARG D 413 10.59 10.65 -15.85
CA ARG D 413 9.64 10.71 -16.96
C ARG D 413 9.28 9.32 -17.46
N PHE D 414 10.29 8.49 -17.74
CA PHE D 414 10.04 7.20 -18.37
C PHE D 414 9.11 6.33 -17.53
N ARG D 415 9.54 5.99 -16.31
CA ARG D 415 8.81 5.02 -15.51
C ARG D 415 7.52 5.59 -14.92
N GLN D 416 7.45 6.89 -14.68
CA GLN D 416 6.31 7.47 -13.97
C GLN D 416 5.27 8.10 -14.88
N ASN D 417 5.65 8.55 -16.07
CA ASN D 417 4.72 9.24 -16.95
C ASN D 417 4.62 8.66 -18.35
N LEU D 418 5.52 7.76 -18.75
CA LEU D 418 5.48 7.15 -20.08
C LEU D 418 5.08 5.68 -20.04
N LEU D 419 5.61 4.91 -19.08
CA LEU D 419 5.25 3.50 -18.99
C LEU D 419 3.92 3.27 -18.27
N GLY D 420 3.57 4.16 -17.35
CA GLY D 420 2.31 4.08 -16.64
C GLY D 420 1.71 5.45 -16.40
N LYS D 421 0.40 5.59 -16.59
CA LYS D 421 -0.26 6.89 -16.54
C LYS D 421 -1.57 6.78 -15.80
N ARG D 422 -2.03 7.92 -15.28
CA ARG D 422 -3.41 8.02 -14.79
C ARG D 422 -4.37 7.99 -15.97
N VAL D 423 -5.53 7.36 -15.76
CA VAL D 423 -6.49 7.18 -16.85
C VAL D 423 -7.83 7.78 -16.46
N ASP D 424 -8.60 8.17 -17.48
CA ASP D 424 -9.96 8.62 -17.30
C ASP D 424 -10.89 7.41 -17.21
N TYR D 425 -12.16 7.69 -16.86
CA TYR D 425 -13.19 6.67 -16.77
C TYR D 425 -12.74 5.51 -15.88
N SER D 426 -12.27 5.84 -14.69
CA SER D 426 -11.74 4.85 -13.77
C SER D 426 -11.99 5.29 -12.33
N GLY D 427 -12.23 4.32 -11.47
CA GLY D 427 -12.45 4.58 -10.06
C GLY D 427 -11.97 3.44 -9.19
N ARG D 428 -12.28 3.47 -7.89
CA ARG D 428 -11.92 2.38 -7.00
C ARG D 428 -12.86 2.39 -5.80
N SER D 429 -12.89 1.27 -5.08
CA SER D 429 -13.72 1.16 -3.88
C SER D 429 -13.36 -0.10 -3.12
N VAL D 430 -13.89 -0.18 -1.90
CA VAL D 430 -13.75 -1.38 -1.07
C VAL D 430 -14.56 -2.51 -1.68
N ILE D 431 -14.05 -3.74 -1.57
CA ILE D 431 -14.71 -4.90 -2.14
C ILE D 431 -15.34 -5.74 -1.03
N VAL D 432 -16.56 -6.21 -1.28
CA VAL D 432 -17.24 -7.15 -0.42
C VAL D 432 -17.42 -8.45 -1.21
N VAL D 433 -18.00 -9.48 -0.58
CA VAL D 433 -17.99 -10.81 -1.18
C VAL D 433 -19.14 -10.99 -2.16
N GLY D 434 -20.38 -10.95 -1.69
CA GLY D 434 -21.52 -11.14 -2.57
C GLY D 434 -21.49 -12.45 -3.35
N PRO D 435 -21.70 -13.57 -2.66
CA PRO D 435 -21.57 -14.89 -3.31
C PRO D 435 -22.70 -15.25 -4.26
N GLN D 436 -23.68 -14.37 -4.47
CA GLN D 436 -24.84 -14.72 -5.27
C GLN D 436 -24.58 -14.61 -6.77
N LEU D 437 -23.76 -13.64 -7.18
CA LEU D 437 -23.55 -13.40 -8.60
C LEU D 437 -22.73 -14.51 -9.24
N LYS D 438 -22.84 -14.61 -10.56
CA LYS D 438 -22.13 -15.64 -11.30
C LYS D 438 -20.66 -15.27 -11.46
N LEU D 439 -19.88 -16.21 -12.01
CA LEU D 439 -18.45 -16.01 -12.15
C LEU D 439 -18.12 -14.85 -13.07
N HIS D 440 -18.98 -14.58 -14.05
CA HIS D 440 -18.74 -13.53 -15.03
C HIS D 440 -19.34 -12.18 -14.64
N GLN D 441 -19.80 -12.03 -13.40
CA GLN D 441 -20.47 -10.82 -12.98
C GLN D 441 -19.71 -10.16 -11.82
N CYS D 442 -20.13 -8.94 -11.50
CA CYS D 442 -19.56 -8.20 -10.39
C CYS D 442 -20.54 -7.14 -9.94
N GLY D 443 -20.41 -6.73 -8.68
CA GLY D 443 -21.27 -5.71 -8.12
C GLY D 443 -20.67 -4.33 -8.25
N LEU D 444 -21.38 -3.41 -8.91
CA LEU D 444 -20.91 -2.07 -9.14
C LEU D 444 -21.82 -1.07 -8.45
N PRO D 445 -21.32 -0.29 -7.49
CA PRO D 445 -22.18 0.69 -6.81
C PRO D 445 -22.84 1.65 -7.78
N LYS D 446 -24.00 2.16 -7.39
CA LYS D 446 -24.78 3.02 -8.27
C LYS D 446 -24.02 4.31 -8.59
N LEU D 447 -23.41 4.92 -7.57
CA LEU D 447 -22.70 6.17 -7.80
C LEU D 447 -21.49 5.97 -8.72
N MET D 448 -20.73 4.90 -8.50
CA MET D 448 -19.60 4.60 -9.36
C MET D 448 -20.05 4.41 -10.80
N ALA D 449 -21.09 3.59 -11.01
CA ALA D 449 -21.56 3.33 -12.37
C ALA D 449 -22.07 4.60 -13.03
N LEU D 450 -22.77 5.45 -12.26
CA LEU D 450 -23.27 6.69 -12.84
C LEU D 450 -22.14 7.62 -13.25
N GLU D 451 -21.08 7.68 -12.43
CA GLU D 451 -19.96 8.55 -12.77
C GLU D 451 -19.17 8.01 -13.96
N LEU D 452 -18.98 6.69 -14.02
CA LEU D 452 -18.19 6.11 -15.10
C LEU D 452 -18.87 6.31 -16.46
N PHE D 453 -20.15 5.98 -16.56
CA PHE D 453 -20.88 6.05 -17.81
C PHE D 453 -21.55 7.40 -18.02
N LYS D 454 -21.03 8.45 -17.40
CA LYS D 454 -21.64 9.78 -17.48
C LYS D 454 -21.93 10.24 -18.90
N PRO D 455 -21.01 10.17 -19.86
CA PRO D 455 -21.39 10.55 -21.24
C PRO D 455 -22.40 9.60 -21.85
N PHE D 456 -22.31 8.30 -21.57
CA PHE D 456 -23.28 7.35 -22.11
C PHE D 456 -24.68 7.63 -21.57
N VAL D 457 -24.79 7.86 -20.26
CA VAL D 457 -26.10 8.12 -19.68
C VAL D 457 -26.63 9.48 -20.12
N MET D 458 -25.75 10.46 -20.36
CA MET D 458 -26.19 11.73 -20.93
C MET D 458 -26.75 11.56 -22.34
N LYS D 459 -26.03 10.79 -23.17
CA LYS D 459 -26.51 10.52 -24.52
C LYS D 459 -27.87 9.82 -24.50
N ARG D 460 -28.03 8.82 -23.63
CA ARG D 460 -29.29 8.10 -23.58
C ARG D 460 -30.41 8.97 -22.98
N LEU D 461 -30.06 9.89 -22.10
CA LEU D 461 -31.06 10.82 -21.57
C LEU D 461 -31.48 11.85 -22.61
N VAL D 462 -30.61 12.14 -23.58
CA VAL D 462 -31.03 13.01 -24.67
C VAL D 462 -31.80 12.23 -25.73
N ASP D 463 -31.49 10.95 -25.92
CA ASP D 463 -32.24 10.12 -26.85
C ASP D 463 -33.73 10.14 -26.52
N LEU D 464 -34.08 9.63 -25.34
CA LEU D 464 -35.40 9.91 -24.79
C LEU D 464 -35.48 11.39 -24.42
N ASN D 465 -36.71 11.88 -24.22
CA ASN D 465 -36.92 13.30 -24.05
C ASN D 465 -36.84 13.76 -22.60
N HIS D 466 -36.07 13.06 -21.76
CA HIS D 466 -35.85 13.53 -20.39
C HIS D 466 -35.12 14.87 -20.37
N ALA D 467 -34.15 15.05 -21.26
CA ALA D 467 -33.38 16.28 -21.35
C ALA D 467 -33.52 16.88 -22.75
N GLN D 468 -33.64 18.20 -22.81
CA GLN D 468 -33.81 18.87 -24.10
C GLN D 468 -32.52 18.88 -24.90
N ASN D 469 -31.45 19.43 -24.33
CA ASN D 469 -30.13 19.46 -24.95
C ASN D 469 -29.14 18.70 -24.09
N ILE D 470 -27.90 18.62 -24.57
CA ILE D 470 -26.90 17.80 -23.90
C ILE D 470 -26.35 18.47 -22.64
N LYS D 471 -26.30 19.81 -22.61
CA LYS D 471 -25.84 20.49 -21.41
C LYS D 471 -26.85 20.35 -20.29
N SER D 472 -28.14 20.43 -20.62
CA SER D 472 -29.17 20.13 -19.62
C SER D 472 -29.09 18.68 -19.18
N ALA D 473 -28.69 17.77 -20.07
CA ALA D 473 -28.49 16.38 -19.67
C ALA D 473 -27.34 16.26 -18.68
N LYS D 474 -26.25 16.99 -18.89
CA LYS D 474 -25.16 16.99 -17.92
C LYS D 474 -25.63 17.53 -16.57
N ARG D 475 -26.37 18.63 -16.58
CA ARG D 475 -26.89 19.19 -15.34
C ARG D 475 -27.80 18.19 -14.64
N MET D 476 -28.61 17.46 -15.41
CA MET D 476 -29.55 16.50 -14.86
C MET D 476 -28.81 15.31 -14.25
N VAL D 477 -27.74 14.86 -14.89
CA VAL D 477 -26.94 13.77 -14.34
C VAL D 477 -26.23 14.22 -13.07
N GLU D 478 -25.74 15.46 -13.05
CA GLU D 478 -25.05 15.95 -11.86
C GLU D 478 -26.00 16.14 -10.70
N ARG D 479 -27.23 16.58 -10.96
CA ARG D 479 -28.21 16.72 -9.89
C ARG D 479 -28.78 15.38 -9.44
N GLN D 480 -28.43 14.28 -10.13
CA GLN D 480 -28.87 12.93 -9.77
C GLN D 480 -30.39 12.83 -9.73
N ARG D 481 -31.05 13.47 -10.69
CA ARG D 481 -32.50 13.38 -10.79
C ARG D 481 -32.91 11.94 -11.06
N PRO D 482 -34.04 11.49 -10.50
CA PRO D 482 -34.36 10.06 -10.51
C PRO D 482 -34.55 9.46 -11.90
N GLN D 483 -34.58 10.28 -12.96
CA GLN D 483 -34.75 9.74 -14.30
C GLN D 483 -33.47 9.08 -14.82
N VAL D 484 -32.33 9.33 -14.17
CA VAL D 484 -31.07 8.80 -14.68
C VAL D 484 -30.93 7.32 -14.39
N TRP D 485 -31.41 6.86 -13.23
CA TRP D 485 -31.13 5.50 -12.79
C TRP D 485 -31.79 4.47 -13.68
N ASP D 486 -33.08 4.67 -13.99
CA ASP D 486 -33.74 3.78 -14.94
C ASP D 486 -33.06 3.78 -16.29
N VAL D 487 -32.34 4.86 -16.63
CA VAL D 487 -31.55 4.88 -17.84
C VAL D 487 -30.23 4.14 -17.64
N LEU D 488 -29.63 4.31 -16.46
CA LEU D 488 -28.32 3.72 -16.18
C LEU D 488 -28.33 2.21 -16.43
N GLU D 489 -29.30 1.51 -15.85
CA GLU D 489 -29.37 0.05 -15.99
C GLU D 489 -29.39 -0.38 -17.45
N GLU D 490 -29.86 0.49 -18.35
CA GLU D 490 -29.86 0.14 -19.76
C GLU D 490 -28.47 0.27 -20.37
N VAL D 491 -27.76 1.36 -20.06
CA VAL D 491 -26.45 1.60 -20.68
C VAL D 491 -25.37 0.68 -20.11
N ILE D 492 -25.63 0.03 -18.98
CA ILE D 492 -24.67 -0.88 -18.39
C ILE D 492 -24.76 -2.26 -19.03
N ALA D 493 -25.94 -2.65 -19.50
CA ALA D 493 -26.17 -3.99 -19.99
C ALA D 493 -25.17 -4.37 -21.09
N GLU D 494 -24.45 -5.47 -20.86
CA GLU D 494 -23.49 -6.01 -21.81
C GLU D 494 -22.39 -5.00 -22.13
N HIS D 495 -21.87 -4.34 -21.10
CA HIS D 495 -20.75 -3.41 -21.22
C HIS D 495 -19.74 -3.76 -20.14
N PRO D 496 -18.75 -4.58 -20.47
CA PRO D 496 -17.85 -5.11 -19.43
C PRO D 496 -16.96 -4.04 -18.83
N VAL D 497 -16.53 -4.29 -17.60
CA VAL D 497 -15.59 -3.43 -16.89
C VAL D 497 -14.38 -4.27 -16.50
N LEU D 498 -13.29 -3.58 -16.20
CA LEU D 498 -12.05 -4.23 -15.78
C LEU D 498 -11.83 -3.98 -14.29
N LEU D 499 -11.58 -5.06 -13.56
CA LEU D 499 -11.30 -5.01 -12.13
C LEU D 499 -9.84 -5.36 -11.91
N ASN D 500 -9.14 -4.51 -11.17
CA ASN D 500 -7.72 -4.66 -10.90
C ASN D 500 -7.44 -4.47 -9.42
N ARG D 501 -6.48 -5.22 -8.90
CA ARG D 501 -6.05 -5.09 -7.52
C ARG D 501 -4.52 -5.14 -7.46
N ALA D 502 -3.92 -4.10 -6.88
CA ALA D 502 -2.48 -4.07 -6.75
C ALA D 502 -2.04 -4.84 -5.52
N PRO D 503 -0.87 -5.51 -5.58
CA PRO D 503 0.02 -5.55 -6.74
C PRO D 503 -0.43 -6.54 -7.81
N THR D 504 -0.40 -6.11 -9.07
CA THR D 504 -0.74 -6.97 -10.20
C THR D 504 0.47 -7.85 -10.49
N LEU D 505 0.47 -9.04 -9.89
CA LEU D 505 1.65 -9.90 -9.98
C LEU D 505 1.68 -10.69 -11.28
N HIS D 506 0.54 -11.25 -11.68
CA HIS D 506 0.40 -11.85 -13.01
C HIS D 506 -0.78 -11.21 -13.73
N ARG D 507 -1.04 -11.68 -14.95
CA ARG D 507 -2.06 -11.05 -15.77
C ARG D 507 -3.46 -11.23 -15.22
N LEU D 508 -3.67 -12.22 -14.35
CA LEU D 508 -4.98 -12.40 -13.74
C LEU D 508 -5.30 -11.34 -12.70
N GLY D 509 -4.34 -10.47 -12.36
CA GLY D 509 -4.62 -9.35 -11.49
C GLY D 509 -5.53 -8.30 -12.08
N ILE D 510 -5.85 -8.41 -13.38
CA ILE D 510 -6.85 -7.58 -14.03
C ILE D 510 -7.78 -8.53 -14.78
N GLN D 511 -9.08 -8.43 -14.51
CA GLN D 511 -10.04 -9.32 -15.15
C GLN D 511 -11.30 -8.56 -15.52
N ALA D 512 -11.95 -9.00 -16.58
CA ALA D 512 -13.16 -8.35 -17.07
C ALA D 512 -14.39 -9.03 -16.49
N PHE D 513 -15.33 -8.21 -16.01
CA PHE D 513 -16.58 -8.68 -15.45
C PHE D 513 -17.74 -7.92 -16.07
N GLU D 514 -18.93 -8.53 -16.00
CA GLU D 514 -20.14 -7.83 -16.37
C GLU D 514 -20.71 -7.12 -15.15
N PRO D 515 -20.83 -5.79 -15.18
CA PRO D 515 -21.28 -5.08 -13.98
C PRO D 515 -22.77 -5.25 -13.75
N MET D 516 -23.14 -5.57 -12.51
CA MET D 516 -24.52 -5.62 -12.07
C MET D 516 -24.73 -4.53 -11.02
N LEU D 517 -25.71 -3.66 -11.26
CA LEU D 517 -25.97 -2.56 -10.34
C LEU D 517 -26.35 -3.10 -8.96
N VAL D 518 -25.60 -2.68 -7.95
CA VAL D 518 -25.87 -3.09 -6.58
C VAL D 518 -26.05 -1.85 -5.72
N GLU D 519 -26.71 -2.03 -4.58
CA GLU D 519 -26.91 -0.95 -3.63
C GLU D 519 -25.74 -0.89 -2.66
N GLY D 520 -25.35 0.32 -2.30
CA GLY D 520 -24.21 0.54 -1.44
C GLY D 520 -23.05 1.17 -2.20
N LYS D 521 -21.94 1.30 -1.50
CA LYS D 521 -20.74 1.93 -2.04
C LYS D 521 -19.56 0.96 -2.07
N ALA D 522 -19.85 -0.34 -2.16
CA ALA D 522 -18.82 -1.37 -2.18
C ALA D 522 -18.95 -2.19 -3.45
N ILE D 523 -17.82 -2.75 -3.89
CA ILE D 523 -17.75 -3.52 -5.12
C ILE D 523 -17.85 -5.00 -4.74
N GLN D 524 -18.94 -5.64 -5.17
CA GLN D 524 -19.13 -7.06 -4.87
C GLN D 524 -18.30 -7.90 -5.83
N LEU D 525 -17.46 -8.77 -5.28
CA LEU D 525 -16.46 -9.50 -6.05
C LEU D 525 -16.66 -11.00 -5.84
N HIS D 526 -16.83 -11.73 -6.94
CA HIS D 526 -17.11 -13.15 -6.89
C HIS D 526 -16.08 -13.87 -6.02
N PRO D 527 -16.51 -14.79 -5.14
CA PRO D 527 -15.57 -15.40 -4.18
C PRO D 527 -14.57 -16.36 -4.80
N LEU D 528 -14.72 -16.72 -6.07
CA LEU D 528 -13.77 -17.64 -6.69
C LEU D 528 -12.54 -16.93 -7.26
N VAL D 529 -12.69 -15.69 -7.71
CA VAL D 529 -11.56 -14.97 -8.32
C VAL D 529 -10.54 -14.49 -7.30
N CYS D 530 -10.84 -14.62 -6.01
CA CYS D 530 -9.91 -14.14 -4.98
C CYS D 530 -8.53 -14.79 -5.12
N GLU D 531 -8.50 -16.10 -5.38
CA GLU D 531 -7.22 -16.78 -5.55
C GLU D 531 -6.40 -16.17 -6.68
N ALA D 532 -7.07 -15.66 -7.71
CA ALA D 532 -6.35 -14.97 -8.79
C ALA D 532 -5.89 -13.59 -8.35
N PHE D 533 -6.69 -12.90 -7.56
CA PHE D 533 -6.38 -11.55 -7.11
C PHE D 533 -5.59 -11.49 -5.82
N ASN D 534 -5.40 -12.63 -5.15
CA ASN D 534 -4.85 -12.66 -3.78
C ASN D 534 -5.59 -11.68 -2.89
N ALA D 535 -6.91 -11.61 -3.06
CA ALA D 535 -7.75 -10.61 -2.42
C ALA D 535 -8.57 -11.27 -1.32
N ASP D 536 -8.35 -10.84 -0.09
CA ASP D 536 -9.24 -11.14 1.01
C ASP D 536 -10.16 -9.93 1.23
N PHE D 537 -10.97 -9.97 2.28
CA PHE D 537 -11.89 -8.88 2.58
C PHE D 537 -11.57 -8.26 3.94
N ASP D 538 -10.28 -8.18 4.26
CA ASP D 538 -9.84 -7.50 5.48
C ASP D 538 -9.68 -6.00 5.27
N GLY D 539 -10.30 -5.43 4.23
CA GLY D 539 -10.18 -4.02 3.94
C GLY D 539 -9.60 -3.75 2.56
N ASP D 540 -9.57 -4.77 1.71
CA ASP D 540 -9.03 -4.63 0.37
C ASP D 540 -9.87 -3.65 -0.45
N GLN D 541 -9.19 -2.94 -1.35
CA GLN D 541 -9.83 -2.08 -2.33
C GLN D 541 -9.41 -2.51 -3.73
N MET D 542 -10.34 -2.41 -4.67
CA MET D 542 -10.04 -2.70 -6.07
C MET D 542 -10.47 -1.53 -6.94
N ALA D 543 -9.83 -1.43 -8.10
CA ALA D 543 -10.07 -0.36 -9.05
C ALA D 543 -10.81 -0.89 -10.28
N VAL D 544 -11.65 -0.03 -10.84
CA VAL D 544 -12.48 -0.35 -11.99
C VAL D 544 -12.10 0.58 -13.13
N HIS D 545 -11.80 0.00 -14.29
CA HIS D 545 -11.56 0.72 -15.52
C HIS D 545 -12.67 0.41 -16.51
N LEU D 546 -13.01 1.41 -17.32
CA LEU D 546 -14.13 1.28 -18.24
C LEU D 546 -13.62 1.34 -19.68
N PRO D 547 -13.64 0.23 -20.42
CA PRO D 547 -13.26 0.28 -21.83
C PRO D 547 -14.33 0.98 -22.66
N LEU D 548 -13.89 1.78 -23.62
CA LEU D 548 -14.78 2.57 -24.46
C LEU D 548 -14.85 2.07 -25.90
N SER D 549 -13.71 1.94 -26.57
CA SER D 549 -13.70 1.54 -27.96
C SER D 549 -14.20 0.11 -28.13
N ALA D 550 -14.71 -0.18 -29.33
CA ALA D 550 -15.27 -1.50 -29.60
C ALA D 550 -14.21 -2.58 -29.47
N GLU D 551 -12.99 -2.30 -29.92
CA GLU D 551 -11.92 -3.28 -29.81
C GLU D 551 -11.60 -3.57 -28.35
N ALA D 552 -11.60 -2.54 -27.50
CA ALA D 552 -11.32 -2.75 -26.09
C ALA D 552 -12.42 -3.56 -25.41
N GLN D 553 -13.68 -3.26 -25.72
CA GLN D 553 -14.79 -4.04 -25.16
C GLN D 553 -14.72 -5.48 -25.63
N ALA D 554 -14.32 -5.70 -26.88
CA ALA D 554 -14.18 -7.07 -27.37
C ALA D 554 -13.05 -7.79 -26.66
N GLU D 555 -11.92 -7.10 -26.45
CA GLU D 555 -10.82 -7.71 -25.71
C GLU D 555 -11.22 -8.04 -24.28
N ALA D 556 -12.07 -7.22 -23.67
CA ALA D 556 -12.57 -7.51 -22.33
C ALA D 556 -13.49 -8.73 -22.34
N ARG D 557 -14.45 -8.77 -23.27
CA ARG D 557 -15.40 -9.86 -23.30
C ARG D 557 -14.75 -11.19 -23.66
N ILE D 558 -13.68 -11.17 -24.44
CA ILE D 558 -13.09 -12.39 -24.99
C ILE D 558 -11.77 -12.73 -24.31
N LEU D 559 -10.84 -11.79 -24.26
CA LEU D 559 -9.50 -12.09 -23.73
C LEU D 559 -9.47 -12.07 -22.20
N MET D 560 -10.17 -11.12 -21.60
CA MET D 560 -10.01 -10.84 -20.17
C MET D 560 -11.24 -11.22 -19.36
N LEU D 561 -12.23 -11.89 -19.95
CA LEU D 561 -13.44 -12.24 -19.22
C LEU D 561 -13.10 -13.16 -18.06
N SER D 562 -13.84 -12.99 -16.95
CA SER D 562 -13.55 -13.73 -15.74
C SER D 562 -13.71 -15.24 -15.94
N SER D 563 -14.83 -15.65 -16.55
CA SER D 563 -15.12 -17.06 -16.74
C SER D 563 -14.26 -17.71 -17.82
N ASN D 564 -13.47 -16.93 -18.56
CA ASN D 564 -12.56 -17.49 -19.56
C ASN D 564 -11.23 -17.91 -18.95
N ASN D 565 -10.76 -17.20 -17.93
CA ASN D 565 -9.48 -17.50 -17.27
C ASN D 565 -9.78 -18.29 -16.00
N ILE D 566 -9.84 -19.61 -16.14
CA ILE D 566 -10.03 -20.48 -14.98
C ILE D 566 -8.72 -21.12 -14.52
N LEU D 567 -7.73 -21.24 -15.40
CA LEU D 567 -6.50 -21.94 -15.11
C LEU D 567 -5.33 -20.96 -14.98
N SER D 568 -4.45 -21.26 -14.04
CA SER D 568 -3.25 -20.46 -13.83
C SER D 568 -2.35 -20.54 -15.05
N PRO D 569 -2.02 -19.41 -15.70
CA PRO D 569 -1.09 -19.47 -16.84
C PRO D 569 0.32 -19.90 -16.47
N ALA D 570 0.61 -20.13 -15.19
CA ALA D 570 1.94 -20.54 -14.75
C ALA D 570 2.09 -22.05 -14.70
N SER D 571 1.13 -22.74 -14.07
CA SER D 571 1.20 -24.19 -13.90
C SER D 571 0.02 -24.93 -14.49
N GLY D 572 -0.97 -24.23 -15.04
CA GLY D 572 -2.16 -24.88 -15.56
C GLY D 572 -3.11 -25.40 -14.50
N ARG D 573 -2.80 -25.23 -13.23
CA ARG D 573 -3.69 -25.68 -12.16
C ARG D 573 -4.92 -24.79 -12.09
N PRO D 574 -6.03 -25.31 -11.60
CA PRO D 574 -7.25 -24.49 -11.49
C PRO D 574 -7.14 -23.46 -10.38
N LEU D 575 -7.54 -22.23 -10.68
CA LEU D 575 -7.57 -21.16 -9.70
C LEU D 575 -8.98 -20.77 -9.25
N ALA D 576 -9.96 -20.87 -10.14
CA ALA D 576 -11.36 -20.65 -9.77
C ALA D 576 -11.97 -21.86 -9.07
N MET D 577 -11.14 -22.75 -8.54
CA MET D 577 -11.64 -23.91 -7.82
C MET D 577 -12.11 -23.50 -6.43
N PRO D 578 -13.10 -24.20 -5.86
CA PRO D 578 -13.55 -23.91 -4.49
C PRO D 578 -12.38 -23.82 -3.51
N ARG D 579 -12.32 -22.74 -2.72
CA ARG D 579 -11.03 -22.49 -2.09
C ARG D 579 -10.86 -22.95 -0.65
N LEU D 580 -11.63 -22.37 0.29
CA LEU D 580 -11.61 -22.87 1.66
C LEU D 580 -12.99 -23.22 2.20
N ASP D 581 -13.91 -22.26 2.30
CA ASP D 581 -15.21 -22.55 2.92
C ASP D 581 -15.93 -23.63 2.14
N MET D 582 -16.16 -23.38 0.85
CA MET D 582 -16.71 -24.36 -0.07
C MET D 582 -16.09 -25.73 0.16
N VAL D 583 -14.77 -25.77 0.30
CA VAL D 583 -14.07 -27.04 0.48
C VAL D 583 -14.71 -27.82 1.62
N THR D 584 -14.73 -27.23 2.81
CA THR D 584 -15.37 -27.89 3.95
C THR D 584 -16.81 -28.22 3.63
N GLY D 585 -17.54 -27.27 3.02
CA GLY D 585 -18.92 -27.52 2.65
C GLY D 585 -19.09 -28.77 1.81
N LEU D 586 -18.14 -29.04 0.92
CA LEU D 586 -18.19 -30.26 0.15
C LEU D 586 -17.56 -31.43 0.89
N TYR D 587 -16.51 -31.19 1.66
CA TYR D 587 -15.84 -32.26 2.38
C TYR D 587 -16.78 -32.89 3.40
N TYR D 588 -17.58 -32.06 4.08
CA TYR D 588 -18.62 -32.58 4.96
C TYR D 588 -19.73 -33.25 4.17
N LEU D 589 -20.01 -32.76 2.97
CA LEU D 589 -21.18 -33.22 2.22
C LEU D 589 -20.98 -34.60 1.63
N THR D 590 -19.75 -34.97 1.28
CA THR D 590 -19.49 -36.23 0.60
C THR D 590 -18.89 -37.31 1.49
N THR D 591 -18.40 -36.95 2.68
CA THR D 591 -17.83 -37.95 3.56
C THR D 591 -18.92 -38.88 4.09
N GLU D 592 -18.58 -40.16 4.27
CA GLU D 592 -19.52 -41.17 4.70
C GLU D 592 -19.32 -41.46 6.18
N VAL D 593 -20.42 -41.38 6.95
CA VAL D 593 -20.39 -41.63 8.37
C VAL D 593 -20.95 -43.05 8.60
N PRO D 594 -20.12 -44.02 8.96
CA PRO D 594 -20.65 -45.37 9.22
C PRO D 594 -21.52 -45.36 10.48
N GLY D 595 -22.74 -45.88 10.32
CA GLY D 595 -23.66 -45.96 11.44
C GLY D 595 -24.54 -44.75 11.65
N ASP D 596 -24.79 -43.96 10.60
CA ASP D 596 -25.64 -42.79 10.74
C ASP D 596 -27.10 -43.19 10.59
N THR D 597 -27.99 -42.25 10.91
CA THR D 597 -29.42 -42.53 10.85
C THR D 597 -29.85 -42.72 9.40
N GLY D 598 -30.59 -43.80 9.15
CA GLY D 598 -30.98 -44.15 7.80
C GLY D 598 -29.97 -44.95 7.02
N GLU D 599 -28.82 -45.27 7.62
CA GLU D 599 -27.79 -46.05 6.94
C GLU D 599 -28.34 -47.40 6.51
N TYR D 600 -27.88 -47.86 5.34
CA TYR D 600 -28.27 -49.18 4.87
C TYR D 600 -27.81 -50.26 5.84
N GLN D 601 -28.73 -51.11 6.25
CA GLN D 601 -28.44 -52.23 7.13
C GLN D 601 -29.09 -53.47 6.54
N PRO D 602 -28.37 -54.58 6.42
CA PRO D 602 -28.94 -55.77 5.77
C PRO D 602 -30.12 -56.33 6.55
N ALA D 603 -30.95 -57.09 5.83
CA ALA D 603 -32.16 -57.66 6.42
C ALA D 603 -31.80 -58.78 7.39
N SER D 604 -32.41 -58.76 8.57
CA SER D 604 -32.17 -59.76 9.60
C SER D 604 -33.52 -60.29 10.08
N GLY D 605 -33.85 -61.53 9.70
CA GLY D 605 -35.10 -62.11 10.13
C GLY D 605 -36.27 -61.52 9.36
N ASP D 606 -37.33 -61.16 10.08
CA ASP D 606 -38.51 -60.57 9.48
C ASP D 606 -38.37 -59.07 9.21
N HIS D 607 -37.20 -58.50 9.49
CA HIS D 607 -36.97 -57.08 9.28
C HIS D 607 -36.30 -56.87 7.94
N PRO D 608 -36.87 -56.09 7.02
CA PRO D 608 -36.21 -55.83 5.74
C PRO D 608 -34.96 -54.96 5.89
N GLU D 609 -34.32 -54.61 4.79
CA GLU D 609 -33.10 -53.81 4.87
C GLU D 609 -33.41 -52.34 5.10
N THR D 610 -34.43 -51.80 4.44
CA THR D 610 -34.79 -50.38 4.49
C THR D 610 -33.62 -49.48 4.11
N GLY D 611 -32.65 -50.02 3.37
CA GLY D 611 -31.51 -49.25 2.90
C GLY D 611 -31.48 -48.99 1.42
N VAL D 612 -32.59 -49.22 0.70
CA VAL D 612 -32.64 -49.01 -0.74
C VAL D 612 -33.69 -47.96 -1.05
N TYR D 613 -33.46 -47.21 -2.12
CA TYR D 613 -34.37 -46.15 -2.54
C TYR D 613 -34.52 -46.19 -4.06
N SER D 614 -35.74 -46.00 -4.54
CA SER D 614 -36.01 -46.09 -5.96
C SER D 614 -35.34 -44.95 -6.73
N SER D 615 -35.54 -43.72 -6.27
CA SER D 615 -34.99 -42.54 -6.90
C SER D 615 -34.33 -41.65 -5.85
N PRO D 616 -33.44 -40.75 -6.27
CA PRO D 616 -32.88 -39.79 -5.30
C PRO D 616 -33.92 -38.86 -4.71
N ALA D 617 -35.04 -38.63 -5.39
CA ALA D 617 -36.13 -37.86 -4.79
C ALA D 617 -36.71 -38.58 -3.59
N GLU D 618 -36.77 -39.91 -3.64
CA GLU D 618 -37.20 -40.68 -2.47
C GLU D 618 -36.22 -40.52 -1.32
N ALA D 619 -34.93 -40.46 -1.62
CA ALA D 619 -33.94 -40.20 -0.57
C ALA D 619 -34.09 -38.79 0.00
N ILE D 620 -34.45 -37.82 -0.85
CA ILE D 620 -34.70 -36.47 -0.35
C ILE D 620 -35.92 -36.45 0.56
N MET D 621 -36.96 -37.22 0.20
CA MET D 621 -38.13 -37.33 1.07
C MET D 621 -37.76 -37.98 2.40
N ALA D 622 -36.96 -39.04 2.37
CA ALA D 622 -36.53 -39.69 3.61
C ALA D 622 -35.59 -38.82 4.43
N ALA D 623 -34.94 -37.83 3.81
CA ALA D 623 -34.10 -36.89 4.52
C ALA D 623 -34.88 -35.72 5.11
N ASP D 624 -35.97 -35.31 4.46
CA ASP D 624 -36.83 -34.28 5.06
C ASP D 624 -37.44 -34.79 6.35
N ARG D 625 -37.97 -36.02 6.34
CA ARG D 625 -38.25 -36.70 7.59
C ARG D 625 -36.94 -37.05 8.27
N GLY D 626 -37.00 -37.25 9.58
CA GLY D 626 -35.78 -37.43 10.36
C GLY D 626 -35.05 -38.74 10.15
N VAL D 627 -35.50 -39.55 9.19
CA VAL D 627 -34.99 -40.92 9.08
C VAL D 627 -33.61 -40.95 8.43
N LEU D 628 -33.48 -40.37 7.24
CA LEU D 628 -32.28 -40.55 6.43
C LEU D 628 -31.30 -39.40 6.66
N SER D 629 -30.04 -39.74 6.94
CA SER D 629 -28.97 -38.77 7.03
C SER D 629 -28.26 -38.66 5.68
N VAL D 630 -27.77 -37.45 5.38
CA VAL D 630 -27.13 -37.22 4.10
C VAL D 630 -25.79 -37.94 4.02
N ARG D 631 -25.10 -38.10 5.14
CA ARG D 631 -23.78 -38.73 5.17
C ARG D 631 -23.85 -40.24 5.40
N ALA D 632 -25.04 -40.83 5.38
CA ALA D 632 -25.20 -42.26 5.64
C ALA D 632 -25.13 -43.04 4.34
N LYS D 633 -24.53 -44.22 4.41
CA LYS D 633 -24.36 -45.07 3.24
C LYS D 633 -25.66 -45.81 2.93
N ILE D 634 -26.18 -45.62 1.72
CA ILE D 634 -27.41 -46.24 1.25
C ILE D 634 -27.18 -46.75 -0.16
N LYS D 635 -28.21 -47.38 -0.73
CA LYS D 635 -28.18 -47.90 -2.09
C LYS D 635 -29.33 -47.27 -2.87
N VAL D 636 -29.01 -46.60 -3.97
CA VAL D 636 -30.01 -45.88 -4.75
C VAL D 636 -29.92 -46.30 -6.21
N ARG D 637 -31.07 -46.27 -6.88
CA ARG D 637 -31.14 -46.46 -8.33
C ARG D 637 -31.09 -45.09 -8.99
N LEU D 638 -30.05 -44.86 -9.79
CA LEU D 638 -29.83 -43.56 -10.42
C LEU D 638 -30.22 -43.64 -11.89
N THR D 639 -31.14 -42.78 -12.30
CA THR D 639 -31.60 -42.73 -13.68
C THR D 639 -30.90 -41.65 -14.51
N GLN D 640 -30.55 -40.53 -13.90
CA GLN D 640 -30.01 -39.39 -14.61
C GLN D 640 -28.53 -39.14 -14.33
N LEU D 641 -27.83 -40.12 -13.75
CA LEU D 641 -26.41 -40.00 -13.47
C LEU D 641 -25.64 -41.11 -14.17
N ARG D 642 -24.37 -40.84 -14.45
CA ARG D 642 -23.50 -41.77 -15.15
C ARG D 642 -22.72 -42.63 -14.15
N PRO D 643 -22.54 -43.91 -14.45
CA PRO D 643 -21.83 -44.80 -13.53
C PRO D 643 -20.33 -44.75 -13.77
N PRO D 644 -19.54 -45.37 -12.88
CA PRO D 644 -18.08 -45.41 -13.10
C PRO D 644 -17.70 -46.25 -14.31
N VAL D 645 -16.40 -46.37 -14.58
CA VAL D 645 -15.94 -47.14 -15.73
C VAL D 645 -16.29 -48.62 -15.56
N GLU D 646 -15.99 -49.17 -14.38
CA GLU D 646 -16.19 -50.60 -14.17
C GLU D 646 -17.67 -50.97 -14.16
N ILE D 647 -18.50 -50.17 -13.49
CA ILE D 647 -19.92 -50.47 -13.42
C ILE D 647 -20.57 -50.35 -14.79
N GLU D 648 -20.19 -49.33 -15.56
CA GLU D 648 -20.73 -49.17 -16.91
C GLU D 648 -20.23 -50.27 -17.84
N ALA D 649 -19.01 -50.76 -17.62
CA ALA D 649 -18.50 -51.85 -18.46
C ALA D 649 -19.20 -53.16 -18.14
N GLU D 650 -19.46 -53.43 -16.86
CA GLU D 650 -20.11 -54.67 -16.48
C GLU D 650 -21.59 -54.66 -16.85
N LEU D 651 -22.34 -53.68 -16.34
CA LEU D 651 -23.80 -53.72 -16.46
C LEU D 651 -24.27 -53.29 -17.86
N PHE D 652 -23.61 -52.30 -18.46
CA PHE D 652 -24.04 -51.75 -19.73
C PHE D 652 -22.97 -51.99 -20.80
N GLY D 653 -23.28 -51.57 -22.02
CA GLY D 653 -22.31 -51.62 -23.10
C GLY D 653 -21.32 -50.49 -22.96
N HIS D 654 -20.04 -50.81 -23.12
CA HIS D 654 -18.99 -49.80 -23.00
C HIS D 654 -19.20 -48.69 -24.01
N SER D 655 -18.98 -47.45 -23.57
CA SER D 655 -19.24 -46.22 -24.33
C SER D 655 -20.71 -46.07 -24.69
N GLY D 656 -21.59 -46.88 -24.12
CA GLY D 656 -23.01 -46.82 -24.42
C GLY D 656 -23.86 -46.60 -23.19
N TRP D 657 -24.58 -45.48 -23.16
CA TRP D 657 -25.44 -45.14 -22.05
C TRP D 657 -26.47 -44.14 -22.54
N GLN D 658 -27.61 -44.09 -21.84
CA GLN D 658 -28.67 -43.18 -22.23
C GLN D 658 -29.29 -42.55 -20.99
N PRO D 659 -29.71 -41.29 -21.07
CA PRO D 659 -30.45 -40.69 -19.96
C PRO D 659 -31.73 -41.48 -19.68
N GLY D 660 -31.89 -41.88 -18.43
CA GLY D 660 -32.95 -42.78 -18.03
C GLY D 660 -32.50 -44.20 -17.75
N ASP D 661 -31.27 -44.55 -18.15
CA ASP D 661 -30.74 -45.86 -17.79
C ASP D 661 -30.56 -45.96 -16.28
N ALA D 662 -30.96 -47.11 -15.73
CA ALA D 662 -30.97 -47.32 -14.29
C ALA D 662 -29.83 -48.23 -13.88
N TRP D 663 -29.29 -47.97 -12.68
CA TRP D 663 -28.22 -48.79 -12.13
C TRP D 663 -28.20 -48.58 -10.62
N MET D 664 -27.79 -49.62 -9.90
CA MET D 664 -27.70 -49.58 -8.45
C MET D 664 -26.34 -49.06 -8.02
N ALA D 665 -26.34 -48.15 -7.04
CA ALA D 665 -25.11 -47.59 -6.51
C ALA D 665 -25.20 -47.49 -5.00
N GLU D 666 -24.19 -48.01 -4.30
CA GLU D 666 -24.09 -47.90 -2.85
C GLU D 666 -23.22 -46.68 -2.54
N THR D 667 -23.87 -45.55 -2.34
CA THR D 667 -23.17 -44.29 -2.05
C THR D 667 -23.86 -43.58 -0.90
N THR D 668 -23.46 -42.36 -0.62
CA THR D 668 -24.21 -41.49 0.29
C THR D 668 -25.07 -40.55 -0.53
N LEU D 669 -26.17 -40.10 0.07
CA LEU D 669 -27.00 -39.09 -0.58
C LEU D 669 -26.19 -37.83 -0.87
N GLY D 670 -25.20 -37.53 -0.02
CA GLY D 670 -24.36 -36.38 -0.27
C GLY D 670 -23.55 -36.52 -1.54
N ARG D 671 -22.92 -37.69 -1.74
CA ARG D 671 -22.15 -37.90 -2.96
C ARG D 671 -23.05 -37.88 -4.18
N VAL D 672 -24.29 -38.35 -4.05
CA VAL D 672 -25.25 -38.28 -5.16
C VAL D 672 -25.55 -36.82 -5.50
N MET D 673 -25.88 -36.02 -4.49
CA MET D 673 -26.20 -34.62 -4.75
C MET D 673 -24.98 -33.84 -5.26
N PHE D 674 -23.79 -34.26 -4.86
CA PHE D 674 -22.58 -33.60 -5.36
C PHE D 674 -22.32 -33.94 -6.82
N ASN D 675 -22.42 -35.23 -7.17
CA ASN D 675 -22.31 -35.64 -8.56
C ASN D 675 -23.45 -35.08 -9.41
N GLU D 676 -24.55 -34.67 -8.79
CA GLU D 676 -25.65 -34.07 -9.53
C GLU D 676 -25.25 -32.71 -10.10
N LEU D 677 -24.28 -32.04 -9.48
CA LEU D 677 -23.79 -30.77 -10.01
C LEU D 677 -22.90 -31.00 -11.23
N LEU D 678 -22.08 -32.04 -11.20
CA LEU D 678 -21.24 -32.37 -12.34
C LEU D 678 -22.13 -32.76 -13.52
N PRO D 679 -21.68 -32.52 -14.75
CA PRO D 679 -22.52 -32.77 -15.92
C PRO D 679 -22.93 -34.24 -16.04
N LEU D 680 -23.88 -34.48 -16.93
CA LEU D 680 -24.41 -35.83 -17.12
C LEU D 680 -23.32 -36.79 -17.56
N GLY D 681 -22.47 -36.37 -18.50
CA GLY D 681 -21.48 -37.27 -19.08
C GLY D 681 -20.39 -37.69 -18.13
N TYR D 682 -20.14 -36.92 -17.08
CA TYR D 682 -19.01 -37.21 -16.21
C TYR D 682 -19.29 -38.46 -15.38
N PRO D 683 -18.33 -39.36 -15.25
CA PRO D 683 -18.55 -40.57 -14.46
C PRO D 683 -18.70 -40.25 -12.98
N PHE D 684 -19.45 -41.09 -12.28
CA PHE D 684 -19.63 -40.94 -10.85
C PHE D 684 -18.29 -41.07 -10.13
N VAL D 685 -18.13 -40.31 -9.06
CA VAL D 685 -16.86 -40.27 -8.34
C VAL D 685 -16.89 -41.21 -7.14
N ASN D 686 -17.83 -40.95 -6.22
CA ASN D 686 -17.95 -41.69 -4.97
C ASN D 686 -16.62 -41.72 -4.22
N LYS D 687 -16.12 -40.53 -3.92
CA LYS D 687 -14.90 -40.35 -3.14
C LYS D 687 -15.08 -39.17 -2.20
N GLN D 688 -14.47 -39.27 -1.02
CA GLN D 688 -14.45 -38.15 -0.09
C GLN D 688 -13.73 -36.98 -0.73
N MET D 689 -14.41 -35.83 -0.78
CA MET D 689 -13.93 -34.70 -1.59
C MET D 689 -12.94 -33.86 -0.78
N HIS D 690 -11.72 -34.36 -0.70
CA HIS D 690 -10.61 -33.50 -0.31
C HIS D 690 -10.35 -32.49 -1.43
N LYS D 691 -9.68 -31.39 -1.08
CA LYS D 691 -9.46 -30.32 -2.04
C LYS D 691 -8.72 -30.84 -3.28
N LYS D 692 -7.78 -31.76 -3.09
CA LYS D 692 -7.04 -32.30 -4.22
C LYS D 692 -7.95 -33.08 -5.16
N VAL D 693 -8.97 -33.76 -4.63
CA VAL D 693 -9.88 -34.53 -5.48
C VAL D 693 -10.69 -33.60 -6.36
N GLN D 694 -11.22 -32.51 -5.81
CA GLN D 694 -11.96 -31.56 -6.64
C GLN D 694 -11.04 -30.80 -7.59
N ALA D 695 -9.79 -30.58 -7.19
CA ALA D 695 -8.81 -30.02 -8.12
C ALA D 695 -8.62 -30.94 -9.32
N ALA D 696 -8.51 -32.25 -9.07
CA ALA D 696 -8.36 -33.21 -10.16
C ALA D 696 -9.62 -33.23 -11.04
N ILE D 697 -10.79 -33.17 -10.42
CA ILE D 697 -12.03 -33.16 -11.19
C ILE D 697 -12.09 -31.94 -12.09
N ILE D 698 -11.70 -30.77 -11.58
CA ILE D 698 -11.73 -29.57 -12.40
C ILE D 698 -10.65 -29.62 -13.47
N ASN D 699 -9.49 -30.22 -13.18
CA ASN D 699 -8.48 -30.42 -14.21
C ASN D 699 -9.02 -31.25 -15.35
N ASP D 700 -9.71 -32.36 -15.03
CA ASP D 700 -10.30 -33.20 -16.06
C ASP D 700 -11.36 -32.45 -16.86
N LEU D 701 -12.21 -31.70 -16.16
CA LEU D 701 -13.26 -30.94 -16.83
C LEU D 701 -12.67 -29.93 -17.81
N ALA D 702 -11.60 -29.24 -17.41
CA ALA D 702 -10.96 -28.28 -18.30
C ALA D 702 -10.23 -28.97 -19.44
N GLU D 703 -9.68 -30.16 -19.20
CA GLU D 703 -8.96 -30.88 -20.25
C GLU D 703 -9.91 -31.42 -21.31
N ARG D 704 -11.12 -31.81 -20.93
CA ARG D 704 -12.05 -32.44 -21.86
C ARG D 704 -13.24 -31.56 -22.21
N TYR D 705 -13.96 -31.06 -21.21
CA TYR D 705 -15.18 -30.31 -21.47
C TYR D 705 -14.89 -28.87 -21.89
N PRO D 706 -15.87 -28.21 -22.52
CA PRO D 706 -15.68 -26.80 -22.89
C PRO D 706 -15.44 -25.91 -21.67
N MET D 707 -14.95 -24.70 -21.95
CA MET D 707 -14.63 -23.77 -20.87
C MET D 707 -15.89 -23.30 -20.15
N ILE D 708 -16.96 -23.03 -20.90
CA ILE D 708 -18.20 -22.54 -20.28
C ILE D 708 -18.79 -23.59 -19.36
N VAL D 709 -18.67 -24.87 -19.72
CA VAL D 709 -19.14 -25.94 -18.84
C VAL D 709 -18.41 -25.90 -17.51
N VAL D 710 -17.09 -25.68 -17.55
CA VAL D 710 -16.33 -25.58 -16.31
C VAL D 710 -16.75 -24.34 -15.53
N ALA D 711 -16.98 -23.23 -16.24
CA ALA D 711 -17.36 -21.98 -15.58
C ALA D 711 -18.72 -22.09 -14.90
N GLN D 712 -19.60 -22.95 -15.40
CA GLN D 712 -20.88 -23.15 -14.73
C GLN D 712 -20.77 -24.20 -13.61
N THR D 713 -19.96 -25.24 -13.84
CA THR D 713 -19.77 -26.27 -12.83
C THR D 713 -19.15 -25.68 -11.57
N VAL D 714 -18.21 -24.74 -11.73
CA VAL D 714 -17.59 -24.15 -10.55
C VAL D 714 -18.58 -23.27 -9.79
N ASP D 715 -19.52 -22.63 -10.48
CA ASP D 715 -20.55 -21.86 -9.78
C ASP D 715 -21.47 -22.77 -8.99
N LYS D 716 -21.89 -23.88 -9.60
CA LYS D 716 -22.72 -24.84 -8.87
C LYS D 716 -21.98 -25.40 -7.66
N LEU D 717 -20.68 -25.68 -7.81
CA LEU D 717 -19.88 -26.13 -6.69
C LEU D 717 -19.80 -25.08 -5.60
N LYS D 718 -19.63 -23.81 -5.99
CA LYS D 718 -19.62 -22.71 -5.02
C LYS D 718 -20.90 -22.69 -4.20
N ASP D 719 -22.05 -22.74 -4.89
CA ASP D 719 -23.33 -22.69 -4.20
C ASP D 719 -23.48 -23.85 -3.23
N ALA D 720 -23.23 -25.07 -3.69
CA ALA D 720 -23.38 -26.23 -2.83
C ALA D 720 -22.42 -26.18 -1.65
N GLY D 721 -21.17 -25.80 -1.90
CA GLY D 721 -20.18 -25.75 -0.84
C GLY D 721 -20.53 -24.75 0.23
N PHE D 722 -21.02 -23.58 -0.16
CA PHE D 722 -21.44 -22.59 0.85
C PHE D 722 -22.64 -23.10 1.64
N TYR D 723 -23.68 -23.58 0.93
CA TYR D 723 -24.88 -24.03 1.61
C TYR D 723 -24.57 -25.13 2.62
N TRP D 724 -23.65 -26.04 2.28
CA TRP D 724 -23.35 -27.12 3.20
C TRP D 724 -22.26 -26.76 4.20
N ALA D 725 -21.48 -25.71 3.95
CA ALA D 725 -20.57 -25.23 4.97
C ALA D 725 -21.33 -24.56 6.11
N THR D 726 -22.47 -23.94 5.81
CA THR D 726 -23.29 -23.38 6.88
C THR D 726 -23.71 -24.47 7.87
N ARG D 727 -24.04 -25.66 7.36
CA ARG D 727 -24.56 -26.75 8.18
C ARG D 727 -23.51 -27.82 8.48
N SER D 728 -22.26 -27.58 8.10
CA SER D 728 -21.19 -28.53 8.41
C SER D 728 -20.84 -28.56 9.89
N GLY D 729 -21.30 -27.60 10.67
CA GLY D 729 -21.06 -27.60 12.10
C GLY D 729 -19.60 -27.49 12.47
N VAL D 730 -18.90 -26.52 11.89
CA VAL D 730 -17.51 -26.24 12.23
C VAL D 730 -17.47 -24.89 12.93
N THR D 731 -17.25 -24.92 14.24
CA THR D 731 -17.03 -23.69 15.01
C THR D 731 -15.73 -23.82 15.77
N VAL D 732 -15.45 -22.88 16.67
CA VAL D 732 -14.30 -22.94 17.54
C VAL D 732 -14.75 -22.59 18.96
N SER D 733 -14.32 -23.40 19.93
CA SER D 733 -14.53 -23.11 21.33
C SER D 733 -13.28 -23.49 22.10
N MET D 734 -13.23 -23.11 23.37
CA MET D 734 -12.09 -23.47 24.20
C MET D 734 -12.02 -24.99 24.40
N ALA D 735 -13.16 -25.67 24.34
CA ALA D 735 -13.18 -27.11 24.51
C ALA D 735 -12.76 -27.85 23.25
N ASP D 736 -13.03 -27.27 22.07
CA ASP D 736 -12.57 -27.88 20.83
C ASP D 736 -11.06 -27.78 20.66
N VAL D 737 -10.42 -26.83 21.34
CA VAL D 737 -8.95 -26.73 21.34
C VAL D 737 -8.49 -27.60 22.50
N LEU D 738 -8.17 -28.85 22.20
CA LEU D 738 -7.83 -29.84 23.22
C LEU D 738 -6.34 -29.81 23.50
N VAL D 739 -5.98 -29.67 24.78
CA VAL D 739 -4.59 -29.71 25.22
C VAL D 739 -4.17 -31.18 25.24
N PRO D 740 -2.95 -31.51 24.80
CA PRO D 740 -2.52 -32.92 24.80
C PRO D 740 -2.45 -33.46 26.21
N PRO D 741 -2.86 -34.71 26.42
CA PRO D 741 -2.95 -35.25 27.79
C PRO D 741 -1.60 -35.60 28.38
N ARG D 742 -0.68 -36.09 27.55
CA ARG D 742 0.64 -36.48 28.01
C ARG D 742 1.67 -35.36 27.86
N LYS D 743 1.23 -34.12 27.65
CA LYS D 743 2.17 -33.02 27.45
C LYS D 743 3.13 -32.89 28.62
N LYS D 744 2.61 -33.00 29.85
CA LYS D 744 3.44 -32.82 31.04
C LYS D 744 4.59 -33.82 31.05
N GLU D 745 4.28 -35.10 30.82
CA GLU D 745 5.32 -36.13 30.88
C GLU D 745 6.33 -35.97 29.75
N ILE D 746 5.87 -35.65 28.55
CA ILE D 746 6.79 -35.48 27.41
C ILE D 746 7.73 -34.32 27.68
N LEU D 747 7.18 -33.19 28.16
CA LEU D 747 8.02 -32.03 28.44
C LEU D 747 8.99 -32.32 29.58
N ASP D 748 8.54 -33.03 30.62
CA ASP D 748 9.44 -33.40 31.70
C ASP D 748 10.58 -34.28 31.19
N HIS D 749 10.26 -35.24 30.33
CA HIS D 749 11.28 -36.16 29.81
C HIS D 749 12.32 -35.41 28.97
N TYR D 750 11.87 -34.58 28.04
CA TYR D 750 12.83 -33.90 27.18
C TYR D 750 13.58 -32.79 27.92
N GLU D 751 12.95 -32.17 28.92
CA GLU D 751 13.68 -31.22 29.76
C GLU D 751 14.69 -31.94 30.65
N GLU D 752 14.41 -33.19 31.04
CA GLU D 752 15.40 -34.00 31.72
C GLU D 752 16.59 -34.30 30.82
N ARG D 753 16.32 -34.62 29.55
CA ARG D 753 17.40 -34.79 28.57
C ARG D 753 18.24 -33.52 28.47
N ALA D 754 17.58 -32.36 28.37
CA ALA D 754 18.29 -31.10 28.26
C ALA D 754 19.08 -30.79 29.53
N ASP D 755 18.55 -31.16 30.69
CA ASP D 755 19.26 -30.95 31.95
C ASP D 755 20.49 -31.84 32.03
N LYS D 756 20.39 -33.07 31.52
CA LYS D 756 21.57 -33.93 31.43
C LYS D 756 22.60 -33.33 30.49
N VAL D 757 22.14 -32.72 29.39
CA VAL D 757 23.06 -32.04 28.47
C VAL D 757 23.76 -30.88 29.17
N GLU D 758 23.01 -30.11 29.97
CA GLU D 758 23.62 -28.99 30.69
C GLU D 758 24.59 -29.47 31.76
N LYS D 759 24.26 -30.57 32.44
CA LYS D 759 25.19 -31.14 33.42
C LYS D 759 26.47 -31.61 32.73
N GLN D 760 26.35 -32.22 31.55
CA GLN D 760 27.52 -32.64 30.79
C GLN D 760 28.34 -31.43 30.35
N PHE D 761 27.68 -30.34 30.01
CA PHE D 761 28.38 -29.12 29.61
C PHE D 761 29.04 -28.44 30.80
N GLN D 762 28.51 -28.65 32.01
CA GLN D 762 29.05 -27.98 33.19
C GLN D 762 30.47 -28.43 33.50
N ARG D 763 30.83 -29.67 33.14
CA ARG D 763 32.18 -30.17 33.35
C ARG D 763 33.14 -29.76 32.25
N GLY D 764 32.67 -29.02 31.24
CA GLY D 764 33.51 -28.62 30.13
C GLY D 764 33.68 -29.66 29.04
N ALA D 765 33.02 -30.81 29.16
CA ALA D 765 33.17 -31.86 28.16
C ALA D 765 32.48 -31.47 26.85
N LEU D 766 31.23 -31.03 26.93
CA LEU D 766 30.47 -30.68 25.75
C LEU D 766 30.83 -29.29 25.25
N ASN D 767 30.92 -29.13 23.93
CA ASN D 767 31.26 -27.86 23.33
C ASN D 767 30.06 -26.91 23.35
N HIS D 768 30.36 -25.60 23.32
CA HIS D 768 29.31 -24.58 23.36
C HIS D 768 28.38 -24.70 22.15
N ASP D 769 28.94 -24.67 20.96
CA ASP D 769 28.13 -24.86 19.75
C ASP D 769 27.50 -26.24 19.73
N GLU D 770 28.23 -27.25 20.22
CA GLU D 770 27.66 -28.58 20.35
C GLU D 770 26.50 -28.59 21.32
N ARG D 771 26.61 -27.83 22.42
CA ARG D 771 25.51 -27.73 23.37
C ARG D 771 24.29 -27.09 22.72
N ASN D 772 24.50 -26.01 21.97
CA ASN D 772 23.38 -25.37 21.28
C ASN D 772 22.71 -26.31 20.30
N GLU D 773 23.52 -27.03 19.50
CA GLU D 773 22.96 -27.96 18.52
C GLU D 773 22.22 -29.10 19.20
N ALA D 774 22.75 -29.61 20.31
CA ALA D 774 22.10 -30.69 21.03
C ALA D 774 20.75 -30.24 21.59
N LEU D 775 20.71 -29.04 22.19
CA LEU D 775 19.45 -28.54 22.71
C LEU D 775 18.45 -28.29 21.58
N VAL D 776 18.94 -27.81 20.43
CA VAL D 776 18.06 -27.60 19.29
C VAL D 776 17.43 -28.92 18.85
N GLU D 777 18.24 -29.97 18.73
CA GLU D 777 17.71 -31.27 18.33
C GLU D 777 16.75 -31.83 19.38
N ILE D 778 17.08 -31.66 20.66
CA ILE D 778 16.20 -32.13 21.74
C ILE D 778 14.83 -31.47 21.63
N TRP D 779 14.81 -30.15 21.47
CA TRP D 779 13.52 -29.46 21.47
C TRP D 779 12.76 -29.66 20.16
N LYS D 780 13.47 -29.90 19.05
CA LYS D 780 12.79 -30.30 17.83
C LYS D 780 12.09 -31.64 18.02
N GLU D 781 12.79 -32.62 18.60
CA GLU D 781 12.19 -33.92 18.88
C GLU D 781 10.98 -33.76 19.80
N ALA D 782 11.11 -32.93 20.84
CA ALA D 782 10.00 -32.75 21.77
C ALA D 782 8.80 -32.09 21.10
N THR D 783 9.05 -31.10 20.24
CA THR D 783 7.97 -30.45 19.50
C THR D 783 7.24 -31.45 18.62
N ASP D 784 7.98 -32.28 17.89
CA ASP D 784 7.32 -33.26 17.03
C ASP D 784 6.59 -34.32 17.84
N GLU D 785 7.13 -34.71 19.00
CA GLU D 785 6.44 -35.66 19.85
C GLU D 785 5.12 -35.10 20.38
N VAL D 786 5.13 -33.82 20.78
CA VAL D 786 3.89 -33.19 21.23
C VAL D 786 2.90 -33.09 20.09
N GLY D 787 3.38 -32.79 18.87
CA GLY D 787 2.51 -32.77 17.72
C GLY D 787 1.87 -34.12 17.43
N GLN D 788 2.66 -35.19 17.54
CA GLN D 788 2.12 -36.53 17.35
C GLN D 788 1.08 -36.88 18.42
N ALA D 789 1.39 -36.57 19.68
CA ALA D 789 0.43 -36.84 20.75
C ALA D 789 -0.86 -36.07 20.54
N LEU D 790 -0.76 -34.83 20.06
CA LEU D 790 -1.95 -34.03 19.77
C LEU D 790 -2.75 -34.65 18.63
N ARG D 791 -2.06 -35.10 17.57
CA ARG D 791 -2.74 -35.74 16.45
C ARG D 791 -3.45 -37.01 16.90
N GLU D 792 -2.89 -37.72 17.87
CA GLU D 792 -3.51 -38.94 18.36
C GLU D 792 -4.71 -38.65 19.25
N HIS D 793 -4.60 -37.62 20.11
CA HIS D 793 -5.66 -37.31 21.05
C HIS D 793 -6.87 -36.65 20.38
N TYR D 794 -6.68 -36.08 19.19
CA TYR D 794 -7.75 -35.32 18.55
C TYR D 794 -8.67 -36.25 17.78
N PRO D 795 -9.99 -36.25 18.05
CA PRO D 795 -10.93 -36.96 17.18
C PRO D 795 -10.82 -36.53 15.73
N ASP D 796 -11.24 -37.39 14.81
CA ASP D 796 -11.16 -37.09 13.39
C ASP D 796 -12.26 -36.16 12.91
N ASP D 797 -13.28 -35.91 13.73
CA ASP D 797 -14.36 -34.99 13.39
C ASP D 797 -14.22 -33.66 14.14
N ASN D 798 -13.12 -33.44 14.84
CA ASN D 798 -12.89 -32.17 15.50
C ASN D 798 -12.86 -31.05 14.47
N PRO D 799 -13.47 -29.89 14.77
CA PRO D 799 -13.52 -28.82 13.75
C PRO D 799 -12.16 -28.33 13.30
N ILE D 800 -11.18 -28.27 14.21
CA ILE D 800 -9.83 -27.86 13.82
C ILE D 800 -9.22 -28.87 12.86
N ILE D 801 -9.27 -30.14 13.22
CA ILE D 801 -8.76 -31.20 12.36
C ILE D 801 -9.52 -31.23 11.04
N THR D 802 -10.84 -31.02 11.10
CA THR D 802 -11.65 -31.05 9.88
C THR D 802 -11.27 -29.90 8.95
N ILE D 803 -11.03 -28.72 9.49
CA ILE D 803 -10.64 -27.59 8.65
C ILE D 803 -9.25 -27.81 8.05
N VAL D 804 -8.31 -28.30 8.84
CA VAL D 804 -6.94 -28.44 8.35
C VAL D 804 -6.84 -29.57 7.33
N ASP D 805 -7.30 -30.77 7.71
CA ASP D 805 -7.10 -31.96 6.89
C ASP D 805 -7.92 -31.96 5.61
N SER D 806 -9.01 -31.18 5.55
CA SER D 806 -9.81 -31.14 4.33
C SER D 806 -9.15 -30.33 3.23
N GLY D 807 -8.06 -29.63 3.52
CA GLY D 807 -7.43 -28.75 2.55
C GLY D 807 -8.07 -27.39 2.44
N ALA D 808 -9.03 -27.07 3.31
CA ALA D 808 -9.67 -25.76 3.27
C ALA D 808 -8.66 -24.65 3.55
N THR D 809 -8.07 -24.66 4.75
CA THR D 809 -7.06 -23.68 5.11
C THR D 809 -6.26 -24.18 6.29
N GLY D 810 -5.05 -23.67 6.43
CA GLY D 810 -4.20 -23.96 7.56
C GLY D 810 -3.43 -25.25 7.40
N ASN D 811 -2.39 -25.38 8.24
CA ASN D 811 -1.56 -26.57 8.30
C ASN D 811 -1.52 -27.07 9.74
N PHE D 812 -0.90 -28.24 9.93
CA PHE D 812 -0.88 -28.87 11.24
C PHE D 812 0.08 -28.19 12.21
N THR D 813 1.11 -27.50 11.72
CA THR D 813 1.99 -26.78 12.64
C THR D 813 1.25 -25.66 13.35
N GLN D 814 0.29 -25.04 12.68
CA GLN D 814 -0.56 -24.05 13.35
C GLN D 814 -1.36 -24.70 14.48
N THR D 815 -1.85 -25.93 14.27
CA THR D 815 -2.58 -26.63 15.32
C THR D 815 -1.66 -27.02 16.46
N ARG D 816 -0.43 -27.42 16.14
CA ARG D 816 0.55 -27.72 17.18
C ARG D 816 0.90 -26.48 18.00
N THR D 817 0.90 -25.31 17.35
CA THR D 817 1.19 -24.08 18.06
C THR D 817 0.01 -23.65 18.93
N LEU D 818 -1.21 -23.77 18.40
CA LEU D 818 -2.40 -23.36 19.15
C LEU D 818 -2.56 -24.18 20.42
N ALA D 819 -2.77 -25.49 20.28
CA ALA D 819 -2.78 -26.42 21.38
C ALA D 819 -1.50 -27.25 21.33
N GLY D 820 -0.88 -27.46 22.49
CA GLY D 820 0.36 -28.19 22.52
C GLY D 820 1.59 -27.33 22.78
N MET D 821 2.37 -27.05 21.73
CA MET D 821 3.66 -26.41 21.94
C MET D 821 4.10 -25.74 20.66
N LYS D 822 4.56 -24.49 20.77
CA LYS D 822 5.11 -23.78 19.62
C LYS D 822 6.56 -24.19 19.35
N GLY D 823 7.36 -24.32 20.41
CA GLY D 823 8.71 -24.80 20.28
C GLY D 823 9.77 -23.71 20.29
N LEU D 824 10.73 -23.82 19.38
CA LEU D 824 11.82 -22.86 19.30
C LEU D 824 11.38 -21.60 18.58
N VAL D 825 12.05 -20.49 18.89
CA VAL D 825 11.72 -19.18 18.33
C VAL D 825 13.00 -18.55 17.81
N THR D 826 12.85 -17.77 16.73
CA THR D 826 13.98 -17.16 16.04
C THR D 826 14.76 -16.23 16.96
N ASN D 827 15.97 -15.88 16.52
CA ASN D 827 16.89 -14.98 17.20
C ASN D 827 17.12 -13.77 16.29
N PRO D 828 17.80 -12.71 16.76
CA PRO D 828 18.12 -11.62 15.82
C PRO D 828 19.04 -12.05 14.69
N LYS D 829 19.97 -12.98 14.97
CA LYS D 829 20.88 -13.48 13.94
C LYS D 829 20.25 -14.57 13.08
N GLY D 830 19.21 -15.23 13.58
CA GLY D 830 18.61 -16.37 12.92
C GLY D 830 18.81 -17.69 13.62
N GLU D 831 19.48 -17.70 14.76
CA GLU D 831 19.71 -18.93 15.50
C GLU D 831 18.43 -19.38 16.21
N PHE D 832 18.57 -20.44 17.00
CA PHE D 832 17.50 -20.94 17.84
C PHE D 832 17.93 -20.83 19.29
N ILE D 833 17.14 -20.10 20.09
CA ILE D 833 17.49 -19.90 21.50
C ILE D 833 17.45 -21.24 22.23
N PRO D 834 18.42 -21.55 23.10
CA PRO D 834 18.38 -22.83 23.82
C PRO D 834 17.10 -23.02 24.63
N ARG D 835 16.49 -21.96 25.14
CA ARG D 835 15.23 -22.08 25.86
C ARG D 835 14.07 -21.93 24.89
N PRO D 836 13.18 -22.93 24.79
CA PRO D 836 12.07 -22.83 23.84
C PRO D 836 10.82 -22.22 24.45
N VAL D 837 9.78 -22.03 23.64
CA VAL D 837 8.47 -21.61 24.13
C VAL D 837 7.66 -22.89 24.35
N LYS D 838 7.64 -23.37 25.59
CA LYS D 838 6.97 -24.63 25.89
C LYS D 838 5.46 -24.47 25.94
N SER D 839 4.97 -23.30 26.32
CA SER D 839 3.54 -23.10 26.47
C SER D 839 2.86 -23.00 25.11
N SER D 840 1.62 -23.49 25.05
CA SER D 840 0.77 -23.30 23.89
C SER D 840 0.01 -21.99 24.02
N PHE D 841 -0.49 -21.48 22.89
CA PHE D 841 -1.28 -20.27 22.94
C PHE D 841 -2.67 -20.51 23.52
N ARG D 842 -3.08 -21.76 23.70
CA ARG D 842 -4.30 -22.02 24.44
C ARG D 842 -4.08 -21.85 25.93
N GLU D 843 -2.93 -22.32 26.45
CA GLU D 843 -2.60 -22.09 27.85
C GLU D 843 -2.18 -20.65 28.11
N GLY D 844 -1.71 -19.95 27.08
CA GLY D 844 -1.23 -18.59 27.25
C GLY D 844 0.25 -18.57 27.59
N LEU D 845 1.03 -17.90 26.74
CA LEU D 845 2.47 -17.82 26.97
C LEU D 845 2.77 -17.02 28.22
N THR D 846 3.91 -17.32 28.83
CA THR D 846 4.39 -16.50 29.94
C THR D 846 4.89 -15.17 29.42
N VAL D 847 5.37 -14.32 30.33
CA VAL D 847 5.88 -13.01 29.93
C VAL D 847 7.09 -13.17 29.03
N LEU D 848 8.10 -13.91 29.50
CA LEU D 848 9.34 -14.02 28.74
C LEU D 848 9.15 -14.80 27.44
N GLU D 849 8.27 -15.81 27.44
CA GLU D 849 7.96 -16.50 26.20
C GLU D 849 7.40 -15.54 25.16
N TYR D 850 6.50 -14.66 25.58
CA TYR D 850 5.93 -13.68 24.67
C TYR D 850 7.00 -12.70 24.17
N PHE D 851 7.84 -12.21 25.08
CA PHE D 851 8.89 -11.28 24.68
C PHE D 851 9.85 -11.92 23.68
N ILE D 852 10.14 -13.21 23.85
CA ILE D 852 11.05 -13.87 22.93
C ILE D 852 10.37 -14.16 21.59
N ASN D 853 9.07 -14.48 21.60
CA ASN D 853 8.37 -14.74 20.36
C ASN D 853 8.24 -13.47 19.51
N THR D 854 8.06 -12.32 20.17
CA THR D 854 7.92 -11.06 19.44
C THR D 854 9.12 -10.75 18.57
N HIS D 855 10.32 -11.11 19.05
CA HIS D 855 11.54 -10.86 18.27
C HIS D 855 11.47 -11.55 16.92
N GLY D 856 11.18 -12.84 16.91
CA GLY D 856 11.03 -13.56 15.66
C GLY D 856 9.89 -13.03 14.82
N ALA D 857 8.79 -12.63 15.46
CA ALA D 857 7.65 -12.11 14.70
C ALA D 857 8.04 -10.87 13.91
N ARG D 858 8.67 -9.89 14.58
CA ARG D 858 9.04 -8.66 13.91
C ARG D 858 10.15 -8.90 12.88
N LYS D 859 11.09 -9.80 13.19
CA LYS D 859 12.11 -10.15 12.22
C LYS D 859 11.47 -10.71 10.95
N GLY D 860 10.43 -11.55 11.11
CA GLY D 860 9.75 -12.09 9.95
C GLY D 860 9.02 -11.02 9.15
N LEU D 861 8.35 -10.11 9.85
CA LEU D 861 7.68 -9.01 9.16
C LEU D 861 8.67 -8.20 8.31
N ALA D 862 9.81 -7.83 8.90
CA ALA D 862 10.79 -7.03 8.17
C ALA D 862 11.42 -7.83 7.02
N ASP D 863 11.71 -9.11 7.24
CA ASP D 863 12.28 -9.92 6.17
C ASP D 863 11.32 -10.06 5.01
N THR D 864 10.02 -10.17 5.29
CA THR D 864 9.03 -10.18 4.22
C THR D 864 9.00 -8.82 3.50
N ALA D 865 9.12 -7.73 4.26
CA ALA D 865 9.14 -6.41 3.65
C ALA D 865 10.29 -6.27 2.65
N LEU D 866 11.44 -6.85 2.96
CA LEU D 866 12.55 -6.78 2.00
C LEU D 866 12.40 -7.80 0.87
N ARG D 867 11.85 -8.97 1.19
CA ARG D 867 11.70 -10.04 0.21
C ARG D 867 10.75 -9.62 -0.92
N THR D 868 9.65 -8.94 -0.57
CA THR D 868 8.72 -8.53 -1.62
C THR D 868 9.37 -7.52 -2.57
N ALA D 869 10.24 -6.65 -2.06
CA ALA D 869 10.92 -5.69 -2.91
C ALA D 869 11.93 -6.39 -3.83
N ASP D 870 12.70 -7.34 -3.28
CA ASP D 870 13.62 -8.09 -4.12
C ASP D 870 12.87 -8.85 -5.21
N SER D 871 11.74 -9.45 -4.86
CA SER D 871 10.92 -10.16 -5.85
C SER D 871 10.44 -9.21 -6.93
N GLY D 872 9.99 -8.02 -6.55
CA GLY D 872 9.56 -7.05 -7.56
C GLY D 872 10.68 -6.65 -8.50
N TYR D 873 11.88 -6.44 -7.95
CA TYR D 873 13.02 -6.07 -8.79
C TYR D 873 13.34 -7.17 -9.79
N LEU D 874 13.41 -8.43 -9.31
CA LEU D 874 13.71 -9.53 -10.21
C LEU D 874 12.62 -9.68 -11.27
N THR D 875 11.36 -9.53 -10.88
CA THR D 875 10.27 -9.65 -11.85
C THR D 875 10.37 -8.58 -12.92
N ARG D 876 10.71 -7.35 -12.52
CA ARG D 876 10.85 -6.27 -13.50
C ARG D 876 12.00 -6.55 -14.47
N ARG D 877 13.13 -7.02 -13.94
CA ARG D 877 14.26 -7.35 -14.82
C ARG D 877 13.89 -8.45 -15.80
N LEU D 878 13.15 -9.47 -15.33
CA LEU D 878 12.74 -10.55 -16.24
C LEU D 878 11.79 -10.04 -17.31
N VAL D 879 10.80 -9.23 -16.91
CA VAL D 879 9.87 -8.66 -17.89
C VAL D 879 10.63 -7.87 -18.95
N ASP D 880 11.64 -7.10 -18.53
CA ASP D 880 12.36 -6.29 -19.50
C ASP D 880 13.23 -7.15 -20.41
N VAL D 881 13.88 -8.18 -19.86
CA VAL D 881 14.77 -9.01 -20.67
C VAL D 881 14.01 -9.95 -21.59
N SER D 882 12.72 -10.17 -21.34
CA SER D 882 11.97 -11.16 -22.11
C SER D 882 10.85 -10.57 -22.95
N GLN D 883 10.68 -9.25 -23.00
CA GLN D 883 9.49 -8.70 -23.63
C GLN D 883 9.56 -8.70 -25.15
N ASP D 884 10.70 -9.03 -25.75
CA ASP D 884 10.80 -9.18 -27.19
C ASP D 884 10.54 -10.62 -27.65
N VAL D 885 10.08 -11.49 -26.75
CA VAL D 885 9.84 -12.90 -27.05
C VAL D 885 8.33 -13.09 -27.18
N ILE D 886 7.84 -13.13 -28.41
CA ILE D 886 6.46 -13.47 -28.68
C ILE D 886 6.43 -14.54 -29.76
N VAL D 887 5.34 -15.31 -29.78
CA VAL D 887 5.14 -16.29 -30.83
C VAL D 887 4.94 -15.57 -32.15
N ARG D 888 5.70 -15.96 -33.18
CA ARG D 888 5.64 -15.28 -34.45
C ARG D 888 5.40 -16.20 -35.65
N GLU D 889 5.40 -17.51 -35.47
CA GLU D 889 5.07 -18.43 -36.55
C GLU D 889 4.54 -19.73 -35.95
N HIS D 890 3.95 -20.55 -36.82
CA HIS D 890 3.31 -21.77 -36.36
C HIS D 890 4.33 -22.82 -35.96
N ASP D 891 5.36 -23.04 -36.79
CA ASP D 891 6.29 -24.12 -36.56
C ASP D 891 7.71 -23.70 -36.93
N CYS D 892 8.66 -24.00 -36.04
CA CYS D 892 10.08 -23.85 -36.37
C CYS D 892 10.54 -24.89 -37.37
N GLN D 893 9.85 -26.02 -37.46
CA GLN D 893 10.20 -27.16 -38.31
C GLN D 893 11.55 -27.77 -37.96
N THR D 894 12.14 -27.40 -36.84
CA THR D 894 13.39 -27.99 -36.41
C THR D 894 13.18 -29.37 -35.82
N GLU D 895 14.14 -30.26 -36.06
CA GLU D 895 14.13 -31.59 -35.48
C GLU D 895 14.85 -31.65 -34.14
N ARG D 896 15.50 -30.56 -33.73
CA ARG D 896 16.17 -30.50 -32.45
C ARG D 896 15.15 -30.51 -31.31
N GLY D 897 15.63 -30.90 -30.13
CA GLY D 897 14.76 -30.93 -28.97
C GLY D 897 15.54 -31.19 -27.72
N ILE D 898 14.79 -31.39 -26.63
CA ILE D 898 15.34 -31.65 -25.31
C ILE D 898 14.81 -32.99 -24.82
N VAL D 899 15.69 -33.79 -24.22
CA VAL D 899 15.31 -35.10 -23.70
C VAL D 899 14.76 -34.91 -22.29
N VAL D 900 13.53 -35.40 -22.08
CA VAL D 900 12.86 -35.35 -20.78
C VAL D 900 12.76 -36.77 -20.24
N GLU D 901 13.01 -36.91 -18.94
CA GLU D 901 12.95 -38.19 -18.25
C GLU D 901 11.53 -38.41 -17.74
N LEU D 902 10.84 -39.40 -18.30
CA LEU D 902 9.48 -39.68 -17.86
C LEU D 902 9.46 -40.51 -16.58
N ALA D 903 10.40 -41.44 -16.43
CA ALA D 903 10.43 -42.31 -15.26
C ALA D 903 11.78 -43.02 -15.20
N GLU D 904 12.11 -43.49 -14.00
CA GLU D 904 13.22 -44.39 -13.77
C GLU D 904 12.68 -45.64 -13.09
N ARG D 905 13.42 -46.74 -13.19
CA ARG D 905 12.94 -48.03 -12.73
C ARG D 905 13.92 -48.65 -11.73
N ALA D 906 13.35 -49.35 -10.76
CA ALA D 906 14.12 -50.13 -9.80
C ALA D 906 14.56 -51.45 -10.46
N PRO D 907 15.39 -52.24 -9.77
CA PRO D 907 15.63 -53.61 -10.25
C PRO D 907 14.34 -54.41 -10.46
N ASP D 908 13.31 -54.15 -9.65
CA ASP D 908 12.01 -54.75 -9.87
C ASP D 908 11.34 -54.14 -11.11
N GLY D 909 10.35 -54.87 -11.65
CA GLY D 909 9.67 -54.42 -12.83
C GLY D 909 8.94 -53.10 -12.64
N THR D 910 8.56 -52.78 -11.41
CA THR D 910 7.83 -51.55 -11.13
C THR D 910 8.74 -50.34 -11.36
N LEU D 911 8.24 -49.38 -12.12
CA LEU D 911 8.95 -48.14 -12.39
C LEU D 911 8.44 -47.06 -11.45
N ILE D 912 9.35 -46.19 -11.01
CA ILE D 912 8.97 -45.05 -10.18
C ILE D 912 8.68 -43.86 -11.08
N ARG D 913 7.59 -43.15 -10.79
CA ARG D 913 7.18 -42.02 -11.59
C ARG D 913 8.06 -40.81 -11.28
N ASP D 914 8.65 -40.23 -12.32
CA ASP D 914 9.48 -39.06 -12.11
C ASP D 914 8.63 -37.88 -11.66
N PRO D 915 9.02 -37.17 -10.59
CA PRO D 915 8.16 -36.09 -10.07
C PRO D 915 8.10 -34.86 -10.97
N TYR D 916 9.01 -34.71 -11.92
CA TYR D 916 9.08 -33.51 -12.74
C TYR D 916 8.14 -33.54 -13.94
N ILE D 917 7.35 -34.61 -14.09
CA ILE D 917 6.53 -34.79 -15.30
C ILE D 917 5.61 -33.59 -15.50
N GLU D 918 5.04 -33.05 -14.42
CA GLU D 918 4.12 -31.94 -14.57
C GLU D 918 4.83 -30.66 -15.00
N THR D 919 6.10 -30.50 -14.64
CA THR D 919 6.82 -29.27 -14.96
C THR D 919 7.74 -29.40 -16.16
N SER D 920 8.15 -30.62 -16.52
CA SER D 920 9.11 -30.84 -17.60
C SER D 920 8.50 -31.55 -18.80
N ALA D 921 7.74 -32.63 -18.57
CA ALA D 921 7.18 -33.42 -19.66
C ALA D 921 5.80 -32.95 -20.10
N TYR D 922 4.93 -32.65 -19.15
CA TYR D 922 3.58 -32.22 -19.49
C TYR D 922 3.61 -30.90 -20.27
N ALA D 923 2.58 -30.69 -21.09
CA ALA D 923 2.40 -29.45 -21.84
C ALA D 923 3.51 -29.21 -22.85
N ARG D 924 4.07 -30.29 -23.40
CA ARG D 924 5.12 -30.22 -24.41
C ARG D 924 4.64 -30.87 -25.69
N THR D 925 5.39 -30.63 -26.77
CA THR D 925 5.21 -31.32 -28.03
C THR D 925 6.51 -32.03 -28.37
N LEU D 926 6.43 -33.29 -28.76
CA LEU D 926 7.62 -34.09 -29.00
C LEU D 926 8.05 -34.03 -30.46
N GLY D 927 9.35 -34.18 -30.68
CA GLY D 927 9.90 -34.15 -32.02
C GLY D 927 10.27 -35.52 -32.54
N THR D 928 10.51 -36.47 -31.64
CA THR D 928 10.81 -37.85 -32.00
C THR D 928 9.78 -38.75 -31.33
N ASP D 929 9.13 -39.60 -32.12
CA ASP D 929 8.11 -40.49 -31.61
C ASP D 929 8.71 -41.52 -30.65
N ALA D 930 7.86 -42.03 -29.76
CA ALA D 930 8.29 -43.03 -28.80
C ALA D 930 8.51 -44.37 -29.51
N VAL D 931 9.75 -44.88 -29.43
CA VAL D 931 10.07 -46.13 -30.12
C VAL D 931 9.40 -47.31 -29.44
N ASP D 932 9.35 -47.29 -28.11
CA ASP D 932 8.68 -48.31 -27.29
C ASP D 932 9.31 -49.71 -27.45
N GLU D 933 10.55 -49.77 -27.95
CA GLU D 933 11.35 -51.00 -28.00
C GLU D 933 10.75 -51.99 -28.99
N ALA D 934 9.59 -51.68 -29.54
CA ALA D 934 8.97 -52.49 -30.57
C ALA D 934 8.58 -51.60 -31.75
N GLY D 935 7.83 -52.13 -32.70
CA GLY D 935 7.36 -51.30 -33.79
C GLY D 935 6.38 -50.24 -33.33
N ASN D 936 5.68 -50.49 -32.23
CA ASN D 936 4.61 -49.60 -31.77
C ASN D 936 5.13 -48.19 -31.53
N VAL D 937 4.61 -47.23 -32.29
CA VAL D 937 4.88 -45.81 -32.08
C VAL D 937 3.71 -45.25 -31.29
N ILE D 938 3.94 -44.98 -30.00
CA ILE D 938 2.85 -44.62 -29.10
C ILE D 938 2.37 -43.19 -29.33
N VAL D 939 3.17 -42.35 -29.96
CA VAL D 939 2.84 -40.94 -30.13
C VAL D 939 3.24 -40.48 -31.52
N GLU D 940 2.43 -39.58 -32.09
CA GLU D 940 2.77 -38.92 -33.33
C GLU D 940 3.58 -37.65 -33.04
N ARG D 941 4.41 -37.27 -34.00
CA ARG D 941 5.28 -36.11 -33.82
C ARG D 941 4.44 -34.83 -33.81
N GLY D 942 4.38 -34.18 -32.66
CA GLY D 942 3.64 -32.95 -32.51
C GLY D 942 2.37 -33.02 -31.68
N GLN D 943 2.17 -34.08 -30.91
CA GLN D 943 0.96 -34.21 -30.11
C GLN D 943 1.04 -33.36 -28.85
N ASP D 944 -0.10 -33.23 -28.16
CA ASP D 944 -0.21 -32.33 -27.02
C ASP D 944 0.52 -32.84 -25.79
N LEU D 945 0.74 -34.16 -25.69
CA LEU D 945 1.37 -34.78 -24.51
C LEU D 945 0.58 -34.49 -23.24
N GLY D 946 -0.75 -34.61 -23.34
CA GLY D 946 -1.60 -34.46 -22.19
C GLY D 946 -1.47 -35.63 -21.23
N ASP D 947 -2.30 -35.59 -20.18
CA ASP D 947 -2.32 -36.66 -19.19
C ASP D 947 -2.52 -38.04 -19.80
N PRO D 948 -3.47 -38.27 -20.72
CA PRO D 948 -3.57 -39.61 -21.32
C PRO D 948 -2.35 -40.02 -22.11
N GLU D 949 -1.73 -39.09 -22.84
CA GLU D 949 -0.49 -39.41 -23.55
C GLU D 949 0.61 -39.82 -22.59
N ILE D 950 0.74 -39.11 -21.47
CA ILE D 950 1.77 -39.44 -20.47
C ILE D 950 1.50 -40.82 -19.88
N ASP D 951 0.24 -41.11 -19.54
CA ASP D 951 -0.09 -42.41 -18.97
C ASP D 951 0.14 -43.54 -19.96
N ALA D 952 -0.15 -43.29 -21.25
CA ALA D 952 0.06 -44.32 -22.26
C ALA D 952 1.55 -44.56 -22.49
N LEU D 953 2.36 -43.50 -22.43
CA LEU D 953 3.80 -43.68 -22.56
C LEU D 953 4.39 -44.39 -21.34
N LEU D 954 3.83 -44.16 -20.16
CA LEU D 954 4.34 -44.82 -18.96
C LEU D 954 3.93 -46.28 -18.91
N ALA D 955 2.72 -46.60 -19.39
CA ALA D 955 2.28 -47.99 -19.39
C ALA D 955 3.03 -48.83 -20.41
N ALA D 956 3.48 -48.23 -21.51
CA ALA D 956 4.20 -48.97 -22.53
C ALA D 956 5.62 -49.32 -22.10
N GLY D 957 6.19 -48.60 -21.14
CA GLY D 957 7.53 -48.87 -20.67
C GLY D 957 8.60 -47.94 -21.16
N ILE D 958 8.23 -46.83 -21.81
CA ILE D 958 9.20 -45.86 -22.31
C ILE D 958 9.61 -44.95 -21.16
N THR D 959 10.92 -44.89 -20.87
CA THR D 959 11.43 -44.14 -19.73
C THR D 959 11.92 -42.75 -20.09
N GLN D 960 12.18 -42.47 -21.36
CA GLN D 960 12.69 -41.16 -21.77
C GLN D 960 12.05 -40.77 -23.10
N VAL D 961 11.81 -39.47 -23.28
CA VAL D 961 11.24 -38.94 -24.50
C VAL D 961 12.09 -37.74 -24.93
N LYS D 962 11.91 -37.33 -26.18
CA LYS D 962 12.49 -36.10 -26.70
C LYS D 962 11.36 -35.19 -27.15
N VAL D 963 11.42 -33.92 -26.74
CA VAL D 963 10.34 -32.97 -26.98
C VAL D 963 10.89 -31.74 -27.68
N ARG D 964 9.99 -31.04 -28.37
CA ARG D 964 10.32 -29.71 -28.86
C ARG D 964 10.52 -28.77 -27.69
N SER D 965 11.54 -27.92 -27.78
CA SER D 965 11.86 -27.01 -26.69
C SER D 965 12.05 -25.60 -27.23
N VAL D 966 11.68 -24.63 -26.40
CA VAL D 966 11.89 -23.23 -26.74
C VAL D 966 13.37 -22.88 -26.81
N LEU D 967 14.23 -23.69 -26.21
CA LEU D 967 15.66 -23.41 -26.24
C LEU D 967 16.25 -23.67 -27.62
N THR D 968 15.84 -24.76 -28.27
CA THR D 968 16.44 -25.19 -29.52
C THR D 968 15.66 -24.72 -30.75
N CYS D 969 14.88 -23.66 -30.62
CA CYS D 969 14.13 -23.13 -31.76
C CYS D 969 15.04 -22.32 -32.67
N ALA D 970 14.84 -22.47 -33.98
CA ALA D 970 15.58 -21.72 -34.99
C ALA D 970 14.76 -20.56 -35.55
N THR D 971 13.75 -20.10 -34.80
CA THR D 971 12.93 -18.98 -35.27
C THR D 971 13.77 -17.72 -35.37
N SER D 972 13.63 -17.03 -36.50
CA SER D 972 14.41 -15.81 -36.73
C SER D 972 14.09 -14.75 -35.69
N THR D 973 12.81 -14.46 -35.48
CA THR D 973 12.37 -13.49 -34.49
C THR D 973 11.34 -14.14 -33.58
N GLY D 974 11.56 -14.04 -32.27
CA GLY D 974 10.65 -14.66 -31.34
C GLY D 974 10.81 -16.18 -31.32
N VAL D 975 9.68 -16.87 -31.12
CA VAL D 975 9.64 -18.33 -31.08
C VAL D 975 8.42 -18.80 -31.85
N CYS D 976 8.35 -20.10 -32.07
CA CYS D 976 7.25 -20.73 -32.78
C CYS D 976 6.27 -21.37 -31.80
N ALA D 977 5.03 -21.54 -32.27
CA ALA D 977 4.00 -22.10 -31.41
C ALA D 977 4.21 -23.58 -31.15
N THR D 978 4.70 -24.32 -32.16
CA THR D 978 4.85 -25.76 -32.02
C THR D 978 6.01 -26.11 -31.09
N CYS D 979 7.12 -25.37 -31.19
CA CYS D 979 8.25 -25.63 -30.31
C CYS D 979 7.98 -25.20 -28.87
N TYR D 980 7.14 -24.18 -28.68
CA TYR D 980 6.84 -23.70 -27.33
C TYR D 980 6.02 -24.72 -26.56
N GLY D 981 4.86 -25.09 -27.10
CA GLY D 981 3.96 -26.02 -26.46
C GLY D 981 2.58 -25.41 -26.29
N ARG D 982 1.72 -26.14 -25.56
CA ARG D 982 0.38 -25.67 -25.32
C ARG D 982 0.40 -24.46 -24.38
N SER D 983 -0.70 -23.70 -24.40
CA SER D 983 -0.89 -22.60 -23.48
C SER D 983 -1.48 -23.13 -22.17
N MET D 984 -0.88 -22.74 -21.05
CA MET D 984 -1.31 -23.27 -19.75
C MET D 984 -2.75 -22.86 -19.45
N ALA D 985 -3.11 -21.62 -19.75
CA ALA D 985 -4.45 -21.13 -19.42
C ALA D 985 -5.50 -21.76 -20.33
N THR D 986 -5.29 -21.72 -21.64
CA THR D 986 -6.29 -22.21 -22.57
C THR D 986 -6.27 -23.73 -22.69
N GLY D 987 -5.12 -24.35 -22.48
CA GLY D 987 -4.97 -25.78 -22.67
C GLY D 987 -4.72 -26.22 -24.09
N LYS D 988 -5.05 -25.39 -25.07
CA LYS D 988 -4.81 -25.71 -26.47
C LYS D 988 -3.42 -25.22 -26.88
N LEU D 989 -3.11 -25.36 -28.17
CA LEU D 989 -1.87 -24.81 -28.70
C LEU D 989 -1.88 -23.30 -28.56
N VAL D 990 -0.72 -22.74 -28.20
CA VAL D 990 -0.62 -21.30 -27.99
C VAL D 990 -0.89 -20.57 -29.30
N ASP D 991 -1.71 -19.52 -29.23
CA ASP D 991 -1.98 -18.69 -30.39
C ASP D 991 -0.72 -17.95 -30.81
N ILE D 992 -0.82 -17.23 -31.93
CA ILE D 992 0.35 -16.54 -32.46
C ILE D 992 0.62 -15.25 -31.69
N GLY D 993 -0.41 -14.40 -31.55
CA GLY D 993 -0.23 -13.10 -30.92
C GLY D 993 0.22 -13.14 -29.47
N GLU D 994 0.21 -14.31 -28.84
CA GLU D 994 0.58 -14.43 -27.44
C GLU D 994 2.01 -13.96 -27.21
N ALA D 995 2.21 -13.16 -26.16
CA ALA D 995 3.53 -12.66 -25.77
C ALA D 995 4.01 -13.51 -24.60
N VAL D 996 4.63 -14.65 -24.92
CA VAL D 996 4.97 -15.63 -23.91
C VAL D 996 6.11 -15.16 -23.00
N GLY D 997 6.88 -14.15 -23.42
CA GLY D 997 7.97 -13.68 -22.59
C GLY D 997 7.50 -13.03 -21.31
N ILE D 998 6.52 -12.14 -21.42
CA ILE D 998 5.98 -11.46 -20.24
C ILE D 998 5.21 -12.45 -19.37
N VAL D 999 4.48 -13.38 -19.99
CA VAL D 999 3.78 -14.40 -19.22
C VAL D 999 4.78 -15.23 -18.43
N ALA D 1000 5.92 -15.55 -19.04
CA ALA D 1000 6.94 -16.34 -18.36
C ALA D 1000 7.56 -15.55 -17.21
N ALA D 1001 7.86 -14.26 -17.44
CA ALA D 1001 8.41 -13.44 -16.38
C ALA D 1001 7.46 -13.33 -15.20
N GLN D 1002 6.17 -13.13 -15.49
CA GLN D 1002 5.17 -13.07 -14.42
C GLN D 1002 5.08 -14.39 -13.69
N SER D 1003 5.08 -15.51 -14.43
CA SER D 1003 4.97 -16.82 -13.79
C SER D 1003 6.16 -17.09 -12.88
N ILE D 1004 7.35 -16.63 -13.28
CA ILE D 1004 8.52 -16.87 -12.46
C ILE D 1004 8.54 -15.94 -11.24
N GLY D 1005 8.13 -14.69 -11.41
CA GLY D 1005 8.23 -13.72 -10.35
C GLY D 1005 7.05 -13.61 -9.42
N GLU D 1006 5.91 -14.24 -9.75
CA GLU D 1006 4.73 -14.11 -8.90
C GLU D 1006 4.88 -14.86 -7.58
N PRO D 1007 5.33 -16.13 -7.54
CA PRO D 1007 5.60 -16.75 -6.24
C PRO D 1007 7.01 -16.45 -5.75
N GLY D 1008 7.44 -15.20 -5.87
CA GLY D 1008 8.77 -14.83 -5.45
C GLY D 1008 8.82 -14.47 -3.98
N THR D 1009 7.70 -14.01 -3.45
CA THR D 1009 7.57 -13.67 -2.04
C THR D 1009 7.43 -14.90 -1.15
N GLN D 1010 7.57 -16.09 -1.71
CA GLN D 1010 7.49 -17.33 -0.95
C GLN D 1010 8.85 -17.99 -0.72
N LEU D 1011 9.90 -17.49 -1.36
CA LEU D 1011 11.23 -18.09 -1.21
C LEU D 1011 11.88 -17.58 0.07
N THR D 1012 12.19 -18.50 0.98
CA THR D 1012 12.84 -18.17 2.24
C THR D 1012 14.15 -18.94 2.36
N MET D 1013 15.02 -18.45 3.24
CA MET D 1013 16.32 -19.07 3.45
C MET D 1013 16.20 -20.42 4.16
N GLY D 1027 21.21 -19.91 -1.42
CA GLY D 1027 20.40 -21.10 -1.54
C GLY D 1027 18.92 -20.82 -1.72
N GLY D 1028 18.55 -19.53 -1.66
CA GLY D 1028 17.18 -19.13 -1.82
C GLY D 1028 16.96 -18.17 -2.97
N LEU D 1029 16.17 -17.12 -2.74
CA LEU D 1029 15.98 -16.10 -3.77
C LEU D 1029 17.29 -15.42 -4.19
N PRO D 1030 18.23 -15.11 -3.29
CA PRO D 1030 19.54 -14.65 -3.76
C PRO D 1030 20.22 -15.62 -4.70
N ARG D 1031 20.00 -16.92 -4.54
CA ARG D 1031 20.55 -17.89 -5.48
C ARG D 1031 19.89 -17.75 -6.86
N VAL D 1032 18.58 -17.54 -6.88
CA VAL D 1032 17.88 -17.32 -8.14
C VAL D 1032 18.42 -16.08 -8.83
N GLN D 1033 18.67 -15.01 -8.06
CA GLN D 1033 19.24 -13.80 -8.65
C GLN D 1033 20.66 -14.03 -9.13
N GLU D 1034 21.45 -14.79 -8.38
CA GLU D 1034 22.82 -15.11 -8.77
C GLU D 1034 22.85 -15.91 -10.06
N LEU D 1035 21.87 -16.79 -10.27
CA LEU D 1035 21.82 -17.56 -11.51
C LEU D 1035 21.36 -16.70 -12.68
N PHE D 1036 20.27 -15.94 -12.50
CA PHE D 1036 19.74 -15.15 -13.61
C PHE D 1036 20.65 -14.00 -13.99
N GLU D 1037 21.48 -13.51 -13.06
CA GLU D 1037 22.39 -12.42 -13.36
C GLU D 1037 23.74 -12.91 -13.89
N ALA D 1038 23.91 -14.22 -14.03
CA ALA D 1038 25.12 -14.81 -14.61
C ALA D 1038 26.37 -14.39 -13.84
N ARG D 1039 26.29 -14.51 -12.51
CA ARG D 1039 27.42 -14.19 -11.65
C ARG D 1039 28.25 -15.43 -11.37
N VAL D 1040 29.55 -15.21 -11.16
CA VAL D 1040 30.43 -16.27 -10.67
C VAL D 1040 30.00 -16.60 -9.24
N PRO D 1041 29.65 -17.85 -8.95
CA PRO D 1041 29.05 -18.16 -7.65
C PRO D 1041 30.00 -17.88 -6.49
N ARG D 1042 29.42 -17.77 -5.30
CA ARG D 1042 30.20 -17.59 -4.08
C ARG D 1042 31.12 -18.78 -3.85
N GLY D 1043 30.52 -19.97 -3.71
CA GLY D 1043 31.30 -21.20 -3.65
C GLY D 1043 31.40 -21.85 -5.01
N LYS D 1044 32.60 -21.81 -5.60
CA LYS D 1044 32.82 -22.29 -6.96
C LYS D 1044 33.33 -23.72 -6.91
N ALA D 1045 32.51 -24.65 -7.41
CA ALA D 1045 32.93 -26.05 -7.53
C ALA D 1045 33.26 -26.32 -8.99
N PRO D 1046 34.53 -26.46 -9.36
CA PRO D 1046 34.88 -26.66 -10.77
C PRO D 1046 34.36 -28.00 -11.29
N ILE D 1047 34.43 -28.14 -12.61
CA ILE D 1047 34.03 -29.37 -13.28
C ILE D 1047 35.24 -29.95 -14.02
N ALA D 1048 35.06 -31.12 -14.63
CA ALA D 1048 36.14 -31.75 -15.37
C ALA D 1048 36.30 -31.11 -16.73
N ASP D 1049 37.53 -30.75 -17.08
CA ASP D 1049 37.78 -30.10 -18.36
C ASP D 1049 37.76 -31.08 -19.52
N VAL D 1050 38.14 -32.34 -19.29
CA VAL D 1050 38.19 -33.35 -20.34
C VAL D 1050 38.16 -34.72 -19.69
N THR D 1051 37.79 -35.73 -20.46
CA THR D 1051 37.84 -37.11 -19.98
C THR D 1051 39.27 -37.51 -19.67
N GLY D 1052 39.46 -38.17 -18.53
CA GLY D 1052 40.79 -38.62 -18.15
C GLY D 1052 40.77 -39.29 -16.80
N ARG D 1053 41.94 -39.73 -16.37
CA ARG D 1053 42.12 -40.37 -15.08
C ARG D 1053 42.46 -39.32 -14.03
N VAL D 1054 41.74 -39.34 -12.91
CA VAL D 1054 41.88 -38.31 -11.89
C VAL D 1054 43.01 -38.70 -10.93
N ARG D 1055 43.57 -37.68 -10.28
CA ARG D 1055 44.61 -37.87 -9.27
C ARG D 1055 44.36 -36.86 -8.16
N LEU D 1056 44.09 -37.36 -6.96
CA LEU D 1056 43.79 -36.53 -5.80
C LEU D 1056 45.03 -36.41 -4.92
N GLU D 1057 45.36 -35.20 -4.52
CA GLU D 1057 46.48 -34.92 -3.64
C GLU D 1057 45.96 -34.18 -2.42
N ASP D 1058 46.09 -34.80 -1.25
CA ASP D 1058 45.55 -34.28 0.00
C ASP D 1058 46.67 -33.62 0.78
N GLY D 1059 46.61 -32.29 0.90
CA GLY D 1059 47.54 -31.53 1.70
C GLY D 1059 46.95 -31.13 3.04
N GLU D 1060 47.20 -29.88 3.43
CA GLU D 1060 46.66 -29.31 4.66
C GLU D 1060 45.76 -28.14 4.27
N ARG D 1061 44.45 -28.34 4.42
CA ARG D 1061 43.41 -27.35 4.10
C ARG D 1061 43.38 -26.97 2.63
N PHE D 1062 44.12 -27.69 1.77
CA PHE D 1062 44.14 -27.38 0.34
C PHE D 1062 44.34 -28.66 -0.44
N TYR D 1063 43.37 -29.00 -1.29
CA TYR D 1063 43.48 -30.16 -2.15
C TYR D 1063 44.25 -29.80 -3.43
N LYS D 1064 44.55 -30.83 -4.22
CA LYS D 1064 45.14 -30.61 -5.54
C LYS D 1064 44.72 -31.76 -6.45
N ILE D 1065 43.88 -31.46 -7.44
CA ILE D 1065 43.35 -32.47 -8.36
C ILE D 1065 44.03 -32.28 -9.71
N THR D 1066 44.55 -33.37 -10.26
CA THR D 1066 45.21 -33.37 -11.56
C THR D 1066 44.66 -34.50 -12.40
N ILE D 1067 44.17 -34.18 -13.59
CA ILE D 1067 43.55 -35.16 -14.48
C ILE D 1067 44.47 -35.39 -15.66
N VAL D 1068 44.89 -36.64 -15.86
CA VAL D 1068 45.66 -37.04 -17.03
C VAL D 1068 44.68 -37.34 -18.16
N PRO D 1069 44.70 -36.59 -19.25
CA PRO D 1069 43.67 -36.73 -20.29
C PRO D 1069 43.92 -37.93 -21.19
N ASP D 1070 42.90 -38.24 -21.99
CA ASP D 1070 42.98 -39.34 -22.95
C ASP D 1070 43.48 -38.90 -24.31
N ASP D 1071 43.32 -37.62 -24.66
CA ASP D 1071 43.77 -37.14 -25.97
C ASP D 1071 45.28 -37.05 -26.08
N GLY D 1072 46.01 -37.23 -24.97
CA GLY D 1072 47.45 -37.12 -24.98
C GLY D 1072 48.00 -35.74 -24.70
N GLY D 1073 47.14 -34.75 -24.44
CA GLY D 1073 47.58 -33.41 -24.16
C GLY D 1073 48.09 -33.24 -22.74
N GLU D 1074 48.36 -31.99 -22.40
CA GLU D 1074 48.87 -31.67 -21.07
C GLU D 1074 47.80 -31.94 -20.01
N GLU D 1075 48.27 -32.26 -18.80
CA GLU D 1075 47.36 -32.61 -17.72
C GLU D 1075 46.62 -31.38 -17.22
N VAL D 1076 45.33 -31.56 -16.94
CA VAL D 1076 44.51 -30.50 -16.35
C VAL D 1076 44.86 -30.39 -14.87
N VAL D 1077 45.40 -29.24 -14.49
CA VAL D 1077 45.90 -29.03 -13.13
C VAL D 1077 45.00 -28.05 -12.42
N TYR D 1078 44.45 -28.47 -11.28
CA TYR D 1078 43.70 -27.61 -10.38
C TYR D 1078 44.58 -27.19 -9.22
N ASP D 1079 44.49 -25.92 -8.84
CA ASP D 1079 45.51 -25.32 -7.97
C ASP D 1079 45.31 -25.70 -6.51
N LYS D 1080 44.19 -25.28 -5.91
CA LYS D 1080 43.96 -25.51 -4.50
C LYS D 1080 42.51 -25.23 -4.18
N ILE D 1081 41.92 -26.07 -3.33
CA ILE D 1081 40.53 -25.94 -2.89
C ILE D 1081 40.49 -26.13 -1.38
N SER D 1082 39.73 -25.28 -0.70
CA SER D 1082 39.66 -25.32 0.75
C SER D 1082 39.14 -26.66 1.26
N LYS D 1083 39.43 -26.94 2.53
CA LYS D 1083 38.96 -28.18 3.15
C LYS D 1083 37.47 -28.14 3.45
N ARG D 1084 36.86 -26.95 3.49
CA ARG D 1084 35.43 -26.86 3.72
C ARG D 1084 34.64 -27.47 2.57
N GLN D 1085 35.21 -27.50 1.37
CA GLN D 1085 34.55 -28.13 0.23
C GLN D 1085 34.72 -29.64 0.28
N ARG D 1086 33.78 -30.35 -0.32
CA ARG D 1086 33.78 -31.80 -0.36
C ARG D 1086 33.57 -32.29 -1.78
N LEU D 1087 33.85 -33.57 -2.00
CA LEU D 1087 33.77 -34.15 -3.33
C LEU D 1087 32.33 -34.54 -3.67
N ARG D 1088 32.09 -34.76 -4.96
CA ARG D 1088 30.75 -35.03 -5.46
C ARG D 1088 30.30 -36.43 -5.06
N VAL D 1089 29.06 -36.76 -5.41
CA VAL D 1089 28.45 -38.01 -4.99
C VAL D 1089 28.75 -39.16 -5.96
N PHE D 1090 28.72 -38.91 -7.26
CA PHE D 1090 28.88 -39.95 -8.26
C PHE D 1090 30.27 -39.86 -8.88
N LYS D 1091 31.09 -40.88 -8.63
CA LYS D 1091 32.38 -41.05 -9.28
C LYS D 1091 32.46 -42.43 -9.91
N HIS D 1092 31.35 -42.88 -10.49
CA HIS D 1092 31.20 -44.26 -10.96
C HIS D 1092 31.42 -44.31 -12.47
N GLU D 1093 32.57 -44.87 -12.87
CA GLU D 1093 32.85 -45.25 -14.26
C GLU D 1093 33.52 -46.61 -14.17
N ASP D 1094 32.70 -47.67 -14.25
CA ASP D 1094 33.15 -49.05 -14.00
C ASP D 1094 33.68 -49.19 -12.57
N GLY D 1095 33.04 -48.51 -11.63
CA GLY D 1095 33.47 -48.50 -10.24
C GLY D 1095 32.32 -48.23 -9.29
N SER D 1096 32.65 -47.68 -8.13
CA SER D 1096 31.69 -47.48 -7.07
C SER D 1096 30.86 -46.21 -7.29
N GLU D 1097 29.61 -46.26 -6.87
CA GLU D 1097 28.70 -45.13 -6.94
C GLU D 1097 28.88 -44.13 -5.80
N ARG D 1098 29.98 -44.22 -5.07
CA ARG D 1098 30.21 -43.43 -3.87
C ARG D 1098 31.05 -42.19 -4.20
N VAL D 1099 31.52 -41.51 -3.15
CA VAL D 1099 32.23 -40.25 -3.30
C VAL D 1099 33.51 -40.42 -4.13
N LEU D 1100 34.02 -39.31 -4.64
CA LEU D 1100 35.21 -39.31 -5.47
C LEU D 1100 36.40 -39.88 -4.71
N SER D 1101 37.24 -40.63 -5.43
CA SER D 1101 38.46 -41.18 -4.87
C SER D 1101 39.60 -41.00 -5.87
N ASP D 1102 40.82 -41.25 -5.42
CA ASP D 1102 41.99 -41.08 -6.26
C ASP D 1102 42.06 -42.19 -7.31
N GLY D 1103 42.06 -41.81 -8.57
CA GLY D 1103 42.18 -42.76 -9.66
C GLY D 1103 40.90 -43.10 -10.40
N ASP D 1104 39.80 -42.42 -10.10
CA ASP D 1104 38.54 -42.71 -10.77
C ASP D 1104 38.50 -42.10 -12.16
N HIS D 1105 37.87 -42.80 -13.10
CA HIS D 1105 37.68 -42.26 -14.44
C HIS D 1105 36.61 -41.18 -14.39
N VAL D 1106 36.95 -40.01 -14.93
CA VAL D 1106 36.07 -38.84 -14.89
C VAL D 1106 35.68 -38.47 -16.31
N GLU D 1107 34.40 -38.19 -16.52
CA GLU D 1107 33.89 -37.81 -17.83
C GLU D 1107 34.13 -36.31 -18.07
N VAL D 1108 33.62 -35.79 -19.17
CA VAL D 1108 33.75 -34.36 -19.46
C VAL D 1108 32.72 -33.56 -18.69
N GLY D 1109 31.46 -33.98 -18.74
CA GLY D 1109 30.39 -33.23 -18.11
C GLY D 1109 30.07 -33.63 -16.69
N GLN D 1110 31.08 -34.05 -15.94
CA GLN D 1110 30.92 -34.43 -14.55
C GLN D 1110 31.43 -33.33 -13.63
N GLN D 1111 30.67 -33.04 -12.58
CA GLN D 1111 31.05 -32.04 -11.60
C GLN D 1111 32.08 -32.63 -10.64
N LEU D 1112 33.12 -31.85 -10.33
CA LEU D 1112 34.20 -32.35 -9.51
C LEU D 1112 33.83 -32.43 -8.04
N MET D 1113 33.35 -31.32 -7.46
CA MET D 1113 33.12 -31.24 -6.03
C MET D 1113 31.72 -30.68 -5.76
N GLU D 1114 31.40 -30.57 -4.47
CA GLU D 1114 30.12 -30.05 -4.04
C GLU D 1114 30.11 -28.52 -4.10
N GLY D 1115 28.92 -27.96 -4.36
CA GLY D 1115 28.77 -26.53 -4.46
C GLY D 1115 27.90 -26.13 -5.64
N SER D 1116 28.30 -25.08 -6.35
CA SER D 1116 27.59 -24.60 -7.52
C SER D 1116 28.58 -24.32 -8.63
N ALA D 1117 28.35 -24.92 -9.79
CA ALA D 1117 29.27 -24.78 -10.91
C ALA D 1117 29.14 -23.41 -11.56
N ASP D 1118 30.25 -22.94 -12.12
CA ASP D 1118 30.26 -21.68 -12.85
C ASP D 1118 29.59 -21.87 -14.21
N PRO D 1119 28.50 -21.17 -14.51
CA PRO D 1119 27.85 -21.36 -15.81
C PRO D 1119 28.74 -21.03 -17.00
N HIS D 1120 29.70 -20.12 -16.83
CA HIS D 1120 30.63 -19.83 -17.92
C HIS D 1120 31.55 -21.01 -18.18
N GLU D 1121 31.96 -21.71 -17.11
CA GLU D 1121 32.77 -22.91 -17.28
C GLU D 1121 32.00 -23.99 -18.02
N VAL D 1122 30.75 -24.24 -17.59
CA VAL D 1122 29.90 -25.20 -18.28
C VAL D 1122 29.69 -24.79 -19.73
N LEU D 1123 29.65 -23.47 -19.99
CA LEU D 1123 29.49 -23.00 -21.36
C LEU D 1123 30.71 -23.33 -22.21
N ARG D 1124 31.89 -22.95 -21.75
CA ARG D 1124 33.09 -23.17 -22.55
C ARG D 1124 33.52 -24.62 -22.58
N VAL D 1125 32.98 -25.48 -21.73
CA VAL D 1125 33.35 -26.89 -21.70
C VAL D 1125 32.34 -27.77 -22.43
N GLN D 1126 31.05 -27.61 -22.14
CA GLN D 1126 30.03 -28.55 -22.60
C GLN D 1126 29.08 -27.98 -23.65
N GLY D 1127 29.23 -26.72 -24.03
CA GLY D 1127 28.40 -26.14 -25.07
C GLY D 1127 27.11 -25.55 -24.53
N PRO D 1128 26.53 -24.62 -25.28
CA PRO D 1128 25.38 -23.85 -24.75
C PRO D 1128 24.14 -24.69 -24.48
N ARG D 1129 23.87 -25.69 -25.32
CA ARG D 1129 22.69 -26.52 -25.13
C ARG D 1129 22.74 -27.32 -23.83
N GLU D 1130 23.91 -27.37 -23.18
CA GLU D 1130 24.03 -27.99 -21.87
C GLU D 1130 23.90 -26.98 -20.74
N VAL D 1131 24.41 -25.76 -20.94
CA VAL D 1131 24.26 -24.72 -19.93
C VAL D 1131 22.80 -24.34 -19.77
N GLN D 1132 22.04 -24.35 -20.86
CA GLN D 1132 20.61 -24.10 -20.76
C GLN D 1132 19.95 -25.10 -19.82
N ILE D 1133 20.23 -26.40 -20.01
CA ILE D 1133 19.69 -27.43 -19.14
C ILE D 1133 20.15 -27.22 -17.70
N HIS D 1134 21.42 -26.87 -17.52
CA HIS D 1134 21.95 -26.70 -16.17
C HIS D 1134 21.25 -25.56 -15.44
N LEU D 1135 21.11 -24.41 -16.10
CA LEU D 1135 20.48 -23.25 -15.46
C LEU D 1135 19.01 -23.53 -15.18
N VAL D 1136 18.29 -24.11 -16.13
CA VAL D 1136 16.88 -24.44 -15.90
C VAL D 1136 16.74 -25.40 -14.74
N ARG D 1137 17.61 -26.42 -14.68
CA ARG D 1137 17.53 -27.39 -13.60
C ARG D 1137 17.80 -26.76 -12.25
N GLU D 1138 18.78 -25.86 -12.17
CA GLU D 1138 19.10 -25.23 -10.88
C GLU D 1138 17.98 -24.30 -10.43
N VAL D 1139 17.45 -23.48 -11.35
CA VAL D 1139 16.37 -22.56 -10.99
C VAL D 1139 15.13 -23.34 -10.55
N GLN D 1140 14.75 -24.36 -11.32
CA GLN D 1140 13.61 -25.17 -10.93
C GLN D 1140 13.90 -25.94 -9.65
N GLU D 1141 15.16 -26.26 -9.39
CA GLU D 1141 15.53 -26.92 -8.15
C GLU D 1141 15.26 -26.03 -6.94
N VAL D 1142 15.60 -24.74 -7.05
CA VAL D 1142 15.28 -23.81 -5.97
C VAL D 1142 13.77 -23.66 -5.81
N TYR D 1143 13.07 -23.43 -6.92
CA TYR D 1143 11.63 -23.21 -6.86
C TYR D 1143 10.86 -24.46 -6.42
N ARG D 1144 11.45 -25.64 -6.55
CA ARG D 1144 10.85 -26.86 -6.02
C ARG D 1144 11.24 -27.09 -4.57
N ALA D 1145 12.47 -26.72 -4.18
CA ALA D 1145 12.84 -26.75 -2.77
C ALA D 1145 11.90 -25.89 -1.94
N GLN D 1146 11.41 -24.79 -2.52
CA GLN D 1146 10.34 -24.05 -1.87
C GLN D 1146 8.96 -24.59 -2.23
N GLY D 1147 8.87 -25.55 -3.13
CA GLY D 1147 7.60 -26.20 -3.44
C GLY D 1147 6.67 -25.38 -4.29
N VAL D 1148 7.16 -24.90 -5.44
CA VAL D 1148 6.38 -24.08 -6.35
C VAL D 1148 6.28 -24.76 -7.69
N SER D 1149 5.07 -24.82 -8.25
CA SER D 1149 4.81 -25.46 -9.53
C SER D 1149 5.04 -24.44 -10.64
N ILE D 1150 6.27 -24.39 -11.15
CA ILE D 1150 6.63 -23.53 -12.27
C ILE D 1150 7.11 -24.43 -13.40
N HIS D 1151 6.39 -24.41 -14.51
CA HIS D 1151 6.78 -25.23 -15.65
C HIS D 1151 8.09 -24.75 -16.24
N ASP D 1152 8.88 -25.70 -16.76
CA ASP D 1152 10.21 -25.37 -17.23
C ASP D 1152 10.21 -24.45 -18.45
N LYS D 1153 9.09 -24.36 -19.17
CA LYS D 1153 9.08 -23.57 -20.40
C LYS D 1153 9.25 -22.08 -20.12
N HIS D 1154 8.77 -21.59 -18.98
CA HIS D 1154 8.98 -20.18 -18.65
C HIS D 1154 10.46 -19.90 -18.41
N ILE D 1155 11.11 -20.73 -17.59
CA ILE D 1155 12.54 -20.55 -17.34
C ILE D 1155 13.33 -20.72 -18.63
N GLU D 1156 12.85 -21.58 -19.54
CA GLU D 1156 13.53 -21.75 -20.82
C GLU D 1156 13.38 -20.51 -21.70
N VAL D 1157 12.19 -19.91 -21.71
CA VAL D 1157 12.00 -18.65 -22.44
C VAL D 1157 12.93 -17.58 -21.90
N ILE D 1158 13.13 -17.56 -20.57
CA ILE D 1158 14.02 -16.56 -19.99
C ILE D 1158 15.48 -16.86 -20.36
N VAL D 1159 15.88 -18.14 -20.28
CA VAL D 1159 17.27 -18.51 -20.54
C VAL D 1159 17.64 -18.28 -22.00
N ARG D 1160 16.69 -18.51 -22.91
CA ARG D 1160 16.94 -18.36 -24.33
C ARG D 1160 17.55 -17.00 -24.66
N GLN D 1161 17.11 -15.96 -23.97
CA GLN D 1161 17.61 -14.62 -24.23
C GLN D 1161 19.00 -14.37 -23.64
N MET D 1162 19.49 -15.26 -22.78
CA MET D 1162 20.83 -15.10 -22.24
C MET D 1162 21.92 -15.64 -23.16
N LEU D 1163 21.55 -16.36 -24.22
CA LEU D 1163 22.52 -16.95 -25.14
C LEU D 1163 22.30 -16.47 -26.58
N ARG D 1164 21.75 -15.28 -26.76
CA ARG D 1164 21.46 -14.76 -28.09
C ARG D 1164 22.60 -13.96 -28.69
N ARG D 1165 23.74 -13.85 -28.02
CA ARG D 1165 24.86 -13.06 -28.51
C ARG D 1165 26.14 -13.88 -28.46
N VAL D 1166 27.12 -13.41 -29.24
CA VAL D 1166 28.42 -14.08 -29.35
C VAL D 1166 29.52 -13.04 -29.29
N THR D 1167 30.66 -13.43 -28.72
CA THR D 1167 31.84 -12.59 -28.65
C THR D 1167 32.71 -12.82 -29.89
N ILE D 1168 33.21 -11.73 -30.45
CA ILE D 1168 34.10 -11.78 -31.61
C ILE D 1168 35.53 -11.84 -31.11
N ILE D 1169 36.24 -12.92 -31.44
CA ILE D 1169 37.66 -13.01 -31.15
C ILE D 1169 38.49 -12.37 -32.25
N ASP D 1170 38.16 -12.67 -33.50
CA ASP D 1170 38.80 -12.05 -34.67
C ASP D 1170 37.73 -11.31 -35.46
N SER D 1171 37.93 -10.01 -35.65
CA SER D 1171 36.94 -9.20 -36.36
C SER D 1171 36.75 -9.71 -37.79
N GLY D 1172 37.82 -10.17 -38.42
CA GLY D 1172 37.70 -10.71 -39.76
C GLY D 1172 37.40 -9.62 -40.77
N SER D 1173 36.49 -9.93 -41.69
CA SER D 1173 36.15 -9.05 -42.79
C SER D 1173 34.99 -8.11 -42.47
N THR D 1174 34.36 -8.24 -41.31
CA THR D 1174 33.22 -7.42 -40.93
C THR D 1174 33.66 -6.23 -40.08
N GLU D 1175 32.70 -5.36 -39.79
CA GLU D 1175 32.93 -4.15 -39.01
C GLU D 1175 32.67 -4.34 -37.53
N PHE D 1176 32.48 -5.57 -37.07
CA PHE D 1176 32.31 -5.83 -35.65
C PHE D 1176 33.59 -5.56 -34.91
N LEU D 1177 33.46 -4.94 -33.75
CA LEU D 1177 34.64 -4.78 -32.91
C LEU D 1177 34.85 -6.06 -32.09
N PRO D 1178 36.09 -6.52 -31.96
CA PRO D 1178 36.34 -7.75 -31.21
C PRO D 1178 36.00 -7.56 -29.73
N GLY D 1179 35.48 -8.63 -29.12
CA GLY D 1179 35.04 -8.57 -27.75
C GLY D 1179 33.66 -7.96 -27.54
N SER D 1180 33.07 -7.37 -28.57
CA SER D 1180 31.73 -6.80 -28.46
C SER D 1180 30.69 -7.88 -28.73
N LEU D 1181 29.56 -7.78 -28.01
CA LEU D 1181 28.51 -8.78 -28.09
C LEU D 1181 27.53 -8.41 -29.19
N ILE D 1182 27.43 -9.26 -30.21
CA ILE D 1182 26.54 -9.06 -31.34
C ILE D 1182 25.61 -10.26 -31.45
N ASP D 1183 24.39 -10.00 -31.93
CA ASP D 1183 23.40 -11.06 -32.06
C ASP D 1183 23.90 -12.19 -32.94
N ARG D 1184 23.46 -13.41 -32.61
CA ARG D 1184 23.92 -14.59 -33.36
C ARG D 1184 23.38 -14.58 -34.78
N ALA D 1185 22.08 -14.31 -34.94
CA ALA D 1185 21.51 -14.23 -36.28
C ALA D 1185 22.13 -13.09 -37.07
N GLU D 1186 22.38 -11.95 -36.41
CA GLU D 1186 23.07 -10.84 -37.06
C GLU D 1186 24.48 -11.24 -37.45
N PHE D 1187 25.19 -11.93 -36.56
CA PHE D 1187 26.54 -12.42 -36.87
C PHE D 1187 26.53 -13.29 -38.12
N GLU D 1188 25.62 -14.26 -38.17
CA GLU D 1188 25.56 -15.18 -39.31
C GLU D 1188 25.17 -14.44 -40.60
N ALA D 1189 24.16 -13.56 -40.52
CA ALA D 1189 23.69 -12.87 -41.71
C ALA D 1189 24.75 -11.94 -42.27
N GLU D 1190 25.45 -11.20 -41.40
CA GLU D 1190 26.53 -10.34 -41.88
C GLU D 1190 27.76 -11.13 -42.30
N ASN D 1191 27.91 -12.36 -41.79
CA ASN D 1191 28.94 -13.24 -42.33
C ASN D 1191 28.61 -13.68 -43.75
N ARG D 1192 27.33 -13.93 -44.03
CA ARG D 1192 26.93 -14.32 -45.38
C ARG D 1192 27.16 -13.18 -46.37
N ARG D 1193 26.99 -11.93 -45.92
CA ARG D 1193 27.22 -10.80 -46.82
C ARG D 1193 28.69 -10.60 -47.13
N VAL D 1194 29.57 -10.86 -46.16
CA VAL D 1194 31.00 -10.67 -46.36
C VAL D 1194 31.66 -11.92 -46.95
N VAL D 1195 31.09 -13.10 -46.76
CA VAL D 1195 31.58 -14.29 -47.45
C VAL D 1195 31.13 -14.31 -48.90
N ALA D 1196 30.12 -13.50 -49.24
CA ALA D 1196 29.73 -13.36 -50.64
C ALA D 1196 30.71 -12.48 -51.41
N GLU D 1197 31.27 -11.47 -50.76
CA GLU D 1197 32.30 -10.63 -51.37
C GLU D 1197 33.68 -11.24 -51.17
N ALA D 1202 35.89 -13.55 -38.14
CA ALA D 1202 34.59 -14.20 -38.06
C ALA D 1202 34.56 -15.24 -36.93
N ALA D 1203 35.45 -15.05 -35.95
CA ALA D 1203 35.55 -15.98 -34.82
C ALA D 1203 34.52 -15.59 -33.78
N GLY D 1204 33.40 -16.31 -33.76
CA GLY D 1204 32.33 -16.08 -32.80
C GLY D 1204 32.29 -17.18 -31.76
N ARG D 1205 32.08 -16.77 -30.50
CA ARG D 1205 31.99 -17.71 -29.40
C ARG D 1205 30.72 -17.43 -28.61
N PRO D 1206 29.88 -18.43 -28.33
CA PRO D 1206 28.66 -18.19 -27.57
C PRO D 1206 28.95 -17.66 -26.17
N VAL D 1207 28.13 -16.71 -25.73
CA VAL D 1207 28.31 -16.05 -24.44
C VAL D 1207 27.05 -16.22 -23.60
N LEU D 1208 27.24 -16.22 -22.29
CA LEU D 1208 26.15 -16.25 -21.32
C LEU D 1208 26.27 -15.01 -20.46
N MET D 1209 25.31 -14.09 -20.58
CA MET D 1209 25.32 -12.82 -19.87
C MET D 1209 24.04 -12.65 -19.07
N GLY D 1210 24.13 -11.83 -18.02
CA GLY D 1210 23.00 -11.67 -17.12
C GLY D 1210 21.84 -10.95 -17.78
N ILE D 1211 20.68 -11.04 -17.11
CA ILE D 1211 19.47 -10.44 -17.67
C ILE D 1211 19.56 -8.92 -17.71
N THR D 1212 20.29 -8.32 -16.77
CA THR D 1212 20.46 -6.86 -16.79
C THR D 1212 21.33 -6.45 -17.98
N LYS D 1213 22.49 -7.08 -18.13
CA LYS D 1213 23.38 -6.77 -19.24
C LYS D 1213 22.73 -7.09 -20.58
N ALA D 1214 21.83 -8.08 -20.62
CA ALA D 1214 21.11 -8.38 -21.84
C ALA D 1214 20.05 -7.34 -22.13
N SER D 1215 19.35 -6.87 -21.09
CA SER D 1215 18.34 -5.83 -21.28
C SER D 1215 18.97 -4.52 -21.74
N LEU D 1216 20.16 -4.19 -21.22
CA LEU D 1216 20.84 -2.97 -21.63
C LEU D 1216 21.50 -3.08 -22.99
N ALA D 1217 21.65 -4.29 -23.53
CA ALA D 1217 22.26 -4.49 -24.84
C ALA D 1217 21.24 -4.54 -25.97
N THR D 1218 20.00 -4.13 -25.71
CA THR D 1218 18.95 -4.21 -26.72
C THR D 1218 19.21 -3.22 -27.85
N ASP D 1219 18.55 -3.47 -28.99
CA ASP D 1219 18.72 -2.63 -30.17
C ASP D 1219 17.99 -1.30 -30.06
N SER D 1220 17.01 -1.19 -29.18
CA SER D 1220 16.21 0.02 -29.02
C SER D 1220 16.77 0.83 -27.84
N TRP D 1221 17.32 2.01 -28.14
CA TRP D 1221 17.88 2.83 -27.08
C TRP D 1221 16.81 3.38 -26.16
N LEU D 1222 15.58 3.54 -26.66
CA LEU D 1222 14.49 4.03 -25.82
C LEU D 1222 14.14 3.03 -24.73
N SER D 1223 14.06 1.75 -25.09
CA SER D 1223 13.79 0.70 -24.10
C SER D 1223 14.88 0.66 -23.03
N ALA D 1224 16.15 0.72 -23.46
CA ALA D 1224 17.24 0.69 -22.51
C ALA D 1224 17.25 1.92 -21.61
N ALA D 1225 16.90 3.09 -22.16
CA ALA D 1225 16.86 4.30 -21.36
C ALA D 1225 15.72 4.27 -20.35
N SER D 1226 14.59 3.68 -20.72
CA SER D 1226 13.47 3.57 -19.79
C SER D 1226 13.67 2.48 -18.75
N PHE D 1227 14.51 1.48 -19.04
CA PHE D 1227 14.68 0.36 -18.12
C PHE D 1227 15.51 0.75 -16.89
N GLN D 1228 16.77 1.11 -17.10
CA GLN D 1228 17.71 1.23 -16.00
C GLN D 1228 18.96 1.93 -16.48
N GLU D 1229 19.59 2.69 -15.58
CA GLU D 1229 20.81 3.45 -15.87
C GLU D 1229 20.60 4.40 -17.05
N THR D 1230 19.69 5.36 -16.83
CA THR D 1230 19.24 6.22 -17.92
C THR D 1230 20.36 7.11 -18.45
N THR D 1231 21.15 7.71 -17.55
CA THR D 1231 22.14 8.68 -17.97
C THR D 1231 23.21 8.03 -18.86
N ARG D 1232 23.75 6.90 -18.43
CA ARG D 1232 24.76 6.21 -19.23
C ARG D 1232 24.20 5.80 -20.57
N VAL D 1233 22.99 5.24 -20.59
CA VAL D 1233 22.40 4.80 -21.84
C VAL D 1233 22.22 5.97 -22.79
N LEU D 1234 21.78 7.11 -22.26
CA LEU D 1234 21.56 8.28 -23.12
C LEU D 1234 22.88 8.81 -23.67
N THR D 1235 23.93 8.88 -22.84
CA THR D 1235 25.23 9.32 -23.34
C THR D 1235 25.73 8.40 -24.45
N ASP D 1236 25.69 7.09 -24.20
CA ASP D 1236 26.18 6.13 -25.20
C ASP D 1236 25.36 6.20 -26.47
N ALA D 1237 24.05 6.41 -26.37
CA ALA D 1237 23.22 6.47 -27.56
C ALA D 1237 23.44 7.76 -28.34
N ALA D 1238 23.73 8.86 -27.64
CA ALA D 1238 24.01 10.11 -28.34
C ALA D 1238 25.34 10.04 -29.06
N ILE D 1239 26.35 9.44 -28.43
CA ILE D 1239 27.67 9.33 -29.06
C ILE D 1239 27.57 8.54 -30.36
N ASN D 1240 26.92 7.38 -30.31
CA ASN D 1240 26.81 6.51 -31.48
C ASN D 1240 25.70 6.93 -32.44
N CYS D 1241 25.00 8.03 -32.16
CA CYS D 1241 23.91 8.52 -33.00
C CYS D 1241 22.92 7.40 -33.33
N ARG D 1242 22.42 6.77 -32.27
CA ARG D 1242 21.56 5.61 -32.43
C ARG D 1242 20.18 6.01 -32.90
N SER D 1243 19.68 5.29 -33.91
CA SER D 1243 18.32 5.47 -34.42
C SER D 1243 17.49 4.27 -34.02
N ASP D 1244 16.46 4.51 -33.21
CA ASP D 1244 15.61 3.44 -32.71
C ASP D 1244 14.61 3.03 -33.79
N LYS D 1245 14.61 1.73 -34.13
CA LYS D 1245 13.65 1.24 -35.12
C LYS D 1245 12.21 1.40 -34.68
N LEU D 1246 11.98 1.57 -33.36
CA LEU D 1246 10.65 1.84 -32.81
C LEU D 1246 9.68 0.70 -33.08
N ASN D 1247 10.15 -0.54 -32.91
CA ASN D 1247 9.29 -1.72 -32.99
C ASN D 1247 9.60 -2.64 -31.82
N GLY D 1248 8.92 -2.39 -30.71
CA GLY D 1248 9.00 -3.23 -29.52
C GLY D 1248 7.82 -2.91 -28.65
N LEU D 1249 7.53 -3.82 -27.72
CA LEU D 1249 6.38 -3.64 -26.85
C LEU D 1249 6.48 -2.34 -26.05
N LYS D 1250 7.58 -2.16 -25.33
CA LYS D 1250 7.75 -0.96 -24.52
C LYS D 1250 7.89 0.29 -25.38
N GLU D 1251 8.51 0.16 -26.56
CA GLU D 1251 8.64 1.32 -27.45
C GLU D 1251 7.27 1.81 -27.91
N ASN D 1252 6.45 0.90 -28.44
CA ASN D 1252 5.11 1.28 -28.88
C ASN D 1252 4.26 1.76 -27.71
N VAL D 1253 4.50 1.23 -26.50
CA VAL D 1253 3.81 1.73 -25.32
C VAL D 1253 4.16 3.19 -25.07
N ILE D 1254 5.46 3.51 -25.13
CA ILE D 1254 5.91 4.87 -24.85
C ILE D 1254 5.39 5.84 -25.89
N ILE D 1255 5.49 5.47 -27.17
CA ILE D 1255 5.05 6.40 -28.23
C ILE D 1255 3.55 6.37 -28.45
N GLY D 1256 2.83 5.48 -27.77
CA GLY D 1256 1.39 5.44 -27.94
C GLY D 1256 0.89 4.71 -29.17
N LYS D 1257 1.68 3.79 -29.70
CA LYS D 1257 1.29 2.99 -30.85
C LYS D 1257 0.81 1.61 -30.40
N LEU D 1258 0.00 0.99 -31.24
CA LEU D 1258 -0.46 -0.37 -30.98
C LEU D 1258 0.75 -1.31 -30.87
N ILE D 1259 0.80 -2.07 -29.79
CA ILE D 1259 1.96 -2.91 -29.49
C ILE D 1259 2.03 -4.05 -30.49
N PRO D 1260 3.22 -4.57 -30.80
CA PRO D 1260 3.35 -5.67 -31.78
C PRO D 1260 3.12 -7.03 -31.17
N ALA D 1261 1.95 -7.21 -30.56
CA ALA D 1261 1.59 -8.48 -29.95
C ALA D 1261 0.07 -8.53 -29.79
N GLY D 1262 -0.45 -9.75 -29.72
CA GLY D 1262 -1.88 -9.93 -29.53
C GLY D 1262 -2.66 -9.39 -30.72
N THR D 1263 -3.64 -8.54 -30.42
CA THR D 1263 -4.46 -7.95 -31.47
C THR D 1263 -3.73 -6.86 -32.25
N GLY D 1264 -2.48 -6.55 -31.90
CA GLY D 1264 -1.68 -5.58 -32.62
C GLY D 1264 -0.83 -6.14 -33.72
N ILE D 1265 -0.84 -7.47 -33.92
CA ILE D 1265 -0.08 -8.08 -35.01
C ILE D 1265 -0.78 -7.79 -36.33
N ASN D 1266 0.02 -7.61 -37.39
CA ASN D 1266 -0.51 -7.19 -38.67
C ASN D 1266 -1.59 -8.13 -39.19
N ARG D 1267 -1.38 -9.44 -39.07
CA ARG D 1267 -2.34 -10.40 -39.60
C ARG D 1267 -3.68 -10.36 -38.85
N TYR D 1268 -3.69 -9.85 -37.62
CA TYR D 1268 -4.93 -9.78 -36.86
C TYR D 1268 -5.60 -8.41 -36.97
N ARG D 1269 -4.80 -7.34 -37.02
CA ARG D 1269 -5.34 -5.98 -36.95
C ARG D 1269 -5.92 -5.50 -38.27
N ASN D 1270 -5.53 -6.10 -39.39
CA ASN D 1270 -5.98 -5.65 -40.70
C ASN D 1270 -6.96 -6.64 -41.35
N ILE D 1271 -7.73 -7.35 -40.54
CA ILE D 1271 -8.72 -8.28 -41.06
C ILE D 1271 -9.86 -7.52 -41.71
N ALA D 1272 -10.30 -7.99 -42.86
CA ALA D 1272 -11.44 -7.42 -43.57
C ALA D 1272 -12.68 -8.23 -43.26
N VAL D 1273 -13.79 -7.54 -42.99
CA VAL D 1273 -15.04 -8.16 -42.56
C VAL D 1273 -16.18 -7.62 -43.42
N GLN D 1274 -16.98 -8.54 -43.98
CA GLN D 1274 -18.14 -8.19 -44.79
C GLN D 1274 -19.04 -9.42 -44.80
N PRO D 1275 -20.37 -9.25 -44.80
CA PRO D 1275 -21.25 -10.43 -44.85
C PRO D 1275 -21.13 -11.19 -46.16
N THR D 1276 -21.54 -12.44 -46.11
CA THR D 1276 -21.58 -13.27 -47.31
C THR D 1276 -22.75 -12.86 -48.20
N GLU D 1277 -22.64 -13.18 -49.50
CA GLU D 1277 -23.67 -12.79 -50.45
C GLU D 1277 -24.98 -13.51 -50.16
N GLU D 1278 -24.91 -14.77 -49.74
CA GLU D 1278 -26.13 -15.50 -49.40
C GLU D 1278 -26.86 -14.84 -48.24
N ALA D 1279 -26.11 -14.32 -47.27
CA ALA D 1279 -26.72 -13.58 -46.16
C ALA D 1279 -27.04 -12.14 -46.55
N ARG D 1280 -26.25 -11.55 -47.46
CA ARG D 1280 -26.55 -10.21 -47.93
C ARG D 1280 -27.86 -10.16 -48.69
N ALA D 1281 -28.27 -11.28 -49.32
CA ALA D 1281 -29.57 -11.32 -49.97
C ALA D 1281 -30.69 -11.29 -48.96
N ALA D 1282 -30.59 -12.06 -47.88
CA ALA D 1282 -31.60 -12.10 -46.84
C ALA D 1282 -31.56 -10.83 -45.99
N SER E 26 -27.28 -30.35 -29.06
CA SER E 26 -26.93 -28.97 -28.73
C SER E 26 -25.73 -28.92 -27.80
N GLY E 27 -25.61 -29.94 -26.95
CA GLY E 27 -24.52 -30.00 -25.99
C GLY E 27 -25.00 -29.99 -24.56
N GLY E 28 -24.12 -30.36 -23.63
CA GLY E 28 -24.48 -30.43 -22.23
C GLY E 28 -24.41 -29.12 -21.48
N TYR E 29 -23.92 -28.07 -22.12
CA TYR E 29 -23.82 -26.77 -21.44
C TYR E 29 -25.20 -26.17 -21.26
N ASP E 30 -25.41 -25.54 -20.10
CA ASP E 30 -26.68 -24.91 -19.80
C ASP E 30 -26.76 -23.55 -20.49
N THR E 31 -27.93 -22.93 -20.37
CA THR E 31 -28.21 -21.68 -21.07
C THR E 31 -27.29 -20.56 -20.58
N PRO E 32 -26.52 -19.92 -21.46
CA PRO E 32 -25.72 -18.76 -21.04
C PRO E 32 -26.62 -17.57 -20.69
N LEU E 33 -26.00 -16.55 -20.11
CA LEU E 33 -26.72 -15.50 -19.39
C LEU E 33 -26.58 -14.13 -20.04
N GLY E 34 -26.42 -14.06 -21.36
CA GLY E 34 -26.51 -12.79 -22.05
C GLY E 34 -25.20 -12.16 -22.45
N ILE E 35 -24.20 -12.21 -21.57
CA ILE E 35 -22.88 -11.70 -21.90
C ILE E 35 -21.89 -12.85 -22.17
N THR E 36 -22.17 -14.04 -21.67
CA THR E 36 -21.36 -15.21 -21.96
C THR E 36 -21.86 -16.01 -23.16
N ASN E 37 -22.82 -15.47 -23.91
CA ASN E 37 -23.30 -16.11 -25.11
C ASN E 37 -23.02 -15.23 -26.33
N PRO E 38 -22.73 -15.82 -27.49
CA PRO E 38 -22.54 -17.26 -27.68
C PRO E 38 -21.27 -17.77 -26.99
N PRO E 39 -21.31 -18.97 -26.44
CA PRO E 39 -20.17 -19.47 -25.66
C PRO E 39 -18.88 -19.38 -26.46
N ILE E 40 -17.78 -19.08 -25.74
CA ILE E 40 -16.49 -18.85 -26.38
C ILE E 40 -15.98 -20.11 -27.06
N ASP E 41 -16.41 -21.28 -26.58
CA ASP E 41 -15.96 -22.53 -27.20
C ASP E 41 -16.59 -22.73 -28.57
N GLU E 42 -17.77 -22.16 -28.81
CA GLU E 42 -18.38 -22.24 -30.13
C GLU E 42 -17.88 -21.14 -31.06
N LEU E 43 -17.47 -20.00 -30.51
CA LEU E 43 -16.95 -18.91 -31.33
C LEU E 43 -15.49 -19.13 -31.72
N LEU E 44 -14.70 -19.79 -30.86
CA LEU E 44 -13.32 -20.08 -31.19
C LEU E 44 -13.20 -21.12 -32.30
N ASP E 45 -14.28 -21.86 -32.59
CA ASP E 45 -14.28 -22.76 -33.73
C ASP E 45 -14.54 -22.03 -35.04
N ARG E 46 -14.88 -20.74 -34.99
CA ARG E 46 -15.09 -19.94 -36.20
C ARG E 46 -13.82 -19.25 -36.67
N VAL E 47 -12.86 -19.01 -35.78
CA VAL E 47 -11.62 -18.30 -36.12
C VAL E 47 -10.44 -19.11 -35.62
N SER E 48 -9.24 -18.73 -36.10
CA SER E 48 -8.02 -19.44 -35.75
C SER E 48 -7.50 -19.06 -34.37
N SER E 49 -7.77 -17.84 -33.92
CA SER E 49 -7.27 -17.38 -32.63
C SER E 49 -8.29 -16.45 -31.99
N LYS E 50 -8.15 -16.27 -30.67
CA LYS E 50 -9.03 -15.36 -29.95
C LYS E 50 -8.83 -13.92 -30.36
N TYR E 51 -7.58 -13.54 -30.70
CA TYR E 51 -7.31 -12.16 -31.13
C TYR E 51 -8.03 -11.86 -32.45
N ALA E 52 -7.97 -12.79 -33.40
CA ALA E 52 -8.67 -12.60 -34.66
C ALA E 52 -10.17 -12.52 -34.44
N LEU E 53 -10.70 -13.31 -33.51
CA LEU E 53 -12.12 -13.19 -33.15
C LEU E 53 -12.42 -11.81 -32.61
N VAL E 54 -11.55 -11.28 -31.75
CA VAL E 54 -11.75 -9.95 -31.19
C VAL E 54 -11.84 -8.91 -32.30
N ILE E 55 -10.88 -8.94 -33.22
CA ILE E 55 -10.86 -7.93 -34.28
C ILE E 55 -12.06 -8.10 -35.21
N TYR E 56 -12.38 -9.37 -35.56
CA TYR E 56 -13.58 -9.71 -36.30
C TYR E 56 -14.81 -9.01 -35.71
N ALA E 57 -15.08 -9.29 -34.43
CA ALA E 57 -16.28 -8.77 -33.79
C ALA E 57 -16.24 -7.26 -33.69
N ALA E 58 -15.07 -6.68 -33.39
CA ALA E 58 -14.98 -5.24 -33.21
C ALA E 58 -15.25 -4.50 -34.52
N LYS E 59 -14.65 -4.97 -35.61
CA LYS E 59 -14.88 -4.33 -36.91
C LYS E 59 -16.32 -4.49 -37.35
N ARG E 60 -16.90 -5.68 -37.15
CA ARG E 60 -18.31 -5.84 -37.50
C ARG E 60 -19.20 -4.94 -36.66
N ALA E 61 -18.83 -4.73 -35.38
CA ALA E 61 -19.65 -3.93 -34.50
C ALA E 61 -19.62 -2.44 -34.88
N ARG E 62 -18.43 -1.92 -35.19
CA ARG E 62 -18.40 -0.52 -35.60
C ARG E 62 -18.99 -0.34 -36.99
N GLN E 63 -18.94 -1.37 -37.84
CA GLN E 63 -19.69 -1.33 -39.09
C GLN E 63 -21.19 -1.24 -38.82
N ILE E 64 -21.69 -2.04 -37.88
CA ILE E 64 -23.11 -1.99 -37.50
C ILE E 64 -23.47 -0.59 -37.01
N ASN E 65 -22.65 -0.03 -36.13
CA ASN E 65 -22.95 1.31 -35.61
C ASN E 65 -22.88 2.36 -36.71
N ASP E 66 -22.05 2.14 -37.73
CA ASP E 66 -22.05 3.03 -38.88
C ASP E 66 -23.36 2.91 -39.67
N TYR E 67 -23.92 1.69 -39.74
CA TYR E 67 -25.21 1.51 -40.41
C TYR E 67 -26.28 2.39 -39.79
N TYR E 68 -26.26 2.56 -38.47
CA TYR E 68 -27.25 3.36 -37.77
C TYR E 68 -26.98 4.86 -37.86
N ASN E 69 -26.00 5.28 -38.67
CA ASN E 69 -25.71 6.70 -38.85
C ASN E 69 -25.37 7.00 -40.30
N TYR E 78 -21.49 -0.24 -44.65
CA TYR E 78 -22.60 -0.03 -43.72
C TYR E 78 -23.78 -0.92 -44.07
N VAL E 79 -23.83 -2.11 -43.46
CA VAL E 79 -24.87 -3.09 -43.73
C VAL E 79 -25.21 -3.80 -42.42
N GLY E 80 -26.33 -4.50 -42.40
CA GLY E 80 -26.79 -5.19 -41.22
C GLY E 80 -27.87 -4.41 -40.49
N PRO E 81 -28.35 -4.93 -39.36
CA PRO E 81 -27.99 -6.23 -38.77
C PRO E 81 -28.52 -7.42 -39.57
N LEU E 82 -27.79 -8.53 -39.53
CA LEU E 82 -28.16 -9.71 -40.31
C LEU E 82 -29.06 -10.66 -39.54
N VAL E 83 -29.12 -10.55 -38.22
CA VAL E 83 -30.03 -11.35 -37.41
C VAL E 83 -31.02 -10.40 -36.75
N GLU E 84 -32.00 -10.95 -36.05
CA GLU E 84 -32.97 -10.12 -35.36
C GLU E 84 -32.32 -9.44 -34.17
N PRO E 85 -32.23 -8.12 -34.14
CA PRO E 85 -31.63 -7.44 -32.99
C PRO E 85 -32.59 -7.39 -31.81
N GLY E 86 -32.00 -7.26 -30.62
CA GLY E 86 -32.79 -7.07 -29.42
C GLY E 86 -33.47 -5.72 -29.42
N LEU E 87 -34.42 -5.56 -28.49
CA LEU E 87 -35.10 -4.28 -28.32
C LEU E 87 -34.09 -3.16 -28.11
N GLN E 88 -33.16 -3.36 -27.18
CA GLN E 88 -31.98 -2.52 -27.03
C GLN E 88 -30.80 -3.45 -26.84
N GLU E 89 -29.88 -3.47 -27.80
CA GLU E 89 -28.78 -4.41 -27.77
C GLU E 89 -27.48 -3.71 -28.12
N LYS E 90 -26.40 -4.12 -27.46
CA LYS E 90 -25.08 -3.61 -27.80
C LYS E 90 -24.68 -4.14 -29.18
N PRO E 91 -24.15 -3.29 -30.06
CA PRO E 91 -23.75 -3.78 -31.39
C PRO E 91 -22.67 -4.85 -31.33
N LEU E 92 -21.85 -4.86 -30.29
CA LEU E 92 -20.86 -5.93 -30.13
C LEU E 92 -21.54 -7.28 -29.96
N SER E 93 -22.62 -7.34 -29.17
CA SER E 93 -23.34 -8.59 -28.99
C SER E 93 -24.04 -9.02 -30.27
N ILE E 94 -24.57 -8.05 -31.03
CA ILE E 94 -25.17 -8.36 -32.33
C ILE E 94 -24.13 -8.96 -33.26
N ALA E 95 -22.93 -8.37 -33.30
CA ALA E 95 -21.87 -8.90 -34.15
C ALA E 95 -21.44 -10.28 -33.69
N LEU E 96 -21.40 -10.52 -32.38
CA LEU E 96 -21.06 -11.84 -31.88
C LEU E 96 -22.09 -12.88 -32.28
N ARG E 97 -23.37 -12.54 -32.18
CA ARG E 97 -24.42 -13.46 -32.62
C ARG E 97 -24.32 -13.72 -34.12
N GLU E 98 -23.99 -12.69 -34.90
CA GLU E 98 -23.80 -12.89 -36.33
C GLU E 98 -22.64 -13.84 -36.62
N ILE E 99 -21.51 -13.66 -35.92
CA ILE E 99 -20.37 -14.55 -36.10
C ILE E 99 -20.73 -15.97 -35.72
N HIS E 100 -21.54 -16.13 -34.67
CA HIS E 100 -22.01 -17.46 -34.29
C HIS E 100 -22.92 -18.07 -35.34
N ALA E 101 -23.69 -17.24 -36.04
CA ALA E 101 -24.61 -17.72 -37.07
C ALA E 101 -23.94 -17.94 -38.43
N ASP E 102 -22.65 -17.60 -38.56
CA ASP E 102 -21.90 -17.79 -39.81
C ASP E 102 -22.49 -17.01 -40.97
N LEU E 103 -23.07 -15.84 -40.69
CA LEU E 103 -23.68 -15.00 -41.72
C LEU E 103 -22.69 -13.98 -42.29
N LEU E 104 -21.40 -14.16 -42.09
CA LEU E 104 -20.42 -13.20 -42.59
C LEU E 104 -19.07 -13.87 -42.72
N GLU E 105 -18.23 -13.29 -43.57
CA GLU E 105 -16.92 -13.82 -43.89
C GLU E 105 -15.82 -12.90 -43.36
N HIS E 106 -14.63 -13.46 -43.22
CA HIS E 106 -13.47 -12.69 -42.75
C HIS E 106 -12.22 -13.25 -43.38
N THR E 107 -11.21 -12.39 -43.51
CA THR E 107 -9.93 -12.76 -44.11
C THR E 107 -8.81 -12.06 -43.36
N GLU E 108 -7.79 -12.81 -42.96
CA GLU E 108 -6.65 -12.24 -42.26
C GLU E 108 -5.71 -11.53 -43.24
N THR F 23 52.50 55.01 -10.53
CA THR F 23 52.33 53.88 -11.42
C THR F 23 50.86 53.52 -11.58
N ASP F 24 50.54 52.81 -12.66
CA ASP F 24 49.15 52.46 -12.98
C ASP F 24 48.93 50.95 -12.92
N GLU F 25 49.69 50.18 -13.68
CA GLU F 25 49.49 48.73 -13.70
C GLU F 25 50.19 48.04 -12.55
N GLU F 26 51.28 48.63 -12.04
CA GLU F 26 51.98 48.04 -10.91
C GLU F 26 51.16 48.15 -9.63
N LEU F 27 50.35 49.21 -9.49
CA LEU F 27 49.48 49.32 -8.33
C LEU F 27 48.34 48.32 -8.37
N THR F 28 48.06 47.73 -9.54
CA THR F 28 47.12 46.63 -9.63
C THR F 28 47.81 45.27 -9.47
N ALA F 29 49.07 45.15 -9.92
CA ALA F 29 49.86 43.99 -9.54
C ALA F 29 50.01 43.92 -8.02
N ARG F 30 50.04 45.09 -7.35
CA ARG F 30 50.00 45.10 -5.90
C ARG F 30 48.73 44.46 -5.36
N PHE F 31 47.58 44.72 -6.00
CA PHE F 31 46.36 43.99 -5.69
C PHE F 31 46.57 42.49 -5.85
N GLU F 32 47.07 42.08 -7.02
CA GLU F 32 47.26 40.67 -7.31
C GLU F 32 48.18 39.99 -6.29
N ARG F 33 49.13 40.73 -5.74
CA ARG F 33 50.07 40.14 -4.79
C ARG F 33 49.61 40.21 -3.34
N ASP F 34 48.82 41.22 -2.97
CA ASP F 34 48.41 41.42 -1.58
C ASP F 34 47.04 40.84 -1.25
N ALA F 35 46.05 41.04 -2.10
CA ALA F 35 44.70 40.58 -1.78
C ALA F 35 44.53 39.08 -1.98
N ILE F 36 45.31 38.48 -2.89
CA ILE F 36 45.15 37.05 -3.18
C ILE F 36 45.49 36.19 -1.97
N PRO F 37 46.55 36.45 -1.20
CA PRO F 37 46.77 35.63 0.01
C PRO F 37 45.63 35.68 1.01
N LEU F 38 44.86 36.78 1.04
CA LEU F 38 43.71 36.90 1.92
C LEU F 38 42.44 36.30 1.32
N LEU F 39 42.52 35.75 0.11
CA LEU F 39 41.33 35.29 -0.58
C LEU F 39 40.67 34.12 0.15
N ASP F 40 41.47 33.19 0.67
CA ASP F 40 40.89 32.04 1.37
C ASP F 40 40.27 32.44 2.70
N GLN F 41 40.87 33.39 3.41
CA GLN F 41 40.28 33.87 4.66
C GLN F 41 38.97 34.62 4.38
N LEU F 42 38.93 35.40 3.29
CA LEU F 42 37.68 36.05 2.91
C LEU F 42 36.62 35.01 2.55
N TYR F 43 37.03 33.93 1.87
CA TYR F 43 36.09 32.86 1.56
C TYR F 43 35.57 32.22 2.84
N GLY F 44 36.43 32.03 3.83
CA GLY F 44 35.98 31.48 5.10
C GLY F 44 34.97 32.37 5.80
N GLY F 45 35.22 33.68 5.82
CA GLY F 45 34.24 34.59 6.38
C GLY F 45 32.92 34.58 5.63
N ALA F 46 33.00 34.53 4.29
CA ALA F 46 31.78 34.47 3.48
C ALA F 46 31.00 33.19 3.76
N LEU F 47 31.70 32.07 3.95
CA LEU F 47 31.02 30.84 4.31
C LEU F 47 30.38 30.95 5.70
N ARG F 48 31.07 31.61 6.63
CA ARG F 48 30.51 31.76 7.97
C ARG F 48 29.25 32.60 7.97
N MET F 49 29.17 33.58 7.07
CA MET F 49 28.01 34.48 7.04
C MET F 49 26.99 34.15 5.96
N THR F 50 27.22 33.12 5.14
CA THR F 50 26.26 32.75 4.11
C THR F 50 25.54 31.44 4.36
N ARG F 51 26.15 30.51 5.10
CA ARG F 51 25.57 29.19 5.37
C ARG F 51 25.26 28.44 4.07
N ASN F 52 26.09 28.66 3.04
CA ASN F 52 25.95 27.99 1.76
C ASN F 52 27.22 28.19 0.95
N PRO F 53 27.76 27.14 0.32
CA PRO F 53 29.04 27.31 -0.39
C PRO F 53 28.90 28.09 -1.69
N ALA F 54 27.88 27.82 -2.49
CA ALA F 54 27.74 28.51 -3.77
C ALA F 54 27.43 29.99 -3.58
N ASP F 55 26.57 30.31 -2.62
CA ASP F 55 26.30 31.70 -2.31
C ASP F 55 27.53 32.39 -1.75
N ALA F 56 28.33 31.67 -0.97
CA ALA F 56 29.59 32.24 -0.48
C ALA F 56 30.54 32.54 -1.64
N GLU F 57 30.60 31.66 -2.63
CA GLU F 57 31.45 31.90 -3.79
C GLU F 57 30.96 33.11 -4.59
N ASP F 58 29.65 33.21 -4.82
CA ASP F 58 29.10 34.37 -5.51
C ASP F 58 29.40 35.66 -4.74
N LEU F 59 29.24 35.63 -3.42
CA LEU F 59 29.49 36.81 -2.60
C LEU F 59 30.95 37.21 -2.65
N LEU F 60 31.86 36.22 -2.59
CA LEU F 60 33.28 36.53 -2.66
C LEU F 60 33.66 37.10 -4.02
N GLN F 61 33.07 36.58 -5.09
CA GLN F 61 33.33 37.12 -6.43
C GLN F 61 32.85 38.56 -6.54
N GLU F 62 31.64 38.84 -6.06
CA GLU F 62 31.13 40.22 -6.12
C GLU F 62 31.96 41.15 -5.27
N THR F 63 32.40 40.68 -4.09
CA THR F 63 33.27 41.48 -3.25
C THR F 63 34.59 41.78 -3.94
N MET F 64 35.18 40.78 -4.62
CA MET F 64 36.43 41.00 -5.31
C MET F 64 36.27 41.97 -6.47
N VAL F 65 35.13 41.90 -7.18
CA VAL F 65 34.87 42.85 -8.25
C VAL F 65 34.79 44.27 -7.68
N LYS F 66 33.98 44.46 -6.62
CA LYS F 66 33.83 45.78 -6.03
C LYS F 66 35.13 46.29 -5.45
N ALA F 67 36.00 45.39 -4.99
CA ALA F 67 37.27 45.81 -4.41
C ALA F 67 38.28 46.20 -5.49
N TYR F 68 38.41 45.38 -6.53
CA TYR F 68 39.34 45.70 -7.61
C TYR F 68 38.91 46.93 -8.39
N ALA F 69 37.59 47.12 -8.55
CA ALA F 69 37.11 48.32 -9.23
C ALA F 69 37.47 49.59 -8.46
N GLY F 70 37.28 49.56 -7.14
CA GLY F 70 37.61 50.70 -6.31
C GLY F 70 38.87 50.49 -5.49
N PHE F 71 39.87 49.82 -6.09
CA PHE F 71 41.11 49.56 -5.36
C PHE F 71 42.04 50.78 -5.38
N ARG F 72 41.95 51.62 -6.41
CA ARG F 72 42.78 52.82 -6.44
C ARG F 72 42.45 53.77 -5.30
N SER F 73 41.23 53.70 -4.78
CA SER F 73 40.83 54.49 -3.63
C SER F 73 41.40 53.96 -2.31
N PHE F 74 41.96 52.76 -2.31
CA PHE F 74 42.52 52.18 -1.09
C PHE F 74 43.88 52.80 -0.77
N ARG F 75 44.13 53.00 0.52
CA ARG F 75 45.39 53.57 0.99
C ARG F 75 46.38 52.45 1.28
N HIS F 76 47.48 52.42 0.53
CA HIS F 76 48.49 51.39 0.72
C HIS F 76 49.19 51.57 2.06
N GLY F 77 49.66 50.44 2.61
CA GLY F 77 50.38 50.46 3.86
C GLY F 77 49.55 50.16 5.09
N THR F 78 48.27 49.85 4.94
CA THR F 78 47.38 49.55 6.05
C THR F 78 47.01 48.07 6.03
N ASN F 79 46.12 47.69 6.94
CA ASN F 79 45.64 46.32 7.03
C ASN F 79 44.50 46.15 6.02
N LEU F 80 44.85 45.66 4.84
CA LEU F 80 43.86 45.43 3.79
C LEU F 80 42.89 44.31 4.14
N LYS F 81 43.26 43.45 5.10
CA LYS F 81 42.37 42.39 5.53
C LYS F 81 41.07 42.97 6.10
N ALA F 82 41.17 43.98 6.96
CA ALA F 82 39.98 44.60 7.53
C ALA F 82 39.17 45.32 6.46
N TRP F 83 39.86 45.98 5.53
CA TRP F 83 39.16 46.68 4.44
C TRP F 83 38.32 45.69 3.63
N LEU F 84 38.93 44.58 3.21
CA LEU F 84 38.22 43.59 2.42
C LEU F 84 37.10 42.93 3.23
N TYR F 85 37.34 42.68 4.52
CA TYR F 85 36.30 42.09 5.37
C TYR F 85 35.09 43.01 5.44
N ARG F 86 35.32 44.31 5.65
CA ARG F 86 34.21 45.25 5.72
C ARG F 86 33.51 45.37 4.37
N ILE F 87 34.27 45.32 3.27
CA ILE F 87 33.67 45.34 1.94
C ILE F 87 32.73 44.15 1.76
N LEU F 88 33.19 42.96 2.12
CA LEU F 88 32.38 41.77 1.90
C LEU F 88 31.15 41.75 2.82
N THR F 89 31.31 42.22 4.07
CA THR F 89 30.16 42.29 4.95
C THR F 89 29.12 43.29 4.45
N ASN F 90 29.59 44.45 3.95
CA ASN F 90 28.66 45.44 3.41
C ASN F 90 27.91 44.89 2.20
N THR F 91 28.63 44.22 1.29
CA THR F 91 27.97 43.67 0.12
C THR F 91 27.01 42.54 0.48
N TYR F 92 27.34 41.74 1.49
CA TYR F 92 26.42 40.69 1.94
C TYR F 92 25.15 41.28 2.56
N ILE F 93 25.31 42.34 3.36
CA ILE F 93 24.13 42.96 3.95
C ILE F 93 23.28 43.64 2.87
N ASN F 94 23.92 44.19 1.84
CA ASN F 94 23.15 44.73 0.72
C ASN F 94 22.40 43.63 -0.03
N SER F 95 23.02 42.46 -0.20
CA SER F 95 22.32 41.34 -0.83
C SER F 95 21.14 40.89 0.01
N TYR F 96 21.30 40.84 1.34
CA TYR F 96 20.18 40.45 2.18
C TYR F 96 19.08 41.53 2.20
N ARG F 97 19.47 42.80 2.04
CA ARG F 97 18.46 43.85 1.90
C ARG F 97 17.67 43.68 0.61
N LYS F 98 18.36 43.33 -0.48
CA LYS F 98 17.66 42.99 -1.71
C LYS F 98 16.73 41.79 -1.52
N LYS F 99 17.18 40.81 -0.73
CA LYS F 99 16.34 39.64 -0.45
C LYS F 99 15.09 40.03 0.33
N GLN F 100 15.23 40.95 1.31
CA GLN F 100 14.10 41.33 2.15
C GLN F 100 13.12 42.24 1.43
N ARG F 101 13.64 43.13 0.56
CA ARG F 101 12.75 43.99 -0.22
C ARG F 101 11.95 43.20 -1.25
N GLN F 102 12.55 42.14 -1.79
CA GLN F 102 11.85 41.27 -2.72
C GLN F 102 11.05 40.21 -1.95
N PRO F 103 10.01 39.63 -2.57
CA PRO F 103 9.23 38.60 -1.88
C PRO F 103 10.00 37.31 -1.68
N SER F 124 -6.70 32.65 -13.84
CA SER F 124 -7.25 32.85 -15.17
C SER F 124 -8.05 31.62 -15.61
N THR F 125 -7.43 30.79 -16.44
CA THR F 125 -8.07 29.57 -16.91
C THR F 125 -7.98 28.48 -15.85
N GLY F 126 -9.09 27.77 -15.66
CA GLY F 126 -9.15 26.70 -14.69
C GLY F 126 -8.57 25.40 -15.21
N LEU F 127 -8.84 24.33 -14.48
CA LEU F 127 -8.43 22.99 -14.85
C LEU F 127 -9.55 22.37 -15.69
N ARG F 128 -9.38 22.41 -17.01
CA ARG F 128 -10.44 22.05 -17.94
C ARG F 128 -10.43 20.55 -18.20
N SER F 129 -11.60 19.93 -18.06
CA SER F 129 -11.77 18.53 -18.42
C SER F 129 -12.13 18.40 -19.90
N ALA F 130 -12.03 17.17 -20.42
CA ALA F 130 -12.48 16.93 -21.78
C ALA F 130 -13.98 17.19 -21.91
N GLU F 131 -14.74 16.97 -20.83
CA GLU F 131 -16.17 17.26 -20.85
C GLU F 131 -16.43 18.73 -21.08
N VAL F 132 -15.84 19.58 -20.23
CA VAL F 132 -16.02 21.03 -20.38
C VAL F 132 -15.50 21.50 -21.73
N GLU F 133 -14.39 20.93 -22.18
CA GLU F 133 -13.79 21.36 -23.45
C GLU F 133 -14.70 21.01 -24.63
N ALA F 134 -15.32 19.82 -24.59
CA ALA F 134 -16.24 19.45 -25.66
C ALA F 134 -17.54 20.21 -25.58
N LEU F 135 -17.96 20.61 -24.37
CA LEU F 135 -19.22 21.34 -24.23
C LEU F 135 -19.09 22.82 -24.61
N GLU F 136 -17.90 23.40 -24.42
CA GLU F 136 -17.69 24.77 -24.89
C GLU F 136 -17.62 24.85 -26.41
N ALA F 137 -17.27 23.76 -27.09
CA ALA F 137 -17.18 23.75 -28.54
C ALA F 137 -18.55 23.68 -29.22
N LEU F 138 -19.62 23.59 -28.46
CA LEU F 138 -20.97 23.50 -29.01
C LEU F 138 -21.56 24.90 -29.17
N PRO F 139 -22.50 25.07 -30.10
CA PRO F 139 -23.09 26.39 -30.33
C PRO F 139 -23.91 26.85 -29.14
N ASP F 140 -24.08 28.18 -29.06
CA ASP F 140 -24.94 28.76 -28.04
C ASP F 140 -26.39 28.34 -28.23
N THR F 141 -26.81 28.17 -29.49
CA THR F 141 -28.15 27.74 -29.91
C THR F 141 -29.22 28.78 -29.59
N GLU F 142 -28.87 29.90 -28.96
CA GLU F 142 -29.79 31.00 -28.73
C GLU F 142 -29.34 32.27 -29.41
N ILE F 143 -28.08 32.67 -29.26
CA ILE F 143 -27.54 33.78 -30.03
C ILE F 143 -27.38 33.36 -31.49
N LYS F 144 -27.17 32.07 -31.74
CA LYS F 144 -27.04 31.59 -33.11
C LYS F 144 -28.32 31.82 -33.90
N GLU F 145 -29.48 31.52 -33.30
CA GLU F 145 -30.75 31.76 -33.98
C GLU F 145 -30.94 33.24 -34.29
N ALA F 146 -30.60 34.11 -33.35
CA ALA F 146 -30.77 35.54 -33.58
C ALA F 146 -29.83 36.04 -34.68
N LEU F 147 -28.63 35.48 -34.77
CA LEU F 147 -27.74 35.82 -35.88
C LEU F 147 -28.31 35.32 -37.20
N GLN F 148 -28.92 34.14 -37.20
CA GLN F 148 -29.49 33.59 -38.44
C GLN F 148 -30.71 34.38 -38.88
N ALA F 149 -31.45 34.97 -37.95
CA ALA F 149 -32.65 35.72 -38.32
C ALA F 149 -32.30 37.03 -39.02
N LEU F 150 -31.14 37.61 -38.72
CA LEU F 150 -30.70 38.79 -39.44
C LEU F 150 -30.28 38.42 -40.85
N PRO F 151 -30.47 39.31 -41.82
CA PRO F 151 -29.98 39.05 -43.18
C PRO F 151 -28.47 38.90 -43.19
N GLU F 152 -27.98 38.22 -44.24
CA GLU F 152 -26.55 37.93 -44.33
C GLU F 152 -25.71 39.21 -44.29
N GLU F 153 -26.24 40.32 -44.81
CA GLU F 153 -25.48 41.57 -44.83
C GLU F 153 -25.30 42.12 -43.42
N PHE F 154 -26.40 42.29 -42.68
CA PHE F 154 -26.31 42.72 -41.29
C PHE F 154 -25.46 41.76 -40.48
N ARG F 155 -25.59 40.46 -40.74
CA ARG F 155 -24.85 39.46 -39.98
C ARG F 155 -23.35 39.58 -40.20
N MET F 156 -22.92 39.66 -41.45
CA MET F 156 -21.50 39.85 -41.73
C MET F 156 -21.00 41.18 -41.17
N ALA F 157 -21.83 42.23 -41.24
CA ALA F 157 -21.43 43.53 -40.72
C ALA F 157 -21.16 43.46 -39.21
N VAL F 158 -22.12 42.93 -38.45
CA VAL F 158 -21.94 42.86 -37.00
C VAL F 158 -20.85 41.85 -36.64
N TYR F 159 -20.63 40.83 -37.47
CA TYR F 159 -19.56 39.88 -37.21
C TYR F 159 -18.19 40.55 -37.34
N TYR F 160 -17.96 41.26 -38.44
CA TYR F 160 -16.67 41.93 -38.62
C TYR F 160 -16.54 43.18 -37.76
N ALA F 161 -17.63 43.68 -37.17
CA ALA F 161 -17.53 44.88 -36.34
C ALA F 161 -17.39 44.55 -34.86
N ASP F 162 -18.33 43.81 -34.29
CA ASP F 162 -18.39 43.59 -32.85
C ASP F 162 -17.72 42.29 -32.41
N VAL F 163 -17.74 41.26 -33.23
CA VAL F 163 -17.16 39.98 -32.84
C VAL F 163 -15.64 40.00 -32.99
N GLU F 164 -15.15 40.31 -34.20
CA GLU F 164 -13.72 40.29 -34.45
C GLU F 164 -13.05 41.56 -33.95
N GLY F 165 -13.67 42.72 -34.17
CA GLY F 165 -13.14 43.97 -33.71
C GLY F 165 -12.49 44.85 -34.75
N PHE F 166 -12.79 44.65 -36.03
CA PHE F 166 -12.21 45.47 -37.08
C PHE F 166 -12.66 46.93 -36.93
N PRO F 167 -11.88 47.88 -37.43
CA PRO F 167 -12.38 49.24 -37.58
C PRO F 167 -13.33 49.33 -38.76
N TYR F 168 -14.04 50.46 -38.84
CA TYR F 168 -15.10 50.60 -39.84
C TYR F 168 -14.54 50.62 -41.26
N LYS F 169 -13.44 51.34 -41.47
CA LYS F 169 -12.85 51.41 -42.81
C LYS F 169 -12.33 50.05 -43.26
N GLU F 170 -11.74 49.29 -42.35
CA GLU F 170 -11.25 47.95 -42.73
C GLU F 170 -12.40 47.02 -43.05
N ILE F 171 -13.50 47.11 -42.29
CA ILE F 171 -14.68 46.29 -42.61
C ILE F 171 -15.24 46.67 -43.97
N ALA F 172 -15.27 47.98 -44.27
CA ALA F 172 -15.74 48.42 -45.58
C ALA F 172 -14.83 47.91 -46.70
N GLU F 173 -13.52 47.87 -46.45
CA GLU F 173 -12.59 47.33 -47.43
C GLU F 173 -12.81 45.83 -47.62
N ILE F 174 -13.11 45.11 -46.54
CA ILE F 174 -13.37 43.68 -46.64
C ILE F 174 -14.64 43.42 -47.46
N MET F 175 -15.68 44.21 -47.22
CA MET F 175 -16.93 44.07 -47.95
C MET F 175 -16.95 44.84 -49.27
N ASP F 176 -15.83 45.47 -49.64
CA ASP F 176 -15.67 46.28 -50.84
C ASP F 176 -16.87 47.20 -51.09
N THR F 177 -17.43 47.75 -50.02
CA THR F 177 -18.53 48.70 -50.07
C THR F 177 -18.12 49.98 -49.35
N PRO F 178 -18.74 51.12 -49.69
CA PRO F 178 -18.38 52.38 -49.02
C PRO F 178 -18.61 52.34 -47.52
N ILE F 179 -18.20 53.42 -46.87
CA ILE F 179 -18.29 53.52 -45.42
C ILE F 179 -19.75 53.64 -44.97
N GLY F 180 -20.56 54.38 -45.75
CA GLY F 180 -21.92 54.66 -45.33
C GLY F 180 -22.76 53.40 -45.17
N THR F 181 -22.70 52.50 -46.16
CA THR F 181 -23.48 51.28 -46.09
C THR F 181 -23.00 50.38 -44.95
N VAL F 182 -21.68 50.28 -44.75
CA VAL F 182 -21.15 49.48 -43.65
C VAL F 182 -21.68 49.99 -42.32
N MET F 183 -21.59 51.30 -42.10
CA MET F 183 -22.02 51.87 -40.83
C MET F 183 -23.52 51.74 -40.62
N SER F 184 -24.31 52.00 -41.67
CA SER F 184 -25.76 51.91 -41.55
C SER F 184 -26.23 50.49 -41.29
N ARG F 185 -25.66 49.52 -42.03
CA ARG F 185 -25.96 48.12 -41.76
C ARG F 185 -25.58 47.73 -40.35
N LEU F 186 -24.42 48.20 -39.88
CA LEU F 186 -24.01 47.93 -38.50
C LEU F 186 -25.06 48.41 -37.51
N HIS F 187 -25.47 49.68 -37.63
CA HIS F 187 -26.41 50.25 -36.67
C HIS F 187 -27.76 49.53 -36.72
N ARG F 188 -28.27 49.27 -37.93
CA ARG F 188 -29.60 48.69 -38.04
C ARG F 188 -29.62 47.22 -37.63
N GLY F 189 -28.56 46.48 -37.97
CA GLY F 189 -28.44 45.12 -37.46
C GLY F 189 -28.26 45.06 -35.96
N ARG F 190 -27.54 46.03 -35.39
CA ARG F 190 -27.42 46.13 -33.94
C ARG F 190 -28.80 46.32 -33.30
N ARG F 191 -29.60 47.22 -33.86
CA ARG F 191 -30.95 47.43 -33.32
C ARG F 191 -31.81 46.19 -33.46
N GLN F 192 -31.72 45.51 -34.60
CA GLN F 192 -32.52 44.30 -34.80
C GLN F 192 -32.12 43.20 -33.82
N LEU F 193 -30.81 43.02 -33.60
CA LEU F 193 -30.36 42.01 -32.64
C LEU F 193 -30.71 42.40 -31.21
N ARG F 194 -30.68 43.69 -30.89
CA ARG F 194 -31.07 44.13 -29.55
C ARG F 194 -32.55 43.87 -29.30
N GLY F 195 -33.39 44.08 -30.32
CA GLY F 195 -34.80 43.80 -30.20
C GLY F 195 -35.13 42.32 -30.25
N LEU F 196 -34.26 41.50 -30.84
CA LEU F 196 -34.54 40.09 -31.01
C LEU F 196 -34.04 39.23 -29.85
N LEU F 197 -32.93 39.62 -29.21
CA LEU F 197 -32.37 38.80 -28.14
C LEU F 197 -33.11 39.04 -26.82
N ALA F 198 -32.99 40.26 -26.27
CA ALA F 198 -33.68 40.68 -25.05
C ALA F 198 -33.58 39.64 -23.93
N ASP F 199 -32.40 39.03 -23.80
CA ASP F 199 -32.16 38.01 -22.77
C ASP F 199 -30.85 38.32 -22.05
N VAL F 200 -30.96 38.85 -20.84
CA VAL F 200 -29.81 39.10 -19.98
C VAL F 200 -29.93 38.18 -18.78
N ALA F 201 -29.05 37.18 -18.71
CA ALA F 201 -29.05 36.17 -17.66
C ALA F 201 -30.41 35.46 -17.58
#